data_3HWK
#
_entry.id   3HWK
#
_cell.length_a   111.580
_cell.length_b   179.680
_cell.length_c   193.830
_cell.angle_alpha   90.000
_cell.angle_beta   90.000
_cell.angle_gamma   90.000
#
_symmetry.space_group_name_H-M   'P 21 21 21'
#
loop_
_entity.id
_entity.type
_entity.pdbx_description
1 polymer 'Methylcitrate synthase'
2 non-polymer 'SUCCINIC ACID'
3 water water
#
_entity_poly.entity_id   1
_entity_poly.type   'polypeptide(L)'
_entity_poly.pdbx_seq_one_letter_code
;MAHHHHHHMGTLEAQTQGPGSMTGPLAAARSVAATKSMTAPTVDERPDIKKGLAGVVVDTTAISKVVPQTNSLTYRGYPV
QDLAARCSFEQVAFLLWRGELPTDAELALFSQRERASRRVDRSMLSLLAKLPDNCHPMDVVRTAISYLGAEDPDEDDAAA
NRAKAMRMMAVLPTIVAIDMRRRRGLPPIAPHSGLGYAQNFLHMCFGEVPETAVVSAFEQSMILYAEHGFNASTFAARVV
TSTQSDIYSAVTGAIGALKGRLHGGANEAVMHDMIEIGDPANAREWLRAKLARKEKIMGFGHRVYRHGDSRVPTMKRALE
RVGTVRDGQRWLDIYQVLAAEMASATGILPNLDFPTGPAYYLMGFDIASFTPIFVMSRITGWTAHIMEQATANALIRPLS
AYCGHEQRVLPGTF
;
_entity_poly.pdbx_strand_id   A,B,C,D,E,F,G,H
#
# COMPACT_ATOMS: atom_id res chain seq x y z
N ASP A 48 -0.72 -52.50 19.91
CA ASP A 48 0.36 -53.26 19.19
C ASP A 48 1.03 -52.47 18.05
N ILE A 49 2.30 -52.14 18.25
CA ILE A 49 2.97 -51.13 17.47
C ILE A 49 3.67 -51.72 16.23
N LYS A 50 3.13 -51.34 15.07
CA LYS A 50 3.66 -51.80 13.78
C LYS A 50 4.85 -50.95 13.32
N LYS A 51 5.97 -51.04 14.03
CA LYS A 51 7.15 -50.22 13.71
C LYS A 51 7.68 -50.47 12.29
N GLY A 52 7.74 -49.41 11.49
CA GLY A 52 8.25 -49.47 10.12
C GLY A 52 7.30 -50.19 9.18
N LEU A 53 6.08 -50.40 9.64
CA LEU A 53 5.02 -51.11 8.90
C LEU A 53 5.49 -52.50 8.42
N ALA A 54 6.38 -53.12 9.19
CA ALA A 54 6.96 -54.43 8.84
C ALA A 54 5.86 -55.48 8.78
N GLY A 55 5.70 -56.10 7.62
CA GLY A 55 4.70 -57.16 7.45
C GLY A 55 3.27 -56.66 7.33
N VAL A 56 3.09 -55.34 7.31
CA VAL A 56 1.74 -54.78 7.24
C VAL A 56 1.33 -54.54 5.80
N VAL A 57 0.19 -55.14 5.42
CA VAL A 57 -0.31 -55.01 4.07
C VAL A 57 -1.21 -53.77 4.04
N VAL A 58 -0.82 -52.75 3.26
CA VAL A 58 -1.51 -51.44 3.29
C VAL A 58 -2.43 -51.10 2.09
N ASP A 59 -2.35 -51.89 1.00
CA ASP A 59 -3.17 -51.64 -0.20
C ASP A 59 -3.02 -52.79 -1.20
N THR A 60 -3.78 -52.73 -2.28
CA THR A 60 -3.61 -53.63 -3.42
C THR A 60 -2.95 -52.83 -4.54
N THR A 61 -2.14 -53.50 -5.35
CA THR A 61 -1.57 -52.91 -6.55
C THR A 61 -1.70 -53.92 -7.69
N ALA A 62 -1.75 -53.42 -8.92
CA ALA A 62 -1.73 -54.29 -10.09
C ALA A 62 -0.40 -54.15 -10.82
N ILE A 63 0.53 -53.40 -10.24
CA ILE A 63 1.73 -53.00 -10.96
C ILE A 63 2.84 -54.05 -10.99
N SER A 64 3.05 -54.73 -9.87
CA SER A 64 4.14 -55.69 -9.78
C SER A 64 3.95 -56.63 -8.58
N LYS A 65 4.62 -57.78 -8.64
CA LYS A 65 4.69 -58.70 -7.50
C LYS A 65 5.89 -59.62 -7.71
N VAL A 66 6.30 -60.27 -6.62
CA VAL A 66 7.27 -61.31 -6.66
C VAL A 66 6.56 -62.66 -6.49
N VAL A 67 6.66 -63.52 -7.51
CA VAL A 67 6.18 -64.91 -7.44
C VAL A 67 7.06 -65.64 -6.41
N PRO A 68 6.45 -66.15 -5.32
CA PRO A 68 7.27 -66.63 -4.19
C PRO A 68 8.17 -67.87 -4.44
N GLN A 69 7.61 -68.93 -5.02
CA GLN A 69 8.34 -70.22 -5.16
C GLN A 69 9.61 -70.04 -6.01
N THR A 70 9.49 -69.11 -6.96
CA THR A 70 10.46 -68.84 -8.00
C THR A 70 11.31 -67.59 -7.69
N ASN A 71 10.89 -66.82 -6.69
CA ASN A 71 11.50 -65.51 -6.38
C ASN A 71 11.65 -64.66 -7.65
N SER A 72 10.54 -64.56 -8.38
CA SER A 72 10.48 -63.90 -9.67
C SER A 72 9.74 -62.57 -9.59
N LEU A 73 10.48 -61.48 -9.68
CA LEU A 73 9.84 -60.17 -9.81
C LEU A 73 9.15 -60.08 -11.18
N THR A 74 7.92 -59.59 -11.19
CA THR A 74 7.21 -59.37 -12.44
C THR A 74 6.70 -57.93 -12.52
N TYR A 75 6.62 -57.41 -13.74
CA TYR A 75 5.99 -56.10 -14.00
C TYR A 75 4.78 -56.37 -14.86
N ARG A 76 3.61 -56.01 -14.36
CA ARG A 76 2.37 -56.32 -15.05
C ARG A 76 2.34 -57.76 -15.54
N GLY A 77 2.91 -58.69 -14.76
CA GLY A 77 2.84 -60.12 -15.07
C GLY A 77 4.04 -60.74 -15.81
N TYR A 78 4.83 -59.90 -16.47
CA TYR A 78 6.02 -60.35 -17.19
C TYR A 78 7.22 -60.36 -16.27
N PRO A 79 8.00 -61.47 -16.26
CA PRO A 79 9.19 -61.50 -15.42
C PRO A 79 10.19 -60.44 -15.87
N VAL A 80 10.72 -59.71 -14.90
CA VAL A 80 11.64 -58.62 -15.12
C VAL A 80 12.97 -59.11 -15.72
N GLN A 81 13.36 -60.33 -15.32
CA GLN A 81 14.54 -61.02 -15.84
C GLN A 81 14.45 -61.15 -17.37
N ASP A 82 13.27 -61.50 -17.85
CA ASP A 82 12.99 -61.60 -19.27
C ASP A 82 12.92 -60.23 -19.95
N LEU A 83 12.16 -59.29 -19.38
CA LEU A 83 12.13 -57.92 -19.90
C LEU A 83 13.56 -57.34 -20.02
N ALA A 84 14.39 -57.58 -19.02
CA ALA A 84 15.76 -57.08 -19.03
C ALA A 84 16.59 -57.69 -20.16
N ALA A 85 16.33 -58.96 -20.45
CA ALA A 85 17.05 -59.66 -21.49
C ALA A 85 16.58 -59.28 -22.90
N ARG A 86 15.31 -58.92 -23.06
CA ARG A 86 14.76 -58.81 -24.42
C ARG A 86 14.19 -57.43 -24.79
N CYS A 87 13.84 -56.62 -23.79
CA CYS A 87 13.19 -55.33 -24.04
C CYS A 87 14.08 -54.10 -23.87
N SER A 88 13.61 -52.97 -24.37
CA SER A 88 14.22 -51.68 -24.09
C SER A 88 13.48 -51.04 -22.91
N PHE A 89 14.11 -50.03 -22.32
CA PHE A 89 13.48 -49.24 -21.26
C PHE A 89 12.20 -48.58 -21.76
N GLU A 90 12.22 -48.02 -22.98
CA GLU A 90 10.99 -47.52 -23.59
C GLU A 90 9.85 -48.53 -23.47
N GLN A 91 10.08 -49.76 -23.92
CA GLN A 91 9.05 -50.79 -23.84
C GLN A 91 8.58 -51.03 -22.41
N VAL A 92 9.54 -51.06 -21.48
CA VAL A 92 9.24 -51.31 -20.08
C VAL A 92 8.48 -50.16 -19.45
N ALA A 93 8.89 -48.92 -19.72
CA ALA A 93 8.11 -47.77 -19.24
C ALA A 93 6.65 -47.83 -19.74
N PHE A 94 6.48 -48.06 -21.03
CA PHE A 94 5.14 -48.17 -21.62
C PHE A 94 4.33 -49.24 -20.85
N LEU A 95 4.95 -50.39 -20.65
CA LEU A 95 4.30 -51.52 -19.96
C LEU A 95 3.86 -51.14 -18.56
N LEU A 96 4.78 -50.56 -17.80
CA LEU A 96 4.49 -50.12 -16.45
C LEU A 96 3.29 -49.17 -16.38
N TRP A 97 3.23 -48.23 -17.31
CA TRP A 97 2.14 -47.26 -17.31
C TRP A 97 0.83 -47.83 -17.87
N ARG A 98 0.93 -48.61 -18.96
CA ARG A 98 -0.29 -49.00 -19.68
C ARG A 98 -0.83 -50.38 -19.34
N GLY A 99 0.02 -51.26 -18.82
CA GLY A 99 -0.42 -52.57 -18.37
C GLY A 99 -0.19 -53.65 -19.41
N GLU A 100 0.26 -53.24 -20.59
CA GLU A 100 0.48 -54.11 -21.73
C GLU A 100 1.76 -53.69 -22.43
N LEU A 101 2.46 -54.64 -23.04
CA LEU A 101 3.55 -54.29 -23.95
C LEU A 101 3.02 -53.49 -25.13
N PRO A 102 3.84 -52.56 -25.65
CA PRO A 102 3.39 -51.84 -26.85
C PRO A 102 3.58 -52.68 -28.11
N THR A 103 2.67 -52.50 -29.06
CA THR A 103 2.89 -53.00 -30.40
C THR A 103 4.02 -52.16 -30.95
N ASP A 104 4.58 -52.55 -32.08
CA ASP A 104 5.65 -51.79 -32.72
C ASP A 104 5.22 -50.37 -33.09
N ALA A 105 3.99 -50.24 -33.58
CA ALA A 105 3.42 -48.92 -33.89
C ALA A 105 3.31 -48.05 -32.63
N GLU A 106 2.74 -48.60 -31.56
CA GLU A 106 2.59 -47.86 -30.32
C GLU A 106 3.97 -47.41 -29.77
N LEU A 107 4.94 -48.31 -29.84
CA LEU A 107 6.31 -47.99 -29.42
C LEU A 107 6.92 -46.83 -30.21
N ALA A 108 6.79 -46.87 -31.54
CA ALA A 108 7.37 -45.82 -32.40
C ALA A 108 6.88 -44.42 -31.97
N LEU A 109 5.58 -44.34 -31.68
CA LEU A 109 4.93 -43.08 -31.30
C LEU A 109 5.31 -42.61 -29.90
N PHE A 110 5.31 -43.55 -28.96
CA PHE A 110 5.67 -43.33 -27.57
C PHE A 110 7.10 -42.86 -27.50
N SER A 111 7.96 -43.52 -28.26
CA SER A 111 9.36 -43.19 -28.33
C SER A 111 9.53 -41.80 -28.92
N GLN A 112 8.74 -41.47 -29.93
CA GLN A 112 8.81 -40.14 -30.53
C GLN A 112 8.35 -39.03 -29.54
N ARG A 113 7.32 -39.29 -28.74
CA ARG A 113 6.93 -38.37 -27.67
C ARG A 113 8.03 -38.19 -26.61
N GLU A 114 8.72 -39.28 -26.30
CA GLU A 114 9.78 -39.28 -25.30
C GLU A 114 10.97 -38.43 -25.77
N ARG A 115 11.35 -38.62 -27.03
CA ARG A 115 12.45 -37.85 -27.62
C ARG A 115 12.10 -36.36 -27.80
N ALA A 116 10.82 -36.08 -28.04
CA ALA A 116 10.35 -34.71 -28.20
C ALA A 116 10.19 -33.97 -26.86
N SER A 117 10.25 -34.72 -25.74
CA SER A 117 10.12 -34.18 -24.38
C SER A 117 11.42 -34.10 -23.57
N ARG A 118 12.56 -34.33 -24.19
CA ARG A 118 13.83 -34.38 -23.45
C ARG A 118 14.45 -33.04 -23.09
N ARG A 119 14.15 -32.00 -23.87
CA ARG A 119 14.86 -30.73 -23.77
C ARG A 119 14.57 -29.94 -22.50
N VAL A 120 15.59 -29.26 -22.00
CA VAL A 120 15.40 -28.22 -20.96
C VAL A 120 15.59 -26.80 -21.57
N ASP A 121 14.83 -25.85 -21.04
N ASP A 121 14.83 -25.83 -21.07
CA ASP A 121 14.96 -24.46 -21.45
CA ASP A 121 15.03 -24.46 -21.51
C ASP A 121 16.09 -23.76 -20.66
C ASP A 121 16.12 -23.78 -20.69
N ARG A 122 16.48 -22.56 -21.09
CA ARG A 122 17.57 -21.82 -20.47
C ARG A 122 17.36 -21.49 -18.98
N SER A 123 16.12 -21.22 -18.60
CA SER A 123 15.83 -20.94 -17.20
C SER A 123 16.19 -22.12 -16.34
N MET A 124 15.95 -23.33 -16.85
CA MET A 124 16.31 -24.56 -16.14
C MET A 124 17.83 -24.70 -16.12
N LEU A 125 18.47 -24.37 -17.24
CA LEU A 125 19.93 -24.43 -17.30
C LEU A 125 20.61 -23.48 -16.34
N SER A 126 19.97 -22.31 -16.14
CA SER A 126 20.49 -21.29 -15.22
C SER A 126 20.28 -21.74 -13.79
N LEU A 127 19.14 -22.38 -13.53
CA LEU A 127 18.89 -22.94 -12.21
C LEU A 127 19.96 -23.96 -11.88
N LEU A 128 20.26 -24.86 -12.82
CA LEU A 128 21.23 -25.93 -12.58
C LEU A 128 22.65 -25.39 -12.39
N ALA A 129 22.99 -24.31 -13.07
CA ALA A 129 24.31 -23.70 -12.92
C ALA A 129 24.43 -22.84 -11.63
N LYS A 130 23.32 -22.30 -11.15
CA LYS A 130 23.32 -21.47 -9.93
C LYS A 130 23.47 -22.26 -8.64
N LEU A 131 22.93 -23.46 -8.62
CA LEU A 131 22.98 -24.34 -7.44
C LEU A 131 24.45 -24.59 -7.04
N PRO A 132 24.72 -24.78 -5.74
CA PRO A 132 26.12 -24.95 -5.28
C PRO A 132 26.79 -26.13 -5.98
N ASP A 133 28.06 -26.02 -6.30
CA ASP A 133 28.72 -27.12 -7.01
C ASP A 133 29.19 -28.26 -6.10
N ASN A 134 28.93 -28.15 -4.79
CA ASN A 134 29.24 -29.26 -3.89
C ASN A 134 28.05 -29.80 -3.07
N CYS A 135 26.83 -29.35 -3.41
CA CYS A 135 25.64 -29.95 -2.82
C CYS A 135 25.45 -31.36 -3.41
N HIS A 136 24.78 -32.24 -2.70
CA HIS A 136 24.59 -33.57 -3.21
C HIS A 136 23.76 -33.58 -4.51
N PRO A 137 24.15 -34.40 -5.50
CA PRO A 137 23.38 -34.41 -6.76
C PRO A 137 21.87 -34.68 -6.61
N MET A 138 21.45 -35.44 -5.59
CA MET A 138 20.03 -35.62 -5.31
C MET A 138 19.31 -34.28 -4.98
N ASP A 139 20.03 -33.31 -4.40
CA ASP A 139 19.45 -31.98 -4.14
C ASP A 139 19.17 -31.23 -5.42
N VAL A 140 20.02 -31.40 -6.43
CA VAL A 140 19.77 -30.81 -7.72
C VAL A 140 18.53 -31.41 -8.36
N VAL A 141 18.41 -32.73 -8.31
CA VAL A 141 17.24 -33.40 -8.88
C VAL A 141 15.99 -32.98 -8.09
N ARG A 142 16.07 -33.02 -6.76
CA ARG A 142 14.95 -32.59 -5.91
C ARG A 142 14.46 -31.18 -6.31
N THR A 143 15.39 -30.23 -6.44
CA THR A 143 15.02 -28.85 -6.71
C THR A 143 14.50 -28.69 -8.14
N ALA A 144 15.13 -29.38 -9.10
CA ALA A 144 14.73 -29.30 -10.52
C ALA A 144 13.30 -29.75 -10.70
N ILE A 145 12.97 -30.88 -10.11
CA ILE A 145 11.66 -31.43 -10.28
C ILE A 145 10.61 -30.52 -9.64
N SER A 146 10.96 -29.93 -8.50
CA SER A 146 10.06 -29.01 -7.83
C SER A 146 9.83 -27.80 -8.74
N TYR A 147 10.91 -27.27 -9.30
CA TYR A 147 10.85 -26.15 -10.21
C TYR A 147 10.02 -26.50 -11.44
N LEU A 148 10.24 -27.70 -11.99
CA LEU A 148 9.48 -28.17 -13.15
C LEU A 148 8.00 -28.12 -12.88
N GLY A 149 7.61 -28.58 -11.70
CA GLY A 149 6.21 -28.55 -11.32
C GLY A 149 5.67 -27.13 -11.29
N ALA A 150 6.47 -26.21 -10.77
CA ALA A 150 6.07 -24.81 -10.68
C ALA A 150 5.79 -24.29 -12.08
N GLU A 151 6.59 -24.72 -13.04
CA GLU A 151 6.46 -24.27 -14.43
C GLU A 151 5.35 -24.98 -15.23
N ASP A 152 4.70 -25.97 -14.63
CA ASP A 152 3.75 -26.78 -15.39
C ASP A 152 2.31 -26.36 -15.13
N PRO A 153 1.65 -25.72 -16.13
CA PRO A 153 0.27 -25.24 -15.93
C PRO A 153 -0.72 -26.35 -15.59
N ASP A 154 -0.35 -27.59 -15.94
CA ASP A 154 -1.19 -28.74 -15.59
C ASP A 154 -0.77 -29.42 -14.27
N GLU A 155 0.15 -28.79 -13.53
CA GLU A 155 0.65 -29.36 -12.28
C GLU A 155 -0.45 -29.99 -11.42
N ASP A 156 -1.49 -29.23 -11.13
CA ASP A 156 -2.54 -29.69 -10.23
C ASP A 156 -3.71 -30.47 -10.86
N ASP A 157 -3.61 -30.82 -12.14
CA ASP A 157 -4.65 -31.58 -12.83
C ASP A 157 -4.30 -33.08 -12.92
N ALA A 158 -4.94 -33.89 -12.07
CA ALA A 158 -4.68 -35.35 -12.01
C ALA A 158 -4.99 -36.10 -13.31
N ALA A 159 -5.93 -35.59 -14.09
CA ALA A 159 -6.25 -36.16 -15.41
C ALA A 159 -5.11 -35.97 -16.44
N ALA A 160 -4.16 -35.09 -16.14
CA ALA A 160 -2.94 -35.01 -16.95
C ALA A 160 -1.75 -35.85 -16.41
N ASN A 161 -1.98 -36.71 -15.42
CA ASN A 161 -0.88 -37.47 -14.79
C ASN A 161 -0.01 -38.29 -15.78
N ARG A 162 -0.64 -38.92 -16.78
CA ARG A 162 0.14 -39.65 -17.75
C ARG A 162 1.14 -38.78 -18.50
N ALA A 163 0.68 -37.62 -18.98
CA ALA A 163 1.57 -36.72 -19.74
C ALA A 163 2.69 -36.16 -18.84
N LYS A 164 2.35 -35.82 -17.60
CA LYS A 164 3.32 -35.32 -16.61
C LYS A 164 4.40 -36.38 -16.32
N ALA A 165 3.97 -37.62 -16.14
CA ALA A 165 4.89 -38.74 -15.92
C ALA A 165 5.86 -38.88 -17.10
N MET A 166 5.32 -38.82 -18.32
CA MET A 166 6.14 -38.93 -19.52
C MET A 166 7.15 -37.78 -19.61
N ARG A 167 6.71 -36.57 -19.28
CA ARG A 167 7.65 -35.44 -19.30
C ARG A 167 8.78 -35.60 -18.28
N MET A 168 8.44 -36.06 -17.10
CA MET A 168 9.42 -36.28 -16.04
C MET A 168 10.42 -37.37 -16.44
N MET A 169 9.89 -38.46 -16.95
CA MET A 169 10.77 -39.56 -17.36
C MET A 169 11.73 -39.08 -18.45
N ALA A 170 11.23 -38.24 -19.36
CA ALA A 170 12.06 -37.84 -20.49
C ALA A 170 13.13 -36.82 -20.13
N VAL A 171 12.84 -35.93 -19.19
CA VAL A 171 13.74 -34.80 -18.91
C VAL A 171 14.74 -35.12 -17.81
N LEU A 172 14.42 -36.11 -16.98
CA LEU A 172 15.33 -36.47 -15.88
C LEU A 172 16.77 -36.77 -16.33
N PRO A 173 16.94 -37.59 -17.39
CA PRO A 173 18.31 -37.91 -17.84
C PRO A 173 19.10 -36.66 -18.28
N THR A 174 18.39 -35.68 -18.85
CA THR A 174 19.00 -34.45 -19.31
C THR A 174 19.59 -33.68 -18.14
N ILE A 175 18.79 -33.54 -17.09
CA ILE A 175 19.20 -32.87 -15.85
C ILE A 175 20.38 -33.63 -15.20
N VAL A 176 20.23 -34.94 -15.02
CA VAL A 176 21.27 -35.75 -14.37
C VAL A 176 22.63 -35.64 -15.08
N ALA A 177 22.61 -35.74 -16.42
CA ALA A 177 23.80 -35.59 -17.25
C ALA A 177 24.43 -34.20 -17.17
N ILE A 178 23.59 -33.15 -17.19
CA ILE A 178 24.12 -31.76 -17.06
C ILE A 178 24.84 -31.56 -15.74
N ASP A 179 24.18 -31.97 -14.66
CA ASP A 179 24.77 -31.85 -13.32
C ASP A 179 26.04 -32.68 -13.15
N MET A 180 26.05 -33.90 -13.69
CA MET A 180 27.25 -34.74 -13.61
C MET A 180 28.41 -34.04 -14.35
N ARG A 181 28.13 -33.55 -15.55
CA ARG A 181 29.16 -32.92 -16.37
C ARG A 181 29.65 -31.63 -15.75
N ARG A 182 28.74 -30.89 -15.12
CA ARG A 182 29.08 -29.62 -14.51
C ARG A 182 30.12 -29.78 -13.41
N ARG A 183 30.03 -30.86 -12.64
CA ARG A 183 31.01 -31.12 -11.59
C ARG A 183 32.37 -31.53 -12.12
N ARG A 184 32.43 -31.91 -13.39
CA ARG A 184 33.72 -32.23 -14.05
C ARG A 184 34.25 -31.01 -14.81
N GLY A 185 33.56 -29.88 -14.66
CA GLY A 185 33.89 -28.64 -15.35
C GLY A 185 33.51 -28.66 -16.82
N LEU A 186 32.54 -29.49 -17.20
CA LEU A 186 32.16 -29.65 -18.62
C LEU A 186 30.78 -29.09 -18.98
N PRO A 187 30.62 -28.57 -20.23
CA PRO A 187 29.30 -28.04 -20.65
C PRO A 187 28.23 -29.13 -20.94
N PRO A 188 26.94 -28.73 -20.92
CA PRO A 188 25.88 -29.65 -21.32
C PRO A 188 26.06 -30.16 -22.74
N ILE A 189 25.56 -31.37 -23.02
CA ILE A 189 25.49 -31.87 -24.38
C ILE A 189 24.01 -32.08 -24.66
N ALA A 190 23.53 -31.53 -25.78
CA ALA A 190 22.11 -31.62 -26.11
C ALA A 190 21.59 -33.07 -26.15
N PRO A 191 20.32 -33.28 -25.75
CA PRO A 191 19.66 -34.57 -26.06
C PRO A 191 19.60 -34.76 -27.58
N HIS A 192 19.78 -35.99 -28.04
CA HIS A 192 19.90 -36.31 -29.47
C HIS A 192 18.69 -37.08 -29.91
N SER A 193 17.88 -36.49 -30.80
CA SER A 193 16.59 -37.12 -31.14
C SER A 193 16.73 -38.35 -32.07
N GLY A 194 17.95 -38.67 -32.45
CA GLY A 194 18.22 -39.89 -33.21
C GLY A 194 18.66 -41.06 -32.35
N LEU A 195 18.78 -40.84 -31.04
CA LEU A 195 19.18 -41.89 -30.12
C LEU A 195 18.04 -42.29 -29.21
N GLY A 196 17.95 -43.59 -28.89
CA GLY A 196 16.96 -44.07 -27.91
C GLY A 196 17.40 -43.72 -26.49
N TYR A 197 16.55 -44.05 -25.52
CA TYR A 197 16.74 -43.63 -24.13
C TYR A 197 18.15 -43.86 -23.61
N ALA A 198 18.57 -45.13 -23.59
CA ALA A 198 19.86 -45.54 -23.01
C ALA A 198 21.03 -44.92 -23.73
N GLN A 199 21.03 -44.96 -25.06
CA GLN A 199 22.14 -44.41 -25.84
C GLN A 199 22.22 -42.90 -25.64
N ASN A 200 21.07 -42.23 -25.65
CA ASN A 200 21.02 -40.78 -25.41
C ASN A 200 21.64 -40.35 -24.07
N PHE A 201 21.36 -41.07 -22.99
CA PHE A 201 21.92 -40.66 -21.67
C PHE A 201 23.43 -40.81 -21.65
N LEU A 202 23.91 -41.89 -22.24
CA LEU A 202 25.35 -42.14 -22.31
C LEU A 202 26.01 -41.08 -23.18
N HIS A 203 25.41 -40.75 -24.32
CA HIS A 203 25.94 -39.71 -25.21
C HIS A 203 25.94 -38.35 -24.50
N MET A 204 24.86 -38.05 -23.78
CA MET A 204 24.80 -36.79 -23.03
C MET A 204 25.81 -36.73 -21.91
N CYS A 205 26.20 -37.88 -21.37
CA CYS A 205 27.19 -37.91 -20.28
C CYS A 205 28.61 -37.79 -20.82
N PHE A 206 28.88 -38.54 -21.87
CA PHE A 206 30.27 -38.75 -22.29
C PHE A 206 30.65 -38.15 -23.65
N GLY A 207 29.66 -37.73 -24.43
CA GLY A 207 29.91 -37.21 -25.77
C GLY A 207 30.03 -38.28 -26.85
N GLU A 208 29.88 -39.54 -26.47
CA GLU A 208 30.15 -40.64 -27.38
C GLU A 208 29.36 -41.85 -26.88
N VAL A 209 28.52 -42.43 -27.72
CA VAL A 209 27.86 -43.67 -27.37
C VAL A 209 28.93 -44.77 -27.20
N PRO A 210 29.04 -45.35 -26.00
CA PRO A 210 30.09 -46.35 -25.82
C PRO A 210 29.72 -47.69 -26.47
N GLU A 211 30.57 -48.70 -26.29
CA GLU A 211 30.34 -50.03 -26.85
C GLU A 211 29.11 -50.76 -26.29
N THR A 212 28.56 -51.68 -27.07
N THR A 212 28.61 -51.72 -27.07
CA THR A 212 27.30 -52.34 -26.76
CA THR A 212 27.35 -52.41 -26.82
C THR A 212 27.21 -52.91 -25.35
C THR A 212 27.20 -53.09 -25.45
N ALA A 213 28.31 -53.46 -24.84
CA ALA A 213 28.31 -54.07 -23.53
C ALA A 213 27.95 -53.05 -22.45
N VAL A 214 28.46 -51.83 -22.58
CA VAL A 214 28.13 -50.74 -21.66
C VAL A 214 26.69 -50.25 -21.84
N VAL A 215 26.26 -50.04 -23.08
CA VAL A 215 24.86 -49.68 -23.36
C VAL A 215 23.87 -50.74 -22.83
N SER A 216 24.14 -51.99 -23.15
CA SER A 216 23.30 -53.09 -22.73
C SER A 216 23.18 -53.23 -21.21
N ALA A 217 24.31 -53.10 -20.51
CA ALA A 217 24.30 -53.21 -19.07
C ALA A 217 23.55 -52.02 -18.44
N PHE A 218 23.74 -50.83 -19.00
CA PHE A 218 23.03 -49.65 -18.50
C PHE A 218 21.50 -49.80 -18.65
N GLU A 219 21.06 -50.19 -19.84
CA GLU A 219 19.65 -50.41 -20.13
C GLU A 219 19.01 -51.49 -19.24
N GLN A 220 19.75 -52.56 -18.99
CA GLN A 220 19.32 -53.62 -18.05
C GLN A 220 19.14 -53.03 -16.63
N SER A 221 20.08 -52.21 -16.20
CA SER A 221 19.97 -51.56 -14.90
C SER A 221 18.73 -50.67 -14.85
N MET A 222 18.48 -49.89 -15.91
CA MET A 222 17.25 -49.08 -15.97
C MET A 222 15.98 -49.93 -15.85
N ILE A 223 16.03 -51.17 -16.33
CA ILE A 223 14.83 -52.01 -16.32
C ILE A 223 14.65 -52.61 -14.93
N LEU A 224 15.76 -53.05 -14.37
CA LEU A 224 15.76 -53.67 -13.05
C LEU A 224 15.39 -52.70 -11.94
N TYR A 225 15.63 -51.40 -12.15
CA TYR A 225 15.36 -50.39 -11.12
C TYR A 225 13.96 -49.75 -11.25
N ALA A 226 13.22 -50.10 -12.29
CA ALA A 226 12.04 -49.32 -12.68
C ALA A 226 10.97 -49.30 -11.61
N GLU A 227 10.82 -50.42 -10.90
CA GLU A 227 9.61 -50.65 -10.11
C GLU A 227 9.88 -51.72 -9.07
N HIS A 228 9.36 -51.51 -7.86
CA HIS A 228 9.59 -52.46 -6.80
C HIS A 228 8.62 -52.37 -5.63
N GLY A 229 7.33 -52.32 -5.94
CA GLY A 229 6.31 -52.37 -4.91
C GLY A 229 6.36 -51.17 -3.98
N PHE A 230 5.90 -51.38 -2.75
CA PHE A 230 5.76 -50.33 -1.76
C PHE A 230 7.04 -50.11 -0.94
N ASN A 231 8.17 -49.99 -1.62
CA ASN A 231 9.40 -49.50 -1.00
C ASN A 231 9.21 -48.06 -0.44
N ALA A 232 10.16 -47.57 0.35
CA ALA A 232 9.96 -46.30 1.07
C ALA A 232 9.64 -45.10 0.15
N SER A 233 10.39 -44.98 -0.95
CA SER A 233 10.26 -43.84 -1.83
C SER A 233 8.93 -43.91 -2.57
N THR A 234 8.54 -45.11 -2.99
CA THR A 234 7.23 -45.30 -3.61
C THR A 234 6.12 -45.00 -2.60
N PHE A 235 6.29 -45.49 -1.38
CA PHE A 235 5.30 -45.29 -0.37
C PHE A 235 5.20 -43.82 0.03
N ALA A 236 6.34 -43.13 0.09
CA ALA A 236 6.34 -41.66 0.24
C ALA A 236 5.49 -40.99 -0.85
N ALA A 237 5.66 -41.41 -2.10
CA ALA A 237 4.88 -40.84 -3.22
C ALA A 237 3.38 -41.08 -3.01
N ARG A 238 3.04 -42.26 -2.50
CA ARG A 238 1.62 -42.59 -2.29
C ARG A 238 1.01 -41.79 -1.13
N VAL A 239 1.76 -41.63 -0.04
CA VAL A 239 1.29 -40.82 1.08
C VAL A 239 0.98 -39.39 0.67
N VAL A 240 1.90 -38.75 -0.06
CA VAL A 240 1.68 -37.41 -0.57
C VAL A 240 0.47 -37.35 -1.50
N THR A 241 0.40 -38.32 -2.42
CA THR A 241 -0.72 -38.42 -3.34
C THR A 241 -2.04 -38.57 -2.57
N SER A 242 -2.00 -39.19 -1.40
CA SER A 242 -3.24 -39.54 -0.68
C SER A 242 -3.97 -38.32 -0.15
N THR A 243 -3.29 -37.16 -0.12
CA THR A 243 -3.93 -35.90 0.29
C THR A 243 -4.54 -35.17 -0.91
N GLN A 244 -4.40 -35.77 -2.09
CA GLN A 244 -4.75 -35.17 -3.40
C GLN A 244 -3.75 -34.12 -3.83
N SER A 245 -2.58 -34.08 -3.20
CA SER A 245 -1.51 -33.30 -3.77
C SER A 245 -1.06 -33.89 -5.15
N ASP A 246 -0.24 -33.12 -5.85
CA ASP A 246 0.03 -33.35 -7.24
C ASP A 246 1.25 -34.27 -7.46
N ILE A 247 1.38 -34.74 -8.70
CA ILE A 247 2.42 -35.68 -9.07
C ILE A 247 3.85 -35.12 -8.87
N TYR A 248 4.05 -33.82 -9.08
CA TYR A 248 5.37 -33.22 -8.86
C TYR A 248 5.75 -33.21 -7.35
N SER A 249 4.80 -32.87 -6.49
CA SER A 249 4.99 -32.94 -5.03
C SER A 249 5.27 -34.36 -4.59
N ALA A 250 4.56 -35.32 -5.17
CA ALA A 250 4.75 -36.72 -4.85
C ALA A 250 6.15 -37.22 -5.23
N VAL A 251 6.55 -36.97 -6.48
CA VAL A 251 7.87 -37.33 -6.97
C VAL A 251 8.99 -36.65 -6.16
N THR A 252 8.85 -35.34 -5.91
CA THR A 252 9.82 -34.60 -5.10
C THR A 252 9.98 -35.26 -3.71
N GLY A 253 8.88 -35.77 -3.14
CA GLY A 253 8.96 -36.51 -1.87
C GLY A 253 9.73 -37.83 -2.00
N ALA A 254 9.35 -38.62 -3.00
CA ALA A 254 10.01 -39.87 -3.35
C ALA A 254 11.49 -39.67 -3.54
N ILE A 255 11.86 -38.65 -4.31
CA ILE A 255 13.27 -38.36 -4.50
C ILE A 255 13.93 -38.16 -3.16
N GLY A 256 13.23 -37.50 -2.25
CA GLY A 256 13.83 -37.17 -0.96
C GLY A 256 14.08 -38.45 -0.21
N ALA A 257 13.09 -39.34 -0.24
CA ALA A 257 13.20 -40.65 0.37
C ALA A 257 14.31 -41.49 -0.25
N LEU A 258 14.37 -41.53 -1.59
CA LEU A 258 15.33 -42.38 -2.30
C LEU A 258 16.75 -42.05 -1.89
N LYS A 259 16.99 -40.79 -1.54
CA LYS A 259 18.33 -40.32 -1.25
C LYS A 259 19.04 -41.03 -0.09
N GLY A 260 18.30 -41.41 0.94
CA GLY A 260 18.92 -41.96 2.15
C GLY A 260 19.73 -43.24 1.94
N ARG A 261 20.79 -43.39 2.71
CA ARG A 261 21.73 -44.51 2.56
C ARG A 261 21.04 -45.87 2.77
N LEU A 262 19.90 -45.88 3.48
CA LEU A 262 19.08 -47.10 3.64
C LEU A 262 18.15 -47.39 2.47
N HIS A 263 18.14 -46.53 1.46
CA HIS A 263 17.36 -46.76 0.26
C HIS A 263 18.34 -46.59 -0.89
N GLY A 264 18.00 -45.77 -1.88
CA GLY A 264 18.81 -45.57 -3.07
C GLY A 264 20.21 -45.03 -2.85
N GLY A 265 20.43 -44.35 -1.73
CA GLY A 265 21.77 -43.84 -1.42
C GLY A 265 22.77 -44.97 -1.25
N ALA A 266 22.27 -46.19 -1.08
CA ALA A 266 23.14 -47.34 -0.88
C ALA A 266 24.01 -47.64 -2.11
N ASN A 267 23.55 -47.34 -3.32
CA ASN A 267 24.38 -47.63 -4.51
C ASN A 267 25.65 -46.78 -4.56
N GLU A 268 25.53 -45.49 -4.26
CA GLU A 268 26.70 -44.65 -4.07
C GLU A 268 27.57 -45.17 -2.92
N ALA A 269 26.94 -45.45 -1.79
CA ALA A 269 27.69 -45.89 -0.61
C ALA A 269 28.49 -47.20 -0.85
N VAL A 270 27.93 -48.15 -1.61
CA VAL A 270 28.64 -49.37 -1.96
C VAL A 270 29.98 -49.09 -2.66
N MET A 271 29.98 -48.19 -3.64
CA MET A 271 31.22 -47.82 -4.34
C MET A 271 32.24 -47.10 -3.44
N HIS A 272 31.78 -46.14 -2.64
CA HIS A 272 32.67 -45.51 -1.66
C HIS A 272 33.32 -46.59 -0.80
N ASP A 273 32.50 -47.53 -0.32
CA ASP A 273 32.99 -48.67 0.43
C ASP A 273 34.01 -49.53 -0.33
N MET A 274 33.73 -49.85 -1.59
CA MET A 274 34.71 -50.62 -2.36
C MET A 274 36.04 -49.90 -2.54
N ILE A 275 35.99 -48.59 -2.74
CA ILE A 275 37.21 -47.82 -2.88
C ILE A 275 38.00 -47.75 -1.57
N GLU A 276 37.30 -47.69 -0.44
CA GLU A 276 37.95 -47.67 0.87
C GLU A 276 38.64 -49.01 1.13
N ILE A 277 37.97 -50.10 0.78
CA ILE A 277 38.51 -51.45 0.89
C ILE A 277 39.81 -51.57 0.07
N GLY A 278 39.79 -51.06 -1.16
CA GLY A 278 40.97 -51.01 -2.01
C GLY A 278 41.35 -52.32 -2.69
N ASP A 279 41.38 -53.39 -1.90
CA ASP A 279 41.90 -54.68 -2.35
C ASP A 279 41.12 -55.82 -1.72
N PRO A 280 40.80 -56.86 -2.53
CA PRO A 280 40.09 -58.01 -2.02
C PRO A 280 40.67 -58.60 -0.73
N ALA A 281 41.98 -58.41 -0.50
CA ALA A 281 42.60 -58.94 0.72
C ALA A 281 42.09 -58.25 1.99
N ASN A 282 41.80 -56.95 1.87
CA ASN A 282 41.33 -56.14 2.98
C ASN A 282 39.88 -56.34 3.37
N ALA A 283 39.12 -57.01 2.52
CA ALA A 283 37.67 -57.09 2.68
C ALA A 283 37.23 -57.70 4.00
N ARG A 284 37.70 -58.92 4.30
CA ARG A 284 37.30 -59.65 5.51
C ARG A 284 37.46 -58.82 6.80
N GLU A 285 38.60 -58.15 6.93
CA GLU A 285 38.89 -57.36 8.14
C GLU A 285 38.01 -56.11 8.24
N TRP A 286 37.99 -55.33 7.15
CA TRP A 286 37.13 -54.15 7.02
C TRP A 286 35.70 -54.48 7.44
N LEU A 287 35.20 -55.62 6.99
CA LEU A 287 33.86 -56.05 7.29
C LEU A 287 33.66 -56.45 8.75
N ARG A 288 34.63 -57.18 9.31
CA ARG A 288 34.54 -57.65 10.69
C ARG A 288 34.45 -56.45 11.64
N ALA A 289 35.31 -55.47 11.39
CA ALA A 289 35.34 -54.21 12.15
C ALA A 289 33.98 -53.52 12.15
N LYS A 290 33.41 -53.35 10.95
CA LYS A 290 32.10 -52.69 10.80
C LYS A 290 30.99 -53.45 11.51
N LEU A 291 31.02 -54.78 11.45
CA LEU A 291 30.00 -55.59 12.13
C LEU A 291 30.11 -55.52 13.65
N ALA A 292 31.35 -55.53 14.16
CA ALA A 292 31.62 -55.35 15.59
C ALA A 292 31.02 -54.00 16.07
N ARG A 293 31.19 -52.94 15.26
CA ARG A 293 30.56 -51.63 15.55
C ARG A 293 29.03 -51.60 15.32
N LYS A 294 28.45 -52.75 14.98
CA LYS A 294 27.00 -52.91 14.68
C LYS A 294 26.47 -52.06 13.50
N GLU A 295 27.36 -51.60 12.64
CA GLU A 295 26.97 -50.79 11.46
C GLU A 295 26.20 -51.59 10.39
N LYS A 296 25.35 -50.91 9.62
CA LYS A 296 24.67 -51.53 8.48
C LYS A 296 25.71 -51.67 7.39
N ILE A 297 25.58 -52.71 6.58
CA ILE A 297 26.47 -52.86 5.43
C ILE A 297 25.68 -52.50 4.19
N MET A 298 26.17 -51.50 3.47
CA MET A 298 25.51 -50.98 2.29
C MET A 298 25.50 -52.06 1.21
N GLY A 299 24.34 -52.27 0.61
CA GLY A 299 24.20 -53.28 -0.43
C GLY A 299 23.72 -54.62 0.09
N PHE A 300 23.50 -54.71 1.40
CA PHE A 300 22.98 -55.94 1.98
C PHE A 300 21.79 -55.65 2.90
N GLY A 301 20.79 -56.51 2.84
CA GLY A 301 19.63 -56.33 3.67
C GLY A 301 18.43 -55.89 2.86
N HIS A 302 17.29 -56.43 3.21
CA HIS A 302 16.09 -56.13 2.50
C HIS A 302 14.91 -56.49 3.37
N ARG A 303 13.87 -55.67 3.27
CA ARG A 303 12.66 -55.85 4.07
C ARG A 303 11.84 -57.07 3.62
N VAL A 304 11.97 -57.44 2.34
CA VAL A 304 11.17 -58.53 1.75
C VAL A 304 12.00 -59.78 1.41
N TYR A 305 13.04 -59.61 0.59
CA TYR A 305 13.91 -60.73 0.20
C TYR A 305 14.68 -61.36 1.37
N ARG A 306 14.64 -62.68 1.46
CA ARG A 306 15.37 -63.40 2.50
C ARG A 306 16.37 -64.40 1.91
N HIS A 307 16.19 -64.75 0.64
CA HIS A 307 17.01 -65.82 0.03
C HIS A 307 17.61 -65.40 -1.29
N GLY A 308 17.88 -64.10 -1.41
CA GLY A 308 18.40 -63.52 -2.63
C GLY A 308 17.44 -62.51 -3.19
N ASP A 309 17.99 -61.42 -3.70
CA ASP A 309 17.21 -60.37 -4.37
C ASP A 309 16.92 -60.82 -5.82
N SER A 310 15.64 -60.88 -6.18
CA SER A 310 15.22 -61.31 -7.51
C SER A 310 16.01 -60.67 -8.65
N ARG A 311 16.44 -59.43 -8.45
CA ARG A 311 17.05 -58.62 -9.50
C ARG A 311 18.58 -58.78 -9.61
N VAL A 312 19.20 -59.27 -8.56
CA VAL A 312 20.66 -59.28 -8.48
C VAL A 312 21.38 -60.11 -9.56
N PRO A 313 20.97 -61.37 -9.78
CA PRO A 313 21.76 -62.19 -10.72
C PRO A 313 21.86 -61.59 -12.14
N THR A 314 20.75 -61.07 -12.66
CA THR A 314 20.77 -60.29 -13.89
C THR A 314 21.83 -59.18 -13.85
N MET A 315 21.78 -58.35 -12.81
CA MET A 315 22.68 -57.21 -12.71
C MET A 315 24.13 -57.65 -12.47
N LYS A 316 24.32 -58.74 -11.73
CA LYS A 316 25.67 -59.28 -11.56
C LYS A 316 26.27 -59.72 -12.91
N ARG A 317 25.46 -60.35 -13.76
CA ARG A 317 25.96 -60.75 -15.07
C ARG A 317 26.31 -59.51 -15.92
N ALA A 318 25.49 -58.45 -15.79
CA ALA A 318 25.76 -57.20 -16.52
C ALA A 318 27.04 -56.55 -16.01
N LEU A 319 27.19 -56.48 -14.68
CA LEU A 319 28.47 -56.11 -14.05
C LEU A 319 29.69 -56.88 -14.61
N GLU A 320 29.56 -58.20 -14.75
CA GLU A 320 30.63 -59.04 -15.28
C GLU A 320 30.97 -58.71 -16.74
N ARG A 321 29.95 -58.42 -17.54
CA ARG A 321 30.18 -58.04 -18.92
C ARG A 321 30.92 -56.73 -19.02
N VAL A 322 30.50 -55.72 -18.26
CA VAL A 322 31.19 -54.43 -18.25
C VAL A 322 32.61 -54.60 -17.71
N GLY A 323 32.76 -55.49 -16.73
CA GLY A 323 34.05 -55.76 -16.11
C GLY A 323 35.10 -56.28 -17.08
N THR A 324 34.71 -57.19 -17.98
CA THR A 324 35.65 -57.74 -18.93
C THR A 324 36.14 -56.71 -19.96
N VAL A 325 35.26 -55.76 -20.33
CA VAL A 325 35.65 -54.68 -21.26
C VAL A 325 36.16 -53.37 -20.62
N ARG A 326 36.12 -53.26 -19.29
CA ARG A 326 36.50 -52.01 -18.62
C ARG A 326 37.53 -52.17 -17.51
N ASP A 327 38.28 -53.27 -17.55
CA ASP A 327 39.42 -53.47 -16.65
C ASP A 327 39.01 -53.49 -15.17
N GLY A 328 37.90 -54.18 -14.86
CA GLY A 328 37.35 -54.14 -13.51
C GLY A 328 37.43 -55.40 -12.64
N GLN A 329 38.49 -56.19 -12.78
CA GLN A 329 38.61 -57.40 -11.98
C GLN A 329 38.71 -57.09 -10.48
N ARG A 330 39.41 -56.03 -10.12
CA ARG A 330 39.49 -55.61 -8.72
C ARG A 330 38.10 -55.51 -8.07
N TRP A 331 37.16 -54.85 -8.75
CA TRP A 331 35.82 -54.68 -8.18
C TRP A 331 35.03 -55.98 -8.16
N LEU A 332 35.24 -56.81 -9.18
CA LEU A 332 34.66 -58.16 -9.23
C LEU A 332 35.11 -59.06 -8.06
N ASP A 333 36.39 -58.94 -7.69
CA ASP A 333 36.98 -59.71 -6.60
C ASP A 333 36.48 -59.22 -5.23
N ILE A 334 36.44 -57.91 -5.05
CA ILE A 334 35.90 -57.32 -3.82
C ILE A 334 34.42 -57.68 -3.66
N TYR A 335 33.69 -57.65 -4.77
CA TYR A 335 32.29 -58.10 -4.79
C TYR A 335 32.21 -59.49 -4.18
N GLN A 336 32.93 -60.42 -4.84
CA GLN A 336 32.93 -61.83 -4.47
C GLN A 336 33.26 -62.05 -2.98
N VAL A 337 34.39 -61.49 -2.54
CA VAL A 337 34.87 -61.70 -1.17
C VAL A 337 33.89 -61.12 -0.14
N LEU A 338 33.45 -59.88 -0.39
CA LEU A 338 32.52 -59.20 0.47
C LEU A 338 31.19 -59.93 0.57
N ALA A 339 30.69 -60.45 -0.54
CA ALA A 339 29.45 -61.22 -0.50
C ALA A 339 29.63 -62.51 0.30
N ALA A 340 30.78 -63.18 0.10
CA ALA A 340 31.06 -64.43 0.80
C ALA A 340 31.29 -64.19 2.29
N GLU A 341 32.00 -63.11 2.62
CA GLU A 341 32.23 -62.77 4.00
C GLU A 341 30.91 -62.42 4.70
N MET A 342 29.96 -61.80 3.99
CA MET A 342 28.68 -61.44 4.59
C MET A 342 27.78 -62.65 4.79
N ALA A 343 27.87 -63.62 3.87
CA ALA A 343 27.09 -64.84 3.99
C ALA A 343 27.56 -65.67 5.21
N SER A 344 28.87 -65.71 5.46
CA SER A 344 29.46 -66.39 6.63
C SER A 344 29.09 -65.71 7.94
N ALA A 345 29.35 -64.41 8.02
CA ALA A 345 29.10 -63.67 9.26
C ALA A 345 27.61 -63.49 9.62
N THR A 346 26.73 -63.32 8.62
CA THR A 346 25.32 -62.92 8.88
C THR A 346 24.24 -63.73 8.19
N GLY A 347 24.60 -64.46 7.13
CA GLY A 347 23.61 -65.16 6.30
C GLY A 347 22.84 -64.24 5.35
N ILE A 348 23.21 -62.96 5.33
CA ILE A 348 22.50 -61.98 4.52
C ILE A 348 23.11 -61.87 3.11
N LEU A 349 22.24 -61.81 2.11
CA LEU A 349 22.65 -61.72 0.71
C LEU A 349 22.63 -60.27 0.19
N PRO A 350 23.36 -59.98 -0.91
CA PRO A 350 23.32 -58.63 -1.49
C PRO A 350 21.92 -58.26 -1.98
N ASN A 351 21.65 -56.95 -2.02
CA ASN A 351 20.52 -56.42 -2.78
C ASN A 351 21.00 -55.75 -4.07
N LEU A 352 20.07 -55.32 -4.91
CA LEU A 352 20.40 -54.77 -6.23
C LEU A 352 21.43 -53.66 -6.22
N ASP A 353 21.45 -52.87 -5.15
CA ASP A 353 22.36 -51.73 -5.05
C ASP A 353 23.82 -52.14 -4.99
N PHE A 354 24.09 -53.36 -4.56
CA PHE A 354 25.48 -53.87 -4.44
C PHE A 354 26.16 -54.07 -5.81
N PRO A 355 25.57 -54.89 -6.72
CA PRO A 355 26.19 -54.93 -8.07
C PRO A 355 26.06 -53.65 -8.91
N THR A 356 25.04 -52.83 -8.63
CA THR A 356 24.82 -51.65 -9.44
C THR A 356 25.96 -50.65 -9.25
N GLY A 357 26.38 -50.45 -8.01
CA GLY A 357 27.46 -49.51 -7.70
C GLY A 357 28.71 -49.64 -8.58
N PRO A 358 29.39 -50.79 -8.51
CA PRO A 358 30.59 -50.95 -9.37
C PRO A 358 30.26 -50.97 -10.88
N ALA A 359 29.06 -51.41 -11.24
CA ALA A 359 28.66 -51.40 -12.63
C ALA A 359 28.63 -49.95 -13.14
N TYR A 360 28.04 -49.05 -12.37
CA TYR A 360 27.94 -47.65 -12.74
C TYR A 360 29.31 -46.99 -12.78
N TYR A 361 30.17 -47.38 -11.84
CA TYR A 361 31.50 -46.84 -11.75
C TYR A 361 32.31 -47.23 -12.99
N LEU A 362 32.27 -48.50 -13.38
CA LEU A 362 33.00 -48.96 -14.57
C LEU A 362 32.39 -48.40 -15.85
N MET A 363 31.10 -48.07 -15.82
CA MET A 363 30.47 -47.45 -16.98
C MET A 363 30.96 -46.03 -17.16
N GLY A 364 31.57 -45.48 -16.11
CA GLY A 364 32.21 -44.17 -16.17
C GLY A 364 31.47 -43.04 -15.46
N PHE A 365 30.29 -43.33 -14.91
CA PHE A 365 29.50 -42.35 -14.15
C PHE A 365 30.21 -41.93 -12.89
N ASP A 366 30.01 -40.70 -12.44
CA ASP A 366 30.60 -40.28 -11.18
C ASP A 366 29.82 -40.82 -9.97
N ILE A 367 30.56 -41.24 -8.94
CA ILE A 367 29.96 -41.90 -7.79
C ILE A 367 28.74 -41.15 -7.23
N ALA A 368 28.89 -39.84 -7.12
CA ALA A 368 27.87 -38.96 -6.53
C ALA A 368 26.57 -38.89 -7.37
N SER A 369 26.63 -39.26 -8.65
CA SER A 369 25.44 -39.31 -9.51
C SER A 369 24.69 -40.67 -9.53
N PHE A 370 25.15 -41.65 -8.75
CA PHE A 370 24.60 -43.00 -8.80
C PHE A 370 23.12 -43.04 -8.41
N THR A 371 22.74 -42.29 -7.39
CA THR A 371 21.35 -42.33 -6.94
C THR A 371 20.41 -41.56 -7.86
N PRO A 372 20.86 -40.43 -8.41
CA PRO A 372 20.10 -39.74 -9.47
C PRO A 372 19.83 -40.60 -10.71
N ILE A 373 20.78 -41.47 -11.06
CA ILE A 373 20.58 -42.42 -12.16
C ILE A 373 19.46 -43.43 -11.79
N PHE A 374 19.46 -43.88 -10.55
CA PHE A 374 18.33 -44.64 -9.97
C PHE A 374 17.00 -43.85 -10.11
N VAL A 375 16.95 -42.59 -9.70
CA VAL A 375 15.77 -41.75 -9.95
C VAL A 375 15.24 -41.84 -11.40
N MET A 376 16.16 -41.77 -12.37
CA MET A 376 15.81 -41.79 -13.79
C MET A 376 14.97 -43.03 -14.16
N SER A 377 15.36 -44.19 -13.63
CA SER A 377 14.61 -45.42 -13.81
C SER A 377 13.31 -45.45 -12.99
N ARG A 378 13.45 -45.25 -11.68
CA ARG A 378 12.38 -45.48 -10.73
C ARG A 378 11.20 -44.49 -10.89
N ILE A 379 11.42 -43.41 -11.64
CA ILE A 379 10.33 -42.50 -12.01
C ILE A 379 9.15 -43.24 -12.64
N THR A 380 9.43 -44.32 -13.37
CA THR A 380 8.35 -45.06 -14.01
C THR A 380 7.48 -45.76 -12.96
N GLY A 381 8.09 -46.52 -12.06
CA GLY A 381 7.30 -47.17 -11.01
C GLY A 381 6.60 -46.18 -10.10
N TRP A 382 7.33 -45.16 -9.65
CA TRP A 382 6.76 -44.15 -8.75
C TRP A 382 5.47 -43.60 -9.34
N THR A 383 5.52 -43.21 -10.61
CA THR A 383 4.39 -42.51 -11.25
C THR A 383 3.25 -43.47 -11.56
N ALA A 384 3.59 -44.70 -11.95
CA ALA A 384 2.58 -45.76 -11.99
C ALA A 384 1.87 -45.92 -10.65
N HIS A 385 2.62 -45.90 -9.54
CA HIS A 385 1.97 -45.99 -8.23
C HIS A 385 1.21 -44.74 -7.87
N ILE A 386 1.68 -43.58 -8.31
CA ILE A 386 0.95 -42.35 -8.03
C ILE A 386 -0.41 -42.39 -8.70
N MET A 387 -0.43 -42.79 -9.96
CA MET A 387 -1.68 -42.83 -10.73
C MET A 387 -2.66 -43.84 -10.18
N GLU A 388 -2.14 -44.99 -9.75
CA GLU A 388 -2.98 -46.01 -9.15
C GLU A 388 -3.56 -45.49 -7.81
N GLN A 389 -2.71 -44.82 -7.02
CA GLN A 389 -3.14 -44.23 -5.76
C GLN A 389 -4.21 -43.17 -5.98
N ALA A 390 -3.99 -42.30 -6.96
CA ALA A 390 -4.89 -41.18 -7.20
C ALA A 390 -6.27 -41.64 -7.66
N THR A 391 -6.31 -42.80 -8.34
CA THR A 391 -7.55 -43.33 -8.91
C THR A 391 -8.32 -44.22 -7.94
N ALA A 392 -7.64 -44.70 -6.90
CA ALA A 392 -8.29 -45.46 -5.84
C ALA A 392 -7.78 -44.94 -4.49
N ASN A 393 -8.16 -43.71 -4.17
CA ASN A 393 -7.51 -42.99 -3.07
C ASN A 393 -8.19 -43.10 -1.72
N ALA A 394 -7.37 -43.12 -0.67
CA ALA A 394 -7.80 -42.86 0.70
C ALA A 394 -6.63 -42.19 1.40
N LEU A 395 -6.95 -41.18 2.20
CA LEU A 395 -5.95 -40.47 2.98
C LEU A 395 -5.12 -41.47 3.77
N ILE A 396 -3.80 -41.31 3.77
CA ILE A 396 -2.98 -42.16 4.60
C ILE A 396 -2.64 -41.40 5.89
N ARG A 397 -3.13 -41.93 7.01
CA ARG A 397 -3.09 -41.22 8.26
C ARG A 397 -3.12 -42.26 9.37
N PRO A 398 -1.93 -42.72 9.81
CA PRO A 398 -1.92 -43.76 10.84
C PRO A 398 -2.05 -43.17 12.25
N LEU A 399 -1.91 -44.01 13.27
CA LEU A 399 -2.00 -43.57 14.65
C LEU A 399 -0.67 -43.80 15.34
N SER A 400 -0.52 -43.14 16.48
CA SER A 400 0.64 -43.35 17.35
C SER A 400 0.23 -43.83 18.75
N ALA A 401 1.23 -44.31 19.47
CA ALA A 401 1.09 -44.63 20.87
C ALA A 401 1.90 -43.55 21.58
N TYR A 402 1.44 -43.12 22.74
CA TYR A 402 2.08 -41.99 23.42
C TYR A 402 2.95 -42.42 24.59
N CYS A 403 4.16 -41.86 24.64
CA CYS A 403 5.10 -42.15 25.71
C CYS A 403 5.72 -40.86 26.32
N GLY A 404 5.02 -39.75 26.19
CA GLY A 404 5.56 -38.48 26.70
C GLY A 404 5.07 -38.05 28.09
N HIS A 405 5.15 -36.75 28.36
CA HIS A 405 4.67 -36.22 29.62
C HIS A 405 3.18 -36.45 29.74
N GLU A 406 2.74 -36.93 30.91
CA GLU A 406 1.33 -37.01 31.20
C GLU A 406 0.82 -35.57 31.28
N GLN A 407 -0.50 -35.39 31.15
CA GLN A 407 -1.09 -34.05 31.18
C GLN A 407 -0.62 -33.26 32.39
N ARG A 408 -0.16 -32.05 32.14
CA ARG A 408 0.36 -31.21 33.21
C ARG A 408 -0.19 -29.78 33.12
N VAL A 409 -0.11 -29.08 34.24
CA VAL A 409 -0.69 -27.75 34.36
C VAL A 409 0.32 -26.68 33.95
N LEU A 410 -0.06 -25.91 32.94
CA LEU A 410 0.76 -24.80 32.50
C LEU A 410 0.99 -23.86 33.68
N PRO A 411 2.25 -23.49 33.96
CA PRO A 411 2.49 -22.63 35.13
C PRO A 411 1.67 -21.33 35.12
N GLY A 412 1.08 -20.99 36.28
CA GLY A 412 0.27 -19.77 36.42
C GLY A 412 -1.16 -19.87 35.92
N THR A 413 -1.66 -21.09 35.76
CA THR A 413 -3.06 -21.34 35.38
C THR A 413 -4.04 -20.84 36.45
N ASP B 48 -5.40 -59.32 5.18
CA ASP B 48 -6.22 -58.11 5.56
C ASP B 48 -5.53 -56.76 5.32
N ILE B 49 -6.24 -55.92 4.58
CA ILE B 49 -5.67 -54.73 3.99
C ILE B 49 -6.02 -53.50 4.82
N LYS B 50 -4.97 -52.80 5.25
CA LYS B 50 -5.13 -51.62 6.08
C LYS B 50 -5.11 -50.32 5.24
N LYS B 51 -6.09 -50.18 4.33
CA LYS B 51 -6.19 -49.00 3.48
C LYS B 51 -6.16 -47.69 4.28
N GLY B 52 -5.28 -46.78 3.87
CA GLY B 52 -5.10 -45.51 4.57
C GLY B 52 -4.52 -45.64 5.97
N LEU B 53 -4.08 -46.85 6.33
CA LEU B 53 -3.57 -47.15 7.67
C LEU B 53 -4.53 -46.76 8.81
N ALA B 54 -5.83 -46.75 8.52
CA ALA B 54 -6.87 -46.35 9.48
C ALA B 54 -6.89 -47.31 10.65
N GLY B 55 -6.62 -46.79 11.84
CA GLY B 55 -6.61 -47.60 13.05
C GLY B 55 -5.28 -48.25 13.39
N VAL B 56 -4.30 -48.11 12.50
CA VAL B 56 -3.04 -48.80 12.72
C VAL B 56 -2.08 -47.92 13.52
N VAL B 57 -1.65 -48.44 14.66
CA VAL B 57 -0.61 -47.80 15.47
C VAL B 57 0.77 -48.14 14.88
N VAL B 58 1.50 -47.11 14.49
CA VAL B 58 2.65 -47.30 13.64
C VAL B 58 3.94 -47.01 14.36
N ASP B 59 3.85 -46.27 15.46
CA ASP B 59 5.02 -45.93 16.23
C ASP B 59 4.60 -45.34 17.57
N THR B 60 5.60 -45.05 18.39
CA THR B 60 5.37 -44.40 19.64
C THR B 60 5.89 -42.96 19.49
N THR B 61 5.29 -42.00 20.20
CA THR B 61 5.75 -40.60 20.17
C THR B 61 5.63 -39.92 21.53
N ALA B 62 6.48 -38.94 21.79
CA ALA B 62 6.48 -38.18 23.05
C ALA B 62 6.01 -36.74 22.85
N ILE B 63 5.64 -36.41 21.61
CA ILE B 63 5.47 -35.02 21.22
C ILE B 63 4.10 -34.44 21.58
N SER B 64 3.05 -35.18 21.26
CA SER B 64 1.69 -34.71 21.52
C SER B 64 0.72 -35.86 21.73
N LYS B 65 -0.45 -35.58 22.33
CA LYS B 65 -1.49 -36.57 22.59
C LYS B 65 -2.86 -35.89 22.71
N VAL B 66 -3.90 -36.55 22.20
CA VAL B 66 -5.26 -36.17 22.55
C VAL B 66 -5.70 -36.91 23.83
N VAL B 67 -5.84 -36.19 24.93
CA VAL B 67 -6.30 -36.79 26.19
C VAL B 67 -7.78 -37.15 26.05
N PRO B 68 -8.08 -38.47 25.93
CA PRO B 68 -9.43 -38.93 25.57
C PRO B 68 -10.53 -38.44 26.52
N GLN B 69 -10.18 -38.31 27.80
CA GLN B 69 -11.13 -37.89 28.85
C GLN B 69 -11.70 -36.49 28.58
N THR B 70 -10.83 -35.48 28.53
CA THR B 70 -11.23 -34.07 28.32
C THR B 70 -11.41 -33.67 26.84
N ASN B 71 -10.85 -34.47 25.93
CA ASN B 71 -10.63 -34.06 24.53
C ASN B 71 -9.64 -32.89 24.40
N SER B 72 -8.62 -32.87 25.26
CA SER B 72 -7.57 -31.88 25.17
C SER B 72 -6.39 -32.43 24.36
N LEU B 73 -6.03 -31.70 23.31
CA LEU B 73 -4.74 -31.88 22.65
C LEU B 73 -3.68 -31.26 23.54
N THR B 74 -2.62 -32.02 23.79
CA THR B 74 -1.50 -31.55 24.59
C THR B 74 -0.22 -31.54 23.75
N TYR B 75 0.65 -30.58 24.02
CA TYR B 75 1.97 -30.52 23.44
C TYR B 75 2.91 -30.72 24.60
N ARG B 76 3.68 -31.80 24.59
CA ARG B 76 4.55 -32.16 25.72
C ARG B 76 3.88 -32.01 27.08
N GLY B 77 2.62 -32.45 27.18
CA GLY B 77 1.90 -32.49 28.45
C GLY B 77 0.92 -31.34 28.67
N TYR B 78 1.18 -30.21 28.01
CA TYR B 78 0.39 -28.98 28.21
C TYR B 78 -0.75 -28.86 27.23
N PRO B 79 -1.96 -28.53 27.74
CA PRO B 79 -3.13 -28.37 26.87
C PRO B 79 -2.92 -27.22 25.89
N VAL B 80 -3.21 -27.46 24.62
CA VAL B 80 -2.97 -26.48 23.58
C VAL B 80 -3.78 -25.20 23.77
N GLN B 81 -4.98 -25.34 24.35
CA GLN B 81 -5.82 -24.18 24.58
C GLN B 81 -5.18 -23.21 25.58
N ASP B 82 -4.45 -23.75 26.55
CA ASP B 82 -3.75 -22.93 27.54
C ASP B 82 -2.49 -22.34 26.92
N LEU B 83 -1.73 -23.15 26.19
CA LEU B 83 -0.60 -22.61 25.42
C LEU B 83 -1.02 -21.47 24.49
N ALA B 84 -2.11 -21.66 23.76
CA ALA B 84 -2.59 -20.65 22.81
C ALA B 84 -3.02 -19.38 23.54
N ALA B 85 -3.57 -19.53 24.73
CA ALA B 85 -4.02 -18.36 25.47
C ALA B 85 -2.86 -17.60 26.11
N ARG B 86 -1.83 -18.31 26.55
CA ARG B 86 -0.86 -17.71 27.47
C ARG B 86 0.59 -17.61 26.97
N CYS B 87 0.91 -18.30 25.87
CA CYS B 87 2.30 -18.34 25.38
C CYS B 87 2.49 -17.69 24.01
N SER B 88 3.75 -17.39 23.68
CA SER B 88 4.10 -17.00 22.32
C SER B 88 4.45 -18.23 21.47
N PHE B 89 4.48 -18.05 20.15
CA PHE B 89 4.89 -19.10 19.23
C PHE B 89 6.32 -19.53 19.49
N GLU B 90 7.18 -18.57 19.86
CA GLU B 90 8.55 -18.90 20.23
C GLU B 90 8.61 -19.89 21.39
N GLN B 91 7.82 -19.66 22.45
CA GLN B 91 7.78 -20.57 23.59
C GLN B 91 7.29 -21.98 23.20
N VAL B 92 6.28 -22.02 22.34
CA VAL B 92 5.67 -23.28 21.93
C VAL B 92 6.66 -24.06 21.05
N ALA B 93 7.36 -23.35 20.16
CA ALA B 93 8.38 -23.98 19.31
C ALA B 93 9.47 -24.58 20.15
N PHE B 94 10.00 -23.80 21.10
CA PHE B 94 10.99 -24.32 22.04
C PHE B 94 10.42 -25.55 22.74
N LEU B 95 9.23 -25.41 23.34
CA LEU B 95 8.57 -26.53 24.03
C LEU B 95 8.52 -27.79 23.18
N LEU B 96 8.05 -27.65 21.94
CA LEU B 96 7.93 -28.79 21.04
C LEU B 96 9.28 -29.46 20.77
N TRP B 97 10.33 -28.66 20.59
CA TRP B 97 11.65 -29.20 20.28
C TRP B 97 12.37 -29.83 21.45
N ARG B 98 12.29 -29.18 22.60
CA ARG B 98 13.08 -29.56 23.78
C ARG B 98 12.28 -30.39 24.78
N GLY B 99 10.97 -30.25 24.77
CA GLY B 99 10.14 -30.99 25.69
C GLY B 99 9.88 -30.33 27.02
N GLU B 100 10.43 -29.12 27.21
CA GLU B 100 10.12 -28.27 28.38
C GLU B 100 9.91 -26.81 27.98
N LEU B 101 9.16 -26.06 28.78
CA LEU B 101 9.11 -24.61 28.61
C LEU B 101 10.49 -24.01 28.80
N PRO B 102 10.80 -22.92 28.07
CA PRO B 102 12.13 -22.35 28.23
C PRO B 102 12.25 -21.55 29.53
N THR B 103 13.45 -21.48 30.10
CA THR B 103 13.72 -20.52 31.14
C THR B 103 13.83 -19.16 30.44
N ASP B 104 13.93 -18.10 31.24
CA ASP B 104 14.12 -16.76 30.74
C ASP B 104 15.36 -16.66 29.85
N ALA B 105 16.47 -17.23 30.31
CA ALA B 105 17.73 -17.15 29.57
C ALA B 105 17.64 -18.00 28.30
N GLU B 106 17.01 -19.17 28.40
CA GLU B 106 16.83 -20.04 27.22
C GLU B 106 16.00 -19.35 26.14
N LEU B 107 14.91 -18.70 26.52
CA LEU B 107 14.04 -18.00 25.56
C LEU B 107 14.76 -16.85 24.89
N ALA B 108 15.55 -16.10 25.66
CA ALA B 108 16.35 -14.99 25.11
C ALA B 108 17.33 -15.48 24.03
N LEU B 109 18.00 -16.62 24.28
CA LEU B 109 18.96 -17.19 23.31
C LEU B 109 18.23 -17.70 22.07
N PHE B 110 17.17 -18.46 22.31
CA PHE B 110 16.28 -18.92 21.24
C PHE B 110 15.74 -17.77 20.38
N SER B 111 15.20 -16.73 21.05
CA SER B 111 14.66 -15.56 20.32
C SER B 111 15.77 -14.82 19.53
N GLN B 112 16.93 -14.66 20.15
CA GLN B 112 18.10 -14.06 19.50
C GLN B 112 18.51 -14.83 18.23
N ARG B 113 18.58 -16.17 18.31
CA ARG B 113 18.92 -16.97 17.15
C ARG B 113 17.82 -16.93 16.07
N GLU B 114 16.56 -16.95 16.51
CA GLU B 114 15.45 -16.85 15.55
C GLU B 114 15.53 -15.54 14.74
N ARG B 115 15.72 -14.42 15.43
CA ARG B 115 15.73 -13.11 14.77
C ARG B 115 16.93 -12.89 13.84
N ALA B 116 18.07 -13.50 14.18
CA ALA B 116 19.26 -13.45 13.35
C ALA B 116 19.20 -14.45 12.19
N SER B 117 18.13 -15.25 12.12
CA SER B 117 18.02 -16.27 11.08
C SER B 117 16.94 -15.97 10.06
N ARG B 118 16.30 -14.81 10.16
CA ARG B 118 15.15 -14.50 9.30
C ARG B 118 15.51 -14.07 7.86
N ARG B 119 16.72 -13.55 7.67
CA ARG B 119 17.16 -12.97 6.38
C ARG B 119 17.27 -14.01 5.27
N VAL B 120 16.76 -13.68 4.09
CA VAL B 120 17.00 -14.47 2.88
C VAL B 120 18.23 -13.90 2.16
N ASP B 121 19.06 -14.78 1.62
CA ASP B 121 20.27 -14.36 0.91
C ASP B 121 19.90 -13.91 -0.49
N ARG B 122 20.88 -13.34 -1.18
CA ARG B 122 20.71 -12.89 -2.56
C ARG B 122 20.25 -14.01 -3.52
N SER B 123 20.75 -15.23 -3.33
CA SER B 123 20.31 -16.35 -4.15
C SER B 123 18.79 -16.59 -4.04
N MET B 124 18.26 -16.42 -2.84
CA MET B 124 16.82 -16.63 -2.57
C MET B 124 15.92 -15.54 -3.18
N LEU B 125 16.31 -14.28 -3.03
CA LEU B 125 15.56 -13.16 -3.62
C LEU B 125 15.46 -13.36 -5.12
N SER B 126 16.56 -13.88 -5.69
CA SER B 126 16.68 -14.08 -7.11
C SER B 126 15.72 -15.19 -7.55
N LEU B 127 15.76 -16.31 -6.85
CA LEU B 127 14.87 -17.43 -7.13
C LEU B 127 13.40 -17.02 -7.04
N LEU B 128 13.06 -16.26 -5.99
CA LEU B 128 11.69 -15.83 -5.76
C LEU B 128 11.22 -14.85 -6.83
N ALA B 129 12.14 -14.04 -7.33
CA ALA B 129 11.80 -13.04 -8.33
C ALA B 129 11.59 -13.75 -9.66
N LYS B 130 12.25 -14.89 -9.81
CA LYS B 130 12.34 -15.63 -11.05
C LYS B 130 11.24 -16.69 -11.23
N LEU B 131 10.84 -17.36 -10.15
CA LEU B 131 9.77 -18.35 -10.21
C LEU B 131 8.52 -17.74 -10.80
N PRO B 132 7.71 -18.53 -11.54
CA PRO B 132 6.50 -17.91 -12.10
C PRO B 132 5.66 -17.37 -10.97
N ASP B 133 4.92 -16.30 -11.21
CA ASP B 133 4.07 -15.74 -10.16
C ASP B 133 2.64 -16.26 -10.25
N ASN B 134 2.44 -17.28 -11.07
CA ASN B 134 1.13 -17.89 -11.28
C ASN B 134 1.09 -19.40 -10.93
N CYS B 135 2.17 -19.88 -10.32
CA CYS B 135 2.17 -21.23 -9.78
C CYS B 135 1.54 -21.12 -8.42
N HIS B 136 1.14 -22.24 -7.82
CA HIS B 136 0.56 -22.21 -6.47
C HIS B 136 1.61 -21.85 -5.44
N PRO B 137 1.29 -20.98 -4.46
CA PRO B 137 2.29 -20.58 -3.44
C PRO B 137 2.98 -21.74 -2.66
N MET B 138 2.31 -22.88 -2.54
CA MET B 138 2.93 -24.07 -1.95
C MET B 138 4.13 -24.54 -2.79
N ASP B 139 4.06 -24.40 -4.11
CA ASP B 139 5.19 -24.66 -5.02
C ASP B 139 6.44 -23.85 -4.70
N VAL B 140 6.23 -22.61 -4.28
CA VAL B 140 7.31 -21.70 -3.97
C VAL B 140 7.96 -22.17 -2.69
N VAL B 141 7.14 -22.52 -1.71
CA VAL B 141 7.65 -23.04 -0.46
C VAL B 141 8.41 -24.37 -0.67
N ARG B 142 7.87 -25.24 -1.53
CA ARG B 142 8.47 -26.53 -1.85
C ARG B 142 9.85 -26.31 -2.48
N THR B 143 9.91 -25.45 -3.49
CA THR B 143 11.17 -25.18 -4.20
C THR B 143 12.19 -24.46 -3.33
N ALA B 144 11.76 -23.43 -2.59
CA ALA B 144 12.67 -22.69 -1.73
C ALA B 144 13.33 -23.56 -0.67
N ILE B 145 12.55 -24.42 -0.01
CA ILE B 145 13.11 -25.31 1.02
C ILE B 145 14.14 -26.29 0.43
N SER B 146 13.82 -26.87 -0.72
CA SER B 146 14.74 -27.76 -1.43
C SER B 146 16.01 -27.00 -1.79
N TYR B 147 15.83 -25.77 -2.25
CA TYR B 147 16.94 -24.90 -2.56
C TYR B 147 17.80 -24.62 -1.33
N LEU B 148 17.18 -24.22 -0.23
CA LEU B 148 17.93 -24.00 1.01
C LEU B 148 18.71 -25.22 1.50
N GLY B 149 18.11 -26.41 1.36
CA GLY B 149 18.79 -27.66 1.70
C GLY B 149 20.10 -27.84 0.95
N ALA B 150 20.05 -27.57 -0.37
CA ALA B 150 21.24 -27.65 -1.22
C ALA B 150 22.34 -26.69 -0.77
N GLU B 151 21.94 -25.53 -0.24
CA GLU B 151 22.92 -24.52 0.19
C GLU B 151 23.51 -24.79 1.56
N ASP B 152 22.85 -25.66 2.34
CA ASP B 152 23.23 -25.86 3.76
C ASP B 152 24.40 -26.84 3.89
N PRO B 153 25.57 -26.33 4.33
CA PRO B 153 26.74 -27.19 4.45
C PRO B 153 26.48 -28.41 5.34
N ASP B 154 25.55 -28.29 6.29
CA ASP B 154 25.23 -29.37 7.24
C ASP B 154 24.02 -30.20 6.87
N GLU B 155 23.49 -30.00 5.66
CA GLU B 155 22.25 -30.67 5.21
C GLU B 155 22.14 -32.13 5.65
N ASP B 156 23.20 -32.90 5.41
CA ASP B 156 23.17 -34.35 5.57
C ASP B 156 23.75 -34.83 6.91
N ASP B 157 24.05 -33.89 7.81
CA ASP B 157 24.53 -34.17 9.16
C ASP B 157 23.38 -34.17 10.17
N ALA B 158 22.91 -35.36 10.51
CA ALA B 158 21.72 -35.55 11.34
C ALA B 158 21.87 -34.98 12.75
N ALA B 159 23.11 -34.76 13.17
CA ALA B 159 23.40 -34.23 14.49
C ALA B 159 23.17 -32.71 14.54
N ALA B 160 22.98 -32.08 13.37
CA ALA B 160 22.73 -30.65 13.31
C ALA B 160 21.26 -30.32 13.05
N ASN B 161 20.39 -31.29 13.29
CA ASN B 161 18.96 -31.10 13.03
C ASN B 161 18.33 -29.91 13.75
N ARG B 162 18.70 -29.69 15.02
CA ARG B 162 18.16 -28.58 15.83
C ARG B 162 18.48 -27.26 15.17
N ALA B 163 19.72 -27.09 14.76
CA ALA B 163 20.11 -25.89 14.03
C ALA B 163 19.33 -25.77 12.73
N LYS B 164 19.24 -26.85 11.97
CA LYS B 164 18.52 -26.84 10.68
C LYS B 164 17.03 -26.48 10.82
N ALA B 165 16.37 -27.10 11.79
CA ALA B 165 14.93 -26.87 12.03
C ALA B 165 14.68 -25.41 12.40
N MET B 166 15.54 -24.89 13.26
CA MET B 166 15.49 -23.49 13.65
C MET B 166 15.67 -22.57 12.42
N ARG B 167 16.63 -22.88 11.57
CA ARG B 167 16.82 -22.07 10.36
C ARG B 167 15.60 -22.02 9.46
N MET B 168 14.96 -23.18 9.27
CA MET B 168 13.78 -23.28 8.42
CA MET B 168 13.78 -23.30 8.41
C MET B 168 12.60 -22.57 9.04
N MET B 169 12.44 -22.72 10.35
CA MET B 169 11.34 -22.07 11.04
C MET B 169 11.47 -20.53 10.94
N ALA B 170 12.70 -20.04 11.03
CA ALA B 170 12.94 -18.61 11.04
C ALA B 170 12.76 -17.97 9.66
N VAL B 171 13.15 -18.68 8.59
CA VAL B 171 13.18 -18.10 7.24
C VAL B 171 11.86 -18.26 6.51
N LEU B 172 11.11 -19.34 6.83
CA LEU B 172 9.82 -19.55 6.16
C LEU B 172 8.88 -18.31 6.10
N PRO B 173 8.73 -17.55 7.20
CA PRO B 173 7.84 -16.38 7.11
C PRO B 173 8.36 -15.37 6.12
N THR B 174 9.67 -15.25 6.02
CA THR B 174 10.25 -14.28 5.12
C THR B 174 9.91 -14.63 3.68
N ILE B 175 10.08 -15.91 3.33
CA ILE B 175 9.71 -16.41 2.00
C ILE B 175 8.22 -16.24 1.69
N VAL B 176 7.35 -16.64 2.61
CA VAL B 176 5.91 -16.57 2.41
C VAL B 176 5.42 -15.11 2.21
N ALA B 177 5.94 -14.19 3.03
CA ALA B 177 5.59 -12.77 2.87
C ALA B 177 6.02 -12.23 1.51
N ILE B 178 7.24 -12.56 1.08
CA ILE B 178 7.75 -12.08 -0.21
C ILE B 178 6.87 -12.58 -1.36
N ASP B 179 6.48 -13.84 -1.30
CA ASP B 179 5.73 -14.45 -2.37
C ASP B 179 4.33 -13.88 -2.41
N MET B 180 3.71 -13.71 -1.24
CA MET B 180 2.41 -13.07 -1.19
C MET B 180 2.46 -11.66 -1.78
N ARG B 181 3.50 -10.90 -1.44
CA ARG B 181 3.63 -9.52 -1.88
C ARG B 181 3.97 -9.37 -3.35
N ARG B 182 4.91 -10.18 -3.87
CA ARG B 182 5.28 -10.11 -5.29
C ARG B 182 4.09 -10.34 -6.23
N ARG B 183 3.08 -11.09 -5.80
CA ARG B 183 1.92 -11.38 -6.64
C ARG B 183 0.94 -10.19 -6.71
N ARG B 184 1.08 -9.26 -5.77
CA ARG B 184 0.30 -8.01 -5.72
C ARG B 184 1.13 -6.85 -6.29
N GLY B 185 2.29 -7.16 -6.85
CA GLY B 185 3.19 -6.17 -7.43
C GLY B 185 4.07 -5.43 -6.42
N LEU B 186 4.18 -5.96 -5.21
CA LEU B 186 4.86 -5.29 -4.09
C LEU B 186 6.24 -5.86 -3.76
N PRO B 187 7.19 -5.00 -3.34
CA PRO B 187 8.56 -5.44 -3.02
C PRO B 187 8.68 -6.06 -1.61
N PRO B 188 9.79 -6.80 -1.34
CA PRO B 188 10.03 -7.35 0.01
C PRO B 188 10.17 -6.28 1.11
N ILE B 189 9.58 -6.56 2.27
CA ILE B 189 9.83 -5.80 3.49
C ILE B 189 10.75 -6.63 4.36
N ALA B 190 11.87 -6.02 4.77
CA ALA B 190 12.88 -6.74 5.51
C ALA B 190 12.36 -7.24 6.88
N PRO B 191 12.87 -8.38 7.35
CA PRO B 191 12.67 -8.75 8.75
C PRO B 191 13.09 -7.63 9.73
N HIS B 192 12.38 -7.48 10.84
CA HIS B 192 12.70 -6.45 11.81
C HIS B 192 13.10 -7.10 13.13
N SER B 193 14.34 -6.89 13.55
CA SER B 193 14.85 -7.58 14.75
C SER B 193 14.31 -7.03 16.10
N GLY B 194 13.49 -5.99 16.04
CA GLY B 194 12.76 -5.49 17.23
C GLY B 194 11.43 -6.20 17.45
N LEU B 195 10.97 -6.94 16.44
CA LEU B 195 9.63 -7.59 16.48
C LEU B 195 9.75 -9.08 16.75
N GLY B 196 8.78 -9.64 17.47
CA GLY B 196 8.69 -11.08 17.70
C GLY B 196 8.16 -11.78 16.46
N TYR B 197 8.05 -13.10 16.52
CA TYR B 197 7.73 -13.89 15.34
C TYR B 197 6.40 -13.45 14.71
N ALA B 198 5.34 -13.41 15.52
CA ALA B 198 4.02 -13.05 15.03
C ALA B 198 4.00 -11.60 14.49
N GLN B 199 4.58 -10.67 15.25
CA GLN B 199 4.52 -9.26 14.85
C GLN B 199 5.29 -9.02 13.56
N ASN B 200 6.42 -9.72 13.45
CA ASN B 200 7.31 -9.62 12.30
C ASN B 200 6.70 -10.10 11.01
N PHE B 201 6.07 -11.28 11.03
CA PHE B 201 5.46 -11.79 9.81
C PHE B 201 4.41 -10.81 9.34
N LEU B 202 3.59 -10.33 10.26
CA LEU B 202 2.57 -9.35 9.92
C LEU B 202 3.20 -8.07 9.34
N HIS B 203 4.24 -7.56 10.01
CA HIS B 203 4.99 -6.42 9.48
C HIS B 203 5.53 -6.68 8.05
N MET B 204 6.06 -7.88 7.81
CA MET B 204 6.61 -8.22 6.48
C MET B 204 5.54 -8.36 5.41
N CYS B 205 4.34 -8.74 5.81
CA CYS B 205 3.22 -8.80 4.86
C CYS B 205 2.64 -7.42 4.51
N PHE B 206 2.45 -6.59 5.52
CA PHE B 206 1.59 -5.43 5.33
C PHE B 206 2.31 -4.10 5.45
N GLY B 207 3.52 -4.11 6.03
CA GLY B 207 4.34 -2.90 6.16
C GLY B 207 4.19 -2.24 7.51
N GLU B 208 3.15 -2.64 8.22
CA GLU B 208 2.88 -2.14 9.56
C GLU B 208 2.45 -3.34 10.41
N VAL B 209 2.72 -3.27 11.72
CA VAL B 209 2.12 -4.23 12.62
C VAL B 209 0.65 -3.82 12.83
N PRO B 210 -0.30 -4.75 12.59
CA PRO B 210 -1.73 -4.45 12.78
C PRO B 210 -2.16 -4.38 14.25
N GLU B 211 -3.47 -4.26 14.46
CA GLU B 211 -4.08 -4.16 15.80
C GLU B 211 -3.71 -5.38 16.61
N THR B 212 -3.61 -5.21 17.93
N THR B 212 -3.63 -5.21 17.93
CA THR B 212 -3.19 -6.29 18.81
CA THR B 212 -3.22 -6.26 18.85
C THR B 212 -4.10 -7.50 18.66
C THR B 212 -4.11 -7.49 18.72
N ALA B 213 -5.40 -7.26 18.48
CA ALA B 213 -6.37 -8.35 18.33
C ALA B 213 -6.05 -9.25 17.14
N VAL B 214 -5.48 -8.65 16.09
CA VAL B 214 -5.04 -9.41 14.91
C VAL B 214 -3.71 -10.12 15.17
N VAL B 215 -2.75 -9.43 15.80
CA VAL B 215 -1.47 -10.05 16.16
C VAL B 215 -1.77 -11.30 16.99
N SER B 216 -2.66 -11.14 17.95
CA SER B 216 -2.96 -12.14 18.96
C SER B 216 -3.65 -13.36 18.35
N ALA B 217 -4.64 -13.12 17.48
CA ALA B 217 -5.34 -14.20 16.79
C ALA B 217 -4.40 -14.94 15.84
N PHE B 218 -3.47 -14.22 15.23
CA PHE B 218 -2.53 -14.83 14.32
C PHE B 218 -1.61 -15.76 15.09
N GLU B 219 -1.05 -15.24 16.18
CA GLU B 219 -0.16 -16.02 17.06
C GLU B 219 -0.83 -17.31 17.53
N GLN B 220 -2.06 -17.16 18.02
CA GLN B 220 -2.85 -18.32 18.44
C GLN B 220 -2.98 -19.37 17.32
N SER B 221 -3.28 -18.93 16.10
CA SER B 221 -3.36 -19.83 14.96
C SER B 221 -2.05 -20.60 14.76
N MET B 222 -0.93 -19.89 14.85
CA MET B 222 0.38 -20.51 14.77
C MET B 222 0.60 -21.60 15.83
N ILE B 223 0.07 -21.38 17.03
CA ILE B 223 0.19 -22.33 18.13
C ILE B 223 -0.70 -23.53 17.88
N LEU B 224 -1.92 -23.27 17.41
CA LEU B 224 -2.87 -24.33 17.22
C LEU B 224 -2.55 -25.25 16.04
N TYR B 225 -1.84 -24.74 15.03
CA TYR B 225 -1.46 -25.49 13.84
C TYR B 225 -0.09 -26.20 14.00
N ALA B 226 0.59 -25.98 15.12
CA ALA B 226 2.01 -26.34 15.20
C ALA B 226 2.32 -27.83 15.14
N GLU B 227 1.43 -28.65 15.71
CA GLU B 227 1.71 -30.08 15.89
C GLU B 227 0.41 -30.90 15.94
N HIS B 228 0.40 -32.07 15.31
CA HIS B 228 -0.80 -32.90 15.36
C HIS B 228 -0.63 -34.41 15.09
N GLY B 229 0.35 -35.01 15.75
CA GLY B 229 0.55 -36.43 15.65
C GLY B 229 0.97 -36.84 14.24
N PHE B 230 0.50 -38.03 13.85
CA PHE B 230 0.91 -38.67 12.60
C PHE B 230 -0.09 -38.38 11.48
N ASN B 231 -0.37 -37.10 11.28
CA ASN B 231 -1.13 -36.65 10.10
C ASN B 231 -0.33 -36.89 8.82
N ALA B 232 -0.98 -36.80 7.67
CA ALA B 232 -0.34 -37.20 6.43
C ALA B 232 1.04 -36.57 6.15
N SER B 233 1.19 -35.27 6.41
CA SER B 233 2.45 -34.59 6.10
C SER B 233 3.54 -34.92 7.12
N THR B 234 3.20 -35.02 8.41
CA THR B 234 4.16 -35.48 9.40
C THR B 234 4.58 -36.92 9.08
N PHE B 235 3.60 -37.75 8.72
CA PHE B 235 3.92 -39.13 8.36
C PHE B 235 4.82 -39.23 7.14
N ALA B 236 4.54 -38.43 6.10
CA ALA B 236 5.44 -38.37 4.93
C ALA B 236 6.84 -37.96 5.36
N ALA B 237 6.94 -36.99 6.28
CA ALA B 237 8.26 -36.53 6.71
C ALA B 237 9.01 -37.67 7.40
N ARG B 238 8.28 -38.49 8.15
CA ARG B 238 8.91 -39.63 8.88
C ARG B 238 9.31 -40.78 7.93
N VAL B 239 8.56 -40.95 6.83
CA VAL B 239 8.89 -41.92 5.80
C VAL B 239 10.20 -41.53 5.09
N VAL B 240 10.32 -40.26 4.72
CA VAL B 240 11.55 -39.76 4.12
C VAL B 240 12.72 -39.92 5.06
N THR B 241 12.51 -39.53 6.32
CA THR B 241 13.52 -39.68 7.37
C THR B 241 13.90 -41.14 7.64
N SER B 242 12.94 -42.06 7.51
CA SER B 242 13.21 -43.49 7.79
C SER B 242 14.29 -44.16 6.92
N THR B 243 14.64 -43.55 5.79
CA THR B 243 15.72 -44.04 4.93
C THR B 243 17.07 -43.42 5.31
N GLN B 244 17.06 -42.60 6.35
CA GLN B 244 18.22 -41.78 6.80
C GLN B 244 18.48 -40.63 5.85
N SER B 245 17.47 -40.26 5.06
CA SER B 245 17.60 -39.07 4.23
C SER B 245 17.57 -37.82 5.14
N ASP B 246 17.89 -36.66 4.60
CA ASP B 246 18.10 -35.45 5.40
C ASP B 246 16.78 -34.69 5.74
N ILE B 247 16.89 -33.74 6.69
CA ILE B 247 15.77 -32.98 7.22
C ILE B 247 15.07 -32.09 6.20
N TYR B 248 15.84 -31.44 5.33
CA TYR B 248 15.27 -30.72 4.20
C TYR B 248 14.46 -31.62 3.24
N SER B 249 14.97 -32.82 2.93
CA SER B 249 14.22 -33.74 2.04
C SER B 249 12.92 -34.10 2.72
N ALA B 250 12.94 -34.29 4.03
CA ALA B 250 11.70 -34.67 4.73
C ALA B 250 10.68 -33.54 4.75
N VAL B 251 11.14 -32.30 4.99
CA VAL B 251 10.25 -31.14 5.00
C VAL B 251 9.69 -30.86 3.61
N THR B 252 10.54 -30.93 2.60
CA THR B 252 10.07 -30.78 1.21
C THR B 252 8.97 -31.82 0.91
N GLY B 253 9.15 -33.05 1.38
CA GLY B 253 8.09 -34.08 1.23
C GLY B 253 6.80 -33.76 2.00
N ALA B 254 6.96 -33.35 3.25
CA ALA B 254 5.82 -32.92 4.06
C ALA B 254 5.09 -31.73 3.45
N ILE B 255 5.82 -30.75 2.92
CA ILE B 255 5.18 -29.61 2.27
C ILE B 255 4.32 -30.11 1.12
N GLY B 256 4.85 -31.05 0.34
CA GLY B 256 4.08 -31.66 -0.75
C GLY B 256 2.80 -32.31 -0.26
N ALA B 257 2.87 -33.04 0.85
CA ALA B 257 1.69 -33.69 1.36
C ALA B 257 0.71 -32.65 1.85
N LEU B 258 1.22 -31.63 2.54
CA LEU B 258 0.36 -30.62 3.11
C LEU B 258 -0.42 -29.87 2.04
N LYS B 259 0.16 -29.73 0.85
CA LYS B 259 -0.48 -28.96 -0.23
C LYS B 259 -1.89 -29.43 -0.52
N GLY B 260 -2.13 -30.73 -0.41
CA GLY B 260 -3.37 -31.35 -0.89
C GLY B 260 -4.65 -30.89 -0.22
N ARG B 261 -5.73 -30.93 -1.00
CA ARG B 261 -7.06 -30.45 -0.58
C ARG B 261 -7.60 -31.21 0.63
N LEU B 262 -7.15 -32.47 0.81
CA LEU B 262 -7.60 -33.30 1.92
C LEU B 262 -6.73 -33.14 3.17
N HIS B 263 -5.72 -32.27 3.08
CA HIS B 263 -4.87 -31.97 4.23
C HIS B 263 -4.91 -30.46 4.40
N GLY B 264 -3.75 -29.79 4.32
CA GLY B 264 -3.63 -28.36 4.56
C GLY B 264 -4.28 -27.46 3.54
N GLY B 265 -4.57 -28.00 2.35
CA GLY B 265 -5.24 -27.24 1.29
C GLY B 265 -6.68 -26.83 1.63
N ALA B 266 -7.21 -27.44 2.69
CA ALA B 266 -8.58 -27.23 3.15
C ALA B 266 -8.88 -25.79 3.59
N ASN B 267 -7.94 -25.15 4.29
CA ASN B 267 -8.19 -23.79 4.80
C ASN B 267 -8.45 -22.78 3.68
N GLU B 268 -7.58 -22.81 2.67
CA GLU B 268 -7.80 -22.08 1.41
C GLU B 268 -9.16 -22.46 0.81
N ALA B 269 -9.47 -23.75 0.76
CA ALA B 269 -10.72 -24.21 0.15
C ALA B 269 -11.97 -23.79 0.93
N VAL B 270 -11.83 -23.65 2.24
CA VAL B 270 -12.93 -23.17 3.08
C VAL B 270 -13.29 -21.74 2.71
N MET B 271 -12.27 -20.90 2.55
CA MET B 271 -12.51 -19.51 2.20
C MET B 271 -13.07 -19.36 0.80
N HIS B 272 -12.52 -20.11 -0.18
CA HIS B 272 -13.08 -20.09 -1.55
C HIS B 272 -14.56 -20.39 -1.52
N ASP B 273 -14.93 -21.41 -0.75
CA ASP B 273 -16.33 -21.80 -0.56
C ASP B 273 -17.17 -20.70 0.07
N MET B 274 -16.69 -20.10 1.16
CA MET B 274 -17.43 -19.03 1.83
C MET B 274 -17.71 -17.85 0.89
N ILE B 275 -16.69 -17.44 0.15
CA ILE B 275 -16.83 -16.45 -0.92
C ILE B 275 -17.92 -16.87 -1.92
N GLU B 276 -17.81 -18.10 -2.43
CA GLU B 276 -18.79 -18.63 -3.40
C GLU B 276 -20.21 -18.54 -2.86
N ILE B 277 -20.39 -18.89 -1.59
CA ILE B 277 -21.68 -18.82 -0.92
C ILE B 277 -22.24 -17.39 -0.93
N GLY B 278 -21.35 -16.42 -0.72
CA GLY B 278 -21.72 -15.01 -0.78
C GLY B 278 -22.38 -14.50 0.49
N ASP B 279 -23.57 -15.02 0.79
CA ASP B 279 -24.39 -14.50 1.88
C ASP B 279 -24.90 -15.64 2.75
N PRO B 280 -25.03 -15.41 4.06
CA PRO B 280 -25.58 -16.40 5.00
C PRO B 280 -26.92 -16.99 4.55
N ALA B 281 -27.63 -16.27 3.70
CA ALA B 281 -28.92 -16.70 3.16
C ALA B 281 -28.79 -17.88 2.18
N ASN B 282 -27.67 -17.92 1.46
CA ASN B 282 -27.39 -18.97 0.46
C ASN B 282 -26.83 -20.29 0.99
N ALA B 283 -26.29 -20.29 2.20
CA ALA B 283 -25.55 -21.42 2.74
C ALA B 283 -26.37 -22.69 2.83
N ARG B 284 -27.61 -22.58 3.32
CA ARG B 284 -28.51 -23.72 3.46
C ARG B 284 -28.69 -24.50 2.16
N GLU B 285 -28.95 -23.78 1.06
CA GLU B 285 -29.16 -24.39 -0.26
C GLU B 285 -27.84 -24.88 -0.85
N TRP B 286 -26.78 -24.06 -0.72
CA TRP B 286 -25.45 -24.38 -1.23
C TRP B 286 -24.96 -25.73 -0.70
N LEU B 287 -25.13 -25.93 0.60
CA LEU B 287 -24.71 -27.14 1.28
C LEU B 287 -25.51 -28.36 0.81
N ARG B 288 -26.84 -28.29 1.02
CA ARG B 288 -27.77 -29.34 0.62
C ARG B 288 -27.47 -29.88 -0.79
N ALA B 289 -27.26 -28.97 -1.74
CA ALA B 289 -26.92 -29.32 -3.13
C ALA B 289 -25.59 -30.06 -3.26
N LYS B 290 -24.56 -29.56 -2.58
CA LYS B 290 -23.25 -30.23 -2.56
C LYS B 290 -23.29 -31.62 -1.90
N LEU B 291 -24.10 -31.77 -0.86
CA LEU B 291 -24.26 -33.06 -0.19
C LEU B 291 -24.98 -34.12 -1.04
N ALA B 292 -25.90 -33.67 -1.90
CA ALA B 292 -26.64 -34.57 -2.77
C ALA B 292 -25.77 -35.05 -3.93
N ARG B 293 -24.73 -34.27 -4.24
CA ARG B 293 -23.69 -34.71 -5.19
C ARG B 293 -22.63 -35.60 -4.51
N LYS B 294 -22.86 -35.94 -3.24
CA LYS B 294 -21.96 -36.75 -2.41
C LYS B 294 -20.51 -36.20 -2.29
N GLU B 295 -20.39 -34.87 -2.35
CA GLU B 295 -19.09 -34.19 -2.29
C GLU B 295 -18.59 -34.02 -0.83
N LYS B 296 -17.27 -33.94 -0.67
CA LYS B 296 -16.64 -33.66 0.63
C LYS B 296 -16.81 -32.17 0.98
N ILE B 297 -17.24 -31.90 2.20
CA ILE B 297 -17.34 -30.51 2.67
C ILE B 297 -16.04 -30.13 3.34
N MET B 298 -15.37 -29.12 2.79
CA MET B 298 -14.09 -28.68 3.31
C MET B 298 -14.24 -28.03 4.68
N GLY B 299 -13.33 -28.37 5.58
CA GLY B 299 -13.35 -27.86 6.95
C GLY B 299 -14.10 -28.77 7.90
N PHE B 300 -14.68 -29.83 7.36
CA PHE B 300 -15.39 -30.84 8.15
C PHE B 300 -14.78 -32.20 7.82
N GLY B 301 -14.72 -33.07 8.81
CA GLY B 301 -14.14 -34.40 8.62
C GLY B 301 -12.79 -34.52 9.29
N HIS B 302 -12.64 -35.59 10.09
CA HIS B 302 -11.35 -35.90 10.68
C HIS B 302 -11.18 -37.41 10.90
N ARG B 303 -9.94 -37.89 10.70
CA ARG B 303 -9.61 -39.30 10.88
C ARG B 303 -9.67 -39.69 12.37
N VAL B 304 -9.24 -38.79 13.24
CA VAL B 304 -9.18 -39.09 14.68
C VAL B 304 -10.40 -38.56 15.45
N TYR B 305 -10.58 -37.23 15.49
CA TYR B 305 -11.70 -36.59 16.18
C TYR B 305 -13.06 -37.07 15.68
N ARG B 306 -13.91 -37.51 16.61
CA ARG B 306 -15.30 -37.92 16.30
C ARG B 306 -16.32 -36.96 16.93
N HIS B 307 -15.90 -36.28 18.00
CA HIS B 307 -16.77 -35.37 18.76
C HIS B 307 -16.16 -33.97 18.87
N GLY B 308 -15.63 -33.48 17.75
CA GLY B 308 -15.10 -32.12 17.70
C GLY B 308 -13.61 -32.03 17.87
N ASP B 309 -13.00 -31.25 16.98
CA ASP B 309 -11.58 -30.89 17.00
C ASP B 309 -11.28 -30.04 18.26
N SER B 310 -10.30 -30.44 19.05
CA SER B 310 -10.02 -29.74 20.32
C SER B 310 -9.36 -28.37 20.14
N ARG B 311 -8.98 -28.07 18.90
CA ARG B 311 -8.32 -26.81 18.56
C ARG B 311 -9.32 -25.73 18.16
N VAL B 312 -10.50 -26.16 17.71
CA VAL B 312 -11.53 -25.26 17.20
C VAL B 312 -12.04 -24.20 18.20
N PRO B 313 -12.51 -24.59 19.42
CA PRO B 313 -13.00 -23.53 20.29
C PRO B 313 -12.05 -22.34 20.43
N THR B 314 -10.77 -22.60 20.60
CA THR B 314 -9.77 -21.53 20.66
C THR B 314 -9.77 -20.65 19.39
N MET B 315 -9.76 -21.29 18.21
CA MET B 315 -9.71 -20.54 16.96
C MET B 315 -11.03 -19.83 16.62
N LYS B 316 -12.16 -20.46 16.94
CA LYS B 316 -13.46 -19.81 16.75
C LYS B 316 -13.53 -18.49 17.54
N ARG B 317 -13.11 -18.52 18.80
CA ARG B 317 -13.05 -17.30 19.64
C ARG B 317 -12.12 -16.24 19.06
N ALA B 318 -10.98 -16.69 18.52
CA ALA B 318 -10.04 -15.81 17.83
C ALA B 318 -10.70 -15.19 16.60
N LEU B 319 -11.45 -16.00 15.87
CA LEU B 319 -12.20 -15.54 14.71
C LEU B 319 -13.25 -14.52 15.13
N GLU B 320 -13.93 -14.78 16.25
CA GLU B 320 -14.96 -13.85 16.72
C GLU B 320 -14.37 -12.50 17.10
N ARG B 321 -13.20 -12.50 17.75
CA ARG B 321 -12.54 -11.25 18.12
C ARG B 321 -12.07 -10.48 16.88
N VAL B 322 -11.46 -11.18 15.92
CA VAL B 322 -11.01 -10.53 14.68
C VAL B 322 -12.21 -10.01 13.87
N GLY B 323 -13.29 -10.79 13.87
CA GLY B 323 -14.51 -10.44 13.17
C GLY B 323 -15.24 -9.25 13.80
N THR B 324 -15.06 -9.05 15.11
CA THR B 324 -15.61 -7.88 15.80
C THR B 324 -14.80 -6.65 15.44
N VAL B 325 -13.48 -6.78 15.42
CA VAL B 325 -12.59 -5.63 15.15
C VAL B 325 -12.53 -5.21 13.67
N ARG B 326 -12.74 -6.15 12.75
CA ARG B 326 -12.60 -5.84 11.32
C ARG B 326 -13.83 -6.03 10.42
N ASP B 327 -15.02 -5.96 10.99
CA ASP B 327 -16.24 -6.06 10.19
C ASP B 327 -16.28 -7.43 9.48
N GLY B 328 -16.41 -8.47 10.28
CA GLY B 328 -16.40 -9.81 9.75
C GLY B 328 -17.66 -10.59 10.05
N GLN B 329 -18.73 -9.87 10.41
CA GLN B 329 -20.00 -10.51 10.78
C GLN B 329 -20.57 -11.42 9.70
N ARG B 330 -20.43 -11.00 8.44
CA ARG B 330 -20.83 -11.82 7.29
C ARG B 330 -20.27 -13.25 7.38
N TRP B 331 -18.95 -13.36 7.57
CA TRP B 331 -18.30 -14.67 7.63
C TRP B 331 -18.63 -15.43 8.90
N LEU B 332 -18.85 -14.71 10.00
CA LEU B 332 -19.27 -15.34 11.25
C LEU B 332 -20.66 -15.99 11.08
N ASP B 333 -21.55 -15.27 10.39
CA ASP B 333 -22.88 -15.77 10.07
C ASP B 333 -22.82 -17.00 9.20
N ILE B 334 -22.03 -16.94 8.13
CA ILE B 334 -21.88 -18.12 7.26
C ILE B 334 -21.32 -19.28 8.06
N TYR B 335 -20.39 -18.99 8.96
CA TYR B 335 -19.83 -19.99 9.86
C TYR B 335 -20.97 -20.67 10.64
N GLN B 336 -21.71 -19.90 11.43
CA GLN B 336 -22.78 -20.45 12.28
C GLN B 336 -23.73 -21.36 11.48
N VAL B 337 -24.27 -20.82 10.39
CA VAL B 337 -25.27 -21.50 9.57
C VAL B 337 -24.74 -22.83 9.01
N LEU B 338 -23.61 -22.75 8.32
CA LEU B 338 -22.99 -23.91 7.68
C LEU B 338 -22.65 -25.01 8.70
N ALA B 339 -22.23 -24.61 9.90
CA ALA B 339 -21.95 -25.56 10.97
C ALA B 339 -23.23 -26.25 11.47
N ALA B 340 -24.28 -25.46 11.71
CA ALA B 340 -25.56 -25.98 12.21
C ALA B 340 -26.22 -26.92 11.18
N GLU B 341 -26.19 -26.53 9.91
CA GLU B 341 -26.72 -27.37 8.85
C GLU B 341 -25.92 -28.66 8.68
N MET B 342 -24.61 -28.61 8.91
CA MET B 342 -23.77 -29.80 8.86
C MET B 342 -24.04 -30.74 10.03
N ALA B 343 -24.31 -30.17 11.20
CA ALA B 343 -24.61 -30.96 12.40
C ALA B 343 -25.96 -31.68 12.30
N SER B 344 -26.90 -31.10 11.56
CA SER B 344 -28.22 -31.69 11.31
C SER B 344 -28.16 -32.78 10.26
N ALA B 345 -27.55 -32.46 9.12
CA ALA B 345 -27.52 -33.35 7.97
C ALA B 345 -26.58 -34.54 8.13
N THR B 346 -25.40 -34.29 8.70
CA THR B 346 -24.33 -35.32 8.70
C THR B 346 -23.85 -35.69 10.10
N GLY B 347 -24.13 -34.84 11.08
CA GLY B 347 -23.60 -35.00 12.44
C GLY B 347 -22.09 -34.74 12.52
N ILE B 348 -21.49 -34.37 11.38
CA ILE B 348 -20.06 -34.07 11.30
C ILE B 348 -19.78 -32.65 11.81
N LEU B 349 -18.83 -32.53 12.75
CA LEU B 349 -18.43 -31.26 13.34
C LEU B 349 -17.21 -30.62 12.63
N PRO B 350 -17.09 -29.27 12.71
CA PRO B 350 -15.97 -28.62 12.03
C PRO B 350 -14.62 -29.04 12.59
N ASN B 351 -13.60 -29.04 11.73
CA ASN B 351 -12.21 -29.17 12.15
C ASN B 351 -11.52 -27.78 12.12
N LEU B 352 -10.23 -27.73 12.46
CA LEU B 352 -9.52 -26.45 12.69
C LEU B 352 -9.45 -25.57 11.46
N ASP B 353 -9.37 -26.19 10.29
CA ASP B 353 -9.33 -25.46 9.03
C ASP B 353 -10.57 -24.61 8.77
N PHE B 354 -11.68 -24.94 9.42
CA PHE B 354 -12.91 -24.19 9.23
C PHE B 354 -12.87 -22.78 9.82
N PRO B 355 -12.57 -22.64 11.13
CA PRO B 355 -12.48 -21.24 11.60
C PRO B 355 -11.26 -20.49 11.05
N THR B 356 -10.22 -21.23 10.69
CA THR B 356 -8.98 -20.59 10.30
C THR B 356 -9.10 -19.82 9.00
N GLY B 357 -9.84 -20.40 8.05
CA GLY B 357 -10.04 -19.82 6.72
C GLY B 357 -10.55 -18.38 6.74
N PRO B 358 -11.72 -18.14 7.39
CA PRO B 358 -12.18 -16.76 7.44
C PRO B 358 -11.31 -15.85 8.31
N ALA B 359 -10.71 -16.38 9.37
CA ALA B 359 -9.80 -15.58 10.22
C ALA B 359 -8.60 -15.04 9.45
N TYR B 360 -7.97 -15.88 8.64
CA TYR B 360 -6.87 -15.45 7.78
C TYR B 360 -7.33 -14.41 6.74
N TYR B 361 -8.53 -14.62 6.19
CA TYR B 361 -9.10 -13.70 5.21
C TYR B 361 -9.20 -12.33 5.88
N LEU B 362 -9.83 -12.31 7.05
CA LEU B 362 -10.00 -11.06 7.78
C LEU B 362 -8.68 -10.41 8.19
N MET B 363 -7.65 -11.19 8.54
CA MET B 363 -6.32 -10.63 8.86
C MET B 363 -5.66 -9.94 7.66
N GLY B 364 -6.12 -10.25 6.46
CA GLY B 364 -5.66 -9.54 5.27
C GLY B 364 -4.82 -10.38 4.34
N PHE B 365 -4.66 -11.66 4.67
CA PHE B 365 -3.81 -12.54 3.86
C PHE B 365 -4.53 -12.88 2.57
N ASP B 366 -3.76 -13.12 1.52
CA ASP B 366 -4.35 -13.60 0.28
C ASP B 366 -4.69 -15.09 0.41
N ILE B 367 -5.86 -15.48 -0.09
CA ILE B 367 -6.38 -16.84 0.05
C ILE B 367 -5.36 -17.92 -0.38
N ALA B 368 -4.64 -17.67 -1.47
CA ALA B 368 -3.69 -18.64 -2.00
C ALA B 368 -2.47 -18.87 -1.07
N SER B 369 -2.27 -17.96 -0.10
CA SER B 369 -1.16 -18.08 0.83
C SER B 369 -1.57 -18.75 2.14
N PHE B 370 -2.82 -19.17 2.27
CA PHE B 370 -3.27 -19.80 3.53
C PHE B 370 -2.47 -21.08 3.87
N THR B 371 -2.15 -21.91 2.89
CA THR B 371 -1.45 -23.17 3.21
C THR B 371 0.05 -22.97 3.52
N PRO B 372 0.75 -22.10 2.76
CA PRO B 372 2.10 -21.72 3.17
C PRO B 372 2.18 -21.17 4.61
N ILE B 373 1.10 -20.50 5.04
CA ILE B 373 1.06 -19.97 6.37
C ILE B 373 0.92 -21.12 7.37
N PHE B 374 0.08 -22.11 7.05
CA PHE B 374 0.05 -23.40 7.78
C PHE B 374 1.47 -24.01 7.86
N VAL B 375 2.19 -24.07 6.74
CA VAL B 375 3.59 -24.57 6.73
C VAL B 375 4.46 -23.86 7.77
N MET B 376 4.39 -22.52 7.81
CA MET B 376 5.12 -21.69 8.78
C MET B 376 4.99 -22.19 10.21
N SER B 377 3.79 -22.64 10.55
CA SER B 377 3.52 -23.16 11.88
C SER B 377 3.92 -24.64 12.06
N ARG B 378 3.51 -25.50 11.12
CA ARG B 378 3.64 -26.95 11.24
C ARG B 378 5.12 -27.42 11.11
N ILE B 379 5.98 -26.55 10.56
CA ILE B 379 7.42 -26.84 10.53
C ILE B 379 7.93 -27.29 11.90
N THR B 380 7.33 -26.78 12.97
CA THR B 380 7.77 -27.11 14.32
C THR B 380 7.43 -28.56 14.66
N GLY B 381 6.15 -28.91 14.57
CA GLY B 381 5.74 -30.30 14.73
C GLY B 381 6.51 -31.23 13.80
N TRP B 382 6.53 -30.92 12.51
CA TRP B 382 7.27 -31.71 11.53
C TRP B 382 8.69 -32.04 11.97
N THR B 383 9.44 -31.01 12.38
CA THR B 383 10.86 -31.21 12.67
C THR B 383 11.10 -31.88 14.00
N ALA B 384 10.15 -31.72 14.92
CA ALA B 384 10.12 -32.49 16.17
C ALA B 384 9.99 -33.98 15.86
N HIS B 385 9.10 -34.32 14.93
CA HIS B 385 8.86 -35.71 14.54
C HIS B 385 10.01 -36.34 13.74
N ILE B 386 10.55 -35.55 12.80
CA ILE B 386 11.76 -35.90 12.06
C ILE B 386 12.90 -36.23 13.02
N MET B 387 13.14 -35.35 14.00
CA MET B 387 14.20 -35.64 15.00
C MET B 387 13.91 -36.94 15.80
N GLU B 388 12.67 -37.13 16.22
CA GLU B 388 12.26 -38.31 16.96
C GLU B 388 12.49 -39.58 16.11
N GLN B 389 12.01 -39.56 14.86
CA GLN B 389 12.21 -40.65 13.91
C GLN B 389 13.68 -40.98 13.68
N ALA B 390 14.50 -39.95 13.45
CA ALA B 390 15.94 -40.21 13.25
C ALA B 390 16.60 -40.87 14.47
N THR B 391 16.21 -40.49 15.69
CA THR B 391 16.91 -41.07 16.86
C THR B 391 16.35 -42.44 17.30
N ALA B 392 15.17 -42.81 16.82
CA ALA B 392 14.65 -44.16 17.03
C ALA B 392 14.14 -44.72 15.72
N ASN B 393 15.05 -44.93 14.76
CA ASN B 393 14.64 -45.20 13.39
C ASN B 393 14.43 -46.66 12.97
N ALA B 394 13.45 -46.88 12.10
CA ALA B 394 13.32 -48.11 11.32
C ALA B 394 12.78 -47.73 9.97
N LEU B 395 13.27 -48.38 8.92
CA LEU B 395 12.77 -48.15 7.58
C LEU B 395 11.26 -48.39 7.51
N ILE B 396 10.52 -47.41 6.97
CA ILE B 396 9.08 -47.58 6.80
C ILE B 396 8.82 -48.17 5.41
N ARG B 397 8.41 -49.44 5.40
CA ARG B 397 8.39 -50.23 4.17
C ARG B 397 7.34 -51.31 4.31
N PRO B 398 6.10 -50.99 3.93
CA PRO B 398 4.99 -51.91 4.09
C PRO B 398 4.87 -52.87 2.90
N LEU B 399 3.80 -53.66 2.88
CA LEU B 399 3.56 -54.67 1.87
C LEU B 399 2.29 -54.36 1.13
N SER B 400 2.17 -54.92 -0.06
CA SER B 400 0.96 -54.81 -0.86
C SER B 400 0.37 -56.17 -1.16
N ALA B 401 -0.95 -56.19 -1.37
CA ALA B 401 -1.66 -57.31 -1.96
C ALA B 401 -1.71 -57.09 -3.47
N TYR B 402 -1.70 -58.16 -4.25
CA TYR B 402 -1.65 -58.04 -5.70
C TYR B 402 -2.99 -58.38 -6.32
N CYS B 403 -3.41 -57.61 -7.32
CA CYS B 403 -4.67 -57.83 -8.05
C CYS B 403 -4.47 -57.65 -9.55
N GLY B 404 -3.25 -57.87 -10.02
CA GLY B 404 -2.95 -57.68 -11.45
C GLY B 404 -2.88 -58.96 -12.26
N HIS B 405 -2.25 -58.87 -13.43
CA HIS B 405 -2.04 -60.00 -14.32
C HIS B 405 -1.24 -61.10 -13.67
N GLU B 406 -1.78 -62.32 -13.76
CA GLU B 406 -1.05 -63.51 -13.34
C GLU B 406 0.21 -63.61 -14.18
N GLN B 407 1.22 -64.32 -13.70
CA GLN B 407 2.45 -64.52 -14.45
C GLN B 407 2.19 -64.89 -15.92
N ARG B 408 2.90 -64.24 -16.82
CA ARG B 408 2.73 -64.51 -18.25
C ARG B 408 4.05 -64.43 -18.96
N VAL B 409 4.17 -65.24 -20.00
CA VAL B 409 5.39 -65.37 -20.78
C VAL B 409 5.46 -64.21 -21.77
N LEU B 410 6.67 -63.74 -22.04
CA LEU B 410 6.94 -62.72 -23.03
C LEU B 410 6.56 -63.24 -24.43
N PRO B 411 5.66 -62.54 -25.14
CA PRO B 411 5.24 -62.98 -26.48
C PRO B 411 6.28 -62.65 -27.56
N ASP C 48 -17.12 -4.15 62.17
CA ASP C 48 -18.41 -3.42 61.90
C ASP C 48 -18.55 -2.97 60.43
N ILE C 49 -18.85 -3.92 59.55
CA ILE C 49 -18.64 -3.74 58.10
C ILE C 49 -19.87 -3.21 57.34
N LYS C 50 -19.73 -2.03 56.75
CA LYS C 50 -20.80 -1.39 56.00
C LYS C 50 -20.72 -1.66 54.48
N LYS C 51 -20.76 -2.94 54.10
CA LYS C 51 -20.88 -3.34 52.69
C LYS C 51 -21.94 -2.58 51.91
N GLY C 52 -21.52 -1.95 50.81
CA GLY C 52 -22.40 -1.17 49.97
C GLY C 52 -22.80 0.17 50.58
N LEU C 53 -22.27 0.47 51.77
CA LEU C 53 -22.66 1.68 52.51
C LEU C 53 -24.17 1.79 52.77
N ALA C 54 -24.86 0.65 52.78
CA ALA C 54 -26.30 0.59 53.03
C ALA C 54 -26.64 1.31 54.33
N GLY C 55 -27.54 2.27 54.25
CA GLY C 55 -27.91 3.02 55.44
C GLY C 55 -26.74 3.63 56.21
N VAL C 56 -25.73 4.12 55.49
CA VAL C 56 -24.73 5.01 56.05
C VAL C 56 -24.99 6.40 55.47
N VAL C 57 -25.11 7.39 56.34
CA VAL C 57 -25.27 8.76 55.91
C VAL C 57 -23.87 9.33 55.81
N VAL C 58 -23.48 9.74 54.59
CA VAL C 58 -22.10 10.11 54.30
C VAL C 58 -21.85 11.61 54.20
N ASP C 59 -22.90 12.41 53.99
CA ASP C 59 -22.77 13.86 53.81
C ASP C 59 -24.14 14.52 53.78
N THR C 60 -24.17 15.86 53.77
CA THR C 60 -25.41 16.58 53.63
C THR C 60 -25.53 17.12 52.20
N THR C 61 -26.78 17.29 51.75
CA THR C 61 -27.02 17.90 50.46
C THR C 61 -28.27 18.79 50.49
N ALA C 62 -28.28 19.80 49.62
CA ALA C 62 -29.42 20.71 49.45
C ALA C 62 -30.15 20.49 48.11
N ILE C 63 -29.63 19.59 47.28
CA ILE C 63 -30.06 19.48 45.89
C ILE C 63 -31.43 18.81 45.71
N SER C 64 -31.64 17.71 46.42
CA SER C 64 -32.88 16.96 46.31
C SER C 64 -33.19 16.10 47.53
N LYS C 65 -34.45 15.70 47.65
CA LYS C 65 -34.90 14.82 48.72
C LYS C 65 -36.18 14.09 48.33
N VAL C 66 -36.27 12.83 48.75
CA VAL C 66 -37.54 12.09 48.75
C VAL C 66 -38.29 12.43 50.06
N VAL C 67 -39.28 13.33 49.96
CA VAL C 67 -40.12 13.71 51.11
C VAL C 67 -41.02 12.54 51.54
N PRO C 68 -40.74 11.95 52.73
CA PRO C 68 -41.45 10.72 53.13
C PRO C 68 -42.95 10.96 53.36
N GLN C 69 -43.32 12.16 53.84
CA GLN C 69 -44.71 12.54 54.04
C GLN C 69 -45.56 12.41 52.75
N THR C 70 -45.03 12.88 51.64
CA THR C 70 -45.77 12.90 50.36
C THR C 70 -45.36 11.74 49.44
N ASN C 71 -44.22 11.12 49.73
CA ASN C 71 -43.59 10.17 48.80
C ASN C 71 -43.17 10.87 47.48
N SER C 72 -42.77 12.13 47.60
CA SER C 72 -42.41 12.96 46.46
C SER C 72 -40.90 13.22 46.40
N LEU C 73 -40.35 13.00 45.23
CA LEU C 73 -38.99 13.45 44.93
C LEU C 73 -39.10 14.94 44.67
N THR C 74 -38.25 15.73 45.33
CA THR C 74 -38.19 17.18 45.08
C THR C 74 -36.81 17.58 44.60
N TYR C 75 -36.74 18.51 43.63
CA TYR C 75 -35.46 19.15 43.30
C TYR C 75 -35.49 20.56 43.87
N ARG C 76 -34.57 20.85 44.78
CA ARG C 76 -34.56 22.15 45.47
C ARG C 76 -35.96 22.53 46.02
N GLY C 77 -36.64 21.58 46.62
CA GLY C 77 -37.94 21.88 47.22
C GLY C 77 -39.15 21.60 46.36
N TYR C 78 -39.07 21.85 45.06
CA TYR C 78 -40.19 21.62 44.15
C TYR C 78 -40.34 20.13 43.79
N PRO C 79 -41.57 19.59 43.83
CA PRO C 79 -41.74 18.18 43.47
C PRO C 79 -41.53 17.93 41.99
N VAL C 80 -40.92 16.80 41.66
CA VAL C 80 -40.53 16.52 40.28
C VAL C 80 -41.70 16.36 39.32
N GLN C 81 -42.80 15.79 39.81
CA GLN C 81 -44.02 15.59 39.00
C GLN C 81 -44.57 16.94 38.57
N ASP C 82 -44.44 17.94 39.45
CA ASP C 82 -44.89 19.30 39.17
C ASP C 82 -44.00 19.95 38.12
N LEU C 83 -42.68 19.84 38.33
CA LEU C 83 -41.70 20.29 37.33
C LEU C 83 -41.93 19.63 35.97
N ALA C 84 -42.12 18.31 35.95
CA ALA C 84 -42.37 17.59 34.69
C ALA C 84 -43.64 18.05 33.97
N ALA C 85 -44.64 18.50 34.74
CA ALA C 85 -45.91 18.97 34.17
C ALA C 85 -45.85 20.38 33.57
N ARG C 86 -45.18 21.31 34.26
CA ARG C 86 -45.20 22.71 33.87
C ARG C 86 -43.92 23.25 33.20
N CYS C 87 -42.77 22.60 33.42
CA CYS C 87 -41.45 23.18 33.09
C CYS C 87 -40.71 22.55 31.90
N SER C 88 -39.76 23.29 31.34
CA SER C 88 -38.87 22.75 30.32
C SER C 88 -37.65 22.20 31.01
N PHE C 89 -36.87 21.40 30.30
CA PHE C 89 -35.60 20.89 30.82
C PHE C 89 -34.64 22.05 31.12
N GLU C 90 -34.67 23.09 30.30
CA GLU C 90 -33.83 24.26 30.55
C GLU C 90 -34.11 24.87 31.93
N GLN C 91 -35.39 24.96 32.27
CA GLN C 91 -35.81 25.50 33.57
C GLN C 91 -35.32 24.64 34.71
N VAL C 92 -35.42 23.32 34.56
CA VAL C 92 -35.01 22.41 35.62
C VAL C 92 -33.49 22.35 35.82
N ALA C 93 -32.73 22.43 34.73
CA ALA C 93 -31.27 22.55 34.83
C ALA C 93 -30.86 23.80 35.59
N PHE C 94 -31.45 24.94 35.21
CA PHE C 94 -31.19 26.21 35.88
C PHE C 94 -31.53 25.99 37.34
N LEU C 95 -32.72 25.45 37.59
CA LEU C 95 -33.14 25.14 38.96
C LEU C 95 -32.09 24.32 39.70
N LEU C 96 -31.74 23.19 39.13
CA LEU C 96 -30.81 22.29 39.78
C LEU C 96 -29.47 22.95 40.11
N TRP C 97 -29.01 23.83 39.21
CA TRP C 97 -27.70 24.49 39.39
C TRP C 97 -27.74 25.72 40.29
N ARG C 98 -28.76 26.56 40.13
CA ARG C 98 -28.83 27.84 40.87
C ARG C 98 -29.53 27.76 42.24
N GLY C 99 -30.52 26.88 42.38
CA GLY C 99 -31.21 26.70 43.65
C GLY C 99 -32.59 27.33 43.63
N GLU C 100 -32.87 28.11 42.59
CA GLU C 100 -34.15 28.75 42.37
C GLU C 100 -34.57 28.60 40.90
N LEU C 101 -35.86 28.76 40.64
CA LEU C 101 -36.36 28.79 39.26
C LEU C 101 -35.92 30.08 38.56
N PRO C 102 -35.65 30.00 37.25
CA PRO C 102 -35.27 31.21 36.54
C PRO C 102 -36.44 32.16 36.31
N THR C 103 -36.21 33.47 36.42
CA THR C 103 -37.17 34.42 35.90
C THR C 103 -37.20 34.25 34.39
N ASP C 104 -38.23 34.78 33.75
CA ASP C 104 -38.34 34.69 32.30
C ASP C 104 -37.09 35.28 31.59
N ALA C 105 -36.55 36.36 32.13
CA ALA C 105 -35.36 36.99 31.56
C ALA C 105 -34.16 36.08 31.72
N GLU C 106 -33.96 35.58 32.94
CA GLU C 106 -32.86 34.67 33.23
C GLU C 106 -32.90 33.44 32.29
N LEU C 107 -34.09 32.86 32.13
CA LEU C 107 -34.32 31.71 31.28
C LEU C 107 -33.97 32.01 29.82
N ALA C 108 -34.29 33.21 29.36
CA ALA C 108 -34.00 33.58 27.97
C ALA C 108 -32.49 33.62 27.71
N LEU C 109 -31.73 34.11 28.69
CA LEU C 109 -30.27 34.22 28.57
C LEU C 109 -29.56 32.87 28.72
N PHE C 110 -30.01 32.06 29.67
CA PHE C 110 -29.51 30.73 29.90
C PHE C 110 -29.70 29.87 28.64
N SER C 111 -30.89 29.99 28.07
CA SER C 111 -31.28 29.24 26.89
C SER C 111 -30.43 29.61 25.68
N GLN C 112 -30.04 30.88 25.57
CA GLN C 112 -29.13 31.30 24.50
C GLN C 112 -27.74 30.70 24.73
N ARG C 113 -27.30 30.69 25.98
CA ARG C 113 -26.00 30.14 26.33
C ARG C 113 -25.93 28.66 26.00
N GLU C 114 -27.00 27.93 26.29
CA GLU C 114 -27.12 26.51 25.98
C GLU C 114 -27.07 26.31 24.47
N ARG C 115 -27.88 27.07 23.74
CA ARG C 115 -27.94 26.96 22.29
C ARG C 115 -26.61 27.26 21.58
N ALA C 116 -25.84 28.20 22.13
CA ALA C 116 -24.57 28.61 21.55
C ALA C 116 -23.42 27.69 21.98
N SER C 117 -23.74 26.67 22.78
CA SER C 117 -22.72 25.76 23.31
C SER C 117 -22.88 24.29 22.85
N ARG C 118 -23.74 24.08 21.87
CA ARG C 118 -24.09 22.74 21.39
C ARG C 118 -23.13 22.12 20.35
N ARG C 119 -22.25 22.92 19.75
CA ARG C 119 -21.48 22.45 18.60
C ARG C 119 -20.22 21.68 18.93
N VAL C 120 -19.92 20.69 18.10
CA VAL C 120 -18.66 19.96 18.18
C VAL C 120 -17.84 20.36 16.95
N ASP C 121 -16.52 20.45 17.11
CA ASP C 121 -15.61 20.75 16.02
C ASP C 121 -15.35 19.51 15.16
N ARG C 122 -14.62 19.70 14.07
CA ARG C 122 -14.24 18.60 13.19
C ARG C 122 -13.38 17.54 13.88
N SER C 123 -12.51 17.98 14.80
CA SER C 123 -11.72 17.06 15.61
C SER C 123 -12.55 16.07 16.44
N MET C 124 -13.62 16.57 17.05
CA MET C 124 -14.55 15.71 17.78
C MET C 124 -15.33 14.80 16.80
N LEU C 125 -15.79 15.36 15.68
CA LEU C 125 -16.41 14.53 14.64
C LEU C 125 -15.51 13.38 14.20
N SER C 126 -14.21 13.67 14.08
CA SER C 126 -13.21 12.68 13.69
C SER C 126 -13.05 11.60 14.75
N LEU C 127 -12.94 12.00 16.01
CA LEU C 127 -12.88 11.05 17.11
C LEU C 127 -14.10 10.13 17.12
N LEU C 128 -15.29 10.69 16.91
CA LEU C 128 -16.51 9.92 16.98
C LEU C 128 -16.61 8.93 15.85
N ALA C 129 -16.15 9.34 14.67
CA ALA C 129 -16.16 8.48 13.49
C ALA C 129 -15.13 7.34 13.56
N LYS C 130 -14.02 7.57 14.25
CA LYS C 130 -12.92 6.62 14.38
C LYS C 130 -13.17 5.58 15.48
N LEU C 131 -14.05 5.88 16.44
CA LEU C 131 -14.35 4.92 17.50
C LEU C 131 -14.95 3.69 16.83
N PRO C 132 -14.74 2.49 17.41
CA PRO C 132 -15.25 1.26 16.77
C PRO C 132 -16.76 1.25 16.54
N ASP C 133 -17.17 0.74 15.38
CA ASP C 133 -18.57 0.50 15.00
C ASP C 133 -19.43 -0.09 16.11
N ASN C 134 -18.84 -0.98 16.89
CA ASN C 134 -19.62 -1.82 17.78
C ASN C 134 -19.16 -1.82 19.23
N CYS C 135 -18.45 -0.77 19.67
CA CYS C 135 -18.25 -0.59 21.10
C CYS C 135 -19.60 -0.24 21.71
N HIS C 136 -19.73 -0.51 23.00
CA HIS C 136 -20.86 -0.02 23.77
C HIS C 136 -21.00 1.49 23.64
N PRO C 137 -22.22 1.99 23.32
CA PRO C 137 -22.37 3.45 23.14
C PRO C 137 -22.01 4.28 24.36
N MET C 138 -22.04 3.69 25.56
CA MET C 138 -21.58 4.42 26.75
C MET C 138 -20.08 4.68 26.69
N ASP C 139 -19.34 3.82 25.98
CA ASP C 139 -17.89 4.02 25.78
C ASP C 139 -17.62 5.26 24.99
N VAL C 140 -18.54 5.57 24.07
CA VAL C 140 -18.36 6.69 23.19
C VAL C 140 -18.57 7.95 24.01
N VAL C 141 -19.54 7.90 24.91
CA VAL C 141 -19.85 9.03 25.78
C VAL C 141 -18.70 9.21 26.80
N ARG C 142 -18.20 8.12 27.34
CA ARG C 142 -17.09 8.12 28.27
C ARG C 142 -15.83 8.71 27.62
N THR C 143 -15.51 8.28 26.39
CA THR C 143 -14.29 8.73 25.70
C THR C 143 -14.42 10.18 25.30
N ALA C 144 -15.59 10.56 24.79
CA ALA C 144 -15.80 11.91 24.29
C ALA C 144 -15.72 12.97 25.38
N ILE C 145 -16.27 12.70 26.56
CA ILE C 145 -16.25 13.68 27.66
C ILE C 145 -14.81 13.88 28.13
N SER C 146 -14.09 12.76 28.26
CA SER C 146 -12.67 12.81 28.60
C SER C 146 -11.90 13.69 27.60
N TYR C 147 -12.18 13.51 26.32
CA TYR C 147 -11.51 14.26 25.26
C TYR C 147 -11.82 15.75 25.42
N LEU C 148 -13.09 16.04 25.69
CA LEU C 148 -13.51 17.42 25.90
C LEU C 148 -12.78 18.07 27.06
N GLY C 149 -12.56 17.32 28.12
CA GLY C 149 -11.85 17.87 29.27
C GLY C 149 -10.46 18.27 28.85
N ALA C 150 -9.83 17.40 28.05
CA ALA C 150 -8.50 17.66 27.52
C ALA C 150 -8.45 18.92 26.66
N GLU C 151 -9.53 19.24 25.94
CA GLU C 151 -9.58 20.48 25.15
C GLU C 151 -9.96 21.75 25.95
N ASP C 152 -10.33 21.60 27.21
CA ASP C 152 -10.86 22.73 27.93
C ASP C 152 -9.76 23.38 28.77
N PRO C 153 -9.31 24.61 28.40
CA PRO C 153 -8.27 25.26 29.23
C PRO C 153 -8.72 25.54 30.66
N ASP C 154 -10.03 25.55 30.91
CA ASP C 154 -10.55 25.75 32.27
C ASP C 154 -10.75 24.45 33.03
N GLU C 155 -10.33 23.34 32.45
CA GLU C 155 -10.56 22.02 33.04
C GLU C 155 -10.30 21.94 34.55
N ASP C 156 -9.12 22.41 34.98
CA ASP C 156 -8.71 22.30 36.38
C ASP C 156 -9.03 23.57 37.22
N ASP C 157 -9.77 24.52 36.67
CA ASP C 157 -10.19 25.72 37.44
C ASP C 157 -11.57 25.48 38.07
N ALA C 158 -11.58 25.16 39.36
CA ALA C 158 -12.83 24.86 40.06
C ALA C 158 -13.84 26.04 40.01
N ALA C 159 -13.35 27.26 39.95
CA ALA C 159 -14.24 28.44 39.84
C ALA C 159 -15.00 28.52 38.50
N ALA C 160 -14.55 27.77 37.49
CA ALA C 160 -15.25 27.73 36.21
C ALA C 160 -16.29 26.61 36.08
N ASN C 161 -16.53 25.89 37.18
CA ASN C 161 -17.44 24.72 37.16
C ASN C 161 -18.83 24.90 36.52
N ARG C 162 -19.48 26.05 36.76
CA ARG C 162 -20.81 26.27 36.23
C ARG C 162 -20.79 26.34 34.72
N ALA C 163 -19.74 26.97 34.20
CA ALA C 163 -19.56 27.13 32.78
C ALA C 163 -19.30 25.76 32.13
N LYS C 164 -18.47 24.94 32.78
CA LYS C 164 -18.15 23.61 32.28
C LYS C 164 -19.38 22.68 32.32
N ALA C 165 -20.13 22.77 33.42
CA ALA C 165 -21.37 22.00 33.58
C ALA C 165 -22.35 22.32 32.47
N MET C 166 -22.47 23.58 32.11
CA MET C 166 -23.35 24.02 31.01
C MET C 166 -22.89 23.55 29.62
N ARG C 167 -21.59 23.65 29.34
CA ARG C 167 -21.02 23.08 28.11
C ARG C 167 -21.25 21.57 27.99
N MET C 168 -21.00 20.84 29.05
CA MET C 168 -21.24 19.40 29.02
C MET C 168 -22.72 19.11 28.75
N MET C 169 -23.60 19.77 29.50
CA MET C 169 -25.03 19.63 29.32
C MET C 169 -25.45 19.93 27.86
N ALA C 170 -24.91 21.01 27.30
CA ALA C 170 -25.31 21.40 25.94
C ALA C 170 -24.82 20.46 24.85
N VAL C 171 -23.63 19.88 25.04
CA VAL C 171 -22.93 19.16 23.97
C VAL C 171 -23.21 17.65 23.98
N LEU C 172 -23.56 17.09 25.14
CA LEU C 172 -23.90 15.65 25.21
C LEU C 172 -24.96 15.19 24.18
N PRO C 173 -26.03 15.95 24.00
CA PRO C 173 -27.01 15.42 23.06
C PRO C 173 -26.48 15.44 21.63
N THR C 174 -25.55 16.35 21.36
CA THR C 174 -24.95 16.43 20.03
C THR C 174 -24.21 15.13 19.75
N ILE C 175 -23.34 14.74 20.69
CA ILE C 175 -22.59 13.48 20.66
C ILE C 175 -23.48 12.23 20.63
N VAL C 176 -24.44 12.17 21.56
CA VAL C 176 -25.32 11.00 21.63
C VAL C 176 -26.07 10.79 20.29
N ALA C 177 -26.50 11.89 19.68
CA ALA C 177 -27.22 11.83 18.41
C ALA C 177 -26.31 11.44 17.25
N ILE C 178 -25.13 12.05 17.18
CA ILE C 178 -24.13 11.64 16.18
C ILE C 178 -23.87 10.13 16.22
N ASP C 179 -23.69 9.59 17.43
CA ASP C 179 -23.35 8.17 17.61
C ASP C 179 -24.52 7.24 17.28
N MET C 180 -25.72 7.60 17.71
CA MET C 180 -26.91 6.87 17.29
C MET C 180 -27.05 6.80 15.75
N ARG C 181 -26.90 7.95 15.07
CA ARG C 181 -27.09 7.99 13.61
C ARG C 181 -26.01 7.18 12.89
N ARG C 182 -24.81 7.22 13.44
CA ARG C 182 -23.62 6.56 12.91
C ARG C 182 -23.86 5.06 12.77
N ARG C 183 -24.46 4.47 13.79
CA ARG C 183 -24.67 3.04 13.86
C ARG C 183 -25.79 2.63 12.90
N ARG C 184 -26.63 3.59 12.53
CA ARG C 184 -27.67 3.41 11.51
C ARG C 184 -27.16 3.79 10.12
N GLY C 185 -25.87 4.11 10.04
CA GLY C 185 -25.21 4.47 8.78
C GLY C 185 -25.55 5.85 8.26
N LEU C 186 -25.99 6.73 9.15
CA LEU C 186 -26.42 8.08 8.79
C LEU C 186 -25.45 9.16 9.28
N PRO C 187 -25.34 10.28 8.54
CA PRO C 187 -24.44 11.38 8.89
C PRO C 187 -25.02 12.29 10.01
N PRO C 188 -24.15 13.09 10.68
CA PRO C 188 -24.61 14.02 11.71
C PRO C 188 -25.59 15.05 11.18
N ILE C 189 -26.55 15.41 12.04
CA ILE C 189 -27.42 16.57 11.82
C ILE C 189 -27.02 17.70 12.78
N ALA C 190 -26.71 18.87 12.23
CA ALA C 190 -26.25 20.01 13.04
C ALA C 190 -27.28 20.44 14.10
N PRO C 191 -26.82 20.88 15.28
CA PRO C 191 -27.74 21.50 16.24
C PRO C 191 -28.38 22.69 15.58
N HIS C 192 -29.59 23.02 16.01
CA HIS C 192 -30.35 24.09 15.38
C HIS C 192 -30.61 25.14 16.45
N SER C 193 -30.05 26.33 16.28
CA SER C 193 -30.13 27.36 17.32
C SER C 193 -31.53 27.97 17.53
N GLY C 194 -32.48 27.62 16.67
CA GLY C 194 -33.87 28.02 16.85
C GLY C 194 -34.77 26.94 17.46
N LEU C 195 -34.17 25.86 17.97
CA LEU C 195 -34.92 24.83 18.68
C LEU C 195 -34.48 24.77 20.14
N GLY C 196 -35.43 24.57 21.04
CA GLY C 196 -35.15 24.32 22.44
C GLY C 196 -34.56 22.94 22.63
N TYR C 197 -34.09 22.66 23.83
CA TYR C 197 -33.33 21.44 24.15
C TYR C 197 -33.98 20.13 23.64
N ALA C 198 -35.24 19.91 23.99
CA ALA C 198 -35.89 18.64 23.63
C ALA C 198 -36.14 18.51 22.14
N GLN C 199 -36.64 19.58 21.53
CA GLN C 199 -36.88 19.59 20.08
C GLN C 199 -35.60 19.34 19.29
N ASN C 200 -34.50 19.98 19.69
CA ASN C 200 -33.25 19.90 18.98
C ASN C 200 -32.67 18.49 19.02
N PHE C 201 -32.76 17.83 20.17
CA PHE C 201 -32.21 16.47 20.28
C PHE C 201 -32.95 15.53 19.36
N LEU C 202 -34.27 15.68 19.28
CA LEU C 202 -35.07 14.83 18.42
C LEU C 202 -34.75 15.14 16.97
N HIS C 203 -34.62 16.43 16.67
CA HIS C 203 -34.25 16.86 15.34
C HIS C 203 -32.87 16.33 14.94
N MET C 204 -31.91 16.39 15.86
CA MET C 204 -30.58 15.85 15.59
C MET C 204 -30.61 14.33 15.38
N CYS C 205 -31.52 13.60 16.05
CA CYS C 205 -31.67 12.16 15.85
C CYS C 205 -32.40 11.79 14.58
N PHE C 206 -33.39 12.59 14.19
CA PHE C 206 -34.32 12.15 13.16
C PHE C 206 -34.39 13.01 11.92
N GLY C 207 -33.98 14.28 12.02
CA GLY C 207 -34.04 15.19 10.89
C GLY C 207 -35.37 15.92 10.81
N GLU C 208 -36.21 15.70 11.81
CA GLU C 208 -37.54 16.27 11.87
C GLU C 208 -37.96 16.34 13.33
N VAL C 209 -38.54 17.46 13.75
CA VAL C 209 -39.13 17.57 15.08
C VAL C 209 -40.46 16.82 15.04
N PRO C 210 -40.61 15.78 15.89
CA PRO C 210 -41.83 14.99 15.84
C PRO C 210 -43.05 15.71 16.44
N GLU C 211 -44.18 15.03 16.49
CA GLU C 211 -45.39 15.56 17.12
C GLU C 211 -45.18 15.93 18.59
N THR C 212 -45.99 16.88 19.06
CA THR C 212 -45.90 17.42 20.42
C THR C 212 -45.95 16.35 21.53
N ALA C 213 -46.79 15.32 21.36
CA ALA C 213 -46.83 14.19 22.31
C ALA C 213 -45.46 13.53 22.49
N VAL C 214 -44.71 13.36 21.40
CA VAL C 214 -43.37 12.80 21.48
C VAL C 214 -42.40 13.79 22.14
N VAL C 215 -42.34 15.01 21.62
CA VAL C 215 -41.48 16.06 22.18
C VAL C 215 -41.70 16.19 23.69
N SER C 216 -42.96 16.16 24.10
CA SER C 216 -43.33 16.40 25.48
C SER C 216 -42.99 15.21 26.38
N ALA C 217 -43.23 13.99 25.91
CA ALA C 217 -42.84 12.79 26.69
C ALA C 217 -41.32 12.71 26.88
N PHE C 218 -40.55 13.01 25.84
CA PHE C 218 -39.11 13.04 26.00
C PHE C 218 -38.66 14.10 27.00
N GLU C 219 -39.21 15.32 26.91
CA GLU C 219 -38.81 16.36 27.84
C GLU C 219 -39.11 16.02 29.29
N GLN C 220 -40.28 15.42 29.54
CA GLN C 220 -40.65 15.01 30.88
C GLN C 220 -39.66 13.99 31.37
N SER C 221 -39.31 13.07 30.48
CA SER C 221 -38.27 12.09 30.77
C SER C 221 -36.96 12.74 31.20
N MET C 222 -36.53 13.78 30.49
CA MET C 222 -35.28 14.44 30.85
C MET C 222 -35.37 15.02 32.26
N ILE C 223 -36.53 15.58 32.60
CA ILE C 223 -36.73 16.13 33.94
C ILE C 223 -36.73 15.04 35.03
N LEU C 224 -37.41 13.94 34.73
CA LEU C 224 -37.56 12.83 35.69
C LEU C 224 -36.22 12.13 35.99
N TYR C 225 -35.32 12.13 35.02
CA TYR C 225 -33.98 11.50 35.14
C TYR C 225 -32.90 12.42 35.71
N ALA C 226 -33.20 13.71 35.81
CA ALA C 226 -32.18 14.72 36.11
C ALA C 226 -31.35 14.48 37.36
N GLU C 227 -31.98 14.06 38.44
CA GLU C 227 -31.33 14.08 39.74
C GLU C 227 -31.93 13.03 40.66
N HIS C 228 -31.08 12.39 41.46
CA HIS C 228 -31.58 11.38 42.39
C HIS C 228 -30.66 11.08 43.57
N GLY C 229 -30.17 12.13 44.21
CA GLY C 229 -29.39 11.96 45.44
C GLY C 229 -28.08 11.20 45.21
N PHE C 230 -27.67 10.43 46.21
CA PHE C 230 -26.36 9.78 46.24
C PHE C 230 -26.43 8.39 45.65
N ASN C 231 -26.91 8.30 44.42
CA ASN C 231 -26.85 7.05 43.68
C ASN C 231 -25.38 6.77 43.35
N ALA C 232 -25.06 5.57 42.89
CA ALA C 232 -23.67 5.13 42.70
C ALA C 232 -22.87 6.01 41.73
N SER C 233 -23.51 6.51 40.68
CA SER C 233 -22.81 7.34 39.68
C SER C 233 -22.56 8.76 40.21
N THR C 234 -23.54 9.33 40.90
CA THR C 234 -23.35 10.60 41.59
C THR C 234 -22.27 10.46 42.67
N PHE C 235 -22.31 9.35 43.39
CA PHE C 235 -21.32 9.13 44.44
C PHE C 235 -19.88 8.96 43.88
N ALA C 236 -19.73 8.17 42.82
CA ALA C 236 -18.45 8.09 42.09
C ALA C 236 -17.94 9.47 41.71
N ALA C 237 -18.82 10.30 41.15
CA ALA C 237 -18.47 11.67 40.78
C ALA C 237 -17.99 12.48 41.98
N ARG C 238 -18.55 12.20 43.16
CA ARG C 238 -18.18 12.96 44.36
C ARG C 238 -16.88 12.44 44.95
N VAL C 239 -16.64 11.12 44.84
CA VAL C 239 -15.37 10.56 45.27
C VAL C 239 -14.25 11.17 44.45
N VAL C 240 -14.39 11.19 43.14
CA VAL C 240 -13.40 11.83 42.25
C VAL C 240 -13.18 13.29 42.64
N THR C 241 -14.27 14.04 42.80
CA THR C 241 -14.18 15.46 43.22
C THR C 241 -13.50 15.64 44.59
N SER C 242 -13.67 14.67 45.48
CA SER C 242 -13.14 14.76 46.84
C SER C 242 -11.61 14.86 46.87
N THR C 243 -10.94 14.45 45.78
CA THR C 243 -9.47 14.54 45.73
C THR C 243 -9.02 15.90 45.20
N GLN C 244 -9.99 16.74 44.87
CA GLN C 244 -9.76 18.02 44.14
C GLN C 244 -9.42 17.85 42.63
N SER C 245 -9.73 16.69 42.09
CA SER C 245 -9.70 16.46 40.63
C SER C 245 -10.84 17.20 39.92
N ASP C 246 -10.74 17.26 38.59
CA ASP C 246 -11.60 18.14 37.83
C ASP C 246 -12.99 17.53 37.52
N ILE C 247 -13.91 18.42 37.18
CA ILE C 247 -15.29 18.06 36.88
C ILE C 247 -15.43 17.11 35.67
N TYR C 248 -14.51 17.19 34.71
CA TYR C 248 -14.56 16.24 33.59
C TYR C 248 -14.16 14.85 34.05
N SER C 249 -13.16 14.76 34.93
CA SER C 249 -12.76 13.47 35.49
C SER C 249 -13.92 12.88 36.30
N ALA C 250 -14.65 13.74 37.00
CA ALA C 250 -15.76 13.26 37.83
C ALA C 250 -16.90 12.76 36.95
N VAL C 251 -17.21 13.50 35.89
CA VAL C 251 -18.29 13.07 35.00
C VAL C 251 -17.92 11.75 34.31
N THR C 252 -16.70 11.66 33.77
CA THR C 252 -16.18 10.41 33.21
C THR C 252 -16.26 9.22 34.19
N GLY C 253 -15.91 9.43 35.46
CA GLY C 253 -16.11 8.36 36.47
C GLY C 253 -17.61 8.02 36.62
N ALA C 254 -18.45 9.06 36.59
CA ALA C 254 -19.91 8.88 36.77
C ALA C 254 -20.53 8.12 35.59
N ILE C 255 -20.14 8.50 34.36
CA ILE C 255 -20.56 7.78 33.15
C ILE C 255 -20.13 6.33 33.25
N GLY C 256 -18.93 6.09 33.76
CA GLY C 256 -18.45 4.73 33.99
C GLY C 256 -19.39 3.94 34.88
N ALA C 257 -19.82 4.56 35.99
CA ALA C 257 -20.65 3.86 36.97
C ALA C 257 -22.05 3.60 36.41
N LEU C 258 -22.63 4.61 35.76
CA LEU C 258 -23.95 4.49 35.14
C LEU C 258 -24.08 3.38 34.11
N LYS C 259 -23.02 3.07 33.37
CA LYS C 259 -23.07 2.03 32.34
C LYS C 259 -23.47 0.64 32.90
N GLY C 260 -23.06 0.36 34.15
CA GLY C 260 -23.32 -0.94 34.81
C GLY C 260 -24.79 -1.30 34.92
N ARG C 261 -25.09 -2.58 34.72
CA ARG C 261 -26.49 -3.00 34.64
C ARG C 261 -27.24 -2.90 35.97
N LEU C 262 -26.54 -2.79 37.10
CA LEU C 262 -27.20 -2.59 38.38
C LEU C 262 -27.53 -1.12 38.63
N HIS C 263 -27.28 -0.27 37.63
CA HIS C 263 -27.52 1.16 37.73
C HIS C 263 -28.20 1.68 36.45
N GLY C 264 -27.49 2.31 35.53
CA GLY C 264 -28.15 2.93 34.36
C GLY C 264 -28.64 2.01 33.26
N GLY C 265 -28.20 0.76 33.29
CA GLY C 265 -28.53 -0.20 32.23
C GLY C 265 -29.99 -0.54 32.14
N ALA C 266 -30.68 -0.48 33.29
CA ALA C 266 -32.03 -0.99 33.41
C ALA C 266 -32.95 -0.56 32.29
N ASN C 267 -32.86 0.71 31.81
CA ASN C 267 -33.76 1.12 30.69
C ASN C 267 -33.65 0.17 29.46
N GLU C 268 -32.43 -0.04 29.00
CA GLU C 268 -32.12 -1.01 27.92
C GLU C 268 -32.78 -2.35 28.21
N ALA C 269 -32.42 -2.93 29.35
CA ALA C 269 -32.82 -4.30 29.71
C ALA C 269 -34.32 -4.51 29.78
N VAL C 270 -35.05 -3.52 30.28
CA VAL C 270 -36.50 -3.60 30.29
C VAL C 270 -37.04 -3.88 28.90
N MET C 271 -36.46 -3.21 27.90
CA MET C 271 -37.00 -3.26 26.54
C MET C 271 -36.59 -4.54 25.83
N HIS C 272 -35.39 -5.05 26.15
CA HIS C 272 -34.96 -6.35 25.66
C HIS C 272 -35.92 -7.41 26.16
N ASP C 273 -36.11 -7.43 27.48
CA ASP C 273 -37.06 -8.34 28.13
C ASP C 273 -38.47 -8.21 27.54
N MET C 274 -38.88 -7.00 27.17
CA MET C 274 -40.20 -6.81 26.54
C MET C 274 -40.27 -7.41 25.13
N ILE C 275 -39.20 -7.26 24.35
CA ILE C 275 -39.14 -7.85 23.00
C ILE C 275 -39.16 -9.38 23.06
N GLU C 276 -38.48 -9.94 24.06
CA GLU C 276 -38.53 -11.38 24.38
C GLU C 276 -39.98 -11.85 24.51
N ILE C 277 -40.77 -11.17 25.35
CA ILE C 277 -42.19 -11.45 25.49
C ILE C 277 -42.93 -11.43 24.13
N GLY C 278 -42.90 -10.30 23.43
CA GLY C 278 -43.58 -10.17 22.13
C GLY C 278 -45.11 -10.15 22.15
N ASP C 279 -45.69 -10.84 23.13
CA ASP C 279 -47.14 -11.01 23.23
C ASP C 279 -47.55 -11.05 24.69
N PRO C 280 -48.52 -10.21 25.09
CA PRO C 280 -49.00 -10.13 26.46
C PRO C 280 -49.31 -11.52 27.04
N ALA C 281 -49.83 -12.41 26.19
CA ALA C 281 -50.24 -13.77 26.58
C ALA C 281 -49.14 -14.62 27.22
N ASN C 282 -47.89 -14.39 26.82
CA ASN C 282 -46.75 -15.16 27.32
C ASN C 282 -46.10 -14.45 28.50
N ALA C 283 -46.75 -13.38 28.95
CA ALA C 283 -46.21 -12.52 30.00
C ALA C 283 -46.14 -13.20 31.37
N ARG C 284 -47.27 -13.74 31.83
CA ARG C 284 -47.31 -14.50 33.09
C ARG C 284 -46.23 -15.59 33.13
N GLU C 285 -46.29 -16.48 32.13
CA GLU C 285 -45.37 -17.62 31.99
C GLU C 285 -43.90 -17.22 32.00
N TRP C 286 -43.55 -16.16 31.26
CA TRP C 286 -42.18 -15.67 31.18
C TRP C 286 -41.55 -15.36 32.54
N LEU C 287 -42.34 -14.79 33.46
CA LEU C 287 -41.80 -14.33 34.75
C LEU C 287 -41.58 -15.47 35.75
N ARG C 288 -42.28 -16.60 35.53
CA ARG C 288 -42.09 -17.80 36.33
C ARG C 288 -40.64 -18.27 36.27
N ALA C 289 -40.17 -18.51 35.06
CA ALA C 289 -38.82 -19.06 34.80
C ALA C 289 -37.65 -18.21 35.32
N LYS C 290 -37.90 -16.91 35.49
CA LYS C 290 -36.82 -15.96 35.82
C LYS C 290 -36.61 -15.81 37.32
N LEU C 291 -37.71 -15.91 38.08
CA LEU C 291 -37.67 -15.84 39.55
C LEU C 291 -37.13 -17.14 40.15
N ALA C 292 -37.54 -18.27 39.56
CA ALA C 292 -36.92 -19.57 39.82
C ALA C 292 -35.38 -19.52 39.75
N ARG C 293 -34.84 -18.82 38.73
CA ARG C 293 -33.39 -18.67 38.59
C ARG C 293 -32.77 -17.70 39.62
N LYS C 294 -33.61 -17.10 40.48
CA LYS C 294 -33.19 -16.05 41.43
C LYS C 294 -32.22 -15.00 40.81
N GLU C 295 -32.63 -14.47 39.66
CA GLU C 295 -31.95 -13.35 38.99
C GLU C 295 -32.73 -12.05 39.25
N LYS C 296 -32.01 -10.94 39.39
CA LYS C 296 -32.65 -9.63 39.59
C LYS C 296 -33.48 -9.27 38.36
N ILE C 297 -34.74 -8.87 38.59
CA ILE C 297 -35.65 -8.50 37.49
C ILE C 297 -35.56 -7.00 37.20
N MET C 298 -35.61 -6.63 35.92
CA MET C 298 -35.24 -5.29 35.50
C MET C 298 -36.40 -4.30 35.50
N GLY C 299 -36.18 -3.16 36.16
CA GLY C 299 -37.15 -2.07 36.19
C GLY C 299 -38.19 -2.21 37.28
N PHE C 300 -37.75 -2.71 38.45
CA PHE C 300 -38.63 -2.90 39.63
C PHE C 300 -37.91 -2.59 40.94
N GLY C 301 -38.59 -1.82 41.81
CA GLY C 301 -38.10 -1.48 43.16
C GLY C 301 -36.80 -0.70 43.25
N HIS C 302 -36.27 -0.56 44.47
CA HIS C 302 -35.23 0.45 44.75
C HIS C 302 -34.44 0.23 46.06
N ARG C 303 -33.23 0.77 46.09
CA ARG C 303 -32.47 0.91 47.34
C ARG C 303 -33.17 1.91 48.28
N VAL C 304 -33.85 2.91 47.71
CA VAL C 304 -34.61 3.91 48.49
C VAL C 304 -36.13 3.61 48.51
N TYR C 305 -36.80 3.78 47.37
CA TYR C 305 -38.24 3.59 47.30
C TYR C 305 -38.63 2.17 47.75
N ARG C 306 -39.54 2.10 48.71
CA ARG C 306 -40.19 0.84 49.14
C ARG C 306 -41.69 0.85 48.81
N HIS C 307 -42.28 2.05 48.76
CA HIS C 307 -43.73 2.24 48.59
C HIS C 307 -44.15 2.73 47.19
N GLY C 308 -43.22 2.61 46.23
CA GLY C 308 -43.44 3.08 44.86
C GLY C 308 -42.38 4.09 44.43
N ASP C 309 -42.17 4.21 43.11
CA ASP C 309 -41.32 5.25 42.56
C ASP C 309 -42.21 6.45 42.24
N SER C 310 -41.88 7.62 42.78
CA SER C 310 -42.74 8.82 42.60
C SER C 310 -42.85 9.31 41.15
N ARG C 311 -41.76 9.09 40.41
CA ARG C 311 -41.63 9.52 39.03
C ARG C 311 -42.46 8.68 38.05
N VAL C 312 -42.85 7.49 38.47
CA VAL C 312 -43.49 6.53 37.57
C VAL C 312 -44.80 6.98 36.92
N PRO C 313 -45.78 7.44 37.74
CA PRO C 313 -47.09 7.71 37.15
C PRO C 313 -47.03 8.74 36.04
N THR C 314 -46.15 9.74 36.18
CA THR C 314 -45.90 10.70 35.12
C THR C 314 -45.39 10.02 33.83
N MET C 315 -44.38 9.16 33.95
CA MET C 315 -43.77 8.57 32.77
C MET C 315 -44.71 7.57 32.14
N LYS C 316 -45.50 6.90 32.99
CA LYS C 316 -46.47 5.91 32.52
C LYS C 316 -47.52 6.58 31.64
N ARG C 317 -47.92 7.78 32.04
CA ARG C 317 -48.86 8.56 31.21
C ARG C 317 -48.19 9.04 29.93
N ALA C 318 -46.94 9.49 30.03
CA ALA C 318 -46.17 9.89 28.85
C ALA C 318 -46.04 8.73 27.84
N LEU C 319 -45.75 7.54 28.37
CA LEU C 319 -45.68 6.33 27.57
C LEU C 319 -47.00 6.11 26.82
N GLU C 320 -48.11 6.19 27.56
CA GLU C 320 -49.44 5.97 26.97
C GLU C 320 -49.74 6.96 25.89
N ARG C 321 -49.38 8.23 26.10
CA ARG C 321 -49.60 9.25 25.06
C ARG C 321 -48.81 8.95 23.81
N VAL C 322 -47.55 8.51 23.98
CA VAL C 322 -46.73 8.13 22.83
C VAL C 322 -47.29 6.85 22.18
N GLY C 323 -47.66 5.88 23.02
CA GLY C 323 -48.24 4.62 22.56
C GLY C 323 -49.42 4.72 21.62
N THR C 324 -50.31 5.68 21.86
CA THR C 324 -51.47 5.85 20.99
C THR C 324 -51.10 6.64 19.73
N VAL C 325 -49.99 7.36 19.78
CA VAL C 325 -49.50 8.11 18.61
C VAL C 325 -48.45 7.33 17.77
N ARG C 326 -47.88 6.28 18.35
CA ARG C 326 -46.87 5.46 17.67
C ARG C 326 -47.19 3.96 17.60
N ASP C 327 -48.48 3.61 17.49
CA ASP C 327 -48.93 2.23 17.30
C ASP C 327 -48.40 1.26 18.35
N GLY C 328 -48.42 1.70 19.62
CA GLY C 328 -47.76 0.97 20.70
C GLY C 328 -48.63 0.22 21.69
N GLN C 329 -49.83 -0.17 21.26
CA GLN C 329 -50.72 -0.90 22.17
C GLN C 329 -50.05 -2.14 22.74
N ARG C 330 -49.40 -2.92 21.87
CA ARG C 330 -48.66 -4.11 22.26
C ARG C 330 -47.84 -3.90 23.51
N TRP C 331 -47.05 -2.81 23.56
CA TRP C 331 -46.15 -2.55 24.70
C TRP C 331 -46.90 -2.08 25.95
N LEU C 332 -47.99 -1.36 25.73
CA LEU C 332 -48.89 -0.97 26.83
C LEU C 332 -49.53 -2.22 27.44
N ASP C 333 -50.05 -3.10 26.58
CA ASP C 333 -50.65 -4.35 27.02
C ASP C 333 -49.68 -5.20 27.84
N ILE C 334 -48.43 -5.29 27.39
CA ILE C 334 -47.39 -6.02 28.13
C ILE C 334 -47.01 -5.29 29.41
N TYR C 335 -47.19 -3.97 29.41
CA TYR C 335 -46.97 -3.17 30.63
C TYR C 335 -48.04 -3.56 31.67
N GLN C 336 -49.31 -3.49 31.25
CA GLN C 336 -50.48 -3.74 32.10
C GLN C 336 -50.55 -5.15 32.67
N VAL C 337 -50.22 -6.14 31.83
CA VAL C 337 -50.27 -7.58 32.20
C VAL C 337 -49.11 -7.98 33.13
N LEU C 338 -47.90 -7.53 32.79
CA LEU C 338 -46.70 -7.85 33.55
C LEU C 338 -46.67 -7.07 34.87
N ALA C 339 -47.58 -6.11 35.00
CA ALA C 339 -47.65 -5.24 36.19
C ALA C 339 -48.06 -6.00 37.46
N ALA C 340 -49.22 -6.66 37.39
CA ALA C 340 -49.77 -7.46 38.48
C ALA C 340 -48.77 -8.50 38.97
N GLU C 341 -48.25 -9.30 38.03
CA GLU C 341 -47.48 -10.49 38.35
C GLU C 341 -46.33 -10.28 39.34
N MET C 342 -45.63 -9.15 39.25
CA MET C 342 -44.48 -8.90 40.14
C MET C 342 -44.85 -8.45 41.56
N ALA C 343 -46.04 -7.84 41.69
CA ALA C 343 -46.65 -7.52 42.99
C ALA C 343 -46.89 -8.81 43.77
N SER C 344 -47.76 -9.67 43.23
CA SER C 344 -48.06 -11.00 43.76
C SER C 344 -46.81 -11.75 44.21
N ALA C 345 -45.75 -11.65 43.40
CA ALA C 345 -44.52 -12.39 43.62
C ALA C 345 -43.66 -11.85 44.78
N THR C 346 -43.44 -10.53 44.80
CA THR C 346 -42.51 -9.91 45.77
C THR C 346 -43.05 -8.67 46.52
N GLY C 347 -44.12 -8.07 45.99
CA GLY C 347 -44.63 -6.78 46.51
C GLY C 347 -43.70 -5.63 46.16
N ILE C 348 -42.82 -5.86 45.19
CA ILE C 348 -41.89 -4.86 44.68
C ILE C 348 -42.59 -4.22 43.48
N LEU C 349 -42.70 -2.88 43.52
CA LEU C 349 -43.48 -2.09 42.53
C LEU C 349 -42.64 -1.61 41.32
N PRO C 350 -43.30 -1.18 40.22
CA PRO C 350 -42.56 -0.64 39.06
C PRO C 350 -41.80 0.65 39.38
N ASN C 351 -40.57 0.73 38.88
CA ASN C 351 -39.72 1.92 38.97
C ASN C 351 -39.68 2.68 37.63
N LEU C 352 -38.94 3.79 37.57
CA LEU C 352 -38.95 4.71 36.43
C LEU C 352 -38.51 4.08 35.11
N ASP C 353 -37.56 3.16 35.20
CA ASP C 353 -37.02 2.46 34.04
C ASP C 353 -38.06 1.58 33.35
N PHE C 354 -39.12 1.22 34.05
CA PHE C 354 -40.12 0.34 33.47
C PHE C 354 -40.97 1.01 32.37
N PRO C 355 -41.49 2.24 32.61
CA PRO C 355 -42.21 2.82 31.48
C PRO C 355 -41.31 3.58 30.49
N THR C 356 -40.09 3.93 30.88
CA THR C 356 -39.17 4.66 29.99
C THR C 356 -38.72 3.84 28.79
N GLY C 357 -38.38 2.57 29.06
CA GLY C 357 -37.93 1.62 28.05
C GLY C 357 -38.78 1.66 26.80
N PRO C 358 -40.04 1.22 26.91
CA PRO C 358 -40.92 1.24 25.72
C PRO C 358 -41.19 2.66 25.20
N ALA C 359 -41.11 3.66 26.06
CA ALA C 359 -41.32 5.04 25.60
C ALA C 359 -40.19 5.45 24.67
N TYR C 360 -38.95 5.20 25.10
CA TYR C 360 -37.79 5.51 24.27
C TYR C 360 -37.83 4.73 22.98
N TYR C 361 -38.15 3.44 23.09
CA TYR C 361 -38.33 2.57 21.94
C TYR C 361 -39.37 3.14 20.97
N LEU C 362 -40.54 3.49 21.50
CA LEU C 362 -41.61 4.07 20.64
C LEU C 362 -41.22 5.43 20.08
N MET C 363 -40.42 6.22 20.81
CA MET C 363 -39.97 7.49 20.23
C MET C 363 -39.09 7.29 18.99
N GLY C 364 -38.49 6.11 18.87
CA GLY C 364 -37.60 5.77 17.75
C GLY C 364 -36.11 5.68 18.08
N PHE C 365 -35.75 5.77 19.36
CA PHE C 365 -34.36 5.58 19.79
C PHE C 365 -33.93 4.12 19.70
N ASP C 366 -32.69 3.86 19.26
CA ASP C 366 -32.11 2.51 19.32
C ASP C 366 -31.93 2.14 20.80
N ILE C 367 -32.15 0.87 21.14
CA ILE C 367 -32.15 0.43 22.53
C ILE C 367 -30.80 0.69 23.20
N ALA C 368 -29.72 0.40 22.48
CA ALA C 368 -28.36 0.59 23.00
C ALA C 368 -28.03 2.07 23.29
N SER C 369 -28.85 2.99 22.80
CA SER C 369 -28.71 4.42 23.13
C SER C 369 -29.44 4.89 24.38
N PHE C 370 -30.18 4.01 25.04
CA PHE C 370 -30.99 4.39 26.21
C PHE C 370 -30.12 4.95 27.33
N THR C 371 -29.08 4.24 27.77
CA THR C 371 -28.24 4.78 28.85
C THR C 371 -27.48 6.09 28.48
N PRO C 372 -27.05 6.25 27.22
CA PRO C 372 -26.52 7.57 26.86
C PRO C 372 -27.53 8.72 27.01
N ILE C 373 -28.80 8.46 26.72
CA ILE C 373 -29.83 9.46 26.91
C ILE C 373 -30.02 9.74 28.39
N PHE C 374 -29.94 8.71 29.22
CA PHE C 374 -29.86 8.89 30.66
C PHE C 374 -28.71 9.88 31.02
N VAL C 375 -27.52 9.71 30.41
CA VAL C 375 -26.39 10.64 30.64
C VAL C 375 -26.77 12.11 30.35
N MET C 376 -27.39 12.35 29.20
CA MET C 376 -27.83 13.69 28.82
C MET C 376 -28.67 14.36 29.92
N SER C 377 -29.48 13.56 30.61
CA SER C 377 -30.31 14.07 31.68
C SER C 377 -29.58 14.20 33.01
N ARG C 378 -28.90 13.15 33.45
CA ARG C 378 -28.33 13.08 34.79
C ARG C 378 -27.09 14.00 34.96
N ILE C 379 -26.58 14.53 33.83
CA ILE C 379 -25.46 15.45 33.86
C ILE C 379 -25.75 16.68 34.71
N THR C 380 -27.02 17.09 34.77
CA THR C 380 -27.43 18.21 35.60
C THR C 380 -27.26 17.86 37.08
N GLY C 381 -27.84 16.75 37.53
CA GLY C 381 -27.67 16.27 38.90
C GLY C 381 -26.21 16.01 39.26
N TRP C 382 -25.51 15.22 38.45
CA TRP C 382 -24.08 15.00 38.68
C TRP C 382 -23.32 16.29 38.93
N THR C 383 -23.45 17.25 38.03
CA THR C 383 -22.66 18.48 38.17
C THR C 383 -23.12 19.36 39.33
N ALA C 384 -24.40 19.29 39.69
CA ALA C 384 -24.88 19.99 40.91
C ALA C 384 -24.15 19.43 42.12
N HIS C 385 -24.03 18.11 42.15
CA HIS C 385 -23.37 17.42 43.23
C HIS C 385 -21.86 17.64 43.29
N ILE C 386 -21.23 17.65 42.12
CA ILE C 386 -19.80 17.91 42.06
C ILE C 386 -19.52 19.30 42.64
N MET C 387 -20.34 20.27 42.25
CA MET C 387 -20.15 21.63 42.69
C MET C 387 -20.38 21.73 44.20
N GLU C 388 -21.33 20.97 44.69
CA GLU C 388 -21.59 20.97 46.13
C GLU C 388 -20.46 20.27 46.86
N GLN C 389 -20.01 19.13 46.35
CA GLN C 389 -18.85 18.44 46.92
C GLN C 389 -17.64 19.37 46.96
N ALA C 390 -17.41 20.12 45.89
CA ALA C 390 -16.19 20.89 45.77
C ALA C 390 -16.17 22.09 46.73
N THR C 391 -17.35 22.66 46.96
CA THR C 391 -17.43 23.84 47.79
C THR C 391 -17.52 23.49 49.29
N ALA C 392 -17.84 22.24 49.61
CA ALA C 392 -17.80 21.76 50.99
C ALA C 392 -17.12 20.38 51.00
N ASN C 393 -15.79 20.40 50.87
CA ASN C 393 -15.03 19.18 50.58
C ASN C 393 -14.33 18.48 51.74
N ALA C 394 -14.26 17.15 51.64
CA ALA C 394 -13.33 16.31 52.41
C ALA C 394 -12.99 15.07 51.58
N LEU C 395 -11.72 14.68 51.56
CA LEU C 395 -11.29 13.44 50.91
C LEU C 395 -12.18 12.26 51.32
N ILE C 396 -12.71 11.54 50.34
CA ILE C 396 -13.49 10.35 50.64
C ILE C 396 -12.56 9.13 50.65
N ARG C 397 -12.30 8.61 51.84
CA ARG C 397 -11.26 7.63 52.03
C ARG C 397 -11.62 6.73 53.21
N PRO C 398 -12.34 5.64 52.92
CA PRO C 398 -12.83 4.73 53.97
C PRO C 398 -11.73 3.78 54.42
N LEU C 399 -12.05 2.92 55.38
CA LEU C 399 -11.16 1.88 55.83
C LEU C 399 -11.62 0.52 55.31
N SER C 400 -10.75 -0.48 55.41
CA SER C 400 -11.11 -1.86 55.08
C SER C 400 -10.78 -2.80 56.24
N ALA C 401 -11.43 -3.96 56.29
CA ALA C 401 -11.06 -5.01 57.23
C ALA C 401 -10.27 -6.05 56.46
N TYR C 402 -9.36 -6.75 57.14
CA TYR C 402 -8.43 -7.64 56.47
C TYR C 402 -8.78 -9.10 56.67
N CYS C 403 -8.74 -9.89 55.59
CA CYS C 403 -9.01 -11.32 55.63
C CYS C 403 -7.97 -12.14 54.86
N GLY C 404 -6.82 -11.53 54.61
CA GLY C 404 -5.79 -12.16 53.78
C GLY C 404 -4.79 -12.96 54.60
N HIS C 405 -3.63 -13.19 54.01
CA HIS C 405 -2.51 -13.86 54.67
C HIS C 405 -1.98 -12.98 55.80
N GLU C 406 -1.74 -13.60 56.96
CA GLU C 406 -1.01 -12.94 58.04
C GLU C 406 0.42 -12.63 57.56
N GLN C 407 1.12 -11.76 58.29
CA GLN C 407 2.48 -11.37 57.91
C GLN C 407 3.42 -12.57 57.82
N ARG C 408 4.17 -12.63 56.72
CA ARG C 408 5.08 -13.74 56.49
C ARG C 408 6.38 -13.19 55.93
N VAL C 409 7.47 -13.92 56.11
CA VAL C 409 8.77 -13.46 55.61
C VAL C 409 8.98 -13.93 54.17
N LEU C 410 9.75 -13.13 53.44
CA LEU C 410 10.14 -13.43 52.07
C LEU C 410 11.06 -14.67 52.09
N PRO C 411 10.75 -15.69 51.27
CA PRO C 411 11.51 -16.97 51.23
C PRO C 411 13.00 -16.83 50.89
N ASP D 48 -26.36 10.78 62.01
CA ASP D 48 -24.91 10.48 62.28
C ASP D 48 -24.05 10.53 60.99
N ILE D 49 -23.46 11.70 60.73
CA ILE D 49 -22.86 12.01 59.41
C ILE D 49 -21.36 11.67 59.30
N LYS D 50 -21.06 10.76 58.37
CA LYS D 50 -19.70 10.23 58.18
C LYS D 50 -18.99 10.90 56.99
N LYS D 51 -18.78 12.20 57.11
CA LYS D 51 -18.06 12.99 56.10
C LYS D 51 -16.70 12.38 55.77
N GLY D 52 -16.49 12.07 54.49
CA GLY D 52 -15.23 11.50 54.00
C GLY D 52 -15.08 10.03 54.28
N LEU D 53 -16.17 9.41 54.74
CA LEU D 53 -16.16 8.04 55.24
C LEU D 53 -15.04 7.79 56.27
N ALA D 54 -14.61 8.84 56.96
CA ALA D 54 -13.51 8.70 57.92
C ALA D 54 -13.86 7.73 59.04
N GLY D 55 -13.04 6.70 59.22
CA GLY D 55 -13.21 5.73 60.29
C GLY D 55 -14.22 4.65 59.96
N VAL D 56 -14.87 4.75 58.81
CA VAL D 56 -15.87 3.79 58.39
C VAL D 56 -15.23 2.59 57.68
N VAL D 57 -15.52 1.38 58.17
CA VAL D 57 -15.02 0.15 57.57
C VAL D 57 -16.10 -0.31 56.59
N VAL D 58 -15.76 -0.24 55.30
CA VAL D 58 -16.76 -0.29 54.25
C VAL D 58 -16.83 -1.68 53.60
N ASP D 59 -15.77 -2.46 53.77
CA ASP D 59 -15.69 -3.78 53.17
C ASP D 59 -14.49 -4.55 53.67
N THR D 60 -14.28 -5.74 53.12
CA THR D 60 -13.17 -6.56 53.50
C THR D 60 -12.22 -6.81 52.31
N THR D 61 -10.94 -6.99 52.59
CA THR D 61 -9.99 -7.27 51.52
C THR D 61 -8.91 -8.25 51.96
N ALA D 62 -8.36 -8.95 50.98
CA ALA D 62 -7.24 -9.84 51.23
C ALA D 62 -5.93 -9.31 50.63
N ILE D 63 -5.98 -8.13 50.02
CA ILE D 63 -4.88 -7.66 49.16
C ILE D 63 -3.69 -7.09 49.95
N SER D 64 -3.99 -6.18 50.87
CA SER D 64 -2.95 -5.51 51.65
C SER D 64 -3.44 -5.14 53.05
N LYS D 65 -2.49 -4.79 53.91
CA LYS D 65 -2.73 -4.45 55.30
C LYS D 65 -1.51 -3.70 55.88
N VAL D 66 -1.76 -2.60 56.59
CA VAL D 66 -0.73 -2.02 57.49
C VAL D 66 -0.77 -2.72 58.86
N VAL D 67 0.32 -3.40 59.21
CA VAL D 67 0.49 -4.05 60.53
C VAL D 67 0.77 -3.00 61.63
N PRO D 68 -0.21 -2.80 62.55
CA PRO D 68 -0.15 -1.80 63.64
C PRO D 68 1.16 -1.77 64.46
N GLN D 69 1.68 -2.94 64.81
CA GLN D 69 2.85 -3.06 65.71
C GLN D 69 4.21 -2.67 65.08
N THR D 70 4.46 -3.07 63.83
CA THR D 70 5.66 -2.60 63.11
C THR D 70 5.44 -1.33 62.26
N ASN D 71 4.19 -0.91 62.11
CA ASN D 71 3.80 0.08 61.10
C ASN D 71 4.26 -0.35 59.67
N SER D 72 4.06 -1.63 59.40
CA SER D 72 4.59 -2.27 58.19
C SER D 72 3.46 -2.51 57.19
N LEU D 73 3.56 -1.89 56.02
CA LEU D 73 2.67 -2.23 54.91
C LEU D 73 3.04 -3.60 54.35
N THR D 74 2.06 -4.45 54.19
CA THR D 74 2.27 -5.75 53.60
C THR D 74 1.42 -5.87 52.34
N TYR D 75 1.92 -6.60 51.34
CA TYR D 75 1.13 -6.98 50.17
C TYR D 75 0.98 -8.49 50.27
N ARG D 76 -0.25 -8.98 50.37
CA ARG D 76 -0.46 -10.42 50.54
C ARG D 76 0.45 -10.96 51.65
N GLY D 77 0.57 -10.20 52.73
CA GLY D 77 1.37 -10.58 53.88
C GLY D 77 2.86 -10.32 53.83
N TYR D 78 3.41 -10.03 52.64
CA TYR D 78 4.82 -9.70 52.56
C TYR D 78 5.06 -8.21 52.80
N PRO D 79 6.02 -7.87 53.67
CA PRO D 79 6.31 -6.46 53.90
C PRO D 79 6.83 -5.74 52.66
N VAL D 80 6.26 -4.56 52.39
CA VAL D 80 6.59 -3.80 51.19
C VAL D 80 8.07 -3.46 51.08
N GLN D 81 8.73 -3.21 52.22
CA GLN D 81 10.12 -2.76 52.19
C GLN D 81 11.02 -3.92 51.82
N ASP D 82 10.60 -5.13 52.15
CA ASP D 82 11.35 -6.33 51.73
C ASP D 82 11.13 -6.59 50.23
N LEU D 83 9.89 -6.51 49.76
CA LEU D 83 9.58 -6.64 48.33
C LEU D 83 10.40 -5.61 47.52
N ALA D 84 10.37 -4.36 47.98
CA ALA D 84 11.13 -3.28 47.35
C ALA D 84 12.62 -3.58 47.29
N ALA D 85 13.15 -4.26 48.30
CA ALA D 85 14.58 -4.55 48.37
C ALA D 85 15.01 -5.70 47.46
N ARG D 86 14.15 -6.71 47.30
CA ARG D 86 14.57 -7.96 46.67
C ARG D 86 13.82 -8.38 45.39
N CYS D 87 12.69 -7.73 45.11
CA CYS D 87 11.86 -8.16 44.02
C CYS D 87 11.87 -7.21 42.85
N SER D 88 11.46 -7.72 41.70
CA SER D 88 11.21 -6.88 40.55
C SER D 88 9.75 -6.43 40.60
N PHE D 89 9.39 -5.43 39.81
CA PHE D 89 7.99 -5.01 39.73
C PHE D 89 7.09 -6.12 39.18
N GLU D 90 7.60 -6.87 38.20
CA GLU D 90 6.92 -8.03 37.62
C GLU D 90 6.52 -9.04 38.71
N GLN D 91 7.43 -9.35 39.62
CA GLN D 91 7.13 -10.30 40.71
C GLN D 91 6.02 -9.76 41.60
N VAL D 92 6.02 -8.45 41.83
CA VAL D 92 5.10 -7.82 42.75
C VAL D 92 3.72 -7.70 42.13
N ALA D 93 3.69 -7.28 40.86
CA ALA D 93 2.43 -7.31 40.11
C ALA D 93 1.79 -8.71 40.17
N PHE D 94 2.59 -9.74 39.92
CA PHE D 94 2.11 -11.11 40.01
C PHE D 94 1.55 -11.42 41.41
N LEU D 95 2.32 -11.10 42.44
CA LEU D 95 1.94 -11.28 43.84
C LEU D 95 0.58 -10.65 44.12
N LEU D 96 0.44 -9.39 43.73
CA LEU D 96 -0.78 -8.65 43.97
C LEU D 96 -2.00 -9.32 43.32
N TRP D 97 -1.88 -9.72 42.06
CA TRP D 97 -3.02 -10.33 41.37
C TRP D 97 -3.33 -11.77 41.81
N ARG D 98 -2.29 -12.57 42.05
CA ARG D 98 -2.45 -14.01 42.29
C ARG D 98 -2.45 -14.46 43.76
N GLY D 99 -1.73 -13.74 44.61
CA GLY D 99 -1.77 -13.99 46.06
C GLY D 99 -0.53 -14.68 46.54
N GLU D 100 0.32 -15.11 45.60
CA GLU D 100 1.61 -15.71 45.96
C GLU D 100 2.70 -15.15 45.07
N LEU D 101 3.94 -15.20 45.54
CA LEU D 101 5.06 -14.86 44.69
C LEU D 101 5.14 -15.93 43.57
N PRO D 102 5.61 -15.54 42.38
CA PRO D 102 5.66 -16.54 41.32
C PRO D 102 6.91 -17.41 41.40
N THR D 103 6.80 -18.66 40.97
CA THR D 103 7.97 -19.48 40.67
C THR D 103 8.68 -18.91 39.43
N ASP D 104 9.95 -19.24 39.27
CA ASP D 104 10.69 -18.93 38.05
C ASP D 104 9.85 -19.14 36.80
N ALA D 105 9.21 -20.30 36.67
CA ALA D 105 8.45 -20.63 35.47
C ALA D 105 7.16 -19.85 35.34
N GLU D 106 6.53 -19.53 36.46
CA GLU D 106 5.33 -18.68 36.41
C GLU D 106 5.71 -17.27 35.97
N LEU D 107 6.84 -16.79 36.51
CA LEU D 107 7.36 -15.48 36.20
C LEU D 107 7.76 -15.38 34.72
N ALA D 108 8.36 -16.45 34.17
CA ALA D 108 8.78 -16.44 32.77
C ALA D 108 7.59 -16.21 31.86
N LEU D 109 6.49 -16.94 32.12
CA LEU D 109 5.25 -16.77 31.35
C LEU D 109 4.59 -15.41 31.54
N PHE D 110 4.61 -14.92 32.77
CA PHE D 110 4.01 -13.65 33.10
C PHE D 110 4.73 -12.52 32.38
N SER D 111 6.03 -12.45 32.57
CA SER D 111 6.90 -11.43 31.97
C SER D 111 6.86 -11.39 30.43
N GLN D 112 6.88 -12.57 29.82
CA GLN D 112 6.82 -12.65 28.36
C GLN D 112 5.49 -12.14 27.84
N ARG D 113 4.40 -12.44 28.54
CA ARG D 113 3.09 -11.89 28.18
C ARG D 113 3.07 -10.37 28.34
N GLU D 114 3.74 -9.86 29.39
CA GLU D 114 3.85 -8.43 29.62
C GLU D 114 4.57 -7.74 28.45
N ARG D 115 5.71 -8.29 28.06
CA ARG D 115 6.47 -7.73 26.95
C ARG D 115 5.73 -7.80 25.60
N ALA D 116 4.92 -8.84 25.40
CA ALA D 116 4.10 -8.97 24.19
C ALA D 116 2.94 -7.99 24.12
N SER D 117 2.62 -7.34 25.25
CA SER D 117 1.43 -6.51 25.31
C SER D 117 1.69 -5.02 25.37
N ARG D 118 2.95 -4.64 25.16
CA ARG D 118 3.42 -3.28 25.43
C ARG D 118 3.12 -2.30 24.29
N ARG D 119 2.99 -2.82 23.06
CA ARG D 119 2.89 -1.94 21.89
C ARG D 119 1.53 -1.26 21.83
N VAL D 120 1.52 0.01 21.42
CA VAL D 120 0.28 0.71 21.09
C VAL D 120 0.00 0.55 19.58
N ASP D 121 -1.29 0.54 19.20
CA ASP D 121 -1.72 0.43 17.82
C ASP D 121 -1.74 1.79 17.11
N ARG D 122 -1.82 1.76 15.77
CA ARG D 122 -1.93 2.95 14.96
C ARG D 122 -3.03 3.91 15.44
N SER D 123 -4.16 3.36 15.89
CA SER D 123 -5.28 4.18 16.40
C SER D 123 -4.91 4.99 17.66
N MET D 124 -4.08 4.41 18.51
CA MET D 124 -3.60 5.08 19.69
C MET D 124 -2.60 6.17 19.28
N LEU D 125 -1.71 5.85 18.34
CA LEU D 125 -0.71 6.83 17.86
C LEU D 125 -1.41 8.02 17.25
N SER D 126 -2.52 7.77 16.57
CA SER D 126 -3.39 8.83 16.08
C SER D 126 -4.03 9.64 17.23
N LEU D 127 -4.52 8.95 18.26
CA LEU D 127 -5.14 9.63 19.38
C LEU D 127 -4.14 10.55 20.08
N LEU D 128 -2.94 10.03 20.32
CA LEU D 128 -1.87 10.77 20.98
C LEU D 128 -1.34 11.93 20.16
N ALA D 129 -1.47 11.85 18.84
CA ALA D 129 -1.09 12.97 18.02
C ALA D 129 -2.19 14.04 17.97
N LYS D 130 -3.46 13.63 18.07
CA LYS D 130 -4.54 14.63 18.01
C LYS D 130 -4.91 15.34 19.35
N LEU D 131 -4.66 14.68 20.47
CA LEU D 131 -4.82 15.31 21.77
C LEU D 131 -3.91 16.54 21.89
N PRO D 132 -4.42 17.64 22.47
CA PRO D 132 -3.53 18.77 22.63
C PRO D 132 -2.33 18.40 23.50
N ASP D 133 -1.19 19.01 23.20
CA ASP D 133 0.05 18.72 23.91
C ASP D 133 0.23 19.64 25.12
N ASN D 134 -0.83 20.33 25.51
CA ASN D 134 -0.78 21.25 26.65
C ASN D 134 -1.93 20.96 27.63
N CYS D 135 -2.54 19.77 27.51
CA CYS D 135 -3.53 19.33 28.45
C CYS D 135 -2.77 18.64 29.58
N HIS D 136 -3.44 18.37 30.70
CA HIS D 136 -2.74 17.64 31.74
C HIS D 136 -2.47 16.22 31.25
N PRO D 137 -1.26 15.70 31.48
CA PRO D 137 -0.93 14.34 31.08
C PRO D 137 -1.85 13.28 31.71
N MET D 138 -2.47 13.58 32.85
CA MET D 138 -3.50 12.66 33.34
C MET D 138 -4.71 12.54 32.40
N ASP D 139 -5.02 13.61 31.68
CA ASP D 139 -6.12 13.62 30.72
C ASP D 139 -5.88 12.66 29.57
N VAL D 140 -4.59 12.46 29.26
CA VAL D 140 -4.19 11.64 28.13
C VAL D 140 -4.36 10.19 28.52
N VAL D 141 -3.97 9.89 29.74
CA VAL D 141 -4.05 8.55 30.23
C VAL D 141 -5.55 8.20 30.51
N ARG D 142 -6.30 9.14 31.08
CA ARG D 142 -7.77 9.03 31.20
C ARG D 142 -8.43 8.71 29.84
N THR D 143 -8.09 9.48 28.80
CA THR D 143 -8.69 9.29 27.47
C THR D 143 -8.19 7.98 26.80
N ALA D 144 -6.89 7.73 26.88
CA ALA D 144 -6.31 6.51 26.32
C ALA D 144 -6.98 5.23 26.86
N ILE D 145 -7.01 5.08 28.18
CA ILE D 145 -7.68 3.94 28.80
C ILE D 145 -9.14 3.80 28.34
N SER D 146 -9.87 4.91 28.34
CA SER D 146 -11.26 4.90 27.85
C SER D 146 -11.38 4.42 26.40
N TYR D 147 -10.42 4.82 25.57
CA TYR D 147 -10.38 4.47 24.16
C TYR D 147 -10.05 2.99 24.00
N LEU D 148 -9.10 2.50 24.79
CA LEU D 148 -8.71 1.11 24.74
C LEU D 148 -9.86 0.19 25.13
N GLY D 149 -10.68 0.61 26.08
CA GLY D 149 -11.83 -0.17 26.49
C GLY D 149 -12.81 -0.33 25.34
N ALA D 150 -13.05 0.78 24.64
CA ALA D 150 -13.96 0.80 23.49
C ALA D 150 -13.50 -0.17 22.39
N GLU D 151 -12.19 -0.36 22.30
CA GLU D 151 -11.57 -1.21 21.28
C GLU D 151 -11.45 -2.66 21.71
N ASP D 152 -11.63 -2.91 22.99
CA ASP D 152 -11.49 -4.26 23.49
C ASP D 152 -12.79 -5.02 23.32
N PRO D 153 -12.81 -6.04 22.45
CA PRO D 153 -14.07 -6.80 22.23
C PRO D 153 -14.55 -7.53 23.49
N ASP D 154 -13.67 -7.70 24.46
CA ASP D 154 -13.99 -8.39 25.71
C ASP D 154 -14.24 -7.44 26.89
N GLU D 155 -14.26 -6.13 26.62
CA GLU D 155 -14.48 -5.09 27.65
C GLU D 155 -15.47 -5.46 28.74
N ASP D 156 -16.67 -5.89 28.35
CA ASP D 156 -17.78 -6.08 29.28
C ASP D 156 -17.90 -7.51 29.83
N ASP D 157 -16.89 -8.33 29.59
CA ASP D 157 -16.87 -9.69 30.11
C ASP D 157 -15.97 -9.74 31.34
N ALA D 158 -16.57 -9.81 32.53
CA ALA D 158 -15.81 -9.84 33.80
C ALA D 158 -14.87 -11.05 33.93
N ALA D 159 -15.24 -12.14 33.26
CA ALA D 159 -14.43 -13.36 33.23
C ALA D 159 -13.04 -13.15 32.64
N ALA D 160 -12.86 -12.09 31.84
CA ALA D 160 -11.56 -11.79 31.23
C ALA D 160 -10.81 -10.63 31.93
N ASN D 161 -11.19 -10.32 33.16
CA ASN D 161 -10.57 -9.20 33.91
C ASN D 161 -9.06 -9.33 34.06
N ARG D 162 -8.59 -10.56 34.27
CA ARG D 162 -7.17 -10.77 34.49
C ARG D 162 -6.40 -10.40 33.23
N ALA D 163 -6.89 -10.82 32.06
CA ALA D 163 -6.22 -10.48 30.82
C ALA D 163 -6.26 -8.96 30.54
N LYS D 164 -7.38 -8.33 30.87
CA LYS D 164 -7.54 -6.89 30.68
C LYS D 164 -6.63 -6.11 31.63
N ALA D 165 -6.53 -6.53 32.88
CA ALA D 165 -5.63 -5.91 33.83
C ALA D 165 -4.17 -5.99 33.35
N MET D 166 -3.74 -7.16 32.86
CA MET D 166 -2.39 -7.34 32.30
CA MET D 166 -2.38 -7.34 32.32
C MET D 166 -2.14 -6.39 31.13
N ARG D 167 -3.08 -6.35 30.18
CA ARG D 167 -2.97 -5.47 29.02
C ARG D 167 -2.83 -4.00 29.44
N MET D 168 -3.64 -3.57 30.41
CA MET D 168 -3.55 -2.20 30.87
C MET D 168 -2.19 -1.90 31.46
N MET D 169 -1.69 -2.81 32.30
CA MET D 169 -0.45 -2.60 32.98
C MET D 169 0.74 -2.56 32.03
N ALA D 170 0.70 -3.39 30.99
CA ALA D 170 1.79 -3.45 30.01
C ALA D 170 1.84 -2.24 29.07
N VAL D 171 0.69 -1.67 28.75
CA VAL D 171 0.62 -0.61 27.74
C VAL D 171 0.69 0.84 28.30
N LEU D 172 0.35 1.03 29.57
CA LEU D 172 0.40 2.36 30.20
C LEU D 172 1.76 3.07 30.12
N PRO D 173 2.86 2.36 30.44
CA PRO D 173 4.19 2.95 30.30
C PRO D 173 4.45 3.45 28.87
N THR D 174 4.01 2.70 27.87
CA THR D 174 4.21 3.08 26.46
C THR D 174 3.51 4.40 26.18
N ILE D 175 2.25 4.50 26.59
CA ILE D 175 1.48 5.72 26.43
C ILE D 175 2.12 6.89 27.20
N VAL D 176 2.47 6.66 28.48
CA VAL D 176 3.06 7.71 29.29
C VAL D 176 4.38 8.22 28.69
N ALA D 177 5.24 7.30 28.25
CA ALA D 177 6.49 7.73 27.61
C ALA D 177 6.26 8.53 26.34
N ILE D 178 5.31 8.08 25.51
CA ILE D 178 5.03 8.79 24.23
C ILE D 178 4.54 10.19 24.49
N ASP D 179 3.63 10.31 25.45
CA ASP D 179 3.02 11.58 25.79
C ASP D 179 4.07 12.53 26.37
N MET D 180 4.93 12.01 27.23
CA MET D 180 6.03 12.81 27.75
C MET D 180 6.98 13.27 26.62
N ARG D 181 7.37 12.35 25.75
CA ARG D 181 8.32 12.73 24.70
C ARG D 181 7.70 13.70 23.71
N ARG D 182 6.43 13.52 23.36
CA ARG D 182 5.86 14.38 22.32
C ARG D 182 5.85 15.85 22.74
N ARG D 183 5.75 16.11 24.04
CA ARG D 183 5.71 17.48 24.56
C ARG D 183 7.08 18.14 24.46
N ARG D 184 8.10 17.29 24.40
CA ARG D 184 9.48 17.70 24.29
C ARG D 184 9.92 17.79 22.81
N GLY D 185 9.01 17.50 21.89
CA GLY D 185 9.31 17.53 20.46
C GLY D 185 9.93 16.24 19.96
N LEU D 186 9.79 15.15 20.74
CA LEU D 186 10.49 13.89 20.44
C LEU D 186 9.55 12.75 20.01
N PRO D 187 9.98 11.95 19.03
CA PRO D 187 9.09 10.89 18.59
C PRO D 187 9.14 9.67 19.52
N PRO D 188 8.17 8.74 19.39
CA PRO D 188 8.16 7.52 20.22
C PRO D 188 9.43 6.68 20.09
N ILE D 189 9.87 6.11 21.20
CA ILE D 189 10.82 5.02 21.19
C ILE D 189 10.08 3.71 21.48
N ALA D 190 10.17 2.74 20.57
CA ALA D 190 9.45 1.49 20.70
C ALA D 190 9.79 0.71 21.98
N PRO D 191 8.84 -0.06 22.51
CA PRO D 191 9.10 -1.05 23.56
C PRO D 191 10.20 -2.02 23.12
N HIS D 192 11.04 -2.44 24.06
CA HIS D 192 12.20 -3.28 23.80
C HIS D 192 11.98 -4.66 24.46
N SER D 193 11.76 -5.70 23.64
CA SER D 193 11.39 -7.03 24.15
C SER D 193 12.51 -7.71 24.92
N GLY D 194 13.72 -7.14 24.85
CA GLY D 194 14.84 -7.62 25.67
C GLY D 194 14.96 -6.97 27.03
N LEU D 195 14.07 -6.02 27.35
CA LEU D 195 14.17 -5.27 28.60
C LEU D 195 12.99 -5.56 29.50
N GLY D 196 13.27 -5.74 30.79
CA GLY D 196 12.22 -5.87 31.81
C GLY D 196 11.47 -4.54 31.96
N TYR D 197 10.46 -4.52 32.84
CA TYR D 197 9.53 -3.39 32.95
C TYR D 197 10.20 -2.07 33.30
N ALA D 198 11.05 -2.12 34.32
CA ALA D 198 11.66 -0.91 34.82
C ALA D 198 12.63 -0.38 33.80
N GLN D 199 13.46 -1.27 33.26
CA GLN D 199 14.43 -0.85 32.25
C GLN D 199 13.78 -0.33 30.97
N ASN D 200 12.70 -0.97 30.54
CA ASN D 200 12.02 -0.62 29.31
C ASN D 200 11.39 0.78 29.34
N PHE D 201 10.70 1.11 30.44
CA PHE D 201 10.12 2.44 30.56
C PHE D 201 11.18 3.53 30.47
N LEU D 202 12.31 3.35 31.16
CA LEU D 202 13.38 4.35 31.13
C LEU D 202 13.96 4.48 29.70
N HIS D 203 14.11 3.33 29.04
CA HIS D 203 14.52 3.29 27.65
C HIS D 203 13.53 4.01 26.71
N MET D 204 12.22 3.76 26.86
CA MET D 204 11.21 4.47 26.03
C MET D 204 11.12 5.96 26.29
N CYS D 205 11.45 6.39 27.53
CA CYS D 205 11.48 7.82 27.85
C CYS D 205 12.73 8.54 27.34
N PHE D 206 13.90 7.90 27.48
CA PHE D 206 15.17 8.58 27.34
C PHE D 206 16.12 8.01 26.28
N GLY D 207 15.83 6.82 25.76
CA GLY D 207 16.67 6.23 24.73
C GLY D 207 17.95 5.64 25.30
N GLU D 208 17.99 5.41 26.62
CA GLU D 208 19.14 4.82 27.30
C GLU D 208 18.57 3.95 28.43
N VAL D 209 19.36 2.98 28.90
CA VAL D 209 19.11 2.40 30.21
C VAL D 209 20.10 3.03 31.20
N PRO D 210 19.58 3.82 32.15
CA PRO D 210 20.42 4.71 32.95
C PRO D 210 21.18 4.02 34.10
N GLU D 211 21.85 4.81 34.94
CA GLU D 211 22.62 4.31 36.08
C GLU D 211 21.82 3.31 36.92
N THR D 212 22.51 2.29 37.40
CA THR D 212 21.90 1.29 38.27
C THR D 212 21.07 1.95 39.38
N ALA D 213 21.60 3.01 39.99
CA ALA D 213 20.88 3.72 41.06
C ALA D 213 19.54 4.31 40.60
N VAL D 214 19.49 4.78 39.35
CA VAL D 214 18.28 5.33 38.79
C VAL D 214 17.27 4.22 38.51
N VAL D 215 17.68 3.15 37.84
CA VAL D 215 16.80 2.02 37.55
C VAL D 215 16.26 1.43 38.85
N SER D 216 17.16 1.15 39.79
CA SER D 216 16.78 0.60 41.09
C SER D 216 15.77 1.51 41.85
N ALA D 217 16.00 2.82 41.86
CA ALA D 217 15.06 3.74 42.49
C ALA D 217 13.70 3.79 41.80
N PHE D 218 13.71 3.75 40.47
CA PHE D 218 12.45 3.69 39.75
C PHE D 218 11.64 2.42 40.03
N GLU D 219 12.32 1.28 40.05
CA GLU D 219 11.65 0.03 40.27
C GLU D 219 11.04 -0.01 41.71
N GLN D 220 11.83 0.46 42.68
CA GLN D 220 11.34 0.56 44.05
C GLN D 220 10.12 1.47 44.16
N SER D 221 10.14 2.59 43.45
CA SER D 221 8.96 3.44 43.44
C SER D 221 7.70 2.72 42.88
N MET D 222 7.87 1.92 41.82
CA MET D 222 6.76 1.18 41.23
C MET D 222 6.25 0.16 42.24
N ILE D 223 7.17 -0.46 42.96
CA ILE D 223 6.80 -1.41 44.01
C ILE D 223 6.02 -0.71 45.13
N LEU D 224 6.54 0.43 45.58
CA LEU D 224 5.97 1.21 46.68
C LEU D 224 4.62 1.82 46.38
N TYR D 225 4.39 2.20 45.12
CA TYR D 225 3.14 2.83 44.73
C TYR D 225 2.06 1.82 44.36
N ALA D 226 2.40 0.53 44.37
CA ALA D 226 1.52 -0.44 43.72
C ALA D 226 0.11 -0.55 44.28
N GLU D 227 -0.02 -0.49 45.60
CA GLU D 227 -1.25 -0.88 46.26
C GLU D 227 -1.35 -0.18 47.61
N HIS D 228 -2.52 0.35 47.92
CA HIS D 228 -2.68 0.99 49.23
C HIS D 228 -4.09 1.00 49.83
N GLY D 229 -4.73 -0.15 49.88
CA GLY D 229 -6.05 -0.27 50.52
C GLY D 229 -7.10 0.57 49.85
N PHE D 230 -8.05 1.05 50.64
CA PHE D 230 -9.16 1.81 50.11
C PHE D 230 -8.88 3.31 50.05
N ASN D 231 -7.76 3.69 49.42
CA ASN D 231 -7.50 5.09 49.10
C ASN D 231 -8.58 5.54 48.10
N ALA D 232 -8.69 6.84 47.88
CA ALA D 232 -9.77 7.41 47.08
C ALA D 232 -9.91 6.84 45.64
N SER D 233 -8.79 6.59 44.97
CA SER D 233 -8.84 6.13 43.59
C SER D 233 -9.21 4.66 43.56
N THR D 234 -8.64 3.87 44.47
CA THR D 234 -9.08 2.49 44.61
C THR D 234 -10.60 2.43 44.91
N PHE D 235 -11.07 3.28 45.82
CA PHE D 235 -12.47 3.31 46.19
C PHE D 235 -13.34 3.71 45.00
N ALA D 236 -12.98 4.79 44.31
CA ALA D 236 -13.68 5.15 43.04
C ALA D 236 -13.79 3.96 42.07
N ALA D 237 -12.72 3.18 41.92
CA ALA D 237 -12.77 2.01 41.04
C ALA D 237 -13.80 0.99 41.55
N ARG D 238 -13.81 0.77 42.86
CA ARG D 238 -14.72 -0.18 43.51
C ARG D 238 -16.16 0.31 43.46
N VAL D 239 -16.39 1.61 43.57
CA VAL D 239 -17.74 2.15 43.38
C VAL D 239 -18.24 1.87 41.95
N VAL D 240 -17.42 2.18 40.96
CA VAL D 240 -17.78 1.94 39.57
C VAL D 240 -17.99 0.44 39.31
N THR D 241 -17.16 -0.40 39.89
CA THR D 241 -17.33 -1.85 39.74
C THR D 241 -18.63 -2.35 40.43
N SER D 242 -19.07 -1.67 41.49
CA SER D 242 -20.22 -2.13 42.26
C SER D 242 -21.51 -2.16 41.43
N THR D 243 -21.58 -1.36 40.36
CA THR D 243 -22.76 -1.35 39.49
C THR D 243 -22.71 -2.46 38.43
N GLN D 244 -21.63 -3.25 38.45
CA GLN D 244 -21.32 -4.26 37.41
C GLN D 244 -20.80 -3.64 36.12
N SER D 245 -20.28 -2.42 36.22
CA SER D 245 -19.61 -1.80 35.07
C SER D 245 -18.26 -2.47 34.84
N ASP D 246 -17.65 -2.20 33.69
CA ASP D 246 -16.45 -2.90 33.25
C ASP D 246 -15.14 -2.35 33.83
N ILE D 247 -14.09 -3.17 33.74
CA ILE D 247 -12.77 -2.83 34.29
C ILE D 247 -12.15 -1.52 33.71
N TYR D 248 -12.40 -1.23 32.44
CA TYR D 248 -11.93 0.03 31.85
C TYR D 248 -12.67 1.25 32.41
N SER D 249 -13.98 1.13 32.56
CA SER D 249 -14.75 2.18 33.26
C SER D 249 -14.17 2.42 34.66
N ALA D 250 -13.93 1.34 35.39
CA ALA D 250 -13.40 1.46 36.75
C ALA D 250 -12.01 2.15 36.78
N VAL D 251 -11.14 1.76 35.86
CA VAL D 251 -9.79 2.30 35.85
C VAL D 251 -9.81 3.77 35.44
N THR D 252 -10.63 4.10 34.45
CA THR D 252 -10.77 5.48 34.01
C THR D 252 -11.23 6.37 35.16
N GLY D 253 -12.18 5.88 35.96
CA GLY D 253 -12.62 6.57 37.17
C GLY D 253 -11.53 6.72 38.21
N ALA D 254 -10.84 5.63 38.52
CA ALA D 254 -9.66 5.66 39.40
C ALA D 254 -8.60 6.71 38.97
N ILE D 255 -8.38 6.81 37.66
CA ILE D 255 -7.40 7.75 37.11
C ILE D 255 -7.84 9.16 37.38
N GLY D 256 -9.13 9.43 37.13
CA GLY D 256 -9.72 10.72 37.44
C GLY D 256 -9.47 11.10 38.89
N ALA D 257 -9.69 10.17 39.81
CA ALA D 257 -9.58 10.47 41.23
C ALA D 257 -8.12 10.68 41.59
N LEU D 258 -7.26 9.82 41.07
CA LEU D 258 -5.81 9.92 41.29
C LEU D 258 -5.22 11.30 40.94
N LYS D 259 -5.75 11.96 39.92
CA LYS D 259 -5.19 13.20 39.40
C LYS D 259 -5.18 14.36 40.40
N GLY D 260 -6.20 14.43 41.26
CA GLY D 260 -6.34 15.54 42.19
C GLY D 260 -5.18 15.73 43.14
N ARG D 261 -4.90 16.98 43.50
CA ARG D 261 -3.72 17.31 44.33
C ARG D 261 -3.77 16.73 45.75
N LEU D 262 -4.93 16.26 46.20
CA LEU D 262 -5.07 15.63 47.53
C LEU D 262 -4.85 14.13 47.47
N HIS D 263 -4.67 13.63 46.26
CA HIS D 263 -4.30 12.24 46.07
C HIS D 263 -2.96 12.20 45.31
N GLY D 264 -2.90 11.51 44.16
CA GLY D 264 -1.66 11.37 43.38
C GLY D 264 -1.14 12.67 42.77
N GLY D 265 -1.99 13.67 42.61
CA GLY D 265 -1.52 14.98 42.11
C GLY D 265 -0.49 15.62 43.04
N ALA D 266 -0.32 15.02 44.22
CA ALA D 266 0.63 15.51 45.21
C ALA D 266 2.10 15.36 44.81
N ASN D 267 2.45 14.26 44.15
CA ASN D 267 3.87 14.12 43.74
C ASN D 267 4.37 15.25 42.81
N GLU D 268 3.53 15.62 41.85
CA GLU D 268 3.77 16.77 40.99
C GLU D 268 3.85 18.07 41.83
N ALA D 269 2.83 18.33 42.64
CA ALA D 269 2.76 19.61 43.38
C ALA D 269 3.95 19.76 44.36
N VAL D 270 4.42 18.66 44.93
CA VAL D 270 5.59 18.70 45.82
C VAL D 270 6.80 19.26 45.07
N MET D 271 6.94 18.85 43.82
CA MET D 271 8.08 19.31 43.04
C MET D 271 7.91 20.79 42.64
N HIS D 272 6.71 21.21 42.22
CA HIS D 272 6.49 22.64 41.94
C HIS D 272 6.85 23.49 43.18
N ASP D 273 6.43 23.01 44.36
CA ASP D 273 6.70 23.64 45.66
C ASP D 273 8.19 23.74 45.90
N MET D 274 8.91 22.63 45.74
CA MET D 274 10.36 22.66 45.89
C MET D 274 11.03 23.68 44.95
N ILE D 275 10.58 23.76 43.70
CA ILE D 275 11.14 24.74 42.77
C ILE D 275 10.85 26.18 43.22
N GLU D 276 9.62 26.42 43.66
CA GLU D 276 9.25 27.71 44.25
C GLU D 276 10.16 28.06 45.47
N ILE D 277 10.45 27.07 46.33
CA ILE D 277 11.33 27.29 47.47
C ILE D 277 12.75 27.70 47.06
N GLY D 278 13.30 27.01 46.06
CA GLY D 278 14.57 27.40 45.44
C GLY D 278 15.82 27.00 46.19
N ASP D 279 15.84 27.30 47.49
CA ASP D 279 17.03 27.21 48.33
C ASP D 279 16.53 26.74 49.70
N PRO D 280 17.20 25.76 50.32
CA PRO D 280 16.81 25.32 51.67
C PRO D 280 16.51 26.45 52.67
N ALA D 281 17.27 27.54 52.59
CA ALA D 281 17.10 28.69 53.49
C ALA D 281 15.77 29.45 53.34
N ASN D 282 15.08 29.26 52.21
CA ASN D 282 13.75 29.85 52.04
C ASN D 282 12.61 28.99 52.58
N ALA D 283 12.89 27.75 52.99
CA ALA D 283 11.82 26.82 53.36
C ALA D 283 10.95 27.25 54.55
N ARG D 284 11.59 27.60 55.68
CA ARG D 284 10.89 28.00 56.92
C ARG D 284 9.83 29.08 56.65
N GLU D 285 10.24 30.15 55.98
CA GLU D 285 9.34 31.26 55.67
C GLU D 285 8.25 30.90 54.65
N TRP D 286 8.61 30.09 53.66
CA TRP D 286 7.65 29.67 52.65
C TRP D 286 6.52 28.91 53.31
N LEU D 287 6.89 27.96 54.17
CA LEU D 287 5.93 27.09 54.84
C LEU D 287 5.04 27.81 55.85
N ARG D 288 5.65 28.63 56.70
CA ARG D 288 4.88 29.34 57.73
C ARG D 288 3.90 30.37 57.14
N ALA D 289 4.27 31.02 56.05
CA ALA D 289 3.33 31.91 55.35
C ALA D 289 2.09 31.14 54.89
N LYS D 290 2.28 29.91 54.40
CA LYS D 290 1.18 29.08 53.94
C LYS D 290 0.36 28.50 55.10
N LEU D 291 1.04 28.05 56.15
CA LEU D 291 0.34 27.58 57.35
C LEU D 291 -0.43 28.67 58.10
N ALA D 292 0.08 29.89 58.13
CA ALA D 292 -0.67 31.03 58.71
C ALA D 292 -1.98 31.22 57.95
N ARG D 293 -1.91 31.08 56.63
CA ARG D 293 -3.08 31.15 55.73
C ARG D 293 -3.94 29.88 55.76
N LYS D 294 -3.58 28.95 56.64
CA LYS D 294 -4.23 27.63 56.78
C LYS D 294 -4.29 26.76 55.50
N GLU D 295 -3.32 26.91 54.61
CA GLU D 295 -3.24 26.08 53.41
C GLU D 295 -2.67 24.69 53.70
N LYS D 296 -3.13 23.71 52.95
CA LYS D 296 -2.62 22.35 53.07
C LYS D 296 -1.25 22.30 52.40
N ILE D 297 -0.36 21.47 52.92
CA ILE D 297 0.99 21.31 52.34
C ILE D 297 1.09 19.96 51.64
N MET D 298 1.38 19.98 50.35
CA MET D 298 1.43 18.74 49.59
C MET D 298 2.58 17.84 50.04
N GLY D 299 2.31 16.54 50.09
CA GLY D 299 3.31 15.56 50.47
C GLY D 299 3.30 15.32 51.96
N PHE D 300 2.37 15.97 52.65
CA PHE D 300 2.25 15.82 54.09
C PHE D 300 0.82 15.55 54.49
N GLY D 301 0.62 14.51 55.28
CA GLY D 301 -0.72 14.24 55.76
C GLY D 301 -1.28 12.97 55.17
N HIS D 302 -2.16 12.35 55.93
CA HIS D 302 -2.70 11.07 55.57
C HIS D 302 -3.91 10.76 56.45
N ARG D 303 -4.89 10.12 55.82
CA ARG D 303 -6.08 9.65 56.49
C ARG D 303 -5.76 8.51 57.45
N VAL D 304 -4.76 7.71 57.11
CA VAL D 304 -4.44 6.48 57.85
C VAL D 304 -3.20 6.58 58.74
N TYR D 305 -2.05 6.94 58.15
CA TYR D 305 -0.80 7.04 58.91
C TYR D 305 -0.81 8.22 59.87
N ARG D 306 -0.39 7.98 61.10
CA ARG D 306 -0.34 9.00 62.13
C ARG D 306 1.06 9.17 62.67
N HIS D 307 1.89 8.15 62.45
CA HIS D 307 3.25 8.12 63.01
C HIS D 307 4.29 7.80 61.95
N GLY D 308 3.97 8.12 60.69
CA GLY D 308 4.87 7.85 59.58
C GLY D 308 4.29 6.92 58.54
N ASP D 309 4.52 7.26 57.28
CA ASP D 309 4.11 6.46 56.14
C ASP D 309 5.09 5.28 56.05
N SER D 310 4.57 4.06 56.08
CA SER D 310 5.40 2.84 56.02
C SER D 310 6.30 2.73 54.77
N ARG D 311 6.03 3.55 53.75
CA ARG D 311 6.71 3.45 52.45
C ARG D 311 7.82 4.51 52.31
N VAL D 312 7.74 5.57 53.12
CA VAL D 312 8.63 6.74 53.01
C VAL D 312 10.12 6.39 53.21
N PRO D 313 10.45 5.58 54.24
CA PRO D 313 11.88 5.37 54.45
C PRO D 313 12.55 4.72 53.24
N THR D 314 11.91 3.70 52.66
CA THR D 314 12.40 3.07 51.44
C THR D 314 12.62 4.08 50.31
N MET D 315 11.65 4.97 50.11
CA MET D 315 11.74 5.92 49.00
C MET D 315 12.73 7.05 49.28
N LYS D 316 12.84 7.45 50.55
CA LYS D 316 13.83 8.45 50.95
C LYS D 316 15.26 7.97 50.67
N ARG D 317 15.56 6.70 50.97
CA ARG D 317 16.87 6.10 50.69
C ARG D 317 17.14 6.08 49.18
N ALA D 318 16.13 5.70 48.40
CA ALA D 318 16.24 5.67 46.94
C ALA D 318 16.47 7.06 46.37
N LEU D 319 15.77 8.07 46.91
CA LEU D 319 16.01 9.45 46.55
C LEU D 319 17.45 9.90 46.83
N GLU D 320 17.97 9.51 48.00
CA GLU D 320 19.35 9.84 48.33
C GLU D 320 20.35 9.21 47.36
N ARG D 321 20.13 7.93 47.01
CA ARG D 321 21.00 7.24 46.05
C ARG D 321 21.01 7.96 44.70
N VAL D 322 19.83 8.35 44.23
CA VAL D 322 19.70 9.09 42.97
C VAL D 322 20.32 10.46 43.07
N GLY D 323 20.11 11.11 44.22
CA GLY D 323 20.66 12.43 44.49
C GLY D 323 22.17 12.47 44.35
N THR D 324 22.83 11.36 44.69
CA THR D 324 24.29 11.34 44.63
C THR D 324 24.83 11.15 43.21
N VAL D 325 24.11 10.40 42.37
CA VAL D 325 24.53 10.24 40.95
C VAL D 325 23.98 11.32 40.02
N ARG D 326 23.01 12.11 40.50
CA ARG D 326 22.39 13.14 39.65
C ARG D 326 22.52 14.57 40.21
N ASP D 327 23.53 14.81 41.04
CA ASP D 327 23.82 16.18 41.52
C ASP D 327 22.59 16.83 42.20
N GLY D 328 21.92 16.06 43.06
CA GLY D 328 20.66 16.54 43.66
C GLY D 328 20.66 17.06 45.11
N GLN D 329 21.83 17.42 45.63
CA GLN D 329 21.96 17.86 47.03
C GLN D 329 20.93 18.93 47.42
N ARG D 330 20.72 19.87 46.50
CA ARG D 330 19.81 20.95 46.70
C ARG D 330 18.41 20.44 47.03
N TRP D 331 17.96 19.37 46.39
CA TRP D 331 16.62 18.85 46.64
C TRP D 331 16.62 17.95 47.88
N LEU D 332 17.76 17.36 48.20
CA LEU D 332 17.90 16.63 49.46
C LEU D 332 17.80 17.60 50.63
N ASP D 333 18.42 18.77 50.49
CA ASP D 333 18.46 19.80 51.52
C ASP D 333 17.11 20.42 51.77
N ILE D 334 16.39 20.72 50.69
CA ILE D 334 15.05 21.25 50.76
C ILE D 334 14.15 20.20 51.38
N TYR D 335 14.27 18.96 50.91
CA TYR D 335 13.50 17.85 51.49
C TYR D 335 13.63 17.85 53.02
N GLN D 336 14.87 17.82 53.50
CA GLN D 336 15.14 17.68 54.93
C GLN D 336 14.64 18.86 55.78
N VAL D 337 14.90 20.07 55.30
CA VAL D 337 14.53 21.29 56.00
C VAL D 337 13.01 21.45 56.03
N LEU D 338 12.37 21.31 54.89
CA LEU D 338 10.93 21.39 54.84
C LEU D 338 10.28 20.32 55.70
N ALA D 339 10.80 19.11 55.69
CA ALA D 339 10.23 18.04 56.53
C ALA D 339 10.35 18.36 58.02
N ALA D 340 11.50 18.87 58.43
CA ALA D 340 11.74 19.22 59.83
C ALA D 340 10.94 20.45 60.21
N GLU D 341 10.91 21.47 59.36
CA GLU D 341 10.09 22.64 59.61
C GLU D 341 8.61 22.28 59.70
N MET D 342 8.16 21.33 58.87
CA MET D 342 6.74 20.92 58.89
C MET D 342 6.42 20.10 60.12
N ALA D 343 7.31 19.19 60.48
CA ALA D 343 7.13 18.39 61.69
C ALA D 343 7.06 19.30 62.92
N SER D 344 7.92 20.33 62.92
CA SER D 344 7.97 21.28 64.02
C SER D 344 6.68 22.11 64.15
N ALA D 345 6.17 22.59 63.03
CA ALA D 345 4.99 23.47 63.03
C ALA D 345 3.67 22.75 63.28
N THR D 346 3.56 21.48 62.88
CA THR D 346 2.25 20.81 62.83
C THR D 346 2.27 19.41 63.41
N GLY D 347 3.46 18.86 63.66
CA GLY D 347 3.60 17.45 64.00
C GLY D 347 3.28 16.48 62.85
N ILE D 348 3.07 17.01 61.65
CA ILE D 348 2.70 16.18 60.48
C ILE D 348 3.93 15.65 59.74
N LEU D 349 3.94 14.34 59.49
CA LEU D 349 5.05 13.67 58.81
C LEU D 349 4.77 13.50 57.31
N PRO D 350 5.83 13.35 56.51
CA PRO D 350 5.66 13.22 55.05
C PRO D 350 4.89 11.96 54.66
N ASN D 351 4.22 12.01 53.51
CA ASN D 351 3.72 10.77 52.88
C ASN D 351 4.59 10.44 51.66
N LEU D 352 4.31 9.31 51.02
CA LEU D 352 5.14 8.81 49.94
C LEU D 352 5.31 9.82 48.79
N ASP D 353 4.29 10.63 48.54
CA ASP D 353 4.36 11.60 47.46
C ASP D 353 5.50 12.59 47.64
N PHE D 354 5.89 12.85 48.89
CA PHE D 354 6.95 13.82 49.21
C PHE D 354 8.36 13.41 48.73
N PRO D 355 8.86 12.22 49.12
CA PRO D 355 10.17 11.87 48.52
C PRO D 355 10.12 11.51 47.02
N THR D 356 8.96 11.12 46.50
CA THR D 356 8.85 10.67 45.11
C THR D 356 9.03 11.83 44.12
N GLY D 357 8.41 12.97 44.43
CA GLY D 357 8.55 14.19 43.63
C GLY D 357 9.95 14.48 43.16
N PRO D 358 10.89 14.74 44.09
CA PRO D 358 12.24 15.07 43.65
C PRO D 358 12.99 13.88 43.08
N ALA D 359 12.66 12.66 43.50
CA ALA D 359 13.25 11.45 42.92
C ALA D 359 12.95 11.38 41.42
N TYR D 360 11.67 11.54 41.06
CA TYR D 360 11.25 11.53 39.66
C TYR D 360 11.91 12.67 38.90
N TYR D 361 12.00 13.85 39.55
CA TYR D 361 12.62 15.02 38.93
C TYR D 361 14.10 14.75 38.61
N LEU D 362 14.80 14.15 39.56
CA LEU D 362 16.22 13.87 39.38
C LEU D 362 16.43 12.73 38.38
N MET D 363 15.46 11.83 38.30
CA MET D 363 15.45 10.80 37.27
C MET D 363 15.29 11.36 35.84
N GLY D 364 14.81 12.59 35.70
CA GLY D 364 14.66 13.23 34.37
C GLY D 364 13.24 13.29 33.81
N PHE D 365 12.25 12.85 34.60
CA PHE D 365 10.86 12.90 34.13
C PHE D 365 10.33 14.33 34.17
N ASP D 366 9.49 14.70 33.21
CA ASP D 366 8.87 16.03 33.26
C ASP D 366 7.84 16.06 34.38
N ILE D 367 7.80 17.19 35.09
CA ILE D 367 6.98 17.30 36.28
C ILE D 367 5.52 16.88 36.09
N ALA D 368 4.93 17.32 34.97
CA ALA D 368 3.53 17.08 34.71
C ALA D 368 3.24 15.58 34.43
N SER D 369 4.29 14.78 34.21
CA SER D 369 4.13 13.34 34.00
C SER D 369 4.27 12.48 35.26
N PHE D 370 4.51 13.11 36.41
CA PHE D 370 4.71 12.38 37.68
C PHE D 370 3.50 11.53 38.09
N THR D 371 2.28 12.08 37.96
CA THR D 371 1.09 11.34 38.37
C THR D 371 0.75 10.17 37.40
N PRO D 372 0.86 10.40 36.06
CA PRO D 372 0.66 9.23 35.19
C PRO D 372 1.63 8.09 35.48
N ILE D 373 2.82 8.41 36.00
CA ILE D 373 3.79 7.38 36.38
C ILE D 373 3.32 6.64 37.64
N PHE D 374 2.65 7.37 38.56
CA PHE D 374 1.95 6.77 39.69
C PHE D 374 0.88 5.78 39.15
N VAL D 375 0.12 6.23 38.15
CA VAL D 375 -0.85 5.35 37.46
C VAL D 375 -0.21 4.04 36.97
N MET D 376 0.98 4.14 36.34
CA MET D 376 1.64 2.96 35.81
C MET D 376 1.82 1.87 36.87
N SER D 377 2.10 2.29 38.10
CA SER D 377 2.27 1.39 39.22
C SER D 377 0.92 0.96 39.82
N ARG D 378 0.05 1.92 40.10
CA ARG D 378 -1.14 1.70 40.91
C ARG D 378 -2.19 0.90 40.14
N ILE D 379 -2.06 0.85 38.82
CA ILE D 379 -2.93 0.00 38.00
C ILE D 379 -3.01 -1.42 38.57
N THR D 380 -1.91 -1.87 39.18
CA THR D 380 -1.87 -3.21 39.76
C THR D 380 -2.82 -3.38 40.94
N GLY D 381 -2.66 -2.55 41.97
CA GLY D 381 -3.59 -2.55 43.10
C GLY D 381 -5.03 -2.24 42.69
N TRP D 382 -5.23 -1.24 41.83
CA TRP D 382 -6.58 -0.93 41.39
C TRP D 382 -7.27 -2.15 40.88
N THR D 383 -6.60 -2.86 39.97
CA THR D 383 -7.25 -3.98 39.26
C THR D 383 -7.42 -5.18 40.19
N ALA D 384 -6.49 -5.39 41.11
CA ALA D 384 -6.66 -6.40 42.14
C ALA D 384 -7.93 -6.13 42.92
N HIS D 385 -8.16 -4.85 43.26
CA HIS D 385 -9.34 -4.47 44.03
C HIS D 385 -10.63 -4.56 43.24
N ILE D 386 -10.53 -4.34 41.92
CA ILE D 386 -11.67 -4.41 41.01
C ILE D 386 -12.15 -5.86 40.90
N MET D 387 -11.20 -6.80 40.69
CA MET D 387 -11.49 -8.23 40.64
C MET D 387 -12.11 -8.73 41.97
N GLU D 388 -11.51 -8.33 43.08
CA GLU D 388 -12.03 -8.65 44.41
C GLU D 388 -13.49 -8.15 44.57
N GLN D 389 -13.72 -6.90 44.21
CA GLN D 389 -15.05 -6.28 44.24
C GLN D 389 -16.05 -7.01 43.34
N ALA D 390 -15.66 -7.31 42.10
CA ALA D 390 -16.56 -7.99 41.18
C ALA D 390 -16.95 -9.41 41.63
N THR D 391 -16.04 -10.07 42.37
CA THR D 391 -16.18 -11.46 42.82
C THR D 391 -17.07 -11.58 44.08
N ALA D 392 -17.30 -10.46 44.75
CA ALA D 392 -18.07 -10.41 45.97
C ALA D 392 -18.73 -9.05 46.04
N ASN D 393 -19.67 -8.82 45.14
CA ASN D 393 -20.19 -7.50 44.88
C ASN D 393 -21.45 -7.12 45.64
N ALA D 394 -21.59 -5.84 45.93
CA ALA D 394 -22.85 -5.27 46.37
C ALA D 394 -22.80 -3.81 45.93
N LEU D 395 -23.92 -3.33 45.41
CA LEU D 395 -24.01 -1.94 44.95
C LEU D 395 -23.65 -0.96 46.06
N ILE D 396 -22.74 -0.03 45.75
CA ILE D 396 -22.36 0.98 46.71
C ILE D 396 -23.25 2.19 46.52
N ARG D 397 -24.13 2.42 47.50
CA ARG D 397 -25.12 3.50 47.42
C ARG D 397 -25.47 3.95 48.85
N PRO D 398 -24.86 5.06 49.28
CA PRO D 398 -25.03 5.58 50.63
C PRO D 398 -26.26 6.45 50.75
N LEU D 399 -26.54 6.89 51.97
CA LEU D 399 -27.60 7.87 52.20
C LEU D 399 -27.04 9.28 52.38
N SER D 400 -27.91 10.28 52.16
CA SER D 400 -27.59 11.67 52.44
C SER D 400 -28.62 12.29 53.40
N ALA D 401 -28.16 13.23 54.20
CA ALA D 401 -29.01 14.07 55.04
C ALA D 401 -29.36 15.31 54.24
N TYR D 402 -30.50 15.93 54.54
CA TYR D 402 -31.00 17.06 53.77
C TYR D 402 -30.91 18.38 54.54
N CYS D 403 -30.41 19.43 53.88
CA CYS D 403 -30.29 20.75 54.48
C CYS D 403 -30.79 21.85 53.53
N GLY D 404 -31.57 21.48 52.53
CA GLY D 404 -32.12 22.44 51.57
C GLY D 404 -33.55 22.86 51.86
N HIS D 405 -34.15 23.59 50.90
CA HIS D 405 -35.56 24.02 50.97
C HIS D 405 -36.50 22.88 51.31
N GLU D 406 -37.42 23.14 52.24
CA GLU D 406 -38.50 22.18 52.53
C GLU D 406 -39.45 22.18 51.34
N GLN D 407 -40.24 21.11 51.19
CA GLN D 407 -41.18 21.02 50.06
C GLN D 407 -41.93 22.33 49.85
N ARG D 408 -41.93 22.81 48.61
CA ARG D 408 -42.64 24.04 48.28
C ARG D 408 -43.48 23.88 47.02
N VAL D 409 -44.39 24.83 46.82
CA VAL D 409 -45.30 24.83 45.69
C VAL D 409 -44.68 25.63 44.53
N LEU D 410 -44.92 25.14 43.31
CA LEU D 410 -44.57 25.85 42.10
C LEU D 410 -45.44 27.10 41.92
N PRO D 411 -44.83 28.29 41.78
CA PRO D 411 -45.60 29.53 41.69
C PRO D 411 -46.23 29.78 40.30
N GLY D 412 -46.97 30.89 40.17
CA GLY D 412 -47.48 31.39 38.89
C GLY D 412 -48.51 30.52 38.16
N ASP E 48 -8.39 50.81 -22.66
CA ASP E 48 -8.04 51.75 -21.54
C ASP E 48 -7.92 51.05 -20.17
N ILE E 49 -6.83 51.36 -19.47
CA ILE E 49 -6.35 50.56 -18.37
C ILE E 49 -6.67 51.16 -17.02
N LYS E 50 -7.56 50.49 -16.30
CA LYS E 50 -8.02 50.96 -15.00
C LYS E 50 -7.10 50.55 -13.86
N LYS E 51 -5.90 51.11 -13.83
CA LYS E 51 -4.95 50.91 -12.73
C LYS E 51 -5.56 51.10 -11.34
N GLY E 52 -5.40 50.11 -10.48
CA GLY E 52 -5.84 50.20 -9.09
C GLY E 52 -7.34 50.23 -8.95
N LEU E 53 -8.02 50.04 -10.09
CA LEU E 53 -9.47 50.19 -10.21
C LEU E 53 -9.98 51.59 -9.79
N ALA E 54 -9.11 52.59 -9.92
CA ALA E 54 -9.41 54.00 -9.64
C ALA E 54 -10.66 54.46 -10.39
N GLY E 55 -11.69 54.88 -9.65
CA GLY E 55 -12.90 55.41 -10.26
C GLY E 55 -13.82 54.37 -10.85
N VAL E 56 -13.48 53.09 -10.68
CA VAL E 56 -14.30 52.03 -11.26
C VAL E 56 -15.34 51.57 -10.25
N VAL E 57 -16.59 51.59 -10.70
CA VAL E 57 -17.74 51.18 -9.91
C VAL E 57 -17.99 49.71 -10.20
N VAL E 58 -17.81 48.90 -9.16
CA VAL E 58 -17.53 47.48 -9.34
C VAL E 58 -18.72 46.61 -8.92
N ASP E 59 -19.57 47.14 -8.03
CA ASP E 59 -20.81 46.47 -7.62
C ASP E 59 -21.70 47.45 -6.87
N THR E 60 -22.86 46.99 -6.49
CA THR E 60 -23.76 47.75 -5.65
C THR E 60 -23.79 47.13 -4.25
N THR E 61 -23.92 47.97 -3.22
CA THR E 61 -23.97 47.53 -1.83
C THR E 61 -25.06 48.28 -1.04
N ALA E 62 -25.52 47.66 0.04
CA ALA E 62 -26.53 48.27 0.89
C ALA E 62 -25.94 48.53 2.27
N ILE E 63 -24.65 48.24 2.43
CA ILE E 63 -24.03 48.21 3.75
C ILE E 63 -23.63 49.58 4.29
N SER E 64 -22.95 50.38 3.48
CA SER E 64 -22.42 51.66 3.89
C SER E 64 -22.33 52.66 2.71
N LYS E 65 -22.28 53.95 3.03
CA LYS E 65 -22.17 55.01 2.04
C LYS E 65 -21.53 56.21 2.68
N VAL E 66 -20.65 56.87 1.94
CA VAL E 66 -20.16 58.18 2.36
C VAL E 66 -21.10 59.17 1.68
N VAL E 67 -21.94 59.79 2.50
CA VAL E 67 -22.97 60.71 2.03
C VAL E 67 -22.28 61.99 1.51
N PRO E 68 -22.29 62.18 0.17
CA PRO E 68 -21.54 63.22 -0.52
C PRO E 68 -21.79 64.62 0.06
N GLN E 69 -23.07 64.94 0.29
CA GLN E 69 -23.51 66.20 0.89
C GLN E 69 -22.67 66.59 2.12
N THR E 70 -22.80 65.81 3.19
CA THR E 70 -22.20 66.19 4.48
C THR E 70 -20.86 65.52 4.78
N ASN E 71 -20.33 64.78 3.81
CA ASN E 71 -19.14 63.97 4.04
C ASN E 71 -19.26 63.10 5.31
N SER E 72 -20.42 62.49 5.53
CA SER E 72 -20.58 61.56 6.65
C SER E 72 -20.69 60.12 6.18
N LEU E 73 -20.01 59.25 6.92
CA LEU E 73 -20.10 57.82 6.70
C LEU E 73 -21.31 57.28 7.44
N THR E 74 -22.19 56.61 6.71
CA THR E 74 -23.33 55.96 7.33
C THR E 74 -23.19 54.43 7.25
N TYR E 75 -23.46 53.76 8.37
CA TYR E 75 -23.66 52.31 8.41
C TYR E 75 -25.16 52.05 8.37
N ARG E 76 -25.62 51.37 7.31
CA ARG E 76 -27.04 51.09 7.14
C ARG E 76 -27.90 52.34 7.39
N GLY E 77 -27.48 53.45 6.81
CA GLY E 77 -28.21 54.70 6.91
C GLY E 77 -27.82 55.62 8.05
N TYR E 78 -27.38 55.08 9.19
CA TYR E 78 -27.04 55.88 10.37
C TYR E 78 -25.62 56.40 10.33
N PRO E 79 -25.42 57.70 10.65
CA PRO E 79 -24.10 58.32 10.67
C PRO E 79 -23.20 57.73 11.74
N VAL E 80 -21.98 57.41 11.32
CA VAL E 80 -21.01 56.74 12.18
C VAL E 80 -20.66 57.52 13.45
N GLN E 81 -20.64 58.86 13.35
CA GLN E 81 -20.29 59.69 14.49
C GLN E 81 -21.42 59.63 15.52
N ASP E 82 -22.66 59.43 15.05
CA ASP E 82 -23.81 59.23 15.91
C ASP E 82 -23.74 57.85 16.56
N LEU E 83 -23.38 56.84 15.75
CA LEU E 83 -23.19 55.49 16.25
C LEU E 83 -22.09 55.44 17.28
N ALA E 84 -20.98 56.10 17.01
CA ALA E 84 -19.85 56.12 17.95
C ALA E 84 -20.22 56.80 19.27
N ALA E 85 -21.11 57.79 19.21
CA ALA E 85 -21.46 58.61 20.38
C ALA E 85 -22.40 57.87 21.34
N ARG E 86 -23.32 57.10 20.77
CA ARG E 86 -24.44 56.58 21.53
C ARG E 86 -24.60 55.04 21.58
N CYS E 87 -23.83 54.31 20.77
CA CYS E 87 -24.00 52.84 20.70
C CYS E 87 -22.80 52.04 21.21
N SER E 88 -23.05 50.78 21.56
CA SER E 88 -21.99 49.83 21.83
C SER E 88 -21.56 49.17 20.52
N PHE E 89 -20.36 48.58 20.51
CA PHE E 89 -19.89 47.78 19.39
C PHE E 89 -20.86 46.62 19.10
N GLU E 90 -21.36 45.97 20.15
CA GLU E 90 -22.41 44.95 19.96
C GLU E 90 -23.56 45.43 19.10
N GLN E 91 -24.06 46.64 19.36
CA GLN E 91 -25.22 47.16 18.62
C GLN E 91 -24.87 47.47 17.19
N VAL E 92 -23.67 47.98 16.99
CA VAL E 92 -23.16 48.30 15.66
C VAL E 92 -22.94 47.02 14.83
N ALA E 93 -22.31 46.00 15.43
CA ALA E 93 -22.14 44.72 14.74
C ALA E 93 -23.51 44.20 14.29
N PHE E 94 -24.46 44.22 15.23
CA PHE E 94 -25.81 43.78 14.94
C PHE E 94 -26.38 44.55 13.75
N LEU E 95 -26.28 45.88 13.82
CA LEU E 95 -26.79 46.74 12.75
C LEU E 95 -26.16 46.40 11.39
N LEU E 96 -24.82 46.35 11.35
CA LEU E 96 -24.10 46.00 10.12
C LEU E 96 -24.63 44.70 9.51
N TRP E 97 -24.75 43.65 10.31
CA TRP E 97 -25.20 42.36 9.78
C TRP E 97 -26.70 42.31 9.45
N ARG E 98 -27.55 42.77 10.37
CA ARG E 98 -28.99 42.60 10.18
C ARG E 98 -29.67 43.72 9.37
N GLY E 99 -29.07 44.92 9.38
CA GLY E 99 -29.61 46.07 8.63
C GLY E 99 -30.56 46.98 9.42
N GLU E 100 -30.77 46.66 10.69
CA GLU E 100 -31.57 47.46 11.63
C GLU E 100 -30.91 47.42 12.99
N LEU E 101 -31.15 48.43 13.81
CA LEU E 101 -30.70 48.39 15.20
C LEU E 101 -31.45 47.29 15.95
N PRO E 102 -30.82 46.69 16.97
CA PRO E 102 -31.55 45.71 17.77
C PRO E 102 -32.46 46.38 18.81
N THR E 103 -33.65 45.83 19.04
CA THR E 103 -34.42 46.15 20.24
C THR E 103 -33.59 45.68 21.41
N ASP E 104 -33.89 46.20 22.60
CA ASP E 104 -33.21 45.77 23.83
C ASP E 104 -33.15 44.24 24.00
N ALA E 105 -34.24 43.55 23.67
CA ALA E 105 -34.33 42.10 23.81
C ALA E 105 -33.40 41.39 22.84
N GLU E 106 -33.44 41.82 21.58
CA GLU E 106 -32.56 41.28 20.56
C GLU E 106 -31.09 41.47 20.94
N LEU E 107 -30.76 42.65 21.44
CA LEU E 107 -29.39 42.93 21.89
C LEU E 107 -28.99 42.03 23.03
N ALA E 108 -29.90 41.81 24.00
CA ALA E 108 -29.52 40.98 25.14
C ALA E 108 -29.21 39.56 24.69
N LEU E 109 -29.97 39.05 23.73
CA LEU E 109 -29.74 37.71 23.19
C LEU E 109 -28.46 37.65 22.35
N PHE E 110 -28.23 38.68 21.56
CA PHE E 110 -27.05 38.82 20.71
C PHE E 110 -25.75 38.90 21.52
N SER E 111 -25.80 39.70 22.58
CA SER E 111 -24.66 39.90 23.45
C SER E 111 -24.34 38.57 24.18
N GLN E 112 -25.39 37.82 24.51
CA GLN E 112 -25.24 36.52 25.13
C GLN E 112 -24.57 35.49 24.19
N ARG E 113 -24.97 35.48 22.91
CA ARG E 113 -24.31 34.60 21.92
C ARG E 113 -22.82 34.95 21.72
N GLU E 114 -22.50 36.23 21.65
CA GLU E 114 -21.11 36.69 21.55
C GLU E 114 -20.25 36.21 22.73
N ARG E 115 -20.71 36.47 23.95
CA ARG E 115 -19.99 36.05 25.16
C ARG E 115 -19.85 34.54 25.24
N ALA E 116 -20.86 33.82 24.77
CA ALA E 116 -20.78 32.37 24.78
C ALA E 116 -19.79 31.81 23.72
N SER E 117 -19.37 32.65 22.76
CA SER E 117 -18.52 32.21 21.65
C SER E 117 -17.08 32.74 21.66
N ARG E 118 -16.62 33.26 22.80
CA ARG E 118 -15.32 33.95 22.89
C ARG E 118 -14.12 33.02 23.14
N ARG E 119 -14.40 31.82 23.61
CA ARG E 119 -13.38 30.90 24.09
C ARG E 119 -12.66 30.20 22.96
N VAL E 120 -11.39 29.91 23.22
CA VAL E 120 -10.56 29.04 22.37
C VAL E 120 -10.22 27.78 23.17
N ASP E 121 -10.17 26.64 22.50
CA ASP E 121 -9.81 25.37 23.15
C ASP E 121 -8.30 25.23 23.28
N ARG E 122 -7.85 24.17 23.96
CA ARG E 122 -6.43 23.93 24.15
C ARG E 122 -5.63 23.79 22.86
N SER E 123 -6.24 23.17 21.83
CA SER E 123 -5.59 23.01 20.53
C SER E 123 -5.21 24.34 19.90
N MET E 124 -6.10 25.32 20.04
CA MET E 124 -5.84 26.66 19.55
C MET E 124 -4.74 27.32 20.37
N LEU E 125 -4.76 27.14 21.71
CA LEU E 125 -3.74 27.73 22.55
C LEU E 125 -2.37 27.15 22.22
N SER E 126 -2.36 25.88 21.83
CA SER E 126 -1.14 25.18 21.42
C SER E 126 -0.57 25.74 20.13
N LEU E 127 -1.41 25.85 19.10
CA LEU E 127 -1.04 26.53 17.88
C LEU E 127 -0.40 27.89 18.15
N LEU E 128 -1.09 28.72 18.94
CA LEU E 128 -0.64 30.08 19.24
C LEU E 128 0.71 30.12 19.91
N ALA E 129 0.94 29.22 20.86
CA ALA E 129 2.21 29.10 21.57
C ALA E 129 3.36 28.63 20.67
N LYS E 130 3.03 27.84 19.65
CA LYS E 130 4.00 27.24 18.76
C LYS E 130 4.52 28.17 17.66
N LEU E 131 3.72 29.17 17.30
CA LEU E 131 4.11 30.13 16.26
C LEU E 131 5.35 30.88 16.76
N PRO E 132 6.28 31.22 15.84
CA PRO E 132 7.53 31.89 16.25
C PRO E 132 7.32 33.12 17.15
N ASP E 133 8.23 33.29 18.11
CA ASP E 133 8.28 34.45 19.04
C ASP E 133 8.17 35.81 18.33
N ASN E 134 8.72 35.88 17.12
CA ASN E 134 8.98 37.14 16.44
C ASN E 134 8.37 37.31 15.04
N CYS E 135 7.33 36.53 14.74
CA CYS E 135 6.64 36.73 13.48
C CYS E 135 5.75 37.95 13.66
N HIS E 136 5.30 38.55 12.58
CA HIS E 136 4.35 39.65 12.69
C HIS E 136 3.01 39.16 13.27
N PRO E 137 2.48 39.88 14.27
CA PRO E 137 1.19 39.53 14.89
C PRO E 137 0.06 39.27 13.90
N MET E 138 0.08 39.91 12.74
CA MET E 138 -0.91 39.62 11.72
C MET E 138 -0.82 38.20 11.18
N ASP E 139 0.39 37.61 11.20
CA ASP E 139 0.56 36.22 10.77
C ASP E 139 -0.20 35.28 11.72
N VAL E 140 -0.22 35.64 12.99
CA VAL E 140 -0.87 34.83 14.00
C VAL E 140 -2.37 34.80 13.72
N VAL E 141 -2.93 35.97 13.48
CA VAL E 141 -4.36 36.09 13.17
C VAL E 141 -4.69 35.34 11.87
N ARG E 142 -3.88 35.56 10.83
CA ARG E 142 -4.01 34.84 9.56
C ARG E 142 -4.02 33.31 9.78
N THR E 143 -3.02 32.80 10.49
CA THR E 143 -2.90 31.38 10.73
C THR E 143 -4.03 30.87 11.65
N ALA E 144 -4.40 31.66 12.67
CA ALA E 144 -5.43 31.22 13.61
C ALA E 144 -6.78 31.08 12.92
N ILE E 145 -7.12 32.07 12.12
CA ILE E 145 -8.41 32.07 11.46
C ILE E 145 -8.50 30.90 10.45
N SER E 146 -7.42 30.69 9.69
CA SER E 146 -7.36 29.58 8.74
C SER E 146 -7.53 28.28 9.49
N TYR E 147 -6.93 28.21 10.67
CA TYR E 147 -7.04 27.02 11.52
C TYR E 147 -8.48 26.79 11.99
N LEU E 148 -9.15 27.85 12.47
CA LEU E 148 -10.55 27.78 12.89
C LEU E 148 -11.46 27.33 11.76
N GLY E 149 -11.15 27.76 10.55
CA GLY E 149 -11.89 27.32 9.36
C GLY E 149 -11.81 25.82 9.15
N ALA E 150 -10.61 25.28 9.34
CA ALA E 150 -10.36 23.86 9.23
C ALA E 150 -11.09 23.08 10.33
N GLU E 151 -11.25 23.67 11.51
CA GLU E 151 -12.01 23.01 12.57
C GLU E 151 -13.53 23.16 12.48
N ASP E 152 -14.03 23.98 11.57
CA ASP E 152 -15.48 24.25 11.56
C ASP E 152 -16.25 23.31 10.59
N PRO E 153 -17.07 22.38 11.11
CA PRO E 153 -17.78 21.50 10.16
C PRO E 153 -18.76 22.23 9.23
N ASP E 154 -19.13 23.46 9.57
CA ASP E 154 -20.00 24.30 8.73
C ASP E 154 -19.24 25.23 7.80
N GLU E 155 -17.92 25.08 7.74
CA GLU E 155 -17.05 26.00 7.00
C GLU E 155 -17.54 26.33 5.59
N ASP E 156 -18.06 25.32 4.90
CA ASP E 156 -18.35 25.44 3.45
C ASP E 156 -19.84 25.58 3.14
N ASP E 157 -20.64 25.73 4.18
CA ASP E 157 -22.08 25.90 4.03
C ASP E 157 -22.38 27.40 4.13
N ALA E 158 -22.70 27.99 2.99
CA ALA E 158 -22.95 29.42 2.94
C ALA E 158 -24.16 29.83 3.79
N ALA E 159 -25.13 28.92 3.97
CA ALA E 159 -26.32 29.21 4.77
C ALA E 159 -25.99 29.40 6.26
N ALA E 160 -24.78 29.03 6.67
CA ALA E 160 -24.34 29.25 8.05
C ALA E 160 -23.40 30.45 8.23
N ASN E 161 -23.26 31.27 7.21
CA ASN E 161 -22.44 32.50 7.27
C ASN E 161 -22.68 33.41 8.50
N ARG E 162 -23.94 33.63 8.88
CA ARG E 162 -24.23 34.51 10.03
C ARG E 162 -23.60 33.97 11.28
N ALA E 163 -23.79 32.67 11.51
CA ALA E 163 -23.21 32.00 12.67
C ALA E 163 -21.66 32.03 12.65
N LYS E 164 -21.06 31.80 11.49
CA LYS E 164 -19.59 31.82 11.40
C LYS E 164 -19.03 33.25 11.59
N ALA E 165 -19.74 34.24 11.07
CA ALA E 165 -19.36 35.64 11.30
C ALA E 165 -19.41 35.99 12.81
N MET E 166 -20.44 35.52 13.50
CA MET E 166 -20.55 35.70 14.92
C MET E 166 -19.39 35.06 15.67
N ARG E 167 -19.05 33.81 15.35
CA ARG E 167 -17.92 33.15 16.06
C ARG E 167 -16.60 33.85 15.80
N MET E 168 -16.38 34.27 14.57
CA MET E 168 -15.11 34.91 14.24
C MET E 168 -14.98 36.27 14.96
N MET E 169 -16.05 37.05 14.97
CA MET E 169 -16.06 38.32 15.68
C MET E 169 -15.76 38.15 17.19
N ALA E 170 -16.34 37.10 17.78
CA ALA E 170 -16.21 36.88 19.22
C ALA E 170 -14.83 36.38 19.64
N VAL E 171 -14.19 35.62 18.76
CA VAL E 171 -12.94 34.90 19.10
C VAL E 171 -11.70 35.68 18.79
N LEU E 172 -11.76 36.58 17.81
CA LEU E 172 -10.58 37.36 17.42
C LEU E 172 -9.91 38.13 18.59
N PRO E 173 -10.70 38.87 19.40
CA PRO E 173 -10.11 39.61 20.52
C PRO E 173 -9.39 38.70 21.48
N THR E 174 -9.91 37.48 21.63
CA THR E 174 -9.30 36.48 22.52
C THR E 174 -7.94 36.07 21.99
N ILE E 175 -7.88 35.86 20.69
CA ILE E 175 -6.65 35.53 19.98
C ILE E 175 -5.67 36.70 20.05
N VAL E 176 -6.13 37.90 19.70
CA VAL E 176 -5.27 39.08 19.68
C VAL E 176 -4.64 39.32 21.05
N ALA E 177 -5.46 39.22 22.10
CA ALA E 177 -4.98 39.48 23.47
C ALA E 177 -3.95 38.46 23.96
N ILE E 178 -4.22 37.18 23.70
CA ILE E 178 -3.25 36.14 24.04
C ILE E 178 -1.92 36.45 23.38
N ASP E 179 -1.94 36.75 22.10
CA ASP E 179 -0.70 36.94 21.38
C ASP E 179 0.04 38.20 21.85
N MET E 180 -0.70 39.26 22.17
CA MET E 180 -0.13 40.49 22.71
C MET E 180 0.56 40.24 24.05
N ARG E 181 -0.09 39.47 24.92
CA ARG E 181 0.48 39.12 26.21
C ARG E 181 1.65 38.14 26.09
N ARG E 182 1.60 37.25 25.11
CA ARG E 182 2.65 36.25 24.90
C ARG E 182 3.99 36.92 24.64
N ARG E 183 3.96 38.00 23.87
CA ARG E 183 5.16 38.76 23.50
C ARG E 183 5.70 39.59 24.67
N ARG E 184 4.92 39.65 25.74
CA ARG E 184 5.33 40.31 26.98
C ARG E 184 5.66 39.29 28.07
N GLY E 185 5.75 38.02 27.68
CA GLY E 185 6.03 36.94 28.61
C GLY E 185 4.89 36.68 29.59
N LEU E 186 3.66 37.01 29.17
CA LEU E 186 2.48 36.87 30.03
C LEU E 186 1.48 35.78 29.56
N PRO E 187 0.93 35.01 30.51
CA PRO E 187 -0.03 33.97 30.12
C PRO E 187 -1.39 34.59 29.74
N PRO E 188 -2.26 33.81 29.07
CA PRO E 188 -3.58 34.32 28.70
C PRO E 188 -4.50 34.60 29.91
N ILE E 189 -5.44 35.53 29.74
CA ILE E 189 -6.50 35.74 30.71
C ILE E 189 -7.81 35.36 30.03
N ALA E 190 -8.60 34.53 30.69
CA ALA E 190 -9.85 34.03 30.13
C ALA E 190 -10.84 35.15 29.79
N PRO E 191 -11.59 34.99 28.68
CA PRO E 191 -12.71 35.92 28.45
C PRO E 191 -13.63 35.90 29.67
N HIS E 192 -14.29 37.03 29.95
CA HIS E 192 -15.12 37.14 31.13
C HIS E 192 -16.58 37.34 30.73
N SER E 193 -17.44 36.38 31.07
CA SER E 193 -18.79 36.36 30.53
C SER E 193 -19.67 37.46 31.12
N GLY E 194 -19.21 38.09 32.19
CA GLY E 194 -19.89 39.25 32.77
C GLY E 194 -19.43 40.61 32.24
N LEU E 195 -18.51 40.62 31.27
CA LEU E 195 -18.02 41.85 30.66
C LEU E 195 -18.47 42.03 29.23
N GLY E 196 -18.86 43.24 28.86
CA GLY E 196 -19.17 43.54 27.44
C GLY E 196 -17.94 43.48 26.54
N TYR E 197 -18.17 43.55 25.23
CA TYR E 197 -17.11 43.36 24.23
C TYR E 197 -15.87 44.20 24.52
N ALA E 198 -16.07 45.51 24.60
CA ALA E 198 -14.97 46.47 24.83
C ALA E 198 -14.25 46.24 26.17
N GLN E 199 -15.02 46.06 27.24
CA GLN E 199 -14.42 45.84 28.56
C GLN E 199 -13.61 44.54 28.56
N ASN E 200 -14.13 43.53 27.88
CA ASN E 200 -13.56 42.19 27.94
C ASN E 200 -12.18 42.16 27.28
N PHE E 201 -12.06 42.82 26.13
CA PHE E 201 -10.80 42.82 25.41
C PHE E 201 -9.75 43.48 26.28
N LEU E 202 -10.10 44.67 26.77
CA LEU E 202 -9.27 45.42 27.68
C LEU E 202 -8.86 44.59 28.87
N HIS E 203 -9.82 43.87 29.45
CA HIS E 203 -9.55 42.97 30.59
C HIS E 203 -8.65 41.81 30.20
N MET E 204 -8.81 41.30 28.97
CA MET E 204 -8.00 40.16 28.54
C MET E 204 -6.60 40.61 28.19
N CYS E 205 -6.44 41.89 27.83
CA CYS E 205 -5.12 42.44 27.60
C CYS E 205 -4.38 42.77 28.88
N PHE E 206 -5.04 43.48 29.81
CA PHE E 206 -4.31 44.03 30.97
C PHE E 206 -4.67 43.44 32.35
N GLY E 207 -5.76 42.68 32.45
CA GLY E 207 -6.14 42.09 33.72
C GLY E 207 -7.01 42.97 34.60
N GLU E 208 -7.23 44.20 34.12
CA GLU E 208 -8.08 45.17 34.81
C GLU E 208 -8.84 45.95 33.75
N VAL E 209 -10.14 46.15 33.96
CA VAL E 209 -10.89 47.08 33.13
C VAL E 209 -10.40 48.47 33.51
N PRO E 210 -9.86 49.22 32.54
CA PRO E 210 -9.32 50.56 32.83
C PRO E 210 -10.44 51.57 33.04
N GLU E 211 -10.06 52.84 33.14
CA GLU E 211 -10.98 53.97 33.19
C GLU E 211 -12.02 53.99 32.08
N THR E 212 -13.15 54.61 32.37
CA THR E 212 -14.19 54.82 31.38
C THR E 212 -13.74 55.70 30.19
N ALA E 213 -12.74 56.55 30.41
CA ALA E 213 -12.21 57.37 29.30
C ALA E 213 -11.53 56.49 28.26
N VAL E 214 -10.82 55.47 28.73
CA VAL E 214 -10.15 54.51 27.86
C VAL E 214 -11.14 53.55 27.17
N VAL E 215 -12.05 52.97 27.96
CA VAL E 215 -13.03 52.00 27.47
C VAL E 215 -13.83 52.60 26.32
N SER E 216 -14.35 53.80 26.56
CA SER E 216 -15.18 54.53 25.61
C SER E 216 -14.40 54.88 24.34
N ALA E 217 -13.15 55.29 24.52
CA ALA E 217 -12.30 55.64 23.38
C ALA E 217 -12.01 54.40 22.52
N PHE E 218 -11.72 53.28 23.18
CA PHE E 218 -11.51 52.02 22.48
C PHE E 218 -12.80 51.53 21.79
N GLU E 219 -13.94 51.63 22.47
CA GLU E 219 -15.20 51.23 21.88
C GLU E 219 -15.55 52.04 20.63
N GLN E 220 -15.19 53.32 20.64
CA GLN E 220 -15.47 54.21 19.53
C GLN E 220 -14.59 53.87 18.34
N SER E 221 -13.33 53.55 18.60
CA SER E 221 -12.40 53.07 17.58
C SER E 221 -12.96 51.83 16.86
N MET E 222 -13.48 50.87 17.64
CA MET E 222 -14.09 49.65 17.11
C MET E 222 -15.28 49.94 16.23
N ILE E 223 -16.08 50.92 16.63
CA ILE E 223 -17.21 51.37 15.81
C ILE E 223 -16.74 52.06 14.53
N LEU E 224 -15.69 52.86 14.67
CA LEU E 224 -15.17 53.68 13.56
C LEU E 224 -14.44 52.85 12.53
N TYR E 225 -13.72 51.82 13.00
CA TYR E 225 -13.01 50.91 12.10
C TYR E 225 -13.92 49.86 11.44
N ALA E 226 -15.15 49.69 11.94
CA ALA E 226 -15.97 48.50 11.60
C ALA E 226 -16.22 48.24 10.12
N GLU E 227 -16.41 49.31 9.35
CA GLU E 227 -16.85 49.18 7.97
C GLU E 227 -16.46 50.39 7.12
N HIS E 228 -16.15 50.13 5.85
CA HIS E 228 -15.72 51.20 4.96
C HIS E 228 -15.73 50.87 3.47
N GLY E 229 -16.83 50.28 2.99
CA GLY E 229 -16.99 50.03 1.56
C GLY E 229 -15.99 49.04 0.95
N PHE E 230 -15.69 49.26 -0.33
CA PHE E 230 -14.81 48.39 -1.10
C PHE E 230 -13.35 48.78 -0.98
N ASN E 231 -12.90 48.97 0.25
CA ASN E 231 -11.48 49.09 0.53
C ASN E 231 -10.76 47.78 0.12
N ALA E 232 -9.42 47.77 0.13
CA ALA E 232 -8.69 46.68 -0.50
C ALA E 232 -8.93 45.33 0.18
N SER E 233 -9.02 45.32 1.51
CA SER E 233 -9.22 44.10 2.27
C SER E 233 -10.63 43.55 2.07
N THR E 234 -11.62 44.44 2.12
CA THR E 234 -13.00 44.06 1.81
C THR E 234 -13.11 43.56 0.38
N PHE E 235 -12.46 44.23 -0.56
CA PHE E 235 -12.51 43.76 -1.94
C PHE E 235 -11.87 42.35 -2.11
N ALA E 236 -10.72 42.11 -1.48
CA ALA E 236 -10.10 40.77 -1.48
C ALA E 236 -11.03 39.67 -0.96
N ALA E 237 -11.73 39.96 0.13
CA ALA E 237 -12.74 39.02 0.64
C ALA E 237 -13.87 38.82 -0.36
N ARG E 238 -14.23 39.87 -1.10
CA ARG E 238 -15.28 39.71 -2.11
C ARG E 238 -14.77 38.89 -3.32
N VAL E 239 -13.50 39.05 -3.67
CA VAL E 239 -12.92 38.30 -4.76
C VAL E 239 -12.94 36.80 -4.40
N VAL E 240 -12.45 36.48 -3.20
CA VAL E 240 -12.43 35.11 -2.72
C VAL E 240 -13.83 34.50 -2.73
N THR E 241 -14.80 35.24 -2.21
CA THR E 241 -16.19 34.82 -2.18
C THR E 241 -16.75 34.62 -3.58
N SER E 242 -16.27 35.40 -4.53
CA SER E 242 -16.83 35.34 -5.89
C SER E 242 -16.68 34.01 -6.61
N THR E 243 -15.73 33.17 -6.17
CA THR E 243 -15.58 31.81 -6.72
C THR E 243 -16.45 30.77 -6.00
N GLN E 244 -17.29 31.20 -5.07
CA GLN E 244 -18.05 30.32 -4.14
C GLN E 244 -17.22 29.67 -3.02
N SER E 245 -16.05 30.23 -2.77
CA SER E 245 -15.20 29.78 -1.66
C SER E 245 -15.77 30.23 -0.32
N ASP E 246 -15.25 29.69 0.75
CA ASP E 246 -15.89 29.85 2.04
C ASP E 246 -15.47 31.16 2.74
N ILE E 247 -16.23 31.50 3.76
CA ILE E 247 -16.05 32.71 4.55
C ILE E 247 -14.71 32.77 5.30
N TYR E 248 -14.22 31.63 5.77
CA TYR E 248 -12.91 31.65 6.46
C TYR E 248 -11.77 31.94 5.49
N SER E 249 -11.86 31.38 4.28
CA SER E 249 -10.92 31.69 3.21
C SER E 249 -11.03 33.16 2.80
N ALA E 250 -12.25 33.68 2.75
CA ALA E 250 -12.40 35.07 2.39
C ALA E 250 -11.77 35.94 3.47
N VAL E 251 -12.08 35.68 4.75
CA VAL E 251 -11.51 36.47 5.85
C VAL E 251 -9.97 36.36 5.92
N THR E 252 -9.43 35.16 5.76
CA THR E 252 -7.98 34.95 5.71
C THR E 252 -7.35 35.79 4.59
N GLY E 253 -7.97 35.84 3.42
CA GLY E 253 -7.51 36.71 2.34
C GLY E 253 -7.50 38.18 2.78
N ALA E 254 -8.63 38.67 3.28
CA ALA E 254 -8.77 40.06 3.77
C ALA E 254 -7.71 40.42 4.81
N ILE E 255 -7.50 39.54 5.80
CA ILE E 255 -6.47 39.72 6.80
C ILE E 255 -5.11 39.93 6.11
N GLY E 256 -4.84 39.15 5.07
CA GLY E 256 -3.64 39.32 4.27
C GLY E 256 -3.55 40.70 3.65
N ALA E 257 -4.63 41.15 3.04
CA ALA E 257 -4.66 42.49 2.46
C ALA E 257 -4.46 43.60 3.51
N LEU E 258 -5.12 43.48 4.67
CA LEU E 258 -5.04 44.49 5.72
C LEU E 258 -3.64 44.69 6.35
N LYS E 259 -2.80 43.66 6.27
CA LYS E 259 -1.46 43.73 6.87
C LYS E 259 -0.54 44.80 6.26
N GLY E 260 -0.77 45.11 4.98
CA GLY E 260 0.09 46.02 4.22
C GLY E 260 0.10 47.42 4.77
N ARG E 261 1.30 48.01 4.75
CA ARG E 261 1.52 49.40 5.21
C ARG E 261 0.60 50.38 4.48
N LEU E 262 0.23 50.07 3.24
CA LEU E 262 -0.66 50.96 2.48
C LEU E 262 -2.12 50.83 2.85
N HIS E 263 -2.43 49.90 3.75
CA HIS E 263 -3.80 49.66 4.22
C HIS E 263 -3.76 49.71 5.75
N GLY E 264 -4.13 48.62 6.44
CA GLY E 264 -4.17 48.63 7.89
C GLY E 264 -2.88 48.68 8.69
N GLY E 265 -1.74 48.38 8.04
CA GLY E 265 -0.45 48.44 8.72
C GLY E 265 -0.03 49.89 9.02
N ALA E 266 -0.82 50.83 8.50
CA ALA E 266 -0.58 52.26 8.64
C ALA E 266 -0.70 52.74 10.08
N ASN E 267 -1.69 52.23 10.82
CA ASN E 267 -1.78 52.60 12.23
C ASN E 267 -0.50 52.29 13.00
N GLU E 268 0.08 51.11 12.73
CA GLU E 268 1.34 50.71 13.35
C GLU E 268 2.47 51.66 12.92
N ALA E 269 2.52 51.95 11.62
CA ALA E 269 3.60 52.74 11.04
C ALA E 269 3.59 54.20 11.53
N VAL E 270 2.39 54.74 11.71
CA VAL E 270 2.21 56.10 12.21
C VAL E 270 2.91 56.25 13.56
N MET E 271 2.66 55.29 14.45
CA MET E 271 3.26 55.30 15.78
C MET E 271 4.76 55.04 15.74
N HIS E 272 5.21 54.20 14.81
CA HIS E 272 6.65 54.07 14.64
C HIS E 272 7.26 55.39 14.21
N ASP E 273 6.58 56.08 13.29
CA ASP E 273 7.04 57.40 12.83
C ASP E 273 7.15 58.38 14.00
N MET E 274 6.07 58.47 14.80
CA MET E 274 6.04 59.36 15.97
C MET E 274 7.09 59.03 17.02
N ILE E 275 7.31 57.74 17.28
CA ILE E 275 8.34 57.32 18.23
C ILE E 275 9.74 57.77 17.80
N GLU E 276 10.01 57.71 16.50
CA GLU E 276 11.32 58.10 16.02
C GLU E 276 11.44 59.61 15.79
N ILE E 277 10.31 60.29 15.53
CA ILE E 277 10.28 61.76 15.58
C ILE E 277 10.64 62.16 17.01
N GLY E 278 9.97 61.54 17.98
CA GLY E 278 10.31 61.66 19.40
C GLY E 278 9.87 62.93 20.10
N ASP E 279 9.90 64.04 19.37
CA ASP E 279 9.68 65.37 19.94
C ASP E 279 9.05 66.28 18.90
N PRO E 280 8.01 67.06 19.28
CA PRO E 280 7.32 67.91 18.31
C PRO E 280 8.24 68.91 17.61
N ALA E 281 9.43 69.10 18.18
CA ALA E 281 10.41 70.04 17.63
C ALA E 281 11.12 69.50 16.38
N ASN E 282 11.38 68.19 16.36
CA ASN E 282 12.01 67.56 15.19
C ASN E 282 11.05 67.40 14.01
N ALA E 283 9.75 67.61 14.28
CA ALA E 283 8.67 67.25 13.35
C ALA E 283 8.76 67.91 11.98
N ARG E 284 8.76 69.25 11.95
CA ARG E 284 8.76 70.01 10.69
C ARG E 284 9.92 69.65 9.76
N GLU E 285 11.07 69.34 10.36
CA GLU E 285 12.25 68.91 9.61
C GLU E 285 12.16 67.45 9.15
N TRP E 286 11.77 66.56 10.06
CA TRP E 286 11.58 65.12 9.76
C TRP E 286 10.70 64.94 8.52
N LEU E 287 9.60 65.67 8.47
CA LEU E 287 8.65 65.60 7.36
C LEU E 287 9.26 66.03 6.03
N ARG E 288 9.98 67.15 6.05
CA ARG E 288 10.55 67.73 4.83
C ARG E 288 11.56 66.79 4.17
N ALA E 289 12.41 66.15 4.99
CA ALA E 289 13.36 65.15 4.50
C ALA E 289 12.67 63.95 3.86
N LYS E 290 11.55 63.52 4.44
CA LYS E 290 10.78 62.37 3.92
C LYS E 290 10.07 62.73 2.62
N LEU E 291 9.59 63.96 2.51
CA LEU E 291 9.01 64.46 1.26
C LEU E 291 10.06 64.65 0.18
N ALA E 292 11.28 65.01 0.60
CA ALA E 292 12.41 65.15 -0.33
C ALA E 292 12.79 63.80 -0.93
N ARG E 293 12.80 62.76 -0.11
CA ARG E 293 13.04 61.40 -0.60
C ARG E 293 11.82 60.85 -1.37
N LYS E 294 10.75 61.67 -1.42
CA LYS E 294 9.45 61.28 -1.99
C LYS E 294 8.86 59.99 -1.39
N GLU E 295 8.92 59.89 -0.06
CA GLU E 295 8.37 58.76 0.69
C GLU E 295 6.90 58.98 1.03
N LYS E 296 6.13 57.90 1.09
CA LYS E 296 4.71 57.96 1.48
C LYS E 296 4.61 58.26 2.98
N ILE E 297 3.79 59.25 3.31
CA ILE E 297 3.57 59.63 4.71
C ILE E 297 2.35 58.89 5.27
N MET E 298 2.60 58.07 6.28
CA MET E 298 1.56 57.23 6.86
C MET E 298 0.61 58.06 7.71
N GLY E 299 -0.67 57.75 7.62
CA GLY E 299 -1.72 58.54 8.28
C GLY E 299 -2.35 59.57 7.36
N PHE E 300 -1.81 59.70 6.16
CA PHE E 300 -2.26 60.67 5.18
C PHE E 300 -2.23 60.01 3.80
N GLY E 301 -3.35 60.11 3.08
CA GLY E 301 -3.48 59.50 1.75
C GLY E 301 -4.72 58.62 1.73
N HIS E 302 -5.68 58.97 0.88
CA HIS E 302 -6.87 58.16 0.73
C HIS E 302 -7.40 58.18 -0.69
N ARG E 303 -7.75 56.99 -1.19
CA ARG E 303 -8.32 56.83 -2.53
C ARG E 303 -9.71 57.51 -2.68
N VAL E 304 -10.48 57.59 -1.59
CA VAL E 304 -11.84 58.15 -1.63
C VAL E 304 -11.93 59.60 -1.12
N TYR E 305 -11.44 59.82 0.09
CA TYR E 305 -11.55 61.11 0.77
C TYR E 305 -10.66 62.19 0.17
N ARG E 306 -11.29 63.29 -0.24
CA ARG E 306 -10.59 64.42 -0.86
C ARG E 306 -10.45 65.62 0.07
N HIS E 307 -11.48 65.85 0.88
CA HIS E 307 -11.57 67.01 1.75
C HIS E 307 -11.69 66.58 3.22
N GLY E 308 -11.05 65.47 3.55
CA GLY E 308 -11.01 64.99 4.93
C GLY E 308 -11.73 63.67 5.13
N ASP E 309 -11.20 62.88 6.05
CA ASP E 309 -11.75 61.59 6.46
C ASP E 309 -12.82 61.80 7.51
N SER E 310 -14.04 61.39 7.17
CA SER E 310 -15.20 61.68 8.01
C SER E 310 -15.26 60.91 9.33
N ARG E 311 -14.27 60.05 9.56
CA ARG E 311 -14.21 59.32 10.83
C ARG E 311 -13.18 59.97 11.74
N VAL E 312 -12.36 60.85 11.18
CA VAL E 312 -11.25 61.47 11.92
C VAL E 312 -11.67 62.39 13.09
N PRO E 313 -12.70 63.25 12.89
CA PRO E 313 -13.10 64.12 14.00
C PRO E 313 -13.44 63.36 15.28
N THR E 314 -14.34 62.37 15.19
CA THR E 314 -14.65 61.52 16.34
C THR E 314 -13.40 60.94 17.01
N MET E 315 -12.48 60.38 16.22
CA MET E 315 -11.31 59.70 16.79
C MET E 315 -10.29 60.66 17.39
N LYS E 316 -10.18 61.85 16.79
CA LYS E 316 -9.34 62.94 17.32
C LYS E 316 -9.84 63.32 18.72
N ARG E 317 -11.15 63.51 18.85
CA ARG E 317 -11.79 63.72 20.16
C ARG E 317 -11.45 62.59 21.13
N ALA E 318 -11.56 61.34 20.69
CA ALA E 318 -11.24 60.18 21.54
C ALA E 318 -9.78 60.18 21.97
N LEU E 319 -8.90 60.53 21.04
CA LEU E 319 -7.46 60.59 21.32
C LEU E 319 -7.14 61.60 22.44
N GLU E 320 -7.76 62.77 22.34
CA GLU E 320 -7.60 63.82 23.36
C GLU E 320 -8.12 63.39 24.73
N ARG E 321 -9.25 62.68 24.77
CA ARG E 321 -9.78 62.16 26.04
C ARG E 321 -8.80 61.18 26.70
N VAL E 322 -8.18 60.32 25.91
CA VAL E 322 -7.16 59.42 26.43
C VAL E 322 -5.89 60.21 26.82
N GLY E 323 -5.57 61.23 26.03
CA GLY E 323 -4.41 62.10 26.29
C GLY E 323 -4.42 62.78 27.65
N THR E 324 -5.58 63.31 28.04
CA THR E 324 -5.72 64.05 29.30
C THR E 324 -5.54 63.13 30.49
N VAL E 325 -5.81 61.84 30.27
CA VAL E 325 -5.86 60.86 31.34
C VAL E 325 -4.64 59.93 31.34
N ARG E 326 -3.88 59.93 30.25
CA ARG E 326 -2.76 59.00 30.12
C ARG E 326 -1.44 59.70 29.78
N ASP E 327 -1.38 61.01 30.06
CA ASP E 327 -0.15 61.80 29.88
C ASP E 327 0.33 61.77 28.43
N GLY E 328 -0.51 62.23 27.53
CA GLY E 328 -0.21 62.06 26.12
C GLY E 328 0.02 63.33 25.34
N GLN E 329 0.52 64.37 26.00
CA GLN E 329 0.68 65.67 25.33
C GLN E 329 1.75 65.61 24.23
N ARG E 330 2.84 64.91 24.51
CA ARG E 330 3.87 64.70 23.50
C ARG E 330 3.28 64.30 22.14
N TRP E 331 2.33 63.37 22.15
CA TRP E 331 1.78 62.82 20.91
C TRP E 331 0.65 63.66 20.33
N LEU E 332 -0.14 64.29 21.21
CA LEU E 332 -1.13 65.28 20.77
C LEU E 332 -0.43 66.46 20.10
N ASP E 333 0.84 66.70 20.48
CA ASP E 333 1.64 67.79 19.95
C ASP E 333 2.20 67.41 18.59
N ILE E 334 2.96 66.32 18.52
CA ILE E 334 3.45 65.79 17.24
C ILE E 334 2.31 65.71 16.23
N TYR E 335 1.12 65.37 16.70
CA TYR E 335 -0.08 65.33 15.89
C TYR E 335 -0.34 66.69 15.23
N GLN E 336 -0.71 67.69 16.03
CA GLN E 336 -1.00 69.08 15.59
C GLN E 336 -0.01 69.62 14.55
N VAL E 337 1.27 69.40 14.81
CA VAL E 337 2.35 69.91 13.99
C VAL E 337 2.45 69.13 12.67
N LEU E 338 2.57 67.80 12.75
CA LEU E 338 2.68 66.95 11.56
C LEU E 338 1.49 67.14 10.62
N ALA E 339 0.30 67.35 11.21
CA ALA E 339 -0.92 67.61 10.46
C ALA E 339 -0.88 68.96 9.73
N ALA E 340 -0.55 70.03 10.46
CA ALA E 340 -0.49 71.38 9.90
C ALA E 340 0.58 71.49 8.81
N GLU E 341 1.75 70.94 9.10
CA GLU E 341 2.87 70.91 8.17
C GLU E 341 2.62 70.05 6.92
N MET E 342 1.69 69.08 7.01
CA MET E 342 1.27 68.29 5.86
C MET E 342 0.24 69.05 5.03
N ALA E 343 -0.66 69.75 5.71
CA ALA E 343 -1.65 70.59 5.03
C ALA E 343 -0.92 71.62 4.16
N SER E 344 0.08 72.31 4.74
CA SER E 344 0.90 73.30 4.05
C SER E 344 1.61 72.73 2.82
N ALA E 345 2.50 71.76 3.05
CA ALA E 345 3.37 71.24 2.00
C ALA E 345 2.66 70.48 0.88
N THR E 346 1.64 69.67 1.22
CA THR E 346 0.96 68.81 0.23
C THR E 346 -0.53 69.07 0.05
N GLY E 347 -1.19 69.59 1.08
CA GLY E 347 -2.64 69.76 1.06
C GLY E 347 -3.46 68.55 1.51
N ILE E 348 -2.79 67.41 1.72
CA ILE E 348 -3.43 66.15 2.11
C ILE E 348 -3.77 66.13 3.62
N LEU E 349 -4.98 65.68 3.94
CA LEU E 349 -5.45 65.61 5.34
C LEU E 349 -5.27 64.22 5.98
N PRO E 350 -5.18 64.17 7.32
CA PRO E 350 -5.12 62.91 8.08
C PRO E 350 -6.29 61.97 7.77
N ASN E 351 -5.97 60.67 7.63
CA ASN E 351 -6.97 59.59 7.60
C ASN E 351 -7.08 58.92 8.98
N LEU E 352 -8.07 58.04 9.15
CA LEU E 352 -8.40 57.45 10.45
C LEU E 352 -7.20 56.84 11.18
N ASP E 353 -6.27 56.24 10.43
CA ASP E 353 -5.12 55.59 11.05
C ASP E 353 -4.25 56.57 11.86
N PHE E 354 -4.34 57.86 11.54
CA PHE E 354 -3.46 58.87 12.15
C PHE E 354 -3.76 59.19 13.63
N PRO E 355 -5.01 59.58 13.95
CA PRO E 355 -5.25 59.69 15.40
C PRO E 355 -5.30 58.32 16.12
N THR E 356 -5.54 57.23 15.37
CA THR E 356 -5.74 55.90 15.96
C THR E 356 -4.49 55.35 16.61
N GLY E 357 -3.36 55.47 15.92
CA GLY E 357 -2.08 54.97 16.41
C GLY E 357 -1.68 55.45 17.79
N PRO E 358 -1.64 56.78 18.00
CA PRO E 358 -1.30 57.30 19.33
C PRO E 358 -2.32 56.93 20.43
N ALA E 359 -3.60 56.85 20.05
CA ALA E 359 -4.65 56.40 20.98
C ALA E 359 -4.41 54.96 21.50
N TYR E 360 -4.24 54.01 20.58
CA TYR E 360 -3.89 52.63 20.92
C TYR E 360 -2.65 52.59 21.79
N TYR E 361 -1.66 53.42 21.41
CA TYR E 361 -0.40 53.49 22.15
C TYR E 361 -0.64 53.91 23.60
N LEU E 362 -1.51 54.91 23.78
CA LEU E 362 -1.80 55.47 25.09
C LEU E 362 -2.68 54.53 25.90
N MET E 363 -3.53 53.79 25.20
CA MET E 363 -4.40 52.80 25.85
C MET E 363 -3.64 51.64 26.49
N GLY E 364 -2.41 51.42 26.06
CA GLY E 364 -1.57 50.34 26.61
C GLY E 364 -1.15 49.27 25.60
N PHE E 365 -1.76 49.28 24.42
CA PHE E 365 -1.52 48.25 23.41
C PHE E 365 -0.13 48.31 22.79
N ASP E 366 0.45 47.14 22.56
CA ASP E 366 1.71 47.05 21.86
C ASP E 366 1.54 47.43 20.39
N ILE E 367 2.49 48.22 19.88
CA ILE E 367 2.47 48.74 18.50
C ILE E 367 2.28 47.65 17.44
N ALA E 368 2.98 46.53 17.59
CA ALA E 368 2.87 45.41 16.65
C ALA E 368 1.46 44.82 16.60
N SER E 369 0.70 44.97 17.69
CA SER E 369 -0.70 44.48 17.75
C SER E 369 -1.78 45.44 17.18
N PHE E 370 -1.39 46.62 16.72
CA PHE E 370 -2.35 47.62 16.20
C PHE E 370 -3.23 47.20 15.02
N THR E 371 -2.65 46.56 14.02
CA THR E 371 -3.43 46.04 12.88
C THR E 371 -4.33 44.83 13.26
N PRO E 372 -3.84 43.92 14.13
CA PRO E 372 -4.78 42.90 14.62
C PRO E 372 -6.01 43.46 15.35
N ILE E 373 -5.85 44.56 16.07
CA ILE E 373 -6.96 45.22 16.76
C ILE E 373 -7.91 45.77 15.73
N PHE E 374 -7.35 46.32 14.66
CA PHE E 374 -8.14 46.76 13.49
C PHE E 374 -8.90 45.53 12.90
N VAL E 375 -8.25 44.37 12.82
CA VAL E 375 -8.94 43.14 12.36
C VAL E 375 -10.18 42.87 13.24
N MET E 376 -10.01 42.97 14.55
CA MET E 376 -11.11 42.74 15.48
C MET E 376 -12.35 43.54 15.12
N SER E 377 -12.16 44.75 14.61
CA SER E 377 -13.29 45.61 14.29
C SER E 377 -13.84 45.31 12.89
N ARG E 378 -12.94 45.29 11.91
CA ARG E 378 -13.31 45.24 10.50
C ARG E 378 -13.95 43.90 10.09
N ILE E 379 -13.77 42.86 10.92
CA ILE E 379 -14.43 41.58 10.71
C ILE E 379 -15.93 41.68 10.45
N THR E 380 -16.59 42.66 11.09
CA THR E 380 -18.04 42.88 10.95
C THR E 380 -18.34 43.34 9.53
N GLY E 381 -17.64 44.38 9.08
CA GLY E 381 -17.80 44.86 7.71
C GLY E 381 -17.44 43.84 6.64
N TRP E 382 -16.28 43.20 6.83
CA TRP E 382 -15.85 42.15 5.90
C TRP E 382 -16.93 41.11 5.74
N THR E 383 -17.43 40.59 6.86
CA THR E 383 -18.39 39.49 6.79
C THR E 383 -19.77 39.92 6.26
N ALA E 384 -20.14 41.17 6.50
CA ALA E 384 -21.36 41.71 5.89
C ALA E 384 -21.23 41.75 4.38
N HIS E 385 -20.04 42.13 3.90
CA HIS E 385 -19.76 42.19 2.47
C HIS E 385 -19.68 40.81 1.83
N ILE E 386 -19.07 39.88 2.56
CA ILE E 386 -18.99 38.47 2.12
C ILE E 386 -20.40 37.95 1.92
N MET E 387 -21.25 38.14 2.93
CA MET E 387 -22.62 37.65 2.85
C MET E 387 -23.39 38.29 1.70
N GLU E 388 -23.17 39.58 1.49
CA GLU E 388 -23.80 40.30 0.38
C GLU E 388 -23.28 39.77 -0.96
N GLN E 389 -21.95 39.65 -1.09
CA GLN E 389 -21.35 39.01 -2.28
C GLN E 389 -21.95 37.61 -2.55
N ALA E 390 -22.04 36.80 -1.50
CA ALA E 390 -22.50 35.41 -1.61
C ALA E 390 -23.91 35.31 -2.17
N THR E 391 -24.78 36.21 -1.71
CA THR E 391 -26.19 36.15 -2.11
C THR E 391 -26.50 36.84 -3.43
N ALA E 392 -25.58 37.66 -3.94
CA ALA E 392 -25.73 38.21 -5.29
C ALA E 392 -24.43 38.06 -6.10
N ASN E 393 -24.00 36.82 -6.27
CA ASN E 393 -22.65 36.57 -6.78
C ASN E 393 -22.45 36.67 -8.29
N ALA E 394 -21.26 37.11 -8.67
CA ALA E 394 -20.68 36.83 -9.98
C ALA E 394 -19.16 36.73 -9.86
N LEU E 395 -18.56 35.74 -10.52
CA LEU E 395 -17.10 35.58 -10.57
C LEU E 395 -16.40 36.93 -10.83
N ILE E 396 -15.43 37.28 -10.00
CA ILE E 396 -14.66 38.49 -10.24
C ILE E 396 -13.38 38.13 -11.00
N ARG E 397 -13.39 38.42 -12.30
CA ARG E 397 -12.37 37.97 -13.23
C ARG E 397 -12.11 39.07 -14.29
N PRO E 398 -11.14 39.96 -14.04
CA PRO E 398 -10.85 41.05 -15.00
C PRO E 398 -9.92 40.63 -16.15
N LEU E 399 -9.57 41.59 -17.01
CA LEU E 399 -8.68 41.32 -18.13
C LEU E 399 -7.38 42.09 -17.94
N SER E 400 -6.34 41.68 -18.67
CA SER E 400 -5.04 42.33 -18.63
C SER E 400 -4.66 42.81 -20.03
N ALA E 401 -3.81 43.82 -20.08
CA ALA E 401 -3.15 44.20 -21.32
C ALA E 401 -1.78 43.55 -21.30
N TYR E 402 -1.18 43.35 -22.46
CA TYR E 402 0.08 42.68 -22.57
C TYR E 402 1.22 43.57 -23.05
N CYS E 403 2.34 43.53 -22.30
CA CYS E 403 3.57 44.27 -22.61
C CYS E 403 4.81 43.37 -22.54
N GLY E 404 4.66 42.07 -22.84
CA GLY E 404 5.78 41.14 -22.74
C GLY E 404 6.38 40.73 -24.08
N HIS E 405 7.10 39.60 -24.10
CA HIS E 405 7.67 39.07 -25.33
CA HIS E 405 7.65 39.16 -25.36
C HIS E 405 6.56 38.70 -26.32
N GLU E 406 6.73 39.11 -27.58
CA GLU E 406 5.89 38.65 -28.69
C GLU E 406 5.94 37.12 -28.75
N GLN E 407 4.94 36.51 -29.35
CA GLN E 407 4.96 35.06 -29.49
C GLN E 407 6.23 34.60 -30.19
N ARG E 408 6.82 33.53 -29.68
CA ARG E 408 8.08 33.01 -30.22
C ARG E 408 8.09 31.50 -30.09
N VAL E 409 8.50 30.80 -31.14
CA VAL E 409 8.50 29.33 -31.10
C VAL E 409 9.59 28.84 -30.14
N LEU E 410 9.41 27.64 -29.61
CA LEU E 410 10.47 26.98 -28.82
C LEU E 410 11.65 26.67 -29.75
N PRO E 411 12.88 26.79 -29.24
CA PRO E 411 14.06 26.26 -29.91
C PRO E 411 13.82 24.83 -30.41
N GLY E 412 14.06 24.59 -31.70
CA GLY E 412 13.89 23.26 -32.30
C GLY E 412 12.52 22.90 -32.81
N THR E 413 11.64 23.90 -32.93
CA THR E 413 10.30 23.66 -33.48
C THR E 413 10.40 23.25 -34.96
N PHE E 414 11.37 23.83 -35.67
CA PHE E 414 11.70 23.49 -37.07
C PHE E 414 13.21 23.71 -37.32
N ASP F 48 -22.62 53.28 -14.07
CA ASP F 48 -22.19 52.15 -14.95
C ASP F 48 -21.41 51.08 -14.15
N ILE F 49 -22.12 50.03 -13.76
CA ILE F 49 -21.60 49.04 -12.81
C ILE F 49 -20.93 47.86 -13.50
N LYS F 50 -19.64 47.68 -13.23
CA LYS F 50 -18.85 46.65 -13.88
C LYS F 50 -18.80 45.37 -13.04
N LYS F 51 -19.95 44.69 -12.99
CA LYS F 51 -20.11 43.48 -12.20
C LYS F 51 -19.13 42.36 -12.57
N GLY F 52 -18.45 41.83 -11.56
CA GLY F 52 -17.41 40.81 -11.75
C GLY F 52 -16.27 41.26 -12.65
N LEU F 53 -16.22 42.57 -12.88
CA LEU F 53 -15.23 43.21 -13.73
C LEU F 53 -15.20 42.66 -15.16
N ALA F 54 -16.33 42.14 -15.62
CA ALA F 54 -16.42 41.59 -16.98
C ALA F 54 -16.02 42.64 -17.99
N GLY F 55 -15.07 42.29 -18.85
CA GLY F 55 -14.54 43.18 -19.87
C GLY F 55 -13.64 44.32 -19.39
N VAL F 56 -13.29 44.36 -18.11
CA VAL F 56 -12.48 45.48 -17.60
C VAL F 56 -10.99 45.20 -17.61
N VAL F 57 -10.23 45.99 -18.36
CA VAL F 57 -8.78 45.90 -18.39
C VAL F 57 -8.24 46.62 -17.15
N VAL F 58 -7.61 45.87 -16.27
CA VAL F 58 -7.33 46.40 -14.94
C VAL F 58 -5.85 46.74 -14.78
N ASP F 59 -5.02 46.13 -15.64
CA ASP F 59 -3.58 46.31 -15.58
C ASP F 59 -2.84 45.72 -16.79
N THR F 60 -1.53 45.91 -16.76
CA THR F 60 -0.65 45.47 -17.80
C THR F 60 0.20 44.30 -17.28
N THR F 61 0.38 43.27 -18.09
CA THR F 61 1.26 42.18 -17.71
C THR F 61 2.17 41.70 -18.83
N ALA F 62 3.32 41.15 -18.43
CA ALA F 62 4.31 40.62 -19.34
C ALA F 62 4.35 39.08 -19.29
N ILE F 63 3.54 38.50 -18.40
CA ILE F 63 3.69 37.10 -18.00
C ILE F 63 3.07 36.11 -18.97
N SER F 64 1.86 36.40 -19.43
CA SER F 64 1.19 35.52 -20.36
C SER F 64 0.16 36.27 -21.21
N LYS F 65 -0.32 35.61 -22.25
CA LYS F 65 -1.33 36.17 -23.15
C LYS F 65 -1.86 35.05 -24.02
N VAL F 66 -3.13 35.16 -24.41
CA VAL F 66 -3.72 34.29 -25.43
C VAL F 66 -3.72 35.01 -26.79
N VAL F 67 -2.93 34.51 -27.73
CA VAL F 67 -2.82 35.09 -29.07
C VAL F 67 -4.07 34.73 -29.90
N PRO F 68 -4.94 35.73 -30.16
CA PRO F 68 -6.28 35.47 -30.74
C PRO F 68 -6.25 34.84 -32.14
N GLN F 69 -5.27 35.24 -32.97
CA GLN F 69 -5.13 34.71 -34.33
C GLN F 69 -5.08 33.19 -34.34
N THR F 70 -4.41 32.63 -33.34
CA THR F 70 -4.16 31.18 -33.29
C THR F 70 -4.69 30.50 -32.01
N ASN F 71 -5.53 31.23 -31.26
CA ASN F 71 -6.00 30.81 -29.92
C ASN F 71 -4.98 30.04 -29.06
N SER F 72 -3.72 30.48 -29.12
CA SER F 72 -2.63 29.86 -28.40
C SER F 72 -2.34 30.66 -27.12
N LEU F 73 -2.40 30.00 -25.98
CA LEU F 73 -1.90 30.60 -24.74
C LEU F 73 -0.38 30.64 -24.79
N THR F 74 0.22 31.71 -24.32
CA THR F 74 1.68 31.79 -24.27
C THR F 74 2.21 32.09 -22.86
N TYR F 75 3.39 31.55 -22.52
CA TYR F 75 4.08 31.98 -21.30
C TYR F 75 5.38 32.68 -21.69
N ARG F 76 5.54 33.93 -21.27
CA ARG F 76 6.69 34.73 -21.68
C ARG F 76 6.96 34.57 -23.19
N GLY F 77 5.89 34.50 -23.97
CA GLY F 77 5.98 34.39 -25.43
C GLY F 77 5.86 32.99 -26.03
N TYR F 78 6.19 31.97 -25.23
CA TYR F 78 6.24 30.61 -25.75
C TYR F 78 4.87 29.97 -25.66
N PRO F 79 4.43 29.32 -26.74
CA PRO F 79 3.16 28.62 -26.71
C PRO F 79 3.16 27.48 -25.68
N VAL F 80 2.11 27.43 -24.89
CA VAL F 80 2.00 26.44 -23.83
C VAL F 80 1.80 25.02 -24.38
N GLN F 81 1.07 24.92 -25.49
CA GLN F 81 0.95 23.69 -26.28
C GLN F 81 2.33 23.05 -26.43
N ASP F 82 3.33 23.85 -26.81
CA ASP F 82 4.68 23.35 -27.07
C ASP F 82 5.53 23.19 -25.79
N LEU F 83 5.42 24.14 -24.86
CA LEU F 83 5.98 23.92 -23.53
C LEU F 83 5.50 22.58 -22.94
N ALA F 84 4.21 22.28 -23.05
CA ALA F 84 3.65 21.09 -22.41
C ALA F 84 4.23 19.82 -22.99
N ALA F 85 4.51 19.85 -24.30
CA ALA F 85 4.95 18.68 -25.03
C ALA F 85 6.44 18.45 -24.93
N ARG F 86 7.18 19.53 -24.68
CA ARG F 86 8.61 19.47 -24.85
C ARG F 86 9.42 19.88 -23.62
N CYS F 87 8.76 20.40 -22.61
CA CYS F 87 9.51 20.86 -21.46
C CYS F 87 9.16 20.12 -20.18
N SER F 88 9.95 20.34 -19.14
CA SER F 88 9.64 19.88 -17.81
C SER F 88 9.06 21.04 -17.00
N PHE F 89 8.50 20.74 -15.83
CA PHE F 89 7.88 21.77 -15.00
C PHE F 89 8.92 22.72 -14.49
N GLU F 90 10.12 22.20 -14.19
CA GLU F 90 11.22 23.04 -13.73
C GLU F 90 11.58 24.08 -14.77
N GLN F 91 11.67 23.67 -16.04
CA GLN F 91 11.96 24.61 -17.13
C GLN F 91 10.88 25.69 -17.19
N VAL F 92 9.62 25.26 -17.17
CA VAL F 92 8.51 26.19 -17.21
C VAL F 92 8.46 27.15 -16.02
N ALA F 93 8.65 26.63 -14.80
CA ALA F 93 8.71 27.50 -13.60
C ALA F 93 9.80 28.57 -13.75
N PHE F 94 10.97 28.15 -14.21
CA PHE F 94 12.04 29.08 -14.46
C PHE F 94 11.63 30.16 -15.48
N LEU F 95 11.06 29.72 -16.60
CA LEU F 95 10.61 30.63 -17.63
C LEU F 95 9.63 31.66 -17.05
N LEU F 96 8.60 31.19 -16.36
CA LEU F 96 7.62 32.09 -15.79
C LEU F 96 8.26 33.13 -14.88
N TRP F 97 9.33 32.75 -14.17
CA TRP F 97 9.93 33.63 -13.17
C TRP F 97 10.99 34.57 -13.74
N ARG F 98 11.81 34.06 -14.66
CA ARG F 98 12.94 34.83 -15.20
C ARG F 98 12.63 35.49 -16.53
N GLY F 99 11.73 34.91 -17.31
CA GLY F 99 11.32 35.52 -18.56
C GLY F 99 12.01 34.91 -19.75
N GLU F 100 12.93 33.98 -19.51
CA GLU F 100 13.64 33.27 -20.55
C GLU F 100 13.75 31.80 -20.19
N LEU F 101 13.98 30.96 -21.18
CA LEU F 101 14.30 29.57 -20.91
C LEU F 101 15.70 29.48 -20.27
N PRO F 102 15.90 28.48 -19.41
CA PRO F 102 17.21 28.37 -18.79
C PRO F 102 18.22 27.74 -19.71
N THR F 103 19.47 28.17 -19.62
CA THR F 103 20.57 27.43 -20.19
C THR F 103 20.77 26.17 -19.34
N ASP F 104 21.60 25.26 -19.83
CA ASP F 104 21.88 24.01 -19.15
C ASP F 104 22.35 24.25 -17.72
N ALA F 105 23.30 25.18 -17.57
CA ALA F 105 23.84 25.51 -16.26
C ALA F 105 22.77 26.13 -15.35
N GLU F 106 22.00 27.09 -15.86
CA GLU F 106 20.92 27.72 -15.10
C GLU F 106 19.92 26.69 -14.57
N LEU F 107 19.55 25.73 -15.41
CA LEU F 107 18.61 24.71 -15.03
C LEU F 107 19.15 23.77 -13.94
N ALA F 108 20.44 23.44 -14.02
CA ALA F 108 21.09 22.59 -13.03
C ALA F 108 21.08 23.23 -11.63
N LEU F 109 21.33 24.53 -11.57
CA LEU F 109 21.29 25.32 -10.32
CA LEU F 109 21.29 25.29 -10.31
C LEU F 109 19.86 25.45 -9.76
N PHE F 110 18.92 25.82 -10.64
CA PHE F 110 17.51 25.99 -10.26
C PHE F 110 16.99 24.68 -9.65
N SER F 111 17.27 23.57 -10.33
CA SER F 111 16.82 22.26 -9.93
C SER F 111 17.49 21.81 -8.64
N GLN F 112 18.75 22.19 -8.47
CA GLN F 112 19.49 21.86 -7.26
C GLN F 112 18.85 22.54 -6.08
N ARG F 113 18.55 23.84 -6.24
CA ARG F 113 17.78 24.60 -5.26
C ARG F 113 16.38 24.03 -5.01
N GLU F 114 15.68 23.63 -6.07
CA GLU F 114 14.34 23.07 -5.90
C GLU F 114 14.37 21.77 -5.09
N ARG F 115 15.30 20.86 -5.43
CA ARG F 115 15.41 19.58 -4.70
C ARG F 115 15.87 19.77 -3.25
N ALA F 116 16.61 20.84 -2.97
CA ALA F 116 17.10 21.11 -1.61
C ALA F 116 16.07 21.86 -0.76
N SER F 117 14.93 22.19 -1.33
CA SER F 117 13.91 22.94 -0.58
C SER F 117 12.66 22.12 -0.42
N ARG F 118 12.72 20.83 -0.69
CA ARG F 118 11.49 20.01 -0.63
C ARG F 118 11.02 19.61 0.79
N ARG F 119 11.95 19.55 1.75
CA ARG F 119 11.68 19.01 3.08
C ARG F 119 10.78 19.90 3.93
N VAL F 120 9.83 19.29 4.63
CA VAL F 120 9.09 19.97 5.68
C VAL F 120 9.83 19.78 7.04
N ASP F 121 9.84 20.81 7.88
CA ASP F 121 10.37 20.72 9.27
C ASP F 121 9.52 19.82 10.17
N ARG F 122 10.06 19.48 11.34
CA ARG F 122 9.30 18.84 12.42
C ARG F 122 8.02 19.63 12.77
N SER F 123 8.14 20.94 12.78
CA SER F 123 7.03 21.86 12.99
C SER F 123 5.84 21.57 12.07
N MET F 124 6.12 21.46 10.77
CA MET F 124 5.11 21.20 9.76
C MET F 124 4.54 19.78 9.85
N LEU F 125 5.39 18.79 10.12
CA LEU F 125 4.91 17.42 10.27
C LEU F 125 3.96 17.35 11.47
N SER F 126 4.21 18.17 12.48
CA SER F 126 3.34 18.18 13.66
C SER F 126 1.99 18.84 13.37
N LEU F 127 2.02 20.01 12.74
CA LEU F 127 0.81 20.66 12.24
C LEU F 127 -0.05 19.72 11.37
N LEU F 128 0.58 19.03 10.41
CA LEU F 128 -0.16 18.15 9.51
C LEU F 128 -0.70 16.92 10.23
N ALA F 129 0.00 16.45 11.25
CA ALA F 129 -0.55 15.35 12.06
C ALA F 129 -1.70 15.84 12.92
N LYS F 130 -1.65 17.12 13.30
CA LYS F 130 -2.59 17.70 14.27
C LYS F 130 -3.91 18.16 13.68
N LEU F 131 -3.88 18.68 12.45
CA LEU F 131 -5.08 19.19 11.80
C LEU F 131 -6.10 18.09 11.60
N PRO F 132 -7.40 18.44 11.59
CA PRO F 132 -8.38 17.37 11.39
C PRO F 132 -8.21 16.75 10.01
N ASP F 133 -8.41 15.43 9.95
CA ASP F 133 -8.28 14.70 8.69
C ASP F 133 -9.57 14.69 7.88
N ASN F 134 -10.56 15.47 8.32
CA ASN F 134 -11.87 15.56 7.64
C ASN F 134 -12.20 17.00 7.20
N CYS F 135 -11.24 17.92 7.31
CA CYS F 135 -11.46 19.23 6.70
C CYS F 135 -11.21 19.09 5.20
N HIS F 136 -11.41 20.16 4.46
CA HIS F 136 -11.12 20.10 3.05
C HIS F 136 -9.61 20.24 2.88
N PRO F 137 -9.01 19.40 2.03
CA PRO F 137 -7.56 19.44 1.82
C PRO F 137 -7.04 20.83 1.41
N MET F 138 -7.89 21.68 0.83
CA MET F 138 -7.49 23.08 0.54
C MET F 138 -7.24 23.91 1.81
N ASP F 139 -7.91 23.52 2.90
CA ASP F 139 -7.73 24.15 4.21
C ASP F 139 -6.36 23.84 4.75
N VAL F 140 -5.88 22.62 4.48
CA VAL F 140 -4.56 22.21 4.96
C VAL F 140 -3.50 23.05 4.25
N VAL F 141 -3.64 23.19 2.94
CA VAL F 141 -2.70 23.97 2.16
C VAL F 141 -2.74 25.46 2.60
N ARG F 142 -3.93 26.03 2.71
CA ARG F 142 -4.13 27.38 3.25
C ARG F 142 -3.42 27.61 4.59
N THR F 143 -3.59 26.69 5.54
CA THR F 143 -2.99 26.80 6.87
C THR F 143 -1.46 26.57 6.81
N ALA F 144 -1.04 25.60 6.01
CA ALA F 144 0.38 25.32 5.93
C ALA F 144 1.16 26.53 5.36
N ILE F 145 0.68 27.09 4.27
CA ILE F 145 1.28 28.29 3.69
C ILE F 145 1.29 29.46 4.68
N SER F 146 0.19 29.67 5.39
CA SER F 146 0.14 30.73 6.40
C SER F 146 1.16 30.49 7.51
N TYR F 147 1.29 29.23 7.91
CA TYR F 147 2.25 28.84 8.93
C TYR F 147 3.71 29.05 8.46
N LEU F 148 4.01 28.61 7.24
CA LEU F 148 5.36 28.80 6.67
C LEU F 148 5.74 30.24 6.57
N GLY F 149 4.77 31.09 6.23
CA GLY F 149 4.97 32.54 6.22
C GLY F 149 5.42 33.10 7.57
N ALA F 150 4.71 32.70 8.62
CA ALA F 150 5.08 33.07 9.96
C ALA F 150 6.51 32.62 10.32
N GLU F 151 6.96 31.51 9.77
CA GLU F 151 8.28 30.98 10.10
C GLU F 151 9.42 31.57 9.26
N ASP F 152 9.07 32.25 8.18
CA ASP F 152 10.06 32.73 7.22
C ASP F 152 10.53 34.11 7.68
N PRO F 153 11.83 34.22 8.04
CA PRO F 153 12.32 35.52 8.55
C PRO F 153 12.32 36.59 7.45
N ASP F 154 12.31 36.15 6.19
CA ASP F 154 12.27 37.07 5.03
C ASP F 154 10.85 37.38 4.56
N GLU F 155 9.83 37.00 5.34
CA GLU F 155 8.45 37.11 4.89
C GLU F 155 8.12 38.49 4.35
N ASP F 156 8.48 39.50 5.13
CA ASP F 156 8.07 40.89 4.85
C ASP F 156 9.11 41.65 3.98
N ASP F 157 10.12 40.93 3.47
CA ASP F 157 11.13 41.53 2.60
C ASP F 157 10.81 41.26 1.12
N ALA F 158 10.28 42.26 0.42
CA ALA F 158 9.85 42.06 -0.97
C ALA F 158 11.01 41.72 -1.88
N ALA F 159 12.21 42.17 -1.53
CA ALA F 159 13.42 41.87 -2.29
C ALA F 159 13.85 40.38 -2.23
N ALA F 160 13.25 39.61 -1.30
CA ALA F 160 13.53 38.17 -1.20
C ALA F 160 12.44 37.32 -1.86
N ASN F 161 11.56 37.97 -2.62
CA ASN F 161 10.47 37.28 -3.29
C ASN F 161 10.86 36.05 -4.11
N ARG F 162 11.92 36.14 -4.91
CA ARG F 162 12.31 35.01 -5.76
C ARG F 162 12.57 33.75 -4.93
N ALA F 163 13.26 33.93 -3.79
CA ALA F 163 13.62 32.85 -2.92
C ALA F 163 12.38 32.29 -2.21
N LYS F 164 11.45 33.16 -1.82
CA LYS F 164 10.23 32.74 -1.18
C LYS F 164 9.35 31.93 -2.14
N ALA F 165 9.23 32.40 -3.38
CA ALA F 165 8.39 31.72 -4.36
C ALA F 165 8.95 30.33 -4.62
N MET F 166 10.27 30.23 -4.70
CA MET F 166 10.95 28.96 -4.86
C MET F 166 10.67 28.01 -3.69
N ARG F 167 10.74 28.53 -2.46
CA ARG F 167 10.51 27.69 -1.28
C ARG F 167 9.08 27.14 -1.31
N MET F 168 8.12 27.97 -1.70
CA MET F 168 6.72 27.55 -1.71
C MET F 168 6.44 26.51 -2.80
N MET F 169 7.00 26.73 -3.97
CA MET F 169 6.83 25.79 -5.08
C MET F 169 7.43 24.41 -4.74
N ALA F 170 8.57 24.41 -4.07
CA ALA F 170 9.27 23.17 -3.76
C ALA F 170 8.58 22.37 -2.67
N VAL F 171 7.99 23.05 -1.69
CA VAL F 171 7.50 22.38 -0.50
C VAL F 171 6.03 21.96 -0.63
N LEU F 172 5.28 22.65 -1.47
CA LEU F 172 3.87 22.35 -1.61
C LEU F 172 3.55 20.87 -1.91
N PRO F 173 4.22 20.26 -2.91
CA PRO F 173 3.96 18.84 -3.21
C PRO F 173 4.17 17.93 -2.00
N THR F 174 5.15 18.24 -1.17
CA THR F 174 5.44 17.47 0.03
C THR F 174 4.24 17.53 0.96
N ILE F 175 3.67 18.72 1.09
CA ILE F 175 2.51 18.92 1.95
C ILE F 175 1.27 18.20 1.42
N VAL F 176 1.01 18.38 0.12
CA VAL F 176 -0.16 17.80 -0.49
C VAL F 176 -0.08 16.27 -0.39
N ALA F 177 1.11 15.71 -0.65
CA ALA F 177 1.24 14.26 -0.61
C ALA F 177 1.04 13.72 0.81
N ILE F 178 1.61 14.39 1.81
CA ILE F 178 1.42 14.00 3.20
C ILE F 178 -0.08 14.01 3.59
N ASP F 179 -0.77 15.07 3.16
CA ASP F 179 -2.17 15.23 3.51
C ASP F 179 -2.98 14.12 2.85
N MET F 180 -2.69 13.86 1.59
CA MET F 180 -3.44 12.83 0.88
C MET F 180 -3.23 11.48 1.57
N ARG F 181 -1.99 11.20 1.95
CA ARG F 181 -1.64 9.91 2.51
C ARG F 181 -2.19 9.70 3.93
N ARG F 182 -2.09 10.73 4.79
CA ARG F 182 -2.61 10.64 6.16
C ARG F 182 -4.11 10.32 6.18
N ARG F 183 -4.88 10.79 5.19
CA ARG F 183 -6.32 10.52 5.20
C ARG F 183 -6.61 9.06 4.80
N ARG F 184 -5.61 8.39 4.24
CA ARG F 184 -5.67 6.95 3.93
C ARG F 184 -5.00 6.11 5.03
N GLY F 185 -4.58 6.76 6.11
CA GLY F 185 -3.87 6.09 7.20
C GLY F 185 -2.41 5.78 6.92
N LEU F 186 -1.83 6.46 5.92
CA LEU F 186 -0.44 6.20 5.52
C LEU F 186 0.56 7.27 6.00
N PRO F 187 1.79 6.84 6.36
CA PRO F 187 2.79 7.81 6.82
C PRO F 187 3.46 8.55 5.63
N PRO F 188 4.13 9.70 5.90
CA PRO F 188 4.79 10.42 4.81
C PRO F 188 5.87 9.61 4.13
N ILE F 189 6.08 9.85 2.85
CA ILE F 189 7.26 9.36 2.16
C ILE F 189 8.16 10.55 1.86
N ALA F 190 9.41 10.51 2.32
CA ALA F 190 10.33 11.65 2.15
C ALA F 190 10.57 12.03 0.69
N PRO F 191 10.86 13.31 0.43
CA PRO F 191 11.26 13.69 -0.92
C PRO F 191 12.55 12.97 -1.26
N HIS F 192 12.75 12.68 -2.56
CA HIS F 192 13.90 11.90 -3.03
C HIS F 192 14.72 12.78 -3.98
N SER F 193 15.98 13.03 -3.64
CA SER F 193 16.76 14.04 -4.37
C SER F 193 17.25 13.59 -5.74
N GLY F 194 17.08 12.31 -6.06
CA GLY F 194 17.40 11.79 -7.39
C GLY F 194 16.24 11.88 -8.37
N LEU F 195 15.07 12.34 -7.90
CA LEU F 195 13.88 12.42 -8.76
C LEU F 195 13.52 13.86 -9.11
N GLY F 196 13.04 14.08 -10.32
CA GLY F 196 12.59 15.41 -10.74
C GLY F 196 11.26 15.74 -10.09
N TYR F 197 10.77 16.96 -10.29
CA TYR F 197 9.55 17.44 -9.66
C TYR F 197 8.39 16.48 -9.84
N ALA F 198 8.09 16.14 -11.09
CA ALA F 198 6.94 15.28 -11.39
C ALA F 198 7.10 13.88 -10.82
N GLN F 199 8.26 13.27 -11.07
CA GLN F 199 8.58 11.95 -10.54
C GLN F 199 8.49 11.94 -9.03
N ASN F 200 9.00 12.99 -8.40
CA ASN F 200 9.05 13.06 -6.96
C ASN F 200 7.67 13.10 -6.34
N PHE F 201 6.77 13.93 -6.88
CA PHE F 201 5.43 14.05 -6.30
C PHE F 201 4.70 12.72 -6.35
N LEU F 202 4.77 12.05 -7.49
CA LEU F 202 4.12 10.75 -7.65
C LEU F 202 4.72 9.73 -6.66
N HIS F 203 6.04 9.77 -6.50
CA HIS F 203 6.72 8.88 -5.56
C HIS F 203 6.27 9.13 -4.11
N MET F 204 6.18 10.41 -3.73
CA MET F 204 5.73 10.79 -2.39
C MET F 204 4.27 10.41 -2.12
N CYS F 205 3.45 10.38 -3.17
CA CYS F 205 2.07 9.93 -3.03
C CYS F 205 1.95 8.42 -2.92
N PHE F 206 2.73 7.70 -3.73
CA PHE F 206 2.43 6.29 -4.00
C PHE F 206 3.51 5.32 -3.56
N GLY F 207 4.71 5.83 -3.31
CA GLY F 207 5.79 5.02 -2.77
C GLY F 207 6.66 4.53 -3.89
N GLU F 208 6.18 4.72 -5.11
CA GLU F 208 6.85 4.24 -6.31
C GLU F 208 6.60 5.26 -7.42
N VAL F 209 7.60 5.47 -8.28
CA VAL F 209 7.39 6.18 -9.53
C VAL F 209 6.66 5.28 -10.53
N PRO F 210 5.44 5.68 -10.95
CA PRO F 210 4.62 4.92 -11.90
C PRO F 210 5.15 4.98 -13.34
N GLU F 211 4.40 4.39 -14.28
CA GLU F 211 4.74 4.34 -15.69
C GLU F 211 5.04 5.72 -16.23
N THR F 212 6.02 5.81 -17.12
CA THR F 212 6.39 7.06 -17.76
C THR F 212 5.20 7.82 -18.39
N ALA F 213 4.26 7.10 -18.99
CA ALA F 213 3.04 7.72 -19.52
C ALA F 213 2.26 8.48 -18.45
N VAL F 214 2.23 7.94 -17.23
CA VAL F 214 1.55 8.61 -16.12
C VAL F 214 2.32 9.83 -15.64
N VAL F 215 3.64 9.67 -15.49
CA VAL F 215 4.54 10.77 -15.13
C VAL F 215 4.42 11.92 -16.13
N SER F 216 4.43 11.59 -17.42
CA SER F 216 4.44 12.61 -18.45
C SER F 216 3.08 13.35 -18.52
N ALA F 217 1.98 12.63 -18.35
CA ALA F 217 0.68 13.23 -18.31
C ALA F 217 0.53 14.18 -17.10
N PHE F 218 1.15 13.81 -15.97
CA PHE F 218 1.09 14.63 -14.79
C PHE F 218 1.91 15.90 -15.00
N GLU F 219 3.12 15.73 -15.49
CA GLU F 219 3.97 16.86 -15.81
C GLU F 219 3.31 17.84 -16.80
N GLN F 220 2.61 17.32 -17.80
CA GLN F 220 1.91 18.17 -18.74
C GLN F 220 0.79 18.98 -18.06
N SER F 221 0.01 18.33 -17.19
CA SER F 221 -0.98 19.03 -16.37
C SER F 221 -0.38 20.15 -15.53
N MET F 222 0.80 19.91 -14.95
CA MET F 222 1.48 20.94 -14.17
C MET F 222 1.89 22.13 -15.06
N ILE F 223 2.26 21.84 -16.30
CA ILE F 223 2.62 22.90 -17.24
C ILE F 223 1.38 23.69 -17.66
N LEU F 224 0.30 22.96 -17.93
CA LEU F 224 -0.97 23.55 -18.34
C LEU F 224 -1.66 24.40 -17.28
N TYR F 225 -1.52 24.03 -16.01
CA TYR F 225 -2.15 24.74 -14.90
C TYR F 225 -1.35 25.93 -14.37
N ALA F 226 -0.10 26.08 -14.82
CA ALA F 226 0.85 26.99 -14.21
C ALA F 226 0.44 28.46 -14.19
N GLU F 227 -0.13 28.95 -15.30
CA GLU F 227 -0.39 30.37 -15.45
C GLU F 227 -1.61 30.66 -16.34
N HIS F 228 -2.44 31.63 -15.95
CA HIS F 228 -3.60 31.96 -16.75
C HIS F 228 -4.17 33.37 -16.54
N GLY F 229 -3.30 34.38 -16.59
CA GLY F 229 -3.74 35.77 -16.52
C GLY F 229 -4.36 36.18 -15.19
N PHE F 230 -5.31 37.12 -15.25
CA PHE F 230 -5.95 37.66 -14.07
C PHE F 230 -7.21 36.88 -13.74
N ASN F 231 -7.07 35.55 -13.62
CA ASN F 231 -8.14 34.71 -13.07
C ASN F 231 -8.36 35.13 -11.61
N ALA F 232 -9.45 34.66 -10.98
CA ALA F 232 -9.80 35.14 -9.65
C ALA F 232 -8.72 34.94 -8.57
N SER F 233 -8.07 33.77 -8.56
CA SER F 233 -7.05 33.53 -7.53
C SER F 233 -5.79 34.39 -7.76
N THR F 234 -5.31 34.48 -8.99
CA THR F 234 -4.21 35.39 -9.33
C THR F 234 -4.62 36.83 -8.97
N PHE F 235 -5.85 37.21 -9.35
CA PHE F 235 -6.31 38.54 -9.04
C PHE F 235 -6.40 38.79 -7.53
N ALA F 236 -6.88 37.81 -6.76
CA ALA F 236 -6.88 37.95 -5.30
C ALA F 236 -5.47 38.23 -4.77
N ALA F 237 -4.48 37.55 -5.32
CA ALA F 237 -3.11 37.71 -4.85
C ALA F 237 -2.51 39.09 -5.17
N ARG F 238 -2.93 39.65 -6.31
CA ARG F 238 -2.49 40.99 -6.70
C ARG F 238 -3.16 42.05 -5.80
N VAL F 239 -4.45 41.89 -5.55
CA VAL F 239 -5.20 42.74 -4.61
C VAL F 239 -4.54 42.77 -3.23
N VAL F 240 -4.15 41.61 -2.72
CA VAL F 240 -3.46 41.54 -1.43
C VAL F 240 -2.12 42.27 -1.54
N THR F 241 -1.38 42.00 -2.62
CA THR F 241 -0.07 42.57 -2.84
C THR F 241 -0.15 44.09 -3.02
N SER F 242 -1.24 44.57 -3.62
CA SER F 242 -1.43 45.99 -3.87
C SER F 242 -1.32 46.86 -2.62
N THR F 243 -1.48 46.26 -1.43
CA THR F 243 -1.38 47.02 -0.19
C THR F 243 0.02 46.99 0.42
N GLN F 244 0.95 46.38 -0.32
CA GLN F 244 2.31 46.13 0.15
C GLN F 244 2.42 45.02 1.24
N SER F 245 1.42 44.14 1.28
CA SER F 245 1.47 42.91 2.07
C SER F 245 2.43 41.86 1.46
N ASP F 246 2.84 40.90 2.29
CA ASP F 246 3.87 39.93 1.90
C ASP F 246 3.38 38.82 0.96
N ILE F 247 4.33 38.09 0.39
CA ILE F 247 4.03 37.05 -0.61
C ILE F 247 3.19 35.89 -0.05
N TYR F 248 3.43 35.54 1.20
CA TYR F 248 2.64 34.47 1.82
C TYR F 248 1.18 34.88 2.05
N SER F 249 0.96 36.13 2.47
CA SER F 249 -0.42 36.62 2.62
C SER F 249 -1.11 36.57 1.28
N ALA F 250 -0.39 36.95 0.24
CA ALA F 250 -0.98 36.94 -1.10
C ALA F 250 -1.32 35.51 -1.56
N VAL F 251 -0.39 34.59 -1.37
CA VAL F 251 -0.63 33.19 -1.74
C VAL F 251 -1.78 32.58 -0.90
N THR F 252 -1.78 32.83 0.41
CA THR F 252 -2.86 32.32 1.25
C THR F 252 -4.21 32.78 0.76
N GLY F 253 -4.28 34.03 0.30
CA GLY F 253 -5.52 34.58 -0.24
C GLY F 253 -5.89 33.94 -1.57
N ALA F 254 -4.88 33.63 -2.38
CA ALA F 254 -5.10 33.05 -3.71
C ALA F 254 -5.56 31.59 -3.56
N ILE F 255 -4.99 30.89 -2.57
CA ILE F 255 -5.45 29.54 -2.23
C ILE F 255 -6.94 29.56 -1.84
N GLY F 256 -7.34 30.47 -0.94
CA GLY F 256 -8.75 30.62 -0.57
C GLY F 256 -9.63 30.78 -1.78
N ALA F 257 -9.21 31.64 -2.72
CA ALA F 257 -9.96 31.89 -3.94
C ALA F 257 -10.08 30.64 -4.84
N LEU F 258 -8.96 29.93 -5.02
CA LEU F 258 -8.91 28.76 -5.91
C LEU F 258 -9.82 27.62 -5.47
N LYS F 259 -10.00 27.48 -4.16
CA LYS F 259 -10.78 26.43 -3.53
C LYS F 259 -12.20 26.35 -4.08
N GLY F 260 -12.78 27.51 -4.42
CA GLY F 260 -14.18 27.60 -4.82
C GLY F 260 -14.53 26.84 -6.08
N ARG F 261 -15.74 26.27 -6.09
CA ARG F 261 -16.27 25.48 -7.20
C ARG F 261 -16.30 26.24 -8.54
N LEU F 262 -16.38 27.56 -8.51
CA LEU F 262 -16.41 28.31 -9.77
C LEU F 262 -15.02 28.58 -10.31
N HIS F 263 -14.01 28.06 -9.61
CA HIS F 263 -12.62 28.28 -10.02
C HIS F 263 -11.93 26.92 -9.93
N GLY F 264 -10.93 26.77 -9.05
CA GLY F 264 -10.13 25.53 -8.98
C GLY F 264 -10.89 24.37 -8.39
N GLY F 265 -12.00 24.65 -7.72
CA GLY F 265 -12.83 23.58 -7.15
C GLY F 265 -13.50 22.75 -8.23
N ALA F 266 -13.44 23.23 -9.47
CA ALA F 266 -14.15 22.58 -10.59
C ALA F 266 -13.62 21.20 -10.97
N ASN F 267 -12.30 21.00 -10.92
CA ASN F 267 -11.71 19.71 -11.31
C ASN F 267 -12.22 18.58 -10.41
N GLU F 268 -12.23 18.82 -9.10
CA GLU F 268 -12.78 17.89 -8.14
C GLU F 268 -14.25 17.62 -8.48
N ALA F 269 -15.02 18.69 -8.71
CA ALA F 269 -16.46 18.53 -8.93
C ALA F 269 -16.77 17.86 -10.27
N VAL F 270 -15.91 18.05 -11.26
CA VAL F 270 -16.04 17.28 -12.50
C VAL F 270 -16.01 15.78 -12.20
N MET F 271 -15.08 15.35 -11.36
CA MET F 271 -14.95 13.92 -11.07
C MET F 271 -16.07 13.38 -10.18
N HIS F 272 -16.53 14.16 -9.19
CA HIS F 272 -17.71 13.76 -8.39
C HIS F 272 -18.90 13.53 -9.31
N ASP F 273 -19.03 14.39 -10.32
CA ASP F 273 -20.10 14.28 -11.33
C ASP F 273 -19.98 13.02 -12.19
N MET F 274 -18.78 12.75 -12.71
CA MET F 274 -18.59 11.56 -13.54
C MET F 274 -18.93 10.30 -12.74
N ILE F 275 -18.52 10.27 -11.48
CA ILE F 275 -18.83 9.17 -10.56
C ILE F 275 -20.34 9.00 -10.38
N GLU F 276 -21.06 10.13 -10.28
CA GLU F 276 -22.50 10.12 -10.14
C GLU F 276 -23.21 9.62 -11.41
N ILE F 277 -22.63 9.92 -12.57
CA ILE F 277 -23.11 9.37 -13.83
C ILE F 277 -22.88 7.84 -13.89
N GLY F 278 -21.67 7.41 -13.54
CA GLY F 278 -21.34 5.99 -13.39
C GLY F 278 -21.13 5.20 -14.67
N ASP F 279 -21.86 5.58 -15.71
CA ASP F 279 -21.94 4.83 -16.97
C ASP F 279 -22.35 5.84 -18.04
N PRO F 280 -21.75 5.79 -19.24
CA PRO F 280 -22.03 6.76 -20.30
C PRO F 280 -23.50 6.76 -20.76
N ALA F 281 -24.13 5.58 -20.71
CA ALA F 281 -25.53 5.43 -21.07
C ALA F 281 -26.45 6.37 -20.27
N ASN F 282 -26.05 6.71 -19.04
CA ASN F 282 -26.82 7.59 -18.17
C ASN F 282 -26.54 9.09 -18.34
N ALA F 283 -25.53 9.41 -19.16
CA ALA F 283 -24.99 10.78 -19.22
C ALA F 283 -25.93 11.84 -19.82
N ARG F 284 -26.54 11.55 -20.96
CA ARG F 284 -27.45 12.51 -21.60
C ARG F 284 -28.63 12.84 -20.67
N GLU F 285 -29.22 11.80 -20.08
CA GLU F 285 -30.30 11.96 -19.12
C GLU F 285 -29.88 12.80 -17.92
N TRP F 286 -28.69 12.52 -17.37
CA TRP F 286 -28.14 13.25 -16.22
C TRP F 286 -27.98 14.74 -16.52
N LEU F 287 -27.49 15.04 -17.72
CA LEU F 287 -27.19 16.41 -18.11
C LEU F 287 -28.45 17.20 -18.44
N ARG F 288 -29.33 16.61 -19.25
CA ARG F 288 -30.63 17.21 -19.57
C ARG F 288 -31.42 17.61 -18.30
N ALA F 289 -31.33 16.75 -17.28
CA ALA F 289 -31.98 17.01 -15.99
C ALA F 289 -31.37 18.17 -15.20
N LYS F 290 -30.04 18.30 -15.24
CA LYS F 290 -29.33 19.40 -14.55
C LYS F 290 -29.55 20.76 -15.18
N LEU F 291 -29.72 20.77 -16.51
CA LEU F 291 -29.95 22.00 -17.29
C LEU F 291 -31.34 22.61 -17.01
N ALA F 292 -32.36 21.75 -17.02
CA ALA F 292 -33.73 22.15 -16.67
C ALA F 292 -33.80 22.75 -15.26
N ARG F 293 -32.91 22.33 -14.37
CA ARG F 293 -32.84 22.88 -13.02
C ARG F 293 -32.05 24.19 -12.96
N LYS F 294 -31.58 24.62 -14.14
CA LYS F 294 -30.83 25.87 -14.32
C LYS F 294 -29.51 25.91 -13.50
N GLU F 295 -28.74 24.82 -13.54
CA GLU F 295 -27.50 24.67 -12.78
C GLU F 295 -26.24 24.75 -13.65
N LYS F 296 -25.13 25.15 -13.05
CA LYS F 296 -23.83 25.14 -13.76
C LYS F 296 -23.33 23.73 -13.97
N ILE F 297 -22.76 23.50 -15.14
CA ILE F 297 -22.10 22.23 -15.42
C ILE F 297 -20.61 22.46 -15.24
N MET F 298 -20.06 21.83 -14.20
CA MET F 298 -18.64 21.95 -13.90
C MET F 298 -17.80 21.51 -15.08
N GLY F 299 -16.74 22.26 -15.35
CA GLY F 299 -15.83 21.96 -16.45
C GLY F 299 -16.28 22.48 -17.79
N PHE F 300 -17.27 23.35 -17.78
CA PHE F 300 -17.71 24.01 -19.01
C PHE F 300 -17.91 25.50 -18.72
N GLY F 301 -17.42 26.34 -19.61
CA GLY F 301 -17.63 27.77 -19.46
C GLY F 301 -16.36 28.48 -19.01
N HIS F 302 -16.24 29.73 -19.40
CA HIS F 302 -15.08 30.53 -19.10
C HIS F 302 -15.41 32.00 -19.24
N ARG F 303 -14.71 32.84 -18.48
CA ARG F 303 -14.84 34.29 -18.64
C ARG F 303 -14.16 34.77 -19.93
N VAL F 304 -13.08 34.13 -20.34
CA VAL F 304 -12.31 34.57 -21.52
C VAL F 304 -12.62 33.77 -22.79
N TYR F 305 -12.36 32.46 -22.79
CA TYR F 305 -12.53 31.62 -23.98
C TYR F 305 -13.97 31.52 -24.47
N ARG F 306 -14.16 31.61 -25.78
CA ARG F 306 -15.49 31.54 -26.39
C ARG F 306 -15.58 30.48 -27.49
N HIS F 307 -14.41 30.02 -27.94
CA HIS F 307 -14.32 29.03 -29.02
C HIS F 307 -13.33 27.91 -28.69
N GLY F 308 -13.18 27.61 -27.41
CA GLY F 308 -12.26 26.56 -26.98
C GLY F 308 -11.11 27.04 -26.13
N ASP F 309 -10.92 26.36 -25.02
CA ASP F 309 -9.80 26.54 -24.11
C ASP F 309 -8.55 26.01 -24.79
N SER F 310 -7.56 26.88 -25.00
CA SER F 310 -6.32 26.48 -25.68
C SER F 310 -5.50 25.46 -24.91
N ARG F 311 -5.90 25.13 -23.69
CA ARG F 311 -5.17 24.16 -22.87
C ARG F 311 -5.79 22.76 -23.01
N VAL F 312 -7.03 22.71 -23.49
CA VAL F 312 -7.79 21.46 -23.47
C VAL F 312 -7.24 20.34 -24.36
N PRO F 313 -6.91 20.64 -25.64
CA PRO F 313 -6.49 19.50 -26.47
C PRO F 313 -5.27 18.77 -25.93
N THR F 314 -4.27 19.51 -25.43
CA THR F 314 -3.09 18.88 -24.85
C THR F 314 -3.50 17.93 -23.70
N MET F 315 -4.38 18.40 -22.81
CA MET F 315 -4.78 17.59 -21.66
C MET F 315 -5.76 16.46 -22.03
N LYS F 316 -6.56 16.67 -23.09
CA LYS F 316 -7.43 15.62 -23.62
C LYS F 316 -6.56 14.46 -24.11
N ARG F 317 -5.53 14.79 -24.88
CA ARG F 317 -4.59 13.75 -25.34
C ARG F 317 -3.93 12.99 -24.18
N ALA F 318 -3.47 13.72 -23.15
CA ALA F 318 -2.84 13.12 -21.97
C ALA F 318 -3.79 12.19 -21.23
N LEU F 319 -5.04 12.62 -21.09
CA LEU F 319 -6.10 11.80 -20.54
C LEU F 319 -6.29 10.51 -21.34
N GLU F 320 -6.26 10.61 -22.66
CA GLU F 320 -6.44 9.45 -23.50
C GLU F 320 -5.28 8.47 -23.40
N ARG F 321 -4.04 8.97 -23.41
CA ARG F 321 -2.86 8.14 -23.11
C ARG F 321 -2.96 7.43 -21.77
N VAL F 322 -3.32 8.15 -20.70
CA VAL F 322 -3.44 7.55 -19.38
C VAL F 322 -4.60 6.56 -19.32
N GLY F 323 -5.67 6.87 -20.06
CA GLY F 323 -6.83 6.00 -20.17
C GLY F 323 -6.61 4.66 -20.89
N THR F 324 -5.61 4.59 -21.77
CA THR F 324 -5.33 3.31 -22.45
C THR F 324 -4.33 2.46 -21.66
N VAL F 325 -3.49 3.10 -20.86
CA VAL F 325 -2.53 2.37 -20.04
C VAL F 325 -3.16 1.97 -18.71
N ARG F 326 -4.25 2.63 -18.33
CA ARG F 326 -4.89 2.34 -17.04
C ARG F 326 -6.37 2.00 -17.03
N ASP F 327 -6.91 1.54 -18.14
CA ASP F 327 -8.28 1.02 -18.13
C ASP F 327 -9.28 2.12 -17.75
N GLY F 328 -9.28 3.21 -18.51
CA GLY F 328 -10.15 4.33 -18.24
C GLY F 328 -11.21 4.62 -19.29
N GLN F 329 -11.53 3.63 -20.11
CA GLN F 329 -12.52 3.81 -21.19
C GLN F 329 -13.86 4.36 -20.69
N ARG F 330 -14.30 3.88 -19.53
CA ARG F 330 -15.53 4.39 -18.92
C ARG F 330 -15.52 5.93 -18.93
N TRP F 331 -14.45 6.52 -18.41
CA TRP F 331 -14.38 7.98 -18.31
C TRP F 331 -14.19 8.65 -19.66
N LEU F 332 -13.41 8.05 -20.54
CA LEU F 332 -13.29 8.60 -21.90
C LEU F 332 -14.67 8.76 -22.55
N ASP F 333 -15.52 7.76 -22.36
CA ASP F 333 -16.85 7.74 -22.96
C ASP F 333 -17.76 8.77 -22.31
N ILE F 334 -17.76 8.81 -20.98
CA ILE F 334 -18.50 9.85 -20.27
C ILE F 334 -18.06 11.24 -20.74
N TYR F 335 -16.74 11.44 -20.87
CA TYR F 335 -16.20 12.68 -21.43
C TYR F 335 -16.78 12.99 -22.81
N GLN F 336 -16.73 12.02 -23.73
CA GLN F 336 -17.20 12.22 -25.11
C GLN F 336 -18.68 12.60 -25.16
N VAL F 337 -19.51 11.80 -24.51
CA VAL F 337 -20.96 12.01 -24.46
C VAL F 337 -21.31 13.37 -23.87
N LEU F 338 -20.67 13.71 -22.75
CA LEU F 338 -20.95 14.95 -22.02
C LEU F 338 -20.55 16.20 -22.82
N ALA F 339 -19.46 16.11 -23.57
CA ALA F 339 -18.99 17.21 -24.39
C ALA F 339 -19.89 17.40 -25.62
N ALA F 340 -20.24 16.29 -26.27
CA ALA F 340 -21.12 16.32 -27.43
C ALA F 340 -22.53 16.81 -27.09
N GLU F 341 -23.07 16.37 -25.95
CA GLU F 341 -24.38 16.83 -25.49
C GLU F 341 -24.36 18.31 -25.14
N MET F 342 -23.33 18.76 -24.42
CA MET F 342 -23.18 20.17 -24.03
C MET F 342 -23.12 21.13 -25.21
N ALA F 343 -22.40 20.72 -26.27
CA ALA F 343 -22.22 21.58 -27.43
C ALA F 343 -23.51 21.78 -28.23
N SER F 344 -24.26 20.70 -28.42
CA SER F 344 -25.56 20.76 -29.13
C SER F 344 -26.62 21.48 -28.28
N ALA F 345 -26.66 21.21 -26.97
CA ALA F 345 -27.66 21.82 -26.12
C ALA F 345 -27.35 23.28 -25.70
N THR F 346 -26.06 23.65 -25.63
CA THR F 346 -25.69 24.97 -25.12
C THR F 346 -24.64 25.72 -25.97
N GLY F 347 -23.91 24.99 -26.80
CA GLY F 347 -22.79 25.56 -27.57
C GLY F 347 -21.51 25.75 -26.77
N ILE F 348 -21.57 25.54 -25.45
CA ILE F 348 -20.42 25.75 -24.57
C ILE F 348 -19.43 24.59 -24.61
N LEU F 349 -18.16 24.90 -24.82
CA LEU F 349 -17.08 23.92 -24.90
C LEU F 349 -16.43 23.66 -23.53
N PRO F 350 -15.73 22.52 -23.37
CA PRO F 350 -15.05 22.22 -22.09
C PRO F 350 -13.90 23.16 -21.78
N ASN F 351 -13.73 23.51 -20.51
CA ASN F 351 -12.49 24.15 -20.05
C ASN F 351 -11.53 23.09 -19.47
N LEU F 352 -10.34 23.53 -19.08
CA LEU F 352 -9.24 22.62 -18.69
C LEU F 352 -9.57 21.66 -17.54
N ASP F 353 -10.42 22.10 -16.62
CA ASP F 353 -10.76 21.30 -15.45
C ASP F 353 -11.56 20.08 -15.80
N PHE F 354 -12.02 20.01 -17.06
CA PHE F 354 -12.86 18.91 -17.48
C PHE F 354 -12.10 17.63 -17.88
N PRO F 355 -11.08 17.72 -18.75
CA PRO F 355 -10.26 16.53 -18.92
C PRO F 355 -9.31 16.30 -17.74
N THR F 356 -8.98 17.34 -16.98
CA THR F 356 -8.08 17.18 -15.84
C THR F 356 -8.65 16.25 -14.76
N GLY F 357 -9.95 16.37 -14.49
CA GLY F 357 -10.60 15.55 -13.45
C GLY F 357 -10.37 14.05 -13.57
N PRO F 358 -10.84 13.44 -14.67
CA PRO F 358 -10.64 12.00 -14.87
C PRO F 358 -9.18 11.62 -15.06
N ALA F 359 -8.35 12.55 -15.55
CA ALA F 359 -6.94 12.24 -15.65
C ALA F 359 -6.34 12.04 -14.25
N TYR F 360 -6.58 13.02 -13.37
CA TYR F 360 -6.08 12.93 -12.00
C TYR F 360 -6.60 11.67 -11.31
N TYR F 361 -7.88 11.37 -11.49
CA TYR F 361 -8.50 10.16 -10.92
C TYR F 361 -7.79 8.88 -11.38
N LEU F 362 -7.52 8.81 -12.68
CA LEU F 362 -6.87 7.63 -13.26
C LEU F 362 -5.41 7.50 -12.80
N MET F 363 -4.76 8.63 -12.55
CA MET F 363 -3.42 8.67 -11.95
C MET F 363 -3.39 8.14 -10.50
N GLY F 364 -4.54 8.10 -9.85
CA GLY F 364 -4.67 7.46 -8.54
C GLY F 364 -4.81 8.44 -7.39
N PHE F 365 -4.92 9.74 -7.70
CA PHE F 365 -5.08 10.76 -6.66
C PHE F 365 -6.47 10.69 -6.06
N ASP F 366 -6.55 10.93 -4.76
CA ASP F 366 -7.84 11.16 -4.11
C ASP F 366 -8.49 12.43 -4.64
N ILE F 367 -9.76 12.30 -5.01
CA ILE F 367 -10.55 13.37 -5.59
C ILE F 367 -10.47 14.69 -4.81
N ALA F 368 -10.55 14.61 -3.48
CA ALA F 368 -10.52 15.82 -2.63
C ALA F 368 -9.16 16.55 -2.68
N SER F 369 -8.13 15.85 -3.17
CA SER F 369 -6.82 16.45 -3.34
C SER F 369 -6.60 17.13 -4.71
N PHE F 370 -7.62 17.13 -5.58
CA PHE F 370 -7.47 17.69 -6.95
C PHE F 370 -7.13 19.18 -6.99
N THR F 371 -7.80 19.99 -6.16
CA THR F 371 -7.49 21.42 -6.20
C THR F 371 -6.10 21.73 -5.58
N PRO F 372 -5.74 21.06 -4.47
CA PRO F 372 -4.38 21.24 -3.93
C PRO F 372 -3.30 20.96 -4.97
N ILE F 373 -3.53 19.97 -5.82
CA ILE F 373 -2.60 19.66 -6.90
C ILE F 373 -2.55 20.82 -7.94
N PHE F 374 -3.70 21.41 -8.24
CA PHE F 374 -3.79 22.63 -9.02
C PHE F 374 -2.93 23.71 -8.32
N VAL F 375 -3.00 23.78 -6.99
CA VAL F 375 -2.20 24.79 -6.27
C VAL F 375 -0.70 24.60 -6.53
N MET F 376 -0.24 23.34 -6.49
CA MET F 376 1.17 23.02 -6.71
C MET F 376 1.71 23.65 -7.99
N SER F 377 0.87 23.63 -9.02
CA SER F 377 1.24 24.20 -10.31
C SER F 377 1.13 25.71 -10.39
N ARG F 378 -0.02 26.24 -9.95
CA ARG F 378 -0.38 27.64 -10.18
C ARG F 378 0.42 28.56 -9.26
N ILE F 379 1.05 28.00 -8.22
CA ILE F 379 1.98 28.74 -7.39
C ILE F 379 3.01 29.49 -8.25
N THR F 380 3.34 28.92 -9.42
CA THR F 380 4.32 29.58 -10.27
C THR F 380 3.72 30.86 -10.83
N GLY F 381 2.58 30.74 -11.51
CA GLY F 381 1.85 31.88 -12.03
C GLY F 381 1.52 32.94 -10.98
N TRP F 382 1.01 32.51 -9.82
CA TRP F 382 0.67 33.46 -8.76
C TRP F 382 1.84 34.33 -8.33
N THR F 383 3.01 33.69 -8.18
CA THR F 383 4.17 34.37 -7.61
C THR F 383 4.83 35.26 -8.66
N ALA F 384 4.72 34.87 -9.93
CA ALA F 384 5.19 35.74 -11.03
C ALA F 384 4.32 37.00 -11.03
N HIS F 385 3.01 36.83 -10.93
CA HIS F 385 2.08 37.97 -10.83
C HIS F 385 2.34 38.84 -9.61
N ILE F 386 2.56 38.22 -8.46
CA ILE F 386 2.80 38.97 -7.21
C ILE F 386 4.06 39.80 -7.33
N MET F 387 5.11 39.22 -7.88
CA MET F 387 6.36 39.94 -8.10
C MET F 387 6.18 41.06 -9.12
N GLU F 388 5.29 40.86 -10.08
CA GLU F 388 5.05 41.86 -11.08
C GLU F 388 4.29 43.04 -10.46
N GLN F 389 3.28 42.70 -9.65
CA GLN F 389 2.45 43.69 -8.97
C GLN F 389 3.30 44.50 -8.02
N ALA F 390 4.20 43.84 -7.29
CA ALA F 390 4.97 44.52 -6.27
C ALA F 390 5.97 45.51 -6.86
N THR F 391 6.52 45.21 -8.03
CA THR F 391 7.49 46.11 -8.67
C THR F 391 6.83 47.17 -9.58
N ALA F 392 5.53 47.09 -9.80
CA ALA F 392 4.84 48.19 -10.48
C ALA F 392 3.48 48.46 -9.84
N ASN F 393 3.51 48.85 -8.56
CA ASN F 393 2.31 48.77 -7.72
C ASN F 393 1.40 50.00 -7.63
N ALA F 394 0.10 49.74 -7.49
CA ALA F 394 -0.86 50.74 -7.01
C ALA F 394 -2.00 50.04 -6.28
N LEU F 395 -2.47 50.67 -5.21
CA LEU F 395 -3.52 50.11 -4.40
C LEU F 395 -4.75 49.76 -5.22
N ILE F 396 -5.29 48.57 -5.01
CA ILE F 396 -6.51 48.17 -5.70
C ILE F 396 -7.69 48.48 -4.80
N ARG F 397 -8.40 49.55 -5.13
CA ARG F 397 -9.45 50.10 -4.27
C ARG F 397 -10.52 50.66 -5.19
N PRO F 398 -11.54 49.84 -5.51
CA PRO F 398 -12.61 50.24 -6.40
C PRO F 398 -13.72 50.97 -5.67
N LEU F 399 -14.79 51.27 -6.40
CA LEU F 399 -15.90 52.00 -5.83
C LEU F 399 -17.16 51.19 -5.96
N SER F 400 -18.16 51.53 -5.16
CA SER F 400 -19.47 50.88 -5.22
C SER F 400 -20.61 51.88 -5.34
N ALA F 401 -21.69 51.45 -5.98
CA ALA F 401 -22.97 52.16 -5.96
C ALA F 401 -23.81 51.71 -4.75
N TYR F 402 -24.60 52.64 -4.20
CA TYR F 402 -25.39 52.39 -2.98
C TYR F 402 -26.82 52.03 -3.30
N CYS F 403 -27.39 51.07 -2.55
CA CYS F 403 -28.80 50.75 -2.71
C CYS F 403 -29.49 50.47 -1.38
N GLY F 404 -28.87 50.90 -0.28
CA GLY F 404 -29.43 50.68 1.07
C GLY F 404 -30.37 51.77 1.56
N HIS F 405 -30.52 51.84 2.88
CA HIS F 405 -31.38 52.85 3.51
C HIS F 405 -30.86 54.26 3.27
N GLU F 406 -31.77 55.19 2.99
CA GLU F 406 -31.41 56.60 2.93
C GLU F 406 -30.97 57.06 4.34
N GLN F 407 -30.16 58.10 4.40
CA GLN F 407 -29.66 58.64 5.69
C GLN F 407 -30.81 58.81 6.71
N ARG F 408 -30.54 58.42 7.95
CA ARG F 408 -31.57 58.41 8.97
C ARG F 408 -31.00 58.70 10.35
N VAL F 409 -31.89 58.86 11.32
CA VAL F 409 -31.51 59.33 12.65
C VAL F 409 -31.76 58.25 13.69
N LEU F 410 -30.87 58.15 14.69
CA LEU F 410 -31.09 57.24 15.81
C LEU F 410 -32.39 57.61 16.54
N PRO F 411 -33.17 56.60 16.98
CA PRO F 411 -34.34 56.79 17.85
C PRO F 411 -33.92 57.37 19.21
N GLY F 412 -34.90 57.85 19.97
CA GLY F 412 -34.66 58.41 21.32
C GLY F 412 -34.37 57.40 22.42
N ASP G 48 19.43 -12.49 -64.30
CA ASP G 48 20.77 -12.35 -63.66
C ASP G 48 20.71 -11.96 -62.16
N ILE G 49 21.47 -12.70 -61.35
CA ILE G 49 21.21 -12.73 -59.91
C ILE G 49 22.11 -11.78 -59.10
N LYS G 50 21.47 -10.95 -58.29
CA LYS G 50 22.20 -9.99 -57.44
C LYS G 50 22.35 -10.49 -55.98
N LYS G 51 23.20 -11.51 -55.82
CA LYS G 51 23.49 -12.12 -54.51
C LYS G 51 23.97 -11.12 -53.48
N GLY G 52 23.22 -11.03 -52.40
CA GLY G 52 23.56 -10.13 -51.29
C GLY G 52 23.45 -8.67 -51.67
N LEU G 53 22.71 -8.42 -52.76
CA LEU G 53 22.52 -7.09 -53.34
C LEU G 53 23.81 -6.31 -53.52
N ALA G 54 24.90 -7.04 -53.75
CA ALA G 54 26.21 -6.44 -53.90
C ALA G 54 26.27 -5.52 -55.12
N GLY G 55 26.68 -4.28 -54.89
CA GLY G 55 26.79 -3.25 -55.94
C GLY G 55 25.47 -2.64 -56.41
N VAL G 56 24.35 -3.05 -55.81
CA VAL G 56 23.02 -2.61 -56.24
C VAL G 56 22.56 -1.38 -55.44
N VAL G 57 22.21 -0.31 -56.15
CA VAL G 57 21.77 0.94 -55.52
C VAL G 57 20.26 0.84 -55.40
N VAL G 58 19.76 1.02 -54.18
CA VAL G 58 18.43 0.51 -53.84
C VAL G 58 17.47 1.61 -53.46
N ASP G 59 18.01 2.72 -52.97
CA ASP G 59 17.24 3.90 -52.65
C ASP G 59 18.20 5.06 -52.49
N THR G 60 17.64 6.24 -52.23
CA THR G 60 18.48 7.41 -51.94
C THR G 60 18.35 7.81 -50.47
N THR G 61 19.42 8.40 -49.93
CA THR G 61 19.38 8.95 -48.59
C THR G 61 20.11 10.28 -48.47
N ALA G 62 19.63 11.11 -47.55
CA ALA G 62 20.29 12.36 -47.16
C ALA G 62 21.06 12.26 -45.83
N ILE G 63 21.12 11.06 -45.24
CA ILE G 63 21.57 10.89 -43.86
C ILE G 63 23.10 10.89 -43.70
N SER G 64 23.77 10.02 -44.46
CA SER G 64 25.23 9.87 -44.42
C SER G 64 25.82 9.45 -45.77
N LYS G 65 27.16 9.54 -45.88
CA LYS G 65 27.86 9.20 -47.10
C LYS G 65 29.34 9.01 -46.79
N VAL G 66 29.97 8.05 -47.44
CA VAL G 66 31.43 7.97 -47.43
C VAL G 66 31.99 8.75 -48.65
N VAL G 67 32.80 9.77 -48.36
CA VAL G 67 33.34 10.68 -49.38
C VAL G 67 34.49 10.01 -50.13
N PRO G 68 34.27 9.69 -51.43
CA PRO G 68 35.27 8.95 -52.22
C PRO G 68 36.64 9.64 -52.23
N GLN G 69 36.64 10.96 -52.45
CA GLN G 69 37.87 11.76 -52.55
C GLN G 69 38.85 11.53 -51.37
N THR G 70 38.33 11.65 -50.14
CA THR G 70 39.19 11.66 -48.93
C THR G 70 39.07 10.42 -48.00
N ASN G 71 38.27 9.43 -48.41
CA ASN G 71 37.87 8.27 -47.56
C ASN G 71 37.31 8.67 -46.19
N SER G 72 36.32 9.53 -46.23
CA SER G 72 35.82 10.19 -45.04
C SER G 72 34.32 9.95 -44.91
N LEU G 73 33.90 9.35 -43.80
CA LEU G 73 32.46 9.22 -43.53
C LEU G 73 31.95 10.56 -43.00
N THR G 74 30.80 11.01 -43.50
CA THR G 74 30.13 12.22 -43.00
C THR G 74 28.71 11.91 -42.47
N TYR G 75 28.30 12.57 -41.41
CA TYR G 75 26.90 12.56 -40.97
C TYR G 75 26.32 13.91 -41.32
N ARG G 76 25.31 13.93 -42.18
CA ARG G 76 24.74 15.18 -42.69
C ARG G 76 25.83 16.17 -43.14
N GLY G 77 26.89 15.67 -43.76
CA GLY G 77 27.97 16.51 -44.28
C GLY G 77 29.18 16.74 -43.41
N TYR G 78 29.07 16.47 -42.10
CA TYR G 78 30.21 16.66 -41.21
C TYR G 78 31.02 15.38 -41.08
N PRO G 79 32.36 15.49 -41.20
CA PRO G 79 33.20 14.30 -41.09
C PRO G 79 33.09 13.67 -39.71
N VAL G 80 32.85 12.37 -39.70
CA VAL G 80 32.60 11.63 -38.48
C VAL G 80 33.73 11.87 -37.48
N GLN G 81 34.96 12.01 -37.97
CA GLN G 81 36.11 12.14 -37.08
C GLN G 81 36.17 13.52 -36.43
N ASP G 82 35.60 14.52 -37.10
CA ASP G 82 35.44 15.84 -36.46
C ASP G 82 34.32 15.83 -35.41
N LEU G 83 33.19 15.19 -35.73
CA LEU G 83 32.14 15.01 -34.73
C LEU G 83 32.67 14.28 -33.47
N ALA G 84 33.46 13.23 -33.66
CA ALA G 84 33.96 12.42 -32.55
C ALA G 84 35.00 13.16 -31.70
N ALA G 85 35.77 14.06 -32.31
CA ALA G 85 36.73 14.84 -31.55
C ALA G 85 36.07 15.93 -30.70
N ARG G 86 34.97 16.51 -31.18
CA ARG G 86 34.46 17.77 -30.62
C ARG G 86 33.03 17.73 -30.07
N CYS G 87 32.25 16.72 -30.46
CA CYS G 87 30.84 16.71 -30.12
C CYS G 87 30.47 15.66 -29.08
N SER G 88 29.35 15.89 -28.41
CA SER G 88 28.77 14.91 -27.51
C SER G 88 27.88 13.97 -28.32
N PHE G 89 27.54 12.82 -27.76
CA PHE G 89 26.61 11.93 -28.43
C PHE G 89 25.24 12.57 -28.63
N GLU G 90 24.82 13.39 -27.65
CA GLU G 90 23.54 14.11 -27.73
C GLU G 90 23.49 15.00 -28.98
N GLN G 91 24.58 15.75 -29.22
CA GLN G 91 24.71 16.59 -30.42
C GLN G 91 24.64 15.79 -31.73
N VAL G 92 25.35 14.66 -31.78
CA VAL G 92 25.39 13.80 -32.97
C VAL G 92 24.03 13.14 -33.24
N ALA G 93 23.37 12.68 -32.18
CA ALA G 93 22.01 12.13 -32.28
C ALA G 93 21.04 13.16 -32.83
N PHE G 94 21.06 14.37 -32.26
CA PHE G 94 20.28 15.51 -32.76
C PHE G 94 20.56 15.73 -34.25
N LEU G 95 21.85 15.81 -34.58
CA LEU G 95 22.31 16.04 -35.94
C LEU G 95 21.72 15.01 -36.91
N LEU G 96 21.86 13.74 -36.58
CA LEU G 96 21.34 12.68 -37.43
C LEU G 96 19.85 12.80 -37.65
N TRP G 97 19.08 13.13 -36.60
CA TRP G 97 17.63 13.22 -36.75
C TRP G 97 17.15 14.48 -37.45
N ARG G 98 17.77 15.62 -37.15
CA ARG G 98 17.28 16.91 -37.60
C ARG G 98 17.92 17.41 -38.90
N GLY G 99 19.17 17.02 -39.15
CA GLY G 99 19.89 17.48 -40.34
C GLY G 99 20.86 18.63 -40.10
N GLU G 100 20.81 19.21 -38.90
CA GLU G 100 21.75 20.25 -38.52
C GLU G 100 22.21 20.02 -37.10
N LEU G 101 23.37 20.57 -36.78
CA LEU G 101 23.82 20.66 -35.41
C LEU G 101 22.91 21.55 -34.55
N PRO G 102 22.70 21.17 -33.28
CA PRO G 102 21.86 21.99 -32.42
C PRO G 102 22.55 23.27 -31.94
N THR G 103 21.76 24.31 -31.70
CA THR G 103 22.22 25.48 -30.96
C THR G 103 22.25 25.04 -29.49
N ASP G 104 22.89 25.82 -28.62
CA ASP G 104 22.88 25.52 -27.19
C ASP G 104 21.47 25.38 -26.65
N ALA G 105 20.55 26.24 -27.11
CA ALA G 105 19.18 26.22 -26.58
C ALA G 105 18.38 25.01 -27.07
N GLU G 106 18.64 24.61 -28.32
CA GLU G 106 18.06 23.41 -28.90
C GLU G 106 18.57 22.18 -28.17
N LEU G 107 19.88 22.14 -27.92
CA LEU G 107 20.50 21.05 -27.18
C LEU G 107 19.92 20.93 -25.76
N ALA G 108 19.78 22.07 -25.06
CA ALA G 108 19.22 22.08 -23.70
C ALA G 108 17.86 21.38 -23.60
N LEU G 109 16.95 21.67 -24.53
CA LEU G 109 15.65 20.97 -24.60
C LEU G 109 15.76 19.51 -25.01
N PHE G 110 16.58 19.23 -26.03
CA PHE G 110 16.83 17.87 -26.48
C PHE G 110 17.38 17.01 -25.33
N SER G 111 18.40 17.55 -24.66
CA SER G 111 19.06 16.87 -23.57
C SER G 111 18.11 16.57 -22.41
N GLN G 112 17.28 17.53 -22.02
CA GLN G 112 16.34 17.32 -20.93
C GLN G 112 15.30 16.26 -21.25
N ARG G 113 14.83 16.22 -22.48
CA ARG G 113 13.88 15.18 -22.87
C ARG G 113 14.54 13.80 -22.80
N GLU G 114 15.80 13.74 -23.23
CA GLU G 114 16.59 12.50 -23.14
C GLU G 114 16.68 12.02 -21.67
N ARG G 115 17.13 12.91 -20.79
CA ARG G 115 17.32 12.56 -19.38
C ARG G 115 16.03 12.12 -18.69
N ALA G 116 14.91 12.72 -19.10
CA ALA G 116 13.58 12.40 -18.59
C ALA G 116 13.00 11.08 -19.13
N SER G 117 13.63 10.49 -20.14
CA SER G 117 13.08 9.29 -20.76
C SER G 117 13.91 8.04 -20.49
N ARG G 118 14.84 8.15 -19.55
CA ARG G 118 15.80 7.11 -19.25
C ARG G 118 15.25 5.92 -18.43
N ARG G 119 14.29 6.17 -17.54
CA ARG G 119 13.90 5.15 -16.58
C ARG G 119 13.10 4.01 -17.21
N VAL G 120 13.27 2.80 -16.68
CA VAL G 120 12.41 1.69 -17.06
C VAL G 120 11.25 1.60 -16.05
N ASP G 121 10.09 1.15 -16.53
CA ASP G 121 8.90 0.95 -15.69
C ASP G 121 8.97 -0.39 -14.93
N ARG G 122 8.14 -0.52 -13.90
CA ARG G 122 8.03 -1.76 -13.13
C ARG G 122 7.91 -2.98 -14.04
N SER G 123 7.14 -2.85 -15.12
CA SER G 123 6.93 -4.00 -15.99
C SER G 123 8.19 -4.39 -16.75
N MET G 124 9.08 -3.42 -16.99
CA MET G 124 10.36 -3.72 -17.61
C MET G 124 11.25 -4.44 -16.61
N LEU G 125 11.31 -3.94 -15.38
CA LEU G 125 12.05 -4.58 -14.29
C LEU G 125 11.59 -6.04 -14.11
N SER G 126 10.28 -6.23 -14.18
CA SER G 126 9.67 -7.55 -14.12
C SER G 126 10.17 -8.47 -15.26
N LEU G 127 10.03 -8.00 -16.50
CA LEU G 127 10.58 -8.73 -17.65
C LEU G 127 12.07 -9.06 -17.51
N LEU G 128 12.87 -8.12 -17.01
CA LEU G 128 14.31 -8.37 -16.87
C LEU G 128 14.66 -9.35 -15.74
N ALA G 129 13.71 -9.62 -14.84
CA ALA G 129 13.91 -10.66 -13.84
C ALA G 129 13.45 -12.03 -14.34
N LYS G 130 12.46 -12.06 -15.23
CA LYS G 130 11.92 -13.34 -15.76
C LYS G 130 12.71 -13.90 -16.95
N LEU G 131 13.30 -13.01 -17.76
CA LEU G 131 14.17 -13.44 -18.85
C LEU G 131 15.35 -14.25 -18.30
N PRO G 132 15.68 -15.38 -18.97
CA PRO G 132 16.84 -16.11 -18.48
C PRO G 132 18.09 -15.25 -18.52
N ASP G 133 18.95 -15.41 -17.52
CA ASP G 133 20.18 -14.62 -17.40
C ASP G 133 21.36 -15.26 -18.13
N ASN G 134 21.07 -16.31 -18.89
CA ASN G 134 22.09 -17.00 -19.68
C ASN G 134 21.75 -16.96 -21.20
N CYS G 135 20.74 -16.19 -21.57
CA CYS G 135 20.45 -15.98 -23.00
C CYS G 135 21.44 -14.95 -23.53
N HIS G 136 21.58 -14.84 -24.85
CA HIS G 136 22.46 -13.81 -25.41
C HIS G 136 21.86 -12.46 -25.10
N PRO G 137 22.69 -11.50 -24.62
CA PRO G 137 22.19 -10.17 -24.30
C PRO G 137 21.43 -9.47 -25.43
N MET G 138 21.76 -9.78 -26.69
CA MET G 138 20.97 -9.24 -27.80
C MET G 138 19.52 -9.71 -27.72
N ASP G 139 19.28 -10.89 -27.16
CA ASP G 139 17.91 -11.38 -27.00
C ASP G 139 17.13 -10.50 -26.05
N VAL G 140 17.81 -9.95 -25.05
CA VAL G 140 17.14 -9.19 -24.00
C VAL G 140 16.65 -7.88 -24.59
N VAL G 141 17.56 -7.22 -25.28
CA VAL G 141 17.31 -5.99 -25.98
C VAL G 141 16.24 -6.20 -27.10
N ARG G 142 16.33 -7.32 -27.81
CA ARG G 142 15.33 -7.68 -28.80
C ARG G 142 13.95 -7.80 -28.14
N THR G 143 13.89 -8.44 -26.97
CA THR G 143 12.59 -8.69 -26.34
C THR G 143 12.04 -7.43 -25.70
N ALA G 144 12.91 -6.65 -25.03
CA ALA G 144 12.51 -5.40 -24.38
C ALA G 144 11.91 -4.38 -25.34
N ILE G 145 12.57 -4.19 -26.47
CA ILE G 145 12.08 -3.25 -27.46
C ILE G 145 10.72 -3.71 -27.97
N SER G 146 10.57 -5.01 -28.23
CA SER G 146 9.27 -5.54 -28.65
C SER G 146 8.23 -5.25 -27.56
N TYR G 147 8.60 -5.45 -26.31
CA TYR G 147 7.68 -5.23 -25.20
C TYR G 147 7.27 -3.74 -25.07
N LEU G 148 8.24 -2.84 -25.25
CA LEU G 148 8.00 -1.41 -25.13
C LEU G 148 7.06 -0.94 -26.23
N GLY G 149 7.22 -1.52 -27.41
CA GLY G 149 6.32 -1.25 -28.52
C GLY G 149 4.88 -1.52 -28.11
N ALA G 150 4.65 -2.70 -27.53
CA ALA G 150 3.32 -3.10 -27.09
C ALA G 150 2.74 -2.16 -26.03
N GLU G 151 3.60 -1.58 -25.19
CA GLU G 151 3.13 -0.65 -24.15
C GLU G 151 2.93 0.79 -24.63
N ASP G 152 3.37 1.09 -25.84
CA ASP G 152 3.36 2.47 -26.29
C ASP G 152 2.03 2.74 -27.03
N PRO G 153 1.15 3.57 -26.43
CA PRO G 153 -0.16 3.84 -27.03
C PRO G 153 -0.04 4.38 -28.45
N ASP G 154 1.08 5.03 -28.74
CA ASP G 154 1.35 5.62 -30.05
C ASP G 154 2.19 4.72 -30.98
N GLU G 155 2.35 3.45 -30.62
CA GLU G 155 3.20 2.53 -31.41
C GLU G 155 2.97 2.68 -32.90
N ASP G 156 1.71 2.61 -33.31
CA ASP G 156 1.37 2.50 -34.72
C ASP G 156 1.18 3.85 -35.44
N ASP G 157 1.32 4.96 -34.70
CA ASP G 157 1.21 6.32 -35.29
C ASP G 157 2.56 6.78 -35.90
N ALA G 158 2.68 6.79 -37.22
CA ALA G 158 3.93 7.23 -37.87
C ALA G 158 4.38 8.67 -37.57
N ALA G 159 3.44 9.55 -37.29
CA ALA G 159 3.79 10.96 -37.03
C ALA G 159 4.51 11.13 -35.69
N ALA G 160 4.40 10.10 -34.85
CA ALA G 160 5.01 10.11 -33.52
C ALA G 160 6.42 9.51 -33.53
N ASN G 161 6.97 9.28 -34.72
CA ASN G 161 8.26 8.62 -34.87
C ASN G 161 9.44 9.29 -34.14
N ARG G 162 9.52 10.62 -34.19
CA ARG G 162 10.62 11.33 -33.54
C ARG G 162 10.65 11.08 -32.04
N ALA G 163 9.48 11.09 -31.41
CA ALA G 163 9.33 10.85 -29.98
C ALA G 163 9.60 9.39 -29.61
N LYS G 164 9.15 8.46 -30.45
CA LYS G 164 9.40 7.04 -30.19
C LYS G 164 10.90 6.74 -30.33
N ALA G 165 11.53 7.31 -31.36
CA ALA G 165 12.98 7.19 -31.55
C ALA G 165 13.75 7.70 -30.32
N MET G 166 13.27 8.80 -29.75
CA MET G 166 13.89 9.41 -28.58
C MET G 166 13.76 8.53 -27.33
N ARG G 167 12.56 8.01 -27.09
CA ARG G 167 12.29 7.04 -26.02
C ARG G 167 13.21 5.80 -26.11
N MET G 168 13.34 5.24 -27.31
CA MET G 168 14.23 4.09 -27.54
C MET G 168 15.70 4.43 -27.26
N MET G 169 16.17 5.55 -27.80
CA MET G 169 17.56 5.93 -27.61
C MET G 169 17.93 6.18 -26.12
N ALA G 170 16.99 6.76 -25.38
CA ALA G 170 17.20 7.13 -23.99
C ALA G 170 17.18 5.92 -23.04
N VAL G 171 16.30 4.97 -23.35
CA VAL G 171 15.99 3.85 -22.47
C VAL G 171 16.90 2.64 -22.69
N LEU G 172 17.44 2.49 -23.89
CA LEU G 172 18.30 1.33 -24.20
C LEU G 172 19.52 1.18 -23.28
N PRO G 173 20.18 2.31 -22.91
CA PRO G 173 21.32 2.14 -22.00
C PRO G 173 20.92 1.63 -20.61
N THR G 174 19.77 2.07 -20.14
CA THR G 174 19.26 1.61 -18.86
C THR G 174 19.08 0.10 -18.84
N ILE G 175 18.50 -0.43 -19.92
CA ILE G 175 18.25 -1.86 -20.12
C ILE G 175 19.54 -2.66 -20.30
N VAL G 176 20.43 -2.17 -21.15
CA VAL G 176 21.72 -2.81 -21.35
C VAL G 176 22.50 -2.90 -20.02
N ALA G 177 22.52 -1.81 -19.24
CA ALA G 177 23.21 -1.83 -17.94
C ALA G 177 22.58 -2.81 -16.94
N ILE G 178 21.25 -2.82 -16.85
CA ILE G 178 20.57 -3.74 -15.92
C ILE G 178 20.90 -5.20 -16.26
N ASP G 179 20.84 -5.53 -17.56
CA ASP G 179 21.09 -6.86 -18.03
C ASP G 179 22.52 -7.28 -17.71
N MET G 180 23.48 -6.42 -18.02
CA MET G 180 24.88 -6.71 -17.73
C MET G 180 25.14 -6.93 -16.21
N ARG G 181 24.51 -6.10 -15.38
CA ARG G 181 24.68 -6.19 -13.94
C ARG G 181 24.00 -7.41 -13.32
N ARG G 182 22.78 -7.73 -13.76
CA ARG G 182 22.06 -8.88 -13.19
C ARG G 182 22.82 -10.18 -13.48
N ARG G 183 23.62 -10.23 -14.54
CA ARG G 183 24.42 -11.44 -14.83
C ARG G 183 25.62 -11.58 -13.89
N ARG G 184 26.06 -10.45 -13.33
CA ARG G 184 27.16 -10.43 -12.35
C ARG G 184 26.64 -10.52 -10.90
N GLY G 185 25.35 -10.80 -10.75
CA GLY G 185 24.68 -10.77 -9.44
C GLY G 185 24.37 -9.40 -8.84
N LEU G 186 24.31 -8.35 -9.66
CA LEU G 186 24.17 -6.98 -9.14
C LEU G 186 22.84 -6.32 -9.52
N PRO G 187 22.23 -5.58 -8.57
CA PRO G 187 20.95 -4.90 -8.79
C PRO G 187 21.10 -3.61 -9.65
N PRO G 188 19.97 -3.09 -10.18
CA PRO G 188 20.04 -1.89 -11.03
C PRO G 188 20.64 -0.67 -10.33
N ILE G 189 21.30 0.17 -11.13
CA ILE G 189 21.61 1.54 -10.71
C ILE G 189 20.77 2.49 -11.57
N ALA G 190 19.96 3.31 -10.89
CA ALA G 190 19.05 4.27 -11.52
C ALA G 190 19.79 5.28 -12.41
N PRO G 191 19.14 5.74 -13.49
CA PRO G 191 19.61 6.91 -14.27
C PRO G 191 19.85 8.10 -13.38
N HIS G 192 20.90 8.87 -13.66
CA HIS G 192 21.30 10.04 -12.88
C HIS G 192 20.98 11.31 -13.70
N SER G 193 20.03 12.11 -13.23
CA SER G 193 19.58 13.27 -14.02
C SER G 193 20.64 14.37 -14.12
N GLY G 194 21.66 14.30 -13.28
CA GLY G 194 22.80 15.22 -13.36
C GLY G 194 23.90 14.79 -14.31
N LEU G 195 23.72 13.67 -15.02
CA LEU G 195 24.77 13.17 -15.90
C LEU G 195 24.33 13.13 -17.38
N GLY G 196 25.24 13.50 -18.27
CA GLY G 196 25.06 13.34 -19.71
C GLY G 196 25.01 11.87 -20.11
N TYR G 197 24.70 11.62 -21.39
CA TYR G 197 24.46 10.27 -21.87
C TYR G 197 25.61 9.32 -21.56
N ALA G 198 26.83 9.74 -21.92
CA ALA G 198 27.98 8.87 -21.84
C ALA G 198 28.36 8.56 -20.38
N GLN G 199 28.39 9.61 -19.56
CA GLN G 199 28.68 9.44 -18.14
C GLN G 199 27.62 8.61 -17.46
N ASN G 200 26.35 8.83 -17.81
CA ASN G 200 25.26 8.16 -17.13
C ASN G 200 25.31 6.64 -17.32
N PHE G 201 25.56 6.22 -18.57
CA PHE G 201 25.65 4.81 -18.91
C PHE G 201 26.73 4.13 -18.09
N LEU G 202 27.89 4.76 -18.04
CA LEU G 202 29.03 4.21 -17.33
C LEU G 202 28.76 4.13 -15.83
N HIS G 203 28.08 5.14 -15.30
CA HIS G 203 27.63 5.14 -13.91
C HIS G 203 26.60 4.01 -13.63
N MET G 204 25.66 3.80 -14.55
CA MET G 204 24.67 2.74 -14.37
C MET G 204 25.33 1.35 -14.41
N CYS G 205 26.42 1.23 -15.17
CA CYS G 205 27.15 -0.03 -15.27
C CYS G 205 28.03 -0.27 -14.04
N PHE G 206 28.74 0.77 -13.60
CA PHE G 206 29.82 0.61 -12.65
C PHE G 206 29.67 1.26 -11.29
N GLY G 207 28.66 2.11 -11.14
CA GLY G 207 28.40 2.78 -9.88
C GLY G 207 29.21 4.04 -9.71
N GLU G 208 30.14 4.28 -10.62
CA GLU G 208 31.01 5.45 -10.60
C GLU G 208 31.26 5.92 -12.04
N VAL G 209 31.48 7.23 -12.24
CA VAL G 209 31.98 7.70 -13.52
C VAL G 209 33.51 7.52 -13.54
N PRO G 210 34.03 6.81 -14.55
CA PRO G 210 35.49 6.62 -14.59
C PRO G 210 36.21 7.89 -15.09
N GLU G 211 37.54 7.82 -15.19
CA GLU G 211 38.38 8.93 -15.66
C GLU G 211 37.96 9.41 -17.04
N THR G 212 38.37 10.63 -17.36
CA THR G 212 38.12 11.27 -18.64
C THR G 212 38.48 10.40 -19.84
N ALA G 213 39.65 9.75 -19.80
CA ALA G 213 40.12 9.00 -20.95
C ALA G 213 39.12 7.89 -21.33
N VAL G 214 38.49 7.30 -20.32
CA VAL G 214 37.51 6.22 -20.50
C VAL G 214 36.17 6.81 -20.98
N VAL G 215 35.70 7.85 -20.31
CA VAL G 215 34.42 8.47 -20.70
C VAL G 215 34.51 8.92 -22.15
N SER G 216 35.62 9.59 -22.48
CA SER G 216 35.86 10.15 -23.80
C SER G 216 35.93 9.08 -24.89
N ALA G 217 36.65 7.99 -24.63
CA ALA G 217 36.72 6.86 -25.56
C ALA G 217 35.36 6.20 -25.81
N PHE G 218 34.56 6.07 -24.74
CA PHE G 218 33.24 5.50 -24.87
C PHE G 218 32.32 6.38 -25.71
N GLU G 219 32.38 7.69 -25.44
CA GLU G 219 31.57 8.67 -26.19
C GLU G 219 31.95 8.67 -27.68
N GLN G 220 33.24 8.56 -27.98
CA GLN G 220 33.70 8.52 -29.39
C GLN G 220 33.14 7.30 -30.09
N SER G 221 33.11 6.18 -29.38
CA SER G 221 32.57 4.96 -29.95
C SER G 221 31.08 5.08 -30.24
N MET G 222 30.37 5.76 -29.36
CA MET G 222 28.94 6.00 -29.59
C MET G 222 28.73 6.85 -30.85
N ILE G 223 29.63 7.82 -31.07
CA ILE G 223 29.55 8.66 -32.27
C ILE G 223 29.94 7.87 -33.52
N LEU G 224 31.00 7.07 -33.43
CA LEU G 224 31.47 6.29 -34.57
C LEU G 224 30.49 5.21 -35.04
N TYR G 225 29.73 4.63 -34.11
CA TYR G 225 28.81 3.52 -34.39
C TYR G 225 27.44 3.98 -34.84
N ALA G 226 27.18 5.29 -34.73
CA ALA G 226 25.83 5.83 -34.83
C ALA G 226 25.11 5.55 -36.15
N GLU G 227 25.82 5.63 -37.26
CA GLU G 227 25.20 5.58 -38.58
C GLU G 227 26.18 5.08 -39.64
N HIS G 228 25.72 4.24 -40.54
CA HIS G 228 26.60 3.76 -41.60
C HIS G 228 25.84 3.27 -42.84
N GLY G 229 24.94 4.12 -43.35
CA GLY G 229 24.26 3.80 -44.60
C GLY G 229 23.46 2.52 -44.54
N PHE G 230 23.35 1.85 -45.68
CA PHE G 230 22.43 0.70 -45.82
C PHE G 230 23.11 -0.62 -45.45
N ASN G 231 23.69 -0.66 -44.26
CA ASN G 231 24.15 -1.91 -43.68
C ASN G 231 22.95 -2.84 -43.46
N ALA G 232 23.24 -4.11 -43.20
CA ALA G 232 22.22 -5.15 -43.10
C ALA G 232 21.11 -4.85 -42.10
N SER G 233 21.46 -4.29 -40.94
CA SER G 233 20.46 -4.05 -39.92
C SER G 233 19.62 -2.83 -40.27
N THR G 234 20.29 -1.80 -40.77
CA THR G 234 19.58 -0.64 -41.26
C THR G 234 18.67 -1.05 -42.41
N PHE G 235 19.20 -1.85 -43.34
CA PHE G 235 18.38 -2.32 -44.45
C PHE G 235 17.15 -3.13 -43.97
N ALA G 236 17.33 -3.98 -42.95
CA ALA G 236 16.21 -4.79 -42.42
C ALA G 236 15.09 -3.94 -41.86
N ALA G 237 15.47 -2.88 -41.14
CA ALA G 237 14.52 -1.91 -40.59
C ALA G 237 13.75 -1.22 -41.70
N ARG G 238 14.45 -0.93 -42.79
CA ARG G 238 13.83 -0.30 -43.96
C ARG G 238 12.88 -1.29 -44.62
N VAL G 239 13.29 -2.56 -44.77
CA VAL G 239 12.37 -3.60 -45.26
C VAL G 239 11.10 -3.65 -44.42
N VAL G 240 11.25 -3.73 -43.09
CA VAL G 240 10.10 -3.81 -42.19
C VAL G 240 9.23 -2.55 -42.32
N THR G 241 9.88 -1.40 -42.44
CA THR G 241 9.16 -0.13 -42.54
C THR G 241 8.42 -0.04 -43.89
N SER G 242 8.99 -0.67 -44.92
CA SER G 242 8.42 -0.61 -46.26
C SER G 242 6.98 -1.11 -46.35
N THR G 243 6.56 -1.91 -45.38
CA THR G 243 5.21 -2.48 -45.37
C THR G 243 4.25 -1.59 -44.60
N GLN G 244 4.75 -0.42 -44.16
CA GLN G 244 4.03 0.48 -43.25
C GLN G 244 3.88 -0.07 -41.82
N SER G 245 4.74 -1.01 -41.45
CA SER G 245 4.82 -1.47 -40.07
C SER G 245 5.48 -0.40 -39.16
N ASP G 246 5.26 -0.52 -37.86
CA ASP G 246 5.72 0.44 -36.86
C ASP G 246 7.26 0.41 -36.56
N ILE G 247 7.75 1.52 -36.00
CA ILE G 247 9.17 1.76 -35.74
C ILE G 247 9.78 0.78 -34.70
N TYR G 248 8.96 0.32 -33.77
CA TYR G 248 9.42 -0.72 -32.84
C TYR G 248 9.65 -2.04 -33.57
N SER G 249 8.70 -2.43 -34.45
CA SER G 249 8.85 -3.63 -35.30
C SER G 249 10.08 -3.52 -36.18
N ALA G 250 10.34 -2.32 -36.67
CA ALA G 250 11.53 -2.09 -37.47
C ALA G 250 12.81 -2.26 -36.67
N VAL G 251 12.86 -1.64 -35.49
CA VAL G 251 14.05 -1.69 -34.65
C VAL G 251 14.30 -3.12 -34.14
N THR G 252 13.23 -3.82 -33.81
CA THR G 252 13.32 -5.23 -33.38
C THR G 252 13.96 -6.08 -34.47
N GLY G 253 13.56 -5.86 -35.73
CA GLY G 253 14.16 -6.59 -36.84
C GLY G 253 15.62 -6.22 -37.03
N ALA G 254 15.92 -4.94 -36.88
CA ALA G 254 17.29 -4.43 -36.99
C ALA G 254 18.19 -5.03 -35.89
N ILE G 255 17.71 -5.05 -34.65
CA ILE G 255 18.46 -5.71 -33.57
C ILE G 255 18.70 -7.18 -33.92
N GLY G 256 17.68 -7.84 -34.48
CA GLY G 256 17.83 -9.21 -34.93
C GLY G 256 19.03 -9.29 -35.86
N ALA G 257 19.07 -8.38 -36.84
CA ALA G 257 20.11 -8.43 -37.85
C ALA G 257 21.49 -8.13 -37.27
N LEU G 258 21.57 -7.08 -36.44
CA LEU G 258 22.84 -6.67 -35.83
C LEU G 258 23.52 -7.78 -35.04
N LYS G 259 22.73 -8.63 -34.39
CA LYS G 259 23.28 -9.69 -33.55
C LYS G 259 24.32 -10.55 -34.28
N GLY G 260 24.08 -10.83 -35.56
CA GLY G 260 24.89 -11.77 -36.32
C GLY G 260 26.37 -11.45 -36.38
N ARG G 261 27.17 -12.50 -36.41
CA ARG G 261 28.63 -12.42 -36.41
C ARG G 261 29.20 -11.67 -37.61
N LEU G 262 28.53 -11.78 -38.75
CA LEU G 262 28.95 -11.08 -39.96
C LEU G 262 28.61 -9.58 -39.90
N HIS G 263 27.85 -9.17 -38.89
CA HIS G 263 27.47 -7.76 -38.71
C HIS G 263 27.97 -7.30 -37.33
N GLY G 264 27.06 -6.90 -36.43
CA GLY G 264 27.45 -6.30 -35.17
C GLY G 264 27.99 -7.25 -34.13
N GLY G 265 27.83 -8.56 -34.34
CA GLY G 265 28.36 -9.57 -33.41
C GLY G 265 29.86 -9.75 -33.54
N ALA G 266 30.45 -9.09 -34.53
CA ALA G 266 31.89 -9.10 -34.74
C ALA G 266 32.70 -8.46 -33.61
N ASN G 267 32.17 -7.43 -32.96
CA ASN G 267 32.95 -6.80 -31.87
C ASN G 267 33.14 -7.78 -30.70
N GLU G 268 32.08 -8.48 -30.35
CA GLU G 268 32.18 -9.57 -29.39
C GLU G 268 33.23 -10.63 -29.82
N ALA G 269 33.09 -11.11 -31.06
CA ALA G 269 33.92 -12.20 -31.57
C ALA G 269 35.40 -11.83 -31.68
N VAL G 270 35.70 -10.57 -31.98
CA VAL G 270 37.07 -10.08 -31.98
C VAL G 270 37.71 -10.32 -30.60
N MET G 271 36.95 -10.09 -29.54
CA MET G 271 37.49 -10.20 -28.20
C MET G 271 37.58 -11.64 -27.73
N HIS G 272 36.62 -12.49 -28.13
CA HIS G 272 36.72 -13.92 -27.88
C HIS G 272 38.01 -14.45 -28.55
N ASP G 273 38.24 -14.03 -29.80
CA ASP G 273 39.45 -14.39 -30.55
C ASP G 273 40.73 -13.94 -29.84
N MET G 274 40.75 -12.67 -29.41
CA MET G 274 41.90 -12.16 -28.65
C MET G 274 42.15 -12.95 -27.37
N ILE G 275 41.09 -13.37 -26.69
CA ILE G 275 41.24 -14.20 -25.50
C ILE G 275 41.76 -15.61 -25.81
N GLU G 276 41.39 -16.15 -26.97
CA GLU G 276 41.85 -17.45 -27.39
C GLU G 276 43.33 -17.37 -27.75
N ILE G 277 43.73 -16.27 -28.40
CA ILE G 277 45.11 -16.00 -28.76
C ILE G 277 46.00 -15.87 -27.50
N GLY G 278 45.47 -15.21 -26.47
CA GLY G 278 46.15 -15.11 -25.17
C GLY G 278 47.37 -14.21 -25.08
N ASP G 279 48.25 -14.31 -26.06
CA ASP G 279 49.58 -13.71 -26.00
C ASP G 279 49.93 -13.24 -27.40
N PRO G 280 50.52 -12.04 -27.53
CA PRO G 280 50.92 -11.61 -28.87
C PRO G 280 51.89 -12.60 -29.57
N ALA G 281 52.65 -13.38 -28.81
CA ALA G 281 53.57 -14.38 -29.40
C ALA G 281 52.84 -15.53 -30.10
N ASN G 282 51.59 -15.80 -29.70
CA ASN G 282 50.79 -16.86 -30.32
C ASN G 282 49.99 -16.40 -31.55
N ALA G 283 50.01 -15.09 -31.83
CA ALA G 283 49.07 -14.51 -32.80
C ALA G 283 49.33 -14.87 -34.26
N ARG G 284 50.61 -14.96 -34.62
CA ARG G 284 50.99 -15.24 -35.99
C ARG G 284 50.58 -16.66 -36.40
N GLU G 285 50.86 -17.64 -35.54
CA GLU G 285 50.49 -19.02 -35.85
C GLU G 285 48.96 -19.21 -35.79
N TRP G 286 48.30 -18.50 -34.88
CA TRP G 286 46.84 -18.59 -34.75
C TRP G 286 46.16 -18.19 -36.05
N LEU G 287 46.60 -17.08 -36.62
CA LEU G 287 46.01 -16.55 -37.84
C LEU G 287 46.29 -17.45 -39.03
N ARG G 288 47.57 -17.81 -39.22
CA ARG G 288 48.00 -18.68 -40.31
C ARG G 288 47.15 -19.95 -40.39
N ALA G 289 46.81 -20.52 -39.24
CA ALA G 289 45.98 -21.72 -39.15
C ALA G 289 44.49 -21.43 -39.43
N LYS G 290 44.06 -20.20 -39.16
CA LYS G 290 42.69 -19.80 -39.51
C LYS G 290 42.55 -19.62 -41.02
N LEU G 291 43.54 -18.96 -41.63
CA LEU G 291 43.54 -18.74 -43.07
C LEU G 291 43.72 -20.03 -43.85
N ALA G 292 44.59 -20.93 -43.38
CA ALA G 292 44.75 -22.26 -43.96
C ALA G 292 43.41 -23.00 -44.05
N ARG G 293 42.58 -22.86 -43.02
CA ARG G 293 41.24 -23.47 -43.02
C ARG G 293 40.18 -22.63 -43.75
N LYS G 294 40.62 -21.52 -44.39
CA LYS G 294 39.77 -20.61 -45.18
C LYS G 294 38.62 -19.90 -44.43
N GLU G 295 38.83 -19.59 -43.15
CA GLU G 295 37.81 -18.97 -42.28
C GLU G 295 37.87 -17.43 -42.28
N LYS G 296 36.70 -16.80 -42.11
CA LYS G 296 36.59 -15.34 -42.03
C LYS G 296 37.24 -14.83 -40.75
N ILE G 297 38.03 -13.78 -40.87
CA ILE G 297 38.70 -13.19 -39.72
C ILE G 297 37.92 -11.97 -39.24
N MET G 298 37.43 -12.07 -38.01
CA MET G 298 36.58 -11.05 -37.41
C MET G 298 37.32 -9.74 -37.18
N GLY G 299 36.63 -8.63 -37.50
CA GLY G 299 37.19 -7.29 -37.37
C GLY G 299 37.98 -6.87 -38.59
N PHE G 300 37.99 -7.73 -39.61
CA PHE G 300 38.67 -7.49 -40.88
C PHE G 300 37.72 -7.71 -42.03
N GLY G 301 37.68 -6.74 -42.95
CA GLY G 301 36.84 -6.85 -44.13
C GLY G 301 35.59 -5.99 -44.10
N HIS G 302 35.16 -5.58 -45.29
CA HIS G 302 33.99 -4.72 -45.44
C HIS G 302 33.37 -4.88 -46.83
N ARG G 303 32.04 -4.74 -46.89
CA ARG G 303 31.33 -4.76 -48.17
C ARG G 303 31.75 -3.54 -49.02
N VAL G 304 31.94 -2.40 -48.35
CA VAL G 304 32.23 -1.12 -49.03
C VAL G 304 33.72 -0.75 -49.03
N TYR G 305 34.23 -0.33 -47.86
CA TYR G 305 35.63 0.08 -47.71
C TYR G 305 36.59 -0.89 -48.40
N ARG G 306 37.43 -0.33 -49.25
CA ARG G 306 38.46 -1.10 -49.94
C ARG G 306 39.85 -0.79 -49.38
N HIS G 307 40.05 0.44 -48.89
CA HIS G 307 41.37 0.89 -48.46
C HIS G 307 41.32 1.53 -47.07
N GLY G 308 40.69 0.82 -46.14
CA GLY G 308 40.59 1.27 -44.77
C GLY G 308 39.21 1.79 -44.41
N ASP G 309 38.75 1.37 -43.23
CA ASP G 309 37.52 1.85 -42.61
C ASP G 309 37.79 3.27 -42.12
N SER G 310 36.97 4.21 -42.57
CA SER G 310 37.09 5.61 -42.20
C SER G 310 36.96 5.89 -40.68
N ARG G 311 36.39 4.94 -39.93
CA ARG G 311 36.13 5.14 -38.50
C ARG G 311 37.25 4.60 -37.62
N VAL G 312 38.11 3.78 -38.21
CA VAL G 312 39.18 3.09 -37.49
C VAL G 312 40.22 3.98 -36.79
N PRO G 313 40.86 4.94 -37.51
CA PRO G 313 41.88 5.74 -36.84
C PRO G 313 41.42 6.37 -35.52
N THR G 314 40.24 6.99 -35.51
CA THR G 314 39.68 7.56 -34.28
C THR G 314 39.54 6.51 -33.19
N MET G 315 38.92 5.37 -33.49
CA MET G 315 38.72 4.35 -32.46
C MET G 315 40.03 3.69 -32.00
N LYS G 316 41.02 3.66 -32.88
CA LYS G 316 42.32 3.09 -32.53
C LYS G 316 43.07 4.00 -31.54
N ARG G 317 43.03 5.31 -31.78
CA ARG G 317 43.54 6.26 -30.81
C ARG G 317 42.85 6.11 -29.45
N ALA G 318 41.53 5.91 -29.47
CA ALA G 318 40.76 5.83 -28.23
C ALA G 318 41.12 4.54 -27.47
N LEU G 319 41.28 3.44 -28.20
CA LEU G 319 41.76 2.19 -27.60
C LEU G 319 43.14 2.37 -26.95
N GLU G 320 44.03 3.09 -27.64
CA GLU G 320 45.35 3.37 -27.08
C GLU G 320 45.27 4.12 -25.76
N ARG G 321 44.46 5.18 -25.70
CA ARG G 321 44.30 5.97 -24.47
C ARG G 321 43.72 5.15 -23.30
N VAL G 322 42.69 4.37 -23.60
CA VAL G 322 42.09 3.49 -22.60
C VAL G 322 43.10 2.46 -22.15
N GLY G 323 43.85 1.94 -23.12
CA GLY G 323 44.86 0.91 -22.87
C GLY G 323 45.91 1.34 -21.88
N THR G 324 46.30 2.61 -21.91
CA THR G 324 47.38 3.07 -21.04
C THR G 324 46.88 3.26 -19.60
N VAL G 325 45.56 3.44 -19.43
CA VAL G 325 45.02 3.57 -18.07
C VAL G 325 44.26 2.32 -17.56
N ARG G 326 44.20 1.28 -18.39
CA ARG G 326 43.52 0.04 -18.02
C ARG G 326 44.36 -1.22 -18.19
N ASP G 327 45.69 -1.05 -18.19
CA ASP G 327 46.61 -2.18 -18.27
C ASP G 327 46.36 -3.01 -19.54
N GLY G 328 46.26 -2.31 -20.68
CA GLY G 328 45.84 -2.94 -21.92
C GLY G 328 46.93 -3.29 -22.92
N GLN G 329 48.20 -3.26 -22.50
CA GLN G 329 49.32 -3.46 -23.45
C GLN G 329 49.23 -4.80 -24.18
N ARG G 330 48.93 -5.87 -23.43
CA ARG G 330 48.68 -7.19 -24.00
C ARG G 330 47.76 -7.12 -25.22
N TRP G 331 46.65 -6.39 -25.12
CA TRP G 331 45.64 -6.35 -26.19
C TRP G 331 46.04 -5.41 -27.33
N LEU G 332 46.81 -4.37 -27.02
CA LEU G 332 47.38 -3.49 -28.06
C LEU G 332 48.47 -4.21 -28.88
N ASP G 333 49.18 -5.12 -28.21
CA ASP G 333 50.23 -5.91 -28.87
C ASP G 333 49.61 -6.94 -29.77
N ILE G 334 48.56 -7.60 -29.29
CA ILE G 334 47.83 -8.56 -30.10
C ILE G 334 47.22 -7.84 -31.31
N TYR G 335 46.60 -6.70 -31.06
CA TYR G 335 46.06 -5.86 -32.12
C TYR G 335 47.09 -5.64 -33.23
N GLN G 336 48.28 -5.19 -32.83
CA GLN G 336 49.36 -4.80 -33.75
C GLN G 336 49.85 -5.98 -34.61
N VAL G 337 50.14 -7.10 -33.96
CA VAL G 337 50.56 -8.31 -34.65
C VAL G 337 49.50 -8.77 -35.65
N LEU G 338 48.24 -8.78 -35.23
CA LEU G 338 47.17 -9.32 -36.05
C LEU G 338 46.92 -8.46 -37.28
N ALA G 339 46.97 -7.14 -37.10
CA ALA G 339 46.76 -6.21 -38.19
C ALA G 339 47.88 -6.34 -39.22
N ALA G 340 49.11 -6.48 -38.73
CA ALA G 340 50.29 -6.54 -39.58
C ALA G 340 50.36 -7.85 -40.40
N GLU G 341 50.03 -8.97 -39.76
CA GLU G 341 50.00 -10.27 -40.44
C GLU G 341 48.84 -10.36 -41.44
N MET G 342 47.72 -9.67 -41.17
CA MET G 342 46.61 -9.63 -42.12
C MET G 342 46.94 -8.79 -43.35
N ALA G 343 47.77 -7.76 -43.16
CA ALA G 343 48.15 -6.86 -44.24
C ALA G 343 49.16 -7.50 -45.20
N SER G 344 50.02 -8.39 -44.67
CA SER G 344 50.99 -9.14 -45.46
C SER G 344 50.31 -10.30 -46.17
N ALA G 345 49.62 -11.13 -45.38
CA ALA G 345 48.98 -12.33 -45.88
C ALA G 345 47.85 -12.08 -46.88
N THR G 346 47.05 -11.03 -46.65
CA THR G 346 45.81 -10.81 -47.43
C THR G 346 45.54 -9.37 -47.89
N GLY G 347 46.22 -8.40 -47.31
CA GLY G 347 45.98 -7.00 -47.65
C GLY G 347 44.69 -6.38 -47.10
N ILE G 348 43.84 -7.20 -46.51
CA ILE G 348 42.60 -6.74 -45.86
C ILE G 348 42.93 -5.91 -44.62
N LEU G 349 42.28 -4.76 -44.48
CA LEU G 349 42.49 -3.87 -43.33
C LEU G 349 41.36 -4.04 -42.29
N PRO G 350 41.64 -3.67 -41.02
CA PRO G 350 40.61 -3.75 -39.97
C PRO G 350 39.42 -2.85 -40.23
N ASN G 351 38.22 -3.31 -39.86
CA ASN G 351 37.05 -2.44 -39.77
C ASN G 351 36.83 -1.98 -38.32
N LEU G 352 35.80 -1.18 -38.09
CA LEU G 352 35.57 -0.55 -36.77
C LEU G 352 35.52 -1.54 -35.60
N ASP G 353 35.00 -2.74 -35.84
CA ASP G 353 34.80 -3.71 -34.79
C ASP G 353 36.11 -4.19 -34.16
N PHE G 354 37.20 -4.14 -34.92
CA PHE G 354 38.49 -4.67 -34.46
C PHE G 354 39.07 -3.86 -33.27
N PRO G 355 39.25 -2.53 -33.41
CA PRO G 355 39.66 -1.78 -32.21
C PRO G 355 38.57 -1.66 -31.14
N THR G 356 37.30 -1.78 -31.52
CA THR G 356 36.20 -1.60 -30.57
C THR G 356 36.10 -2.73 -29.54
N GLY G 357 36.31 -3.96 -29.99
CA GLY G 357 36.31 -5.15 -29.13
C GLY G 357 37.15 -4.96 -27.87
N PRO G 358 38.47 -4.80 -28.02
CA PRO G 358 39.30 -4.65 -26.82
C PRO G 358 39.08 -3.33 -26.06
N ALA G 359 38.66 -2.27 -26.76
CA ALA G 359 38.36 -1.03 -26.08
C ALA G 359 37.24 -1.22 -25.06
N TYR G 360 36.16 -1.89 -25.47
CA TYR G 360 35.01 -2.16 -24.59
C TYR G 360 35.41 -3.09 -23.46
N TYR G 361 36.25 -4.07 -23.78
CA TYR G 361 36.75 -4.99 -22.79
C TYR G 361 37.53 -4.23 -21.69
N LEU G 362 38.43 -3.35 -22.12
CA LEU G 362 39.23 -2.51 -21.22
C LEU G 362 38.42 -1.47 -20.43
N MET G 363 37.30 -1.04 -21.00
CA MET G 363 36.42 -0.10 -20.31
C MET G 363 35.68 -0.79 -19.15
N GLY G 364 35.64 -2.12 -19.18
CA GLY G 364 35.04 -2.89 -18.09
C GLY G 364 33.77 -3.62 -18.47
N PHE G 365 33.37 -3.56 -19.74
CA PHE G 365 32.12 -4.20 -20.15
C PHE G 365 32.33 -5.70 -20.32
N ASP G 366 31.31 -6.47 -19.99
CA ASP G 366 31.28 -7.90 -20.32
C ASP G 366 31.19 -8.14 -21.82
N ILE G 367 31.97 -9.10 -22.30
CA ILE G 367 32.08 -9.40 -23.73
C ILE G 367 30.76 -9.63 -24.43
N ALA G 368 29.88 -10.40 -23.79
CA ALA G 368 28.56 -10.69 -24.36
C ALA G 368 27.64 -9.46 -24.50
N SER G 369 27.92 -8.38 -23.76
CA SER G 369 27.13 -7.13 -23.88
C SER G 369 27.68 -6.14 -24.93
N PHE G 370 28.68 -6.55 -25.71
CA PHE G 370 29.29 -5.64 -26.71
C PHE G 370 28.34 -5.19 -27.85
N THR G 371 27.53 -6.10 -28.37
CA THR G 371 26.62 -5.76 -29.45
C THR G 371 25.39 -4.96 -28.94
N PRO G 372 24.88 -5.27 -27.73
CA PRO G 372 23.89 -4.34 -27.23
C PRO G 372 24.43 -2.92 -27.07
N ILE G 373 25.72 -2.78 -26.78
CA ILE G 373 26.28 -1.44 -26.69
C ILE G 373 26.34 -0.81 -28.11
N PHE G 374 26.63 -1.62 -29.13
CA PHE G 374 26.49 -1.19 -30.54
C PHE G 374 25.03 -0.74 -30.79
N VAL G 375 24.05 -1.52 -30.32
CA VAL G 375 22.63 -1.16 -30.43
C VAL G 375 22.33 0.22 -29.85
N MET G 376 22.84 0.48 -28.66
CA MET G 376 22.70 1.80 -28.04
C MET G 376 23.06 2.97 -28.96
N SER G 377 24.11 2.80 -29.76
CA SER G 377 24.53 3.83 -30.66
C SER G 377 23.72 3.83 -31.97
N ARG G 378 23.68 2.69 -32.66
CA ARG G 378 23.09 2.61 -34.02
C ARG G 378 21.55 2.86 -34.04
N ILE G 379 20.93 2.85 -32.87
CA ILE G 379 19.51 3.23 -32.76
C ILE G 379 19.26 4.60 -33.39
N THR G 380 20.27 5.49 -33.35
CA THR G 380 20.16 6.81 -33.95
C THR G 380 20.09 6.70 -35.49
N GLY G 381 21.12 6.11 -36.11
CA GLY G 381 21.07 5.82 -37.55
C GLY G 381 19.83 5.05 -38.01
N TRP G 382 19.52 3.95 -37.31
CA TRP G 382 18.40 3.11 -37.69
C TRP G 382 17.12 3.90 -37.81
N THR G 383 16.83 4.67 -36.77
CA THR G 383 15.56 5.38 -36.71
C THR G 383 15.53 6.58 -37.68
N ALA G 384 16.70 7.22 -37.89
CA ALA G 384 16.82 8.24 -38.94
C ALA G 384 16.44 7.63 -40.28
N HIS G 385 16.93 6.44 -40.57
CA HIS G 385 16.59 5.70 -41.79
C HIS G 385 15.14 5.25 -41.83
N ILE G 386 14.64 4.77 -40.70
CA ILE G 386 13.25 4.37 -40.61
C ILE G 386 12.35 5.56 -40.97
N MET G 387 12.66 6.73 -40.44
CA MET G 387 11.85 7.93 -40.73
C MET G 387 11.94 8.36 -42.20
N GLU G 388 13.10 8.16 -42.80
CA GLU G 388 13.31 8.51 -44.18
C GLU G 388 12.49 7.56 -45.06
N GLN G 389 12.58 6.27 -44.76
CA GLN G 389 11.81 5.26 -45.45
C GLN G 389 10.31 5.57 -45.37
N ALA G 390 9.84 5.97 -44.20
CA ALA G 390 8.43 6.19 -43.98
C ALA G 390 7.88 7.38 -44.76
N THR G 391 8.68 8.43 -44.91
CA THR G 391 8.25 9.66 -45.55
C THR G 391 8.35 9.60 -47.08
N ALA G 392 9.19 8.71 -47.60
CA ALA G 392 9.28 8.44 -49.03
C ALA G 392 9.27 6.93 -49.27
N ASN G 393 8.12 6.30 -49.07
CA ASN G 393 8.03 4.84 -49.03
C ASN G 393 7.56 4.11 -50.28
N ALA G 394 8.21 2.98 -50.53
CA ALA G 394 7.74 1.93 -51.44
C ALA G 394 8.06 0.54 -50.88
N LEU G 395 7.11 -0.39 -51.03
CA LEU G 395 7.27 -1.79 -50.60
C LEU G 395 8.52 -2.46 -51.15
N ILE G 396 9.31 -3.05 -50.26
CA ILE G 396 10.52 -3.75 -50.68
C ILE G 396 10.23 -5.22 -50.85
N ARG G 397 10.02 -5.61 -52.11
CA ARG G 397 9.54 -6.93 -52.43
C ARG G 397 10.21 -7.32 -53.73
N PRO G 398 11.33 -8.03 -53.62
CA PRO G 398 12.13 -8.41 -54.78
C PRO G 398 11.64 -9.71 -55.42
N LEU G 399 12.46 -10.27 -56.30
CA LEU G 399 12.09 -11.46 -57.08
C LEU G 399 13.09 -12.58 -56.90
N SER G 400 12.64 -13.80 -57.14
CA SER G 400 13.48 -14.98 -57.08
C SER G 400 13.57 -15.70 -58.43
N ALA G 401 14.75 -16.23 -58.71
CA ALA G 401 14.96 -17.22 -59.75
C ALA G 401 14.71 -18.61 -59.12
N TYR G 402 14.05 -19.50 -59.85
CA TYR G 402 13.71 -20.82 -59.33
C TYR G 402 14.70 -21.90 -59.77
N CYS G 403 14.99 -22.84 -58.87
CA CYS G 403 15.88 -23.97 -59.17
C CYS G 403 15.43 -25.27 -58.49
N GLY G 404 14.15 -25.38 -58.17
CA GLY G 404 13.62 -26.60 -57.54
C GLY G 404 12.97 -27.54 -58.54
N HIS G 405 12.06 -28.37 -58.04
CA HIS G 405 11.34 -29.35 -58.84
C HIS G 405 10.42 -28.68 -59.83
N GLU G 406 10.37 -29.21 -61.05
CA GLU G 406 9.36 -28.76 -62.03
C GLU G 406 7.97 -29.22 -61.58
N GLN G 407 6.94 -28.51 -62.01
CA GLN G 407 5.56 -28.84 -61.64
C GLN G 407 5.25 -30.32 -61.81
N ARG G 408 4.90 -30.97 -60.71
CA ARG G 408 4.61 -32.39 -60.71
C ARG G 408 3.22 -32.67 -60.15
N VAL G 409 2.80 -33.92 -60.24
CA VAL G 409 1.43 -34.30 -59.91
C VAL G 409 1.41 -35.01 -58.56
N LEU G 410 0.40 -34.71 -57.77
CA LEU G 410 0.18 -35.30 -56.46
C LEU G 410 -0.23 -36.79 -56.59
N PRO G 411 0.57 -37.71 -56.00
CA PRO G 411 0.23 -39.15 -56.04
C PRO G 411 -0.92 -39.54 -55.11
N ASP H 48 21.38 4.48 -61.09
CA ASP H 48 20.24 3.58 -61.48
C ASP H 48 19.55 2.87 -60.27
N ILE H 49 18.50 3.51 -59.77
CA ILE H 49 17.97 3.20 -58.43
C ILE H 49 16.85 2.15 -58.44
N LYS H 50 17.09 1.04 -57.75
CA LYS H 50 16.13 -0.05 -57.73
C LYS H 50 15.19 0.07 -56.53
N LYS H 51 14.35 1.10 -56.57
CA LYS H 51 13.37 1.38 -55.54
C LYS H 51 12.43 0.20 -55.32
N GLY H 52 12.33 -0.22 -54.05
CA GLY H 52 11.46 -1.32 -53.65
C GLY H 52 11.95 -2.65 -54.19
N LEU H 53 13.14 -2.61 -54.80
CA LEU H 53 13.72 -3.75 -55.50
C LEU H 53 12.74 -4.33 -56.54
N ALA H 54 11.90 -3.46 -57.11
CA ALA H 54 10.94 -3.86 -58.12
C ALA H 54 11.64 -4.52 -59.32
N GLY H 55 11.31 -5.77 -59.56
CA GLY H 55 11.87 -6.50 -60.69
C GLY H 55 13.31 -6.96 -60.54
N VAL H 56 13.86 -6.81 -59.33
CA VAL H 56 15.21 -7.28 -59.04
C VAL H 56 15.24 -8.74 -58.54
N VAL H 57 16.08 -9.55 -59.18
CA VAL H 57 16.30 -10.94 -58.83
C VAL H 57 17.49 -11.03 -57.83
N VAL H 58 17.16 -11.42 -56.61
CA VAL H 58 18.10 -11.32 -55.47
C VAL H 58 18.83 -12.63 -55.18
N ASP H 59 18.15 -13.74 -55.46
CA ASP H 59 18.70 -15.03 -55.15
C ASP H 59 17.97 -16.14 -55.88
N THR H 60 18.42 -17.36 -55.63
CA THR H 60 17.81 -18.54 -56.20
C THR H 60 17.12 -19.36 -55.10
N THR H 61 15.93 -19.85 -55.39
CA THR H 61 15.22 -20.68 -54.44
C THR H 61 14.69 -21.97 -55.06
N ALA H 62 14.44 -22.96 -54.21
CA ALA H 62 13.86 -24.23 -54.62
C ALA H 62 12.48 -24.45 -54.01
N ILE H 63 12.02 -23.49 -53.21
CA ILE H 63 10.85 -23.71 -52.34
C ILE H 63 9.53 -23.55 -53.06
N SER H 64 9.33 -22.43 -53.75
CA SER H 64 8.07 -22.18 -54.44
C SER H 64 8.28 -21.45 -55.75
N LYS H 65 7.30 -21.57 -56.64
CA LYS H 65 7.32 -20.88 -57.93
C LYS H 65 5.89 -20.74 -58.40
N VAL H 66 5.57 -19.55 -58.91
CA VAL H 66 4.30 -19.33 -59.60
C VAL H 66 4.52 -19.66 -61.09
N VAL H 67 4.03 -20.83 -61.51
CA VAL H 67 4.22 -21.35 -62.87
C VAL H 67 3.45 -20.51 -63.91
N PRO H 68 4.17 -19.91 -64.88
CA PRO H 68 3.53 -18.95 -65.79
C PRO H 68 2.49 -19.63 -66.71
N GLN H 69 2.89 -20.73 -67.35
CA GLN H 69 2.07 -21.44 -68.33
C GLN H 69 0.67 -21.89 -67.83
N THR H 70 0.44 -21.81 -66.51
CA THR H 70 -0.87 -22.19 -65.91
C THR H 70 -1.35 -21.28 -64.75
N ASN H 71 -0.59 -20.22 -64.46
CA ASN H 71 -0.84 -19.32 -63.31
C ASN H 71 -1.10 -20.06 -61.98
N SER H 72 -0.25 -21.04 -61.72
CA SER H 72 -0.45 -21.93 -60.59
C SER H 72 0.74 -21.88 -59.63
N LEU H 73 0.47 -21.45 -58.40
CA LEU H 73 1.48 -21.49 -57.34
C LEU H 73 1.77 -22.95 -56.98
N THR H 74 3.06 -23.28 -56.92
CA THR H 74 3.51 -24.62 -56.53
C THR H 74 4.39 -24.58 -55.27
N TYR H 75 4.17 -25.52 -54.35
CA TYR H 75 5.10 -25.72 -53.22
C TYR H 75 5.97 -26.91 -53.53
N ARG H 76 7.27 -26.68 -53.70
CA ARG H 76 8.19 -27.77 -54.03
C ARG H 76 7.66 -28.60 -55.19
N GLY H 77 7.10 -27.94 -56.20
CA GLY H 77 6.63 -28.59 -57.42
C GLY H 77 5.17 -29.00 -57.47
N TYR H 78 4.53 -29.14 -56.30
CA TYR H 78 3.12 -29.53 -56.23
C TYR H 78 2.22 -28.30 -56.22
N PRO H 79 1.15 -28.30 -57.06
CA PRO H 79 0.23 -27.16 -57.08
C PRO H 79 -0.48 -26.98 -55.75
N VAL H 80 -0.56 -25.74 -55.30
CA VAL H 80 -1.18 -25.41 -54.02
C VAL H 80 -2.65 -25.77 -53.95
N GLN H 81 -3.32 -25.68 -55.10
CA GLN H 81 -4.75 -25.97 -55.22
C GLN H 81 -5.01 -27.44 -54.92
N ASP H 82 -4.16 -28.31 -55.48
CA ASP H 82 -4.23 -29.74 -55.20
C ASP H 82 -3.96 -29.98 -53.70
N LEU H 83 -2.79 -29.54 -53.23
CA LEU H 83 -2.42 -29.64 -51.81
C LEU H 83 -3.54 -29.20 -50.88
N ALA H 84 -4.19 -28.10 -51.20
CA ALA H 84 -5.23 -27.57 -50.32
C ALA H 84 -6.49 -28.41 -50.35
N ALA H 85 -6.70 -29.13 -51.45
CA ALA H 85 -7.92 -29.94 -51.59
C ALA H 85 -7.76 -31.31 -50.95
N ARG H 86 -6.54 -31.84 -50.97
CA ARG H 86 -6.30 -33.23 -50.61
C ARG H 86 -5.37 -33.48 -49.42
N CYS H 87 -4.73 -32.42 -48.89
CA CYS H 87 -3.68 -32.57 -47.87
C CYS H 87 -3.98 -31.90 -46.56
N SER H 88 -3.27 -32.34 -45.53
CA SER H 88 -3.28 -31.67 -44.23
C SER H 88 -2.18 -30.63 -44.16
N PHE H 89 -2.34 -29.67 -43.24
CA PHE H 89 -1.30 -28.68 -42.98
C PHE H 89 0.02 -29.38 -42.58
N GLU H 90 -0.09 -30.45 -41.77
CA GLU H 90 1.08 -31.23 -41.38
C GLU H 90 1.89 -31.70 -42.58
N GLN H 91 1.18 -32.28 -43.57
CA GLN H 91 1.79 -32.76 -44.82
C GLN H 91 2.50 -31.63 -45.59
N VAL H 92 1.83 -30.49 -45.70
CA VAL H 92 2.40 -29.33 -46.40
C VAL H 92 3.60 -28.71 -45.65
N ALA H 93 3.52 -28.66 -44.32
CA ALA H 93 4.65 -28.19 -43.50
C ALA H 93 5.83 -29.10 -43.75
N PHE H 94 5.60 -30.41 -43.66
CA PHE H 94 6.64 -31.40 -43.91
C PHE H 94 7.25 -31.17 -45.31
N LEU H 95 6.38 -31.03 -46.32
CA LEU H 95 6.80 -30.86 -47.71
C LEU H 95 7.66 -29.62 -47.89
N LEU H 96 7.20 -28.49 -47.36
CA LEU H 96 7.96 -27.26 -47.44
C LEU H 96 9.38 -27.42 -46.86
N TRP H 97 9.49 -28.12 -45.73
CA TRP H 97 10.81 -28.24 -45.09
C TRP H 97 11.68 -29.29 -45.73
N ARG H 98 11.10 -30.39 -46.15
CA ARG H 98 11.92 -31.54 -46.53
C ARG H 98 12.12 -31.66 -48.05
N GLY H 99 11.18 -31.09 -48.81
CA GLY H 99 11.27 -31.07 -50.27
C GLY H 99 10.64 -32.30 -50.93
N GLU H 100 9.94 -33.11 -50.14
CA GLU H 100 9.14 -34.24 -50.60
C GLU H 100 7.93 -34.42 -49.70
N LEU H 101 6.89 -35.09 -50.19
CA LEU H 101 5.77 -35.45 -49.34
C LEU H 101 6.20 -36.52 -48.31
N PRO H 102 5.56 -36.54 -47.12
CA PRO H 102 5.87 -37.60 -46.17
C PRO H 102 5.13 -38.90 -46.49
N THR H 103 5.73 -40.05 -46.16
CA THR H 103 5.00 -41.31 -46.20
C THR H 103 4.01 -41.33 -45.04
N ASP H 104 3.10 -42.31 -45.02
CA ASP H 104 2.19 -42.50 -43.88
C ASP H 104 2.97 -42.65 -42.56
N ALA H 105 4.11 -43.34 -42.65
CA ALA H 105 5.00 -43.51 -41.52
C ALA H 105 5.65 -42.20 -41.07
N GLU H 106 6.20 -41.45 -42.03
CA GLU H 106 6.90 -40.19 -41.72
C GLU H 106 5.92 -39.18 -41.14
N LEU H 107 4.71 -39.14 -41.69
CA LEU H 107 3.68 -38.23 -41.23
C LEU H 107 3.37 -38.46 -39.76
N ALA H 108 3.11 -39.73 -39.43
CA ALA H 108 2.66 -40.11 -38.11
C ALA H 108 3.68 -39.73 -37.03
N LEU H 109 4.96 -39.87 -37.32
CA LEU H 109 6.01 -39.46 -36.41
C LEU H 109 6.13 -37.93 -36.33
N PHE H 110 6.06 -37.29 -37.48
CA PHE H 110 6.15 -35.84 -37.58
C PHE H 110 5.03 -35.21 -36.78
N SER H 111 3.83 -35.74 -36.97
CA SER H 111 2.63 -35.23 -36.31
C SER H 111 2.74 -35.43 -34.80
N GLN H 112 3.31 -36.56 -34.40
CA GLN H 112 3.56 -36.84 -33.01
C GLN H 112 4.53 -35.81 -32.41
N ARG H 113 5.61 -35.50 -33.13
CA ARG H 113 6.56 -34.47 -32.69
C ARG H 113 5.86 -33.13 -32.50
N GLU H 114 5.04 -32.76 -33.49
CA GLU H 114 4.28 -31.51 -33.48
C GLU H 114 3.34 -31.42 -32.28
N ARG H 115 2.60 -32.49 -32.03
CA ARG H 115 1.68 -32.54 -30.88
C ARG H 115 2.35 -32.43 -29.51
N ALA H 116 3.59 -32.88 -29.44
CA ALA H 116 4.38 -32.85 -28.22
C ALA H 116 5.10 -31.51 -28.03
N SER H 117 4.99 -30.60 -29.00
CA SER H 117 5.71 -29.33 -28.94
C SER H 117 4.79 -28.11 -28.82
N ARG H 118 3.51 -28.35 -28.50
CA ARG H 118 2.45 -27.31 -28.49
C ARG H 118 2.32 -26.56 -27.17
N ARG H 119 2.79 -27.17 -26.09
CA ARG H 119 2.57 -26.64 -24.75
C ARG H 119 3.40 -25.40 -24.44
N VAL H 120 2.83 -24.47 -23.68
CA VAL H 120 3.58 -23.35 -23.11
C VAL H 120 3.68 -23.52 -21.60
N ASP H 121 4.77 -23.04 -21.02
CA ASP H 121 5.02 -23.07 -19.58
C ASP H 121 4.26 -21.94 -18.89
N ARG H 122 4.22 -21.97 -17.55
CA ARG H 122 3.57 -20.94 -16.74
C ARG H 122 4.22 -19.58 -16.93
N SER H 123 5.54 -19.59 -17.12
CA SER H 123 6.28 -18.37 -17.47
C SER H 123 5.76 -17.70 -18.73
N MET H 124 5.52 -18.49 -19.78
CA MET H 124 4.93 -17.93 -20.98
C MET H 124 3.54 -17.40 -20.68
N LEU H 125 2.73 -18.19 -19.97
CA LEU H 125 1.35 -17.78 -19.61
C LEU H 125 1.35 -16.46 -18.86
N SER H 126 2.39 -16.25 -18.07
CA SER H 126 2.56 -15.05 -17.26
C SER H 126 2.91 -13.85 -18.16
N LEU H 127 3.79 -14.08 -19.14
CA LEU H 127 4.15 -13.07 -20.11
C LEU H 127 2.91 -12.60 -20.89
N LEU H 128 2.13 -13.56 -21.41
CA LEU H 128 0.92 -13.28 -22.16
C LEU H 128 -0.14 -12.53 -21.38
N ALA H 129 -0.31 -12.88 -20.11
CA ALA H 129 -1.26 -12.20 -19.26
C ALA H 129 -0.80 -10.78 -18.82
N LYS H 130 0.51 -10.53 -18.80
CA LYS H 130 1.08 -9.24 -18.35
C LYS H 130 1.07 -8.19 -19.45
N LEU H 131 1.17 -8.66 -20.69
CA LEU H 131 1.17 -7.80 -21.87
C LEU H 131 -0.12 -6.97 -21.87
N PRO H 132 -0.09 -5.75 -22.44
CA PRO H 132 -1.28 -4.90 -22.27
C PRO H 132 -2.51 -5.46 -23.01
N ASP H 133 -3.69 -5.14 -22.48
CA ASP H 133 -5.01 -5.56 -23.03
C ASP H 133 -5.22 -5.11 -24.47
N ASN H 134 -4.67 -3.95 -24.80
CA ASN H 134 -5.06 -3.23 -25.99
C ASN H 134 -3.90 -2.95 -26.93
N CYS H 135 -2.84 -3.76 -26.82
CA CYS H 135 -1.77 -3.71 -27.81
C CYS H 135 -2.24 -4.49 -29.00
N HIS H 136 -1.66 -4.23 -30.16
CA HIS H 136 -2.01 -4.98 -31.34
C HIS H 136 -1.56 -6.44 -31.14
N PRO H 137 -2.44 -7.40 -31.49
CA PRO H 137 -2.17 -8.83 -31.36
C PRO H 137 -0.86 -9.29 -31.99
N MET H 138 -0.39 -8.58 -33.00
CA MET H 138 0.88 -8.90 -33.63
C MET H 138 2.07 -8.62 -32.70
N ASP H 139 1.96 -7.62 -31.83
CA ASP H 139 2.96 -7.33 -30.79
C ASP H 139 3.11 -8.45 -29.77
N VAL H 140 2.01 -9.16 -29.52
CA VAL H 140 2.01 -10.29 -28.60
C VAL H 140 2.81 -11.44 -29.21
N VAL H 141 2.51 -11.76 -30.46
CA VAL H 141 3.24 -12.77 -31.20
C VAL H 141 4.73 -12.35 -31.35
N ARG H 142 4.97 -11.13 -31.80
CA ARG H 142 6.31 -10.56 -31.85
C ARG H 142 7.09 -10.71 -30.51
N THR H 143 6.49 -10.28 -29.40
CA THR H 143 7.14 -10.40 -28.09
C THR H 143 7.33 -11.87 -27.68
N ALA H 144 6.28 -12.69 -27.86
CA ALA H 144 6.29 -14.10 -27.45
C ALA H 144 7.37 -14.91 -28.14
N ILE H 145 7.54 -14.67 -29.43
CA ILE H 145 8.52 -15.41 -30.22
C ILE H 145 9.96 -15.02 -29.84
N SER H 146 10.18 -13.74 -29.55
CA SER H 146 11.49 -13.26 -29.13
C SER H 146 11.80 -13.82 -27.74
N TYR H 147 10.77 -13.90 -26.90
CA TYR H 147 10.90 -14.57 -25.60
C TYR H 147 11.29 -16.06 -25.73
N LEU H 148 10.62 -16.80 -26.62
CA LEU H 148 10.93 -18.20 -26.80
C LEU H 148 12.38 -18.40 -27.25
N GLY H 149 12.88 -17.49 -28.08
CA GLY H 149 14.27 -17.52 -28.51
C GLY H 149 15.22 -17.43 -27.32
N ALA H 150 14.96 -16.45 -26.45
CA ALA H 150 15.72 -16.30 -25.21
C ALA H 150 15.74 -17.58 -24.36
N GLU H 151 14.63 -18.32 -24.35
CA GLU H 151 14.51 -19.57 -23.60
C GLU H 151 15.12 -20.80 -24.27
N ASP H 152 15.51 -20.68 -25.53
CA ASP H 152 16.00 -21.82 -26.29
C ASP H 152 17.52 -21.95 -26.27
N PRO H 153 18.05 -22.98 -25.58
CA PRO H 153 19.53 -23.13 -25.52
C PRO H 153 20.16 -23.36 -26.88
N ASP H 154 19.36 -23.76 -27.88
CA ASP H 154 19.83 -23.98 -29.27
C ASP H 154 19.58 -22.78 -30.20
N GLU H 155 19.14 -21.65 -29.64
CA GLU H 155 18.82 -20.46 -30.41
C GLU H 155 19.87 -20.14 -31.50
N ASP H 156 21.14 -20.10 -31.09
CA ASP H 156 22.21 -19.72 -31.99
C ASP H 156 22.88 -20.92 -32.74
N ASP H 157 22.34 -22.12 -32.60
CA ASP H 157 22.90 -23.29 -33.33
C ASP H 157 22.18 -23.51 -34.67
N ALA H 158 22.84 -23.15 -35.77
CA ALA H 158 22.16 -23.21 -37.09
C ALA H 158 21.80 -24.66 -37.50
N ALA H 159 22.58 -25.62 -37.00
CA ALA H 159 22.32 -27.03 -37.28
C ALA H 159 21.02 -27.51 -36.65
N ALA H 160 20.47 -26.74 -35.70
CA ALA H 160 19.23 -27.12 -35.03
C ALA H 160 18.00 -26.44 -35.61
N ASN H 161 18.18 -25.76 -36.76
CA ASN H 161 17.09 -25.02 -37.41
C ASN H 161 15.79 -25.79 -37.63
N ARG H 162 15.88 -27.01 -38.14
CA ARG H 162 14.67 -27.81 -38.34
C ARG H 162 13.86 -27.99 -37.06
N ALA H 163 14.53 -28.34 -35.97
CA ALA H 163 13.85 -28.52 -34.67
C ALA H 163 13.19 -27.23 -34.18
N LYS H 164 13.89 -26.11 -34.32
CA LYS H 164 13.37 -24.80 -33.90
C LYS H 164 12.14 -24.40 -34.72
N ALA H 165 12.19 -24.67 -36.02
CA ALA H 165 11.07 -24.40 -36.91
C ALA H 165 9.84 -25.17 -36.42
N MET H 166 10.04 -26.47 -36.15
CA MET H 166 8.96 -27.31 -35.64
C MET H 166 8.37 -26.73 -34.37
N ARG H 167 9.23 -26.34 -33.43
CA ARG H 167 8.74 -25.79 -32.17
C ARG H 167 7.94 -24.50 -32.38
N MET H 168 8.47 -23.58 -33.17
CA MET H 168 7.73 -22.35 -33.49
C MET H 168 6.35 -22.64 -34.13
N MET H 169 6.33 -23.49 -35.14
CA MET H 169 5.10 -23.85 -35.83
C MET H 169 4.07 -24.49 -34.88
N ALA H 170 4.54 -25.38 -34.00
CA ALA H 170 3.64 -26.05 -33.05
C ALA H 170 3.10 -25.11 -31.98
N VAL H 171 3.94 -24.16 -31.54
CA VAL H 171 3.60 -23.34 -30.38
C VAL H 171 2.81 -22.07 -30.70
N LEU H 172 2.99 -21.54 -31.90
CA LEU H 172 2.24 -20.33 -32.34
C LEU H 172 0.72 -20.41 -32.17
N PRO H 173 0.07 -21.51 -32.62
CA PRO H 173 -1.37 -21.56 -32.42
C PRO H 173 -1.77 -21.47 -30.94
N THR H 174 -0.96 -22.02 -30.04
CA THR H 174 -1.26 -21.94 -28.59
C THR H 174 -1.25 -20.48 -28.13
N ILE H 175 -0.20 -19.75 -28.51
CA ILE H 175 -0.09 -18.34 -28.17
C ILE H 175 -1.27 -17.49 -28.74
N VAL H 176 -1.56 -17.70 -30.02
CA VAL H 176 -2.60 -16.94 -30.72
C VAL H 176 -3.98 -17.16 -30.09
N ALA H 177 -4.31 -18.42 -29.78
CA ALA H 177 -5.59 -18.74 -29.15
C ALA H 177 -5.68 -18.19 -27.74
N ILE H 178 -4.58 -18.27 -26.98
CA ILE H 178 -4.57 -17.63 -25.65
C ILE H 178 -4.84 -16.13 -25.72
N ASP H 179 -4.17 -15.45 -26.65
CA ASP H 179 -4.30 -14.00 -26.71
C ASP H 179 -5.70 -13.60 -27.16
N MET H 180 -6.23 -14.29 -28.16
CA MET H 180 -7.56 -14.02 -28.65
C MET H 180 -8.60 -14.17 -27.54
N ARG H 181 -8.56 -15.30 -26.85
CA ARG H 181 -9.46 -15.56 -25.71
C ARG H 181 -9.27 -14.60 -24.54
N ARG H 182 -8.04 -14.15 -24.32
CA ARG H 182 -7.74 -13.22 -23.22
C ARG H 182 -8.50 -11.92 -23.43
N ARG H 183 -8.56 -11.48 -24.68
CA ARG H 183 -9.21 -10.22 -25.04
C ARG H 183 -10.74 -10.31 -24.96
N ARG H 184 -11.26 -11.53 -24.85
CA ARG H 184 -12.68 -11.79 -24.60
C ARG H 184 -12.96 -12.10 -23.13
N GLY H 185 -11.95 -11.91 -22.29
CA GLY H 185 -12.05 -12.28 -20.86
C GLY H 185 -12.18 -13.78 -20.59
N LEU H 186 -11.62 -14.60 -21.48
CA LEU H 186 -11.66 -16.07 -21.37
C LEU H 186 -10.27 -16.70 -21.08
N PRO H 187 -10.23 -17.71 -20.19
CA PRO H 187 -8.97 -18.37 -19.84
C PRO H 187 -8.46 -19.25 -20.99
N PRO H 188 -7.17 -19.66 -20.93
CA PRO H 188 -6.63 -20.60 -21.91
C PRO H 188 -7.35 -21.96 -21.93
N ILE H 189 -7.26 -22.65 -23.06
CA ILE H 189 -7.68 -24.04 -23.21
C ILE H 189 -6.47 -24.80 -23.73
N ALA H 190 -6.06 -25.84 -22.99
CA ALA H 190 -4.88 -26.63 -23.30
C ALA H 190 -4.93 -27.16 -24.73
N PRO H 191 -3.77 -27.24 -25.41
CA PRO H 191 -3.76 -28.04 -26.63
C PRO H 191 -4.10 -29.50 -26.34
N HIS H 192 -4.69 -30.19 -27.31
CA HIS H 192 -5.19 -31.54 -27.13
C HIS H 192 -4.39 -32.45 -28.04
N SER H 193 -3.68 -33.41 -27.45
CA SER H 193 -2.81 -34.32 -28.22
C SER H 193 -3.60 -35.33 -29.06
N GLY H 194 -4.91 -35.38 -28.85
CA GLY H 194 -5.81 -36.24 -29.62
C GLY H 194 -6.22 -35.62 -30.94
N LEU H 195 -6.02 -34.31 -31.08
CA LEU H 195 -6.44 -33.54 -32.26
C LEU H 195 -5.29 -33.14 -33.18
N GLY H 196 -5.53 -33.23 -34.48
CA GLY H 196 -4.62 -32.67 -35.48
C GLY H 196 -4.52 -31.15 -35.39
N TYR H 197 -3.58 -30.59 -36.16
CA TYR H 197 -3.23 -29.17 -36.10
C TYR H 197 -4.44 -28.25 -36.21
N ALA H 198 -5.24 -28.44 -37.26
CA ALA H 198 -6.37 -27.56 -37.52
C ALA H 198 -7.48 -27.73 -36.51
N GLN H 199 -7.82 -28.96 -36.17
CA GLN H 199 -8.87 -29.17 -35.17
C GLN H 199 -8.45 -28.56 -33.84
N ASN H 200 -7.19 -28.78 -33.48
CA ASN H 200 -6.61 -28.26 -32.23
C ASN H 200 -6.71 -26.77 -32.06
N PHE H 201 -6.36 -26.01 -33.09
CA PHE H 201 -6.42 -24.56 -32.97
C PHE H 201 -7.86 -24.11 -32.72
N LEU H 202 -8.78 -24.67 -33.48
CA LEU H 202 -10.20 -24.29 -33.38
C LEU H 202 -10.71 -24.63 -31.99
N HIS H 203 -10.35 -25.81 -31.51
CA HIS H 203 -10.67 -26.23 -30.14
C HIS H 203 -10.09 -25.30 -29.07
N MET H 204 -8.82 -24.90 -29.22
CA MET H 204 -8.20 -23.95 -28.26
C MET H 204 -8.83 -22.54 -28.26
N CYS H 205 -9.38 -22.12 -29.40
CA CYS H 205 -10.08 -20.82 -29.49
C CYS H 205 -11.51 -20.90 -28.94
N PHE H 206 -12.19 -22.01 -29.23
CA PHE H 206 -13.64 -22.09 -29.03
C PHE H 206 -14.16 -23.08 -27.98
N GLY H 207 -13.37 -24.10 -27.66
CA GLY H 207 -13.77 -25.12 -26.69
C GLY H 207 -14.58 -26.25 -27.29
N GLU H 208 -14.65 -26.28 -28.62
CA GLU H 208 -15.40 -27.31 -29.36
C GLU H 208 -14.92 -27.28 -30.78
N VAL H 209 -14.62 -28.45 -31.34
CA VAL H 209 -14.28 -28.55 -32.76
C VAL H 209 -15.57 -28.37 -33.55
N PRO H 210 -15.63 -27.35 -34.44
CA PRO H 210 -16.82 -27.07 -35.23
C PRO H 210 -17.04 -28.13 -36.32
N GLU H 211 -18.06 -27.92 -37.16
CA GLU H 211 -18.39 -28.81 -38.28
C GLU H 211 -17.27 -28.83 -39.28
N THR H 212 -17.10 -29.97 -39.93
CA THR H 212 -15.99 -30.22 -40.84
C THR H 212 -15.92 -29.20 -41.98
N ALA H 213 -17.00 -28.46 -42.18
CA ALA H 213 -17.03 -27.39 -43.18
C ALA H 213 -16.14 -26.20 -42.74
N VAL H 214 -16.28 -25.78 -41.48
CA VAL H 214 -15.42 -24.75 -40.90
C VAL H 214 -13.97 -25.25 -40.82
N VAL H 215 -13.76 -26.45 -40.23
CA VAL H 215 -12.44 -27.05 -40.11
C VAL H 215 -11.71 -27.06 -41.46
N SER H 216 -12.38 -27.60 -42.47
CA SER H 216 -11.78 -27.78 -43.79
C SER H 216 -11.35 -26.45 -44.40
N ALA H 217 -12.20 -25.45 -44.28
CA ALA H 217 -11.87 -24.11 -44.77
C ALA H 217 -10.62 -23.56 -44.06
N PHE H 218 -10.63 -23.59 -42.72
CA PHE H 218 -9.48 -23.13 -41.95
C PHE H 218 -8.20 -23.81 -42.41
N GLU H 219 -8.25 -25.12 -42.58
CA GLU H 219 -7.04 -25.86 -42.94
C GLU H 219 -6.57 -25.50 -44.35
N GLN H 220 -7.53 -25.23 -45.23
CA GLN H 220 -7.18 -24.83 -46.59
C GLN H 220 -6.45 -23.48 -46.57
N SER H 221 -7.00 -22.56 -45.79
CA SER H 221 -6.41 -21.25 -45.56
C SER H 221 -4.94 -21.36 -45.10
N MET H 222 -4.70 -22.26 -44.12
CA MET H 222 -3.36 -22.53 -43.61
C MET H 222 -2.40 -23.00 -44.70
N ILE H 223 -2.91 -23.80 -45.62
CA ILE H 223 -2.07 -24.31 -46.69
C ILE H 223 -1.81 -23.21 -47.70
N LEU H 224 -2.85 -22.43 -48.00
CA LEU H 224 -2.78 -21.30 -48.95
C LEU H 224 -1.87 -20.13 -48.52
N TYR H 225 -1.75 -19.90 -47.22
CA TYR H 225 -0.92 -18.83 -46.68
C TYR H 225 0.53 -19.28 -46.39
N ALA H 226 0.79 -20.59 -46.49
CA ALA H 226 2.04 -21.15 -46.00
C ALA H 226 3.31 -20.50 -46.57
N GLU H 227 3.24 -20.14 -47.85
CA GLU H 227 4.45 -19.81 -48.59
C GLU H 227 4.14 -18.96 -49.82
N HIS H 228 5.10 -18.10 -50.18
CA HIS H 228 4.91 -17.17 -51.28
C HIS H 228 6.15 -16.40 -51.70
N GLY H 229 7.24 -17.13 -51.96
CA GLY H 229 8.47 -16.53 -52.44
C GLY H 229 9.03 -15.38 -51.59
N PHE H 230 9.72 -14.48 -52.25
CA PHE H 230 10.44 -13.40 -51.63
C PHE H 230 9.56 -12.18 -51.34
N ASN H 231 8.38 -12.41 -50.79
CA ASN H 231 7.60 -11.32 -50.18
C ASN H 231 8.40 -10.63 -49.06
N ALA H 232 7.88 -9.50 -48.59
CA ALA H 232 8.64 -8.57 -47.76
C ALA H 232 9.05 -9.18 -46.41
N SER H 233 8.15 -9.98 -45.82
CA SER H 233 8.40 -10.65 -44.54
C SER H 233 9.41 -11.76 -44.70
N THR H 234 9.17 -12.65 -45.65
CA THR H 234 10.18 -13.62 -46.00
C THR H 234 11.50 -12.90 -46.23
N PHE H 235 11.48 -11.78 -46.98
CA PHE H 235 12.74 -11.12 -47.30
C PHE H 235 13.43 -10.53 -46.07
N ALA H 236 12.66 -9.94 -45.17
CA ALA H 236 13.20 -9.44 -43.91
C ALA H 236 13.93 -10.56 -43.14
N ALA H 237 13.29 -11.71 -43.06
CA ALA H 237 13.85 -12.91 -42.44
C ALA H 237 15.17 -13.33 -43.07
N ARG H 238 15.24 -13.26 -44.40
CA ARG H 238 16.48 -13.65 -45.09
C ARG H 238 17.54 -12.56 -44.91
N VAL H 239 17.14 -11.30 -44.82
CA VAL H 239 18.11 -10.23 -44.47
C VAL H 239 18.74 -10.47 -43.05
N VAL H 240 17.89 -10.65 -42.04
CA VAL H 240 18.36 -11.01 -40.69
C VAL H 240 19.28 -12.25 -40.69
N THR H 241 18.87 -13.30 -41.38
CA THR H 241 19.65 -14.53 -41.49
C THR H 241 21.00 -14.34 -42.18
N SER H 242 21.07 -13.39 -43.11
CA SER H 242 22.29 -13.19 -43.91
C SER H 242 23.49 -12.68 -43.11
N THR H 243 23.25 -12.20 -41.89
CA THR H 243 24.34 -11.76 -41.01
C THR H 243 24.83 -12.91 -40.10
N GLN H 244 24.18 -14.06 -40.24
CA GLN H 244 24.41 -15.25 -39.38
C GLN H 244 23.72 -15.14 -38.01
N SER H 245 22.79 -14.20 -37.91
CA SER H 245 21.89 -14.14 -36.76
C SER H 245 20.98 -15.36 -36.78
N ASP H 246 20.23 -15.54 -35.71
CA ASP H 246 19.53 -16.78 -35.41
C ASP H 246 18.10 -16.79 -35.98
N ILE H 247 17.51 -17.97 -36.00
CA ILE H 247 16.19 -18.17 -36.62
C ILE H 247 15.08 -17.46 -35.91
N TYR H 248 15.23 -17.24 -34.61
CA TYR H 248 14.20 -16.53 -33.84
C TYR H 248 14.24 -15.05 -34.13
N SER H 249 15.45 -14.48 -34.20
CA SER H 249 15.62 -13.09 -34.61
C SER H 249 14.99 -12.88 -36.00
N ALA H 250 15.25 -13.81 -36.91
CA ALA H 250 14.73 -13.71 -38.28
C ALA H 250 13.22 -13.72 -38.31
N VAL H 251 12.61 -14.68 -37.60
CA VAL H 251 11.15 -14.75 -37.53
C VAL H 251 10.57 -13.54 -36.82
N THR H 252 11.25 -13.06 -35.78
CA THR H 252 10.78 -11.84 -35.12
C THR H 252 10.75 -10.63 -36.08
N GLY H 253 11.79 -10.47 -36.90
CA GLY H 253 11.78 -9.45 -37.95
C GLY H 253 10.65 -9.68 -38.96
N ALA H 254 10.45 -10.94 -39.37
CA ALA H 254 9.37 -11.30 -40.30
C ALA H 254 8.00 -10.94 -39.76
N ILE H 255 7.77 -11.16 -38.46
CA ILE H 255 6.50 -10.82 -37.85
C ILE H 255 6.31 -9.29 -37.89
N GLY H 256 7.40 -8.55 -37.70
CA GLY H 256 7.40 -7.10 -37.86
C GLY H 256 6.98 -6.67 -39.26
N ALA H 257 7.64 -7.19 -40.28
CA ALA H 257 7.29 -6.84 -41.64
C ALA H 257 5.81 -7.17 -41.94
N LEU H 258 5.41 -8.41 -41.63
CA LEU H 258 4.05 -8.90 -41.89
C LEU H 258 2.94 -8.09 -41.21
N LYS H 259 3.25 -7.46 -40.09
CA LYS H 259 2.25 -6.68 -39.34
C LYS H 259 1.66 -5.52 -40.17
N GLY H 260 2.48 -4.97 -41.07
CA GLY H 260 2.14 -3.76 -41.81
C GLY H 260 0.95 -3.88 -42.77
N ARG H 261 0.11 -2.83 -42.80
CA ARG H 261 -1.10 -2.77 -43.65
C ARG H 261 -0.90 -3.11 -45.14
N LEU H 262 0.31 -2.95 -45.66
CA LEU H 262 0.63 -3.32 -47.05
C LEU H 262 1.11 -4.76 -47.23
N HIS H 263 1.10 -5.54 -46.14
CA HIS H 263 1.48 -6.97 -46.23
C HIS H 263 0.35 -7.77 -45.57
N GLY H 264 0.65 -8.44 -44.46
CA GLY H 264 -0.32 -9.32 -43.82
C GLY H 264 -1.41 -8.58 -43.08
N GLY H 265 -1.18 -7.30 -42.81
CA GLY H 265 -2.13 -6.47 -42.09
C GLY H 265 -3.39 -6.27 -42.90
N ALA H 266 -3.38 -6.75 -44.15
CA ALA H 266 -4.49 -6.53 -45.09
C ALA H 266 -5.76 -7.31 -44.74
N ASN H 267 -5.62 -8.58 -44.36
CA ASN H 267 -6.79 -9.42 -44.05
C ASN H 267 -7.69 -8.86 -42.94
N GLU H 268 -7.07 -8.38 -41.86
CA GLU H 268 -7.76 -7.67 -40.79
C GLU H 268 -8.44 -6.42 -41.35
N ALA H 269 -7.68 -5.63 -42.11
CA ALA H 269 -8.17 -4.35 -42.65
C ALA H 269 -9.29 -4.51 -43.69
N VAL H 270 -9.28 -5.58 -44.47
CA VAL H 270 -10.39 -5.89 -45.41
C VAL H 270 -11.70 -6.02 -44.63
N MET H 271 -11.68 -6.76 -43.52
CA MET H 271 -12.88 -6.98 -42.74
C MET H 271 -13.37 -5.70 -42.05
N HIS H 272 -12.43 -4.88 -41.59
CA HIS H 272 -12.75 -3.56 -41.04
C HIS H 272 -13.44 -2.69 -42.08
N ASP H 273 -13.02 -2.84 -43.34
CA ASP H 273 -13.64 -2.16 -44.47
C ASP H 273 -15.09 -2.63 -44.65
N MET H 274 -15.30 -3.94 -44.54
CA MET H 274 -16.62 -4.55 -44.80
C MET H 274 -17.63 -4.27 -43.69
N ILE H 275 -17.15 -3.81 -42.56
CA ILE H 275 -18.01 -3.43 -41.43
C ILE H 275 -18.38 -1.95 -41.51
N GLU H 276 -17.41 -1.12 -41.92
CA GLU H 276 -17.65 0.29 -42.24
C GLU H 276 -18.56 0.44 -43.46
N ILE H 277 -18.56 -0.55 -44.34
CA ILE H 277 -19.52 -0.60 -45.45
C ILE H 277 -20.92 -0.98 -44.93
N GLY H 278 -21.06 -2.17 -44.35
CA GLY H 278 -22.32 -2.59 -43.74
C GLY H 278 -23.23 -3.41 -44.65
N ASP H 279 -23.89 -2.73 -45.59
CA ASP H 279 -24.81 -3.39 -46.53
C ASP H 279 -24.17 -3.56 -47.92
N PRO H 280 -24.75 -4.43 -48.79
CA PRO H 280 -24.32 -4.46 -50.21
C PRO H 280 -24.66 -3.16 -50.96
N ALA H 281 -25.68 -2.45 -50.47
CA ALA H 281 -26.18 -1.23 -51.10
C ALA H 281 -25.17 -0.08 -51.10
N ASN H 282 -24.31 -0.04 -50.10
CA ASN H 282 -23.36 1.07 -49.97
C ASN H 282 -21.99 0.78 -50.61
N ALA H 283 -21.95 -0.22 -51.49
CA ALA H 283 -20.72 -0.66 -52.15
C ALA H 283 -20.16 0.39 -53.10
N ARG H 284 -20.92 0.67 -54.16
CA ARG H 284 -20.55 1.62 -55.20
C ARG H 284 -20.04 2.93 -54.59
N GLU H 285 -20.87 3.53 -53.73
CA GLU H 285 -20.57 4.83 -53.11
C GLU H 285 -19.27 4.82 -52.28
N TRP H 286 -19.08 3.76 -51.49
CA TRP H 286 -17.90 3.62 -50.61
C TRP H 286 -16.57 3.62 -51.37
N LEU H 287 -16.49 2.84 -52.45
CA LEU H 287 -15.26 2.68 -53.25
C LEU H 287 -14.93 3.90 -54.12
N ARG H 288 -15.91 4.37 -54.91
CA ARG H 288 -15.76 5.55 -55.76
C ARG H 288 -15.11 6.71 -54.98
N ALA H 289 -15.57 6.89 -53.74
CA ALA H 289 -15.04 7.92 -52.84
C ALA H 289 -13.55 7.72 -52.50
N LYS H 290 -13.20 6.51 -52.06
CA LYS H 290 -11.81 6.15 -51.70
C LYS H 290 -10.87 6.12 -52.91
N LEU H 291 -11.43 5.92 -54.10
CA LEU H 291 -10.71 6.10 -55.37
C LEU H 291 -10.41 7.58 -55.65
N ALA H 292 -11.39 8.44 -55.37
CA ALA H 292 -11.25 9.89 -55.58
C ALA H 292 -10.23 10.52 -54.62
N ARG H 293 -10.19 9.99 -53.40
CA ARG H 293 -9.22 10.43 -52.39
C ARG H 293 -7.88 9.67 -52.52
N LYS H 294 -7.72 8.98 -53.66
CA LYS H 294 -6.54 8.16 -54.02
C LYS H 294 -5.95 7.28 -52.88
N GLU H 295 -6.84 6.75 -52.03
CA GLU H 295 -6.49 5.79 -51.00
C GLU H 295 -6.30 4.41 -51.62
N LYS H 296 -5.38 3.62 -51.05
CA LYS H 296 -5.17 2.24 -51.49
C LYS H 296 -6.35 1.39 -51.05
N ILE H 297 -6.62 0.32 -51.78
CA ILE H 297 -7.71 -0.57 -51.40
C ILE H 297 -7.15 -1.90 -50.87
N MET H 298 -7.50 -2.20 -49.62
CA MET H 298 -7.09 -3.45 -48.99
C MET H 298 -7.82 -4.60 -49.68
N GLY H 299 -7.05 -5.61 -50.10
CA GLY H 299 -7.60 -6.80 -50.73
C GLY H 299 -7.45 -6.83 -52.23
N PHE H 300 -6.94 -5.74 -52.78
CA PHE H 300 -6.64 -5.63 -54.21
C PHE H 300 -5.28 -4.95 -54.37
N GLY H 301 -4.39 -5.58 -55.14
CA GLY H 301 -3.05 -5.03 -55.36
C GLY H 301 -1.95 -6.04 -55.09
N HIS H 302 -1.06 -6.22 -56.07
CA HIS H 302 0.05 -7.13 -55.95
C HIS H 302 1.27 -6.75 -56.79
N ARG H 303 2.45 -6.86 -56.18
CA ARG H 303 3.72 -6.60 -56.85
C ARG H 303 4.02 -7.63 -57.96
N VAL H 304 3.42 -8.82 -57.84
CA VAL H 304 3.70 -9.92 -58.76
C VAL H 304 2.49 -10.29 -59.64
N TYR H 305 1.35 -10.56 -59.01
CA TYR H 305 0.16 -11.01 -59.73
C TYR H 305 -0.52 -9.85 -60.46
N ARG H 306 -0.48 -9.89 -61.79
CA ARG H 306 -1.17 -8.88 -62.60
C ARG H 306 -2.54 -9.37 -63.09
N HIS H 307 -2.69 -10.69 -63.21
CA HIS H 307 -3.93 -11.29 -63.73
C HIS H 307 -4.48 -12.39 -62.81
N GLY H 308 -4.85 -12.00 -61.60
CA GLY H 308 -5.46 -12.91 -60.64
C GLY H 308 -4.47 -13.66 -59.76
N ASP H 309 -4.80 -13.73 -58.48
CA ASP H 309 -4.00 -14.45 -57.50
C ASP H 309 -4.32 -15.94 -57.62
N SER H 310 -3.27 -16.75 -57.73
CA SER H 310 -3.39 -18.20 -57.90
C SER H 310 -4.12 -18.93 -56.77
N ARG H 311 -4.11 -18.35 -55.58
CA ARG H 311 -4.69 -18.97 -54.39
C ARG H 311 -6.13 -18.54 -54.09
N VAL H 312 -6.59 -17.52 -54.82
CA VAL H 312 -7.93 -16.95 -54.60
C VAL H 312 -9.12 -17.91 -54.84
N PRO H 313 -9.11 -18.72 -55.93
CA PRO H 313 -10.30 -19.57 -56.18
C PRO H 313 -10.59 -20.55 -55.04
N THR H 314 -9.56 -21.29 -54.60
CA THR H 314 -9.67 -22.28 -53.51
C THR H 314 -10.26 -21.63 -52.25
N MET H 315 -9.81 -20.42 -51.94
CA MET H 315 -10.25 -19.70 -50.75
C MET H 315 -11.64 -19.09 -50.90
N LYS H 316 -12.00 -18.66 -52.11
CA LYS H 316 -13.37 -18.19 -52.40
C LYS H 316 -14.37 -19.32 -52.20
N ARG H 317 -14.06 -20.50 -52.73
CA ARG H 317 -14.94 -21.66 -52.59
C ARG H 317 -15.12 -21.99 -51.12
N ALA H 318 -14.00 -22.00 -50.40
CA ALA H 318 -14.02 -22.21 -48.96
C ALA H 318 -14.90 -21.15 -48.28
N LEU H 319 -14.66 -19.89 -48.61
CA LEU H 319 -15.48 -18.79 -48.10
C LEU H 319 -16.96 -19.06 -48.34
N GLU H 320 -17.31 -19.49 -49.55
CA GLU H 320 -18.69 -19.88 -49.85
C GLU H 320 -19.20 -21.03 -48.97
N ARG H 321 -18.47 -22.16 -48.95
CA ARG H 321 -18.88 -23.31 -48.14
C ARG H 321 -19.20 -22.92 -46.70
N VAL H 322 -18.37 -22.04 -46.13
CA VAL H 322 -18.53 -21.55 -44.76
C VAL H 322 -19.75 -20.61 -44.69
N GLY H 323 -19.87 -19.76 -45.70
CA GLY H 323 -20.94 -18.76 -45.77
C GLY H 323 -22.32 -19.40 -45.64
N THR H 324 -22.47 -20.59 -46.24
CA THR H 324 -23.76 -21.28 -46.28
C THR H 324 -24.13 -21.93 -44.95
N VAL H 325 -23.12 -22.19 -44.10
CA VAL H 325 -23.37 -22.79 -42.79
C VAL H 325 -23.23 -21.79 -41.63
N ARG H 326 -22.83 -20.56 -41.94
CA ARG H 326 -22.71 -19.52 -40.90
C ARG H 326 -23.54 -18.27 -41.14
N ASP H 327 -24.46 -18.31 -42.10
CA ASP H 327 -25.39 -17.20 -42.37
C ASP H 327 -24.64 -15.92 -42.72
N GLY H 328 -23.93 -15.93 -43.84
CA GLY H 328 -23.04 -14.84 -44.18
C GLY H 328 -23.18 -14.30 -45.60
N GLN H 329 -24.41 -14.33 -46.12
CA GLN H 329 -24.69 -13.75 -47.43
C GLN H 329 -24.30 -12.27 -47.46
N ARG H 330 -24.63 -11.56 -46.38
CA ARG H 330 -24.29 -10.14 -46.21
C ARG H 330 -22.84 -9.84 -46.61
N TRP H 331 -21.95 -10.82 -46.38
CA TRP H 331 -20.52 -10.69 -46.68
C TRP H 331 -20.16 -11.19 -48.08
N LEU H 332 -20.83 -12.25 -48.51
CA LEU H 332 -20.65 -12.79 -49.87
C LEU H 332 -21.12 -11.79 -50.93
N ASP H 333 -22.13 -11.00 -50.57
CA ASP H 333 -22.66 -9.95 -51.45
C ASP H 333 -21.63 -8.84 -51.63
N ILE H 334 -21.26 -8.22 -50.51
CA ILE H 334 -20.23 -7.19 -50.51
C ILE H 334 -18.95 -7.65 -51.23
N TYR H 335 -18.68 -8.97 -51.18
CA TYR H 335 -17.59 -9.58 -51.95
C TYR H 335 -17.78 -9.43 -53.48
N GLN H 336 -18.72 -10.19 -54.07
CA GLN H 336 -18.94 -10.21 -55.53
C GLN H 336 -19.16 -8.80 -56.14
N VAL H 337 -19.92 -7.98 -55.41
CA VAL H 337 -20.17 -6.62 -55.81
C VAL H 337 -18.86 -5.84 -55.87
N LEU H 338 -18.22 -5.65 -54.71
CA LEU H 338 -17.00 -4.83 -54.60
C LEU H 338 -15.85 -5.31 -55.51
N ALA H 339 -15.90 -6.57 -55.91
CA ALA H 339 -14.89 -7.14 -56.82
C ALA H 339 -15.12 -6.64 -58.25
N ALA H 340 -16.28 -7.01 -58.81
CA ALA H 340 -16.70 -6.56 -60.15
C ALA H 340 -16.54 -5.04 -60.31
N GLU H 341 -17.12 -4.29 -59.38
CA GLU H 341 -17.12 -2.83 -59.39
C GLU H 341 -15.73 -2.18 -59.19
N MET H 342 -14.70 -3.02 -58.98
CA MET H 342 -13.29 -2.57 -58.96
C MET H 342 -12.45 -3.17 -60.10
N ALA H 343 -12.93 -4.25 -60.71
CA ALA H 343 -12.38 -4.76 -61.96
C ALA H 343 -12.63 -3.73 -63.06
N SER H 344 -13.88 -3.26 -63.11
CA SER H 344 -14.32 -2.21 -64.05
C SER H 344 -13.58 -0.88 -63.83
N ALA H 345 -13.54 -0.43 -62.58
CA ALA H 345 -13.05 0.91 -62.22
C ALA H 345 -11.52 1.07 -62.17
N THR H 346 -10.78 -0.04 -62.03
CA THR H 346 -9.30 0.00 -61.94
C THR H 346 -8.56 -1.08 -62.76
N GLY H 347 -9.23 -2.21 -63.01
CA GLY H 347 -8.60 -3.37 -63.67
C GLY H 347 -7.85 -4.30 -62.73
N ILE H 348 -7.71 -3.91 -61.46
CA ILE H 348 -6.94 -4.67 -60.47
C ILE H 348 -7.82 -5.75 -59.80
N LEU H 349 -7.29 -6.97 -59.71
CA LEU H 349 -8.03 -8.12 -59.17
C LEU H 349 -7.81 -8.38 -57.67
N PRO H 350 -8.73 -9.16 -57.04
CA PRO H 350 -8.60 -9.55 -55.63
C PRO H 350 -7.35 -10.39 -55.34
N ASN H 351 -6.67 -10.07 -54.24
CA ASN H 351 -5.66 -10.98 -53.68
C ASN H 351 -6.23 -11.81 -52.52
N LEU H 352 -5.54 -12.89 -52.16
CA LEU H 352 -5.99 -13.88 -51.16
C LEU H 352 -6.54 -13.31 -49.86
N ASP H 353 -5.95 -12.22 -49.38
CA ASP H 353 -6.43 -11.53 -48.18
C ASP H 353 -7.92 -11.17 -48.26
N PHE H 354 -8.43 -11.02 -49.48
CA PHE H 354 -9.82 -10.60 -49.67
C PHE H 354 -10.86 -11.64 -49.24
N PRO H 355 -10.86 -12.86 -49.83
CA PRO H 355 -11.81 -13.89 -49.33
C PRO H 355 -11.49 -14.42 -47.91
N THR H 356 -10.21 -14.44 -47.54
CA THR H 356 -9.75 -14.83 -46.20
C THR H 356 -10.40 -14.00 -45.08
N GLY H 357 -10.47 -12.68 -45.31
CA GLY H 357 -11.02 -11.72 -44.33
C GLY H 357 -12.36 -12.12 -43.73
N PRO H 358 -13.40 -12.22 -44.56
CA PRO H 358 -14.73 -12.59 -44.07
C PRO H 358 -14.83 -14.06 -43.69
N ALA H 359 -14.02 -14.90 -44.33
CA ALA H 359 -14.00 -16.33 -44.01
C ALA H 359 -13.58 -16.53 -42.55
N TYR H 360 -12.53 -15.81 -42.11
CA TYR H 360 -12.13 -15.87 -40.69
C TYR H 360 -13.19 -15.29 -39.77
N TYR H 361 -13.86 -14.23 -40.25
CA TYR H 361 -14.90 -13.58 -39.48
C TYR H 361 -16.02 -14.56 -39.23
N LEU H 362 -16.41 -15.26 -40.28
CA LEU H 362 -17.52 -16.20 -40.23
C LEU H 362 -17.19 -17.41 -39.34
N MET H 363 -15.91 -17.78 -39.34
CA MET H 363 -15.41 -18.89 -38.53
C MET H 363 -15.45 -18.57 -37.02
N GLY H 364 -15.55 -17.29 -36.69
CA GLY H 364 -15.67 -16.85 -35.30
C GLY H 364 -14.45 -16.08 -34.79
N PHE H 365 -13.42 -15.98 -35.62
CA PHE H 365 -12.20 -15.30 -35.23
C PHE H 365 -12.41 -13.79 -35.04
N ASP H 366 -11.86 -13.24 -33.96
CA ASP H 366 -11.73 -11.79 -33.82
C ASP H 366 -10.94 -11.21 -35.00
N ILE H 367 -11.35 -10.05 -35.49
CA ILE H 367 -10.67 -9.41 -36.62
C ILE H 367 -9.25 -9.02 -36.26
N ALA H 368 -9.05 -8.54 -35.04
CA ALA H 368 -7.71 -8.21 -34.54
C ALA H 368 -6.72 -9.39 -34.61
N SER H 369 -7.22 -10.61 -34.69
CA SER H 369 -6.38 -11.82 -34.66
C SER H 369 -6.11 -12.45 -36.04
N PHE H 370 -6.57 -11.77 -37.08
CA PHE H 370 -6.44 -12.28 -38.43
C PHE H 370 -4.98 -12.39 -38.87
N THR H 371 -4.19 -11.36 -38.59
CA THR H 371 -2.78 -11.41 -38.97
C THR H 371 -1.92 -12.40 -38.14
N PRO H 372 -2.18 -12.54 -36.81
CA PRO H 372 -1.47 -13.64 -36.10
C PRO H 372 -1.80 -15.04 -36.63
N ILE H 373 -3.02 -15.25 -37.13
CA ILE H 373 -3.37 -16.49 -37.80
C ILE H 373 -2.53 -16.68 -39.08
N PHE H 374 -2.29 -15.59 -39.82
CA PHE H 374 -1.40 -15.62 -41.00
C PHE H 374 0.02 -16.08 -40.60
N VAL H 375 0.51 -15.60 -39.45
CA VAL H 375 1.84 -15.99 -38.93
C VAL H 375 1.93 -17.50 -38.73
N MET H 376 0.89 -18.07 -38.11
CA MET H 376 0.79 -19.49 -37.80
C MET H 376 1.01 -20.36 -39.03
N SER H 377 0.59 -19.85 -40.18
CA SER H 377 0.77 -20.56 -41.43
C SER H 377 2.09 -20.21 -42.09
N ARG H 378 2.38 -18.91 -42.22
CA ARG H 378 3.58 -18.49 -42.98
C ARG H 378 4.90 -18.82 -42.29
N ILE H 379 4.85 -19.06 -40.98
CA ILE H 379 6.04 -19.55 -40.26
C ILE H 379 6.67 -20.74 -40.98
N THR H 380 5.86 -21.56 -41.65
CA THR H 380 6.43 -22.65 -42.48
C THR H 380 7.25 -22.13 -43.64
N GLY H 381 6.65 -21.26 -44.45
CA GLY H 381 7.40 -20.61 -45.55
C GLY H 381 8.61 -19.86 -45.02
N TRP H 382 8.42 -19.07 -43.96
CA TRP H 382 9.50 -18.26 -43.41
C TRP H 382 10.71 -19.11 -43.07
N THR H 383 10.48 -20.22 -42.37
CA THR H 383 11.59 -21.04 -41.88
C THR H 383 12.32 -21.85 -42.96
N ALA H 384 11.58 -22.36 -43.94
CA ALA H 384 12.19 -22.99 -45.11
C ALA H 384 13.17 -22.04 -45.80
N HIS H 385 12.73 -20.79 -46.00
CA HIS H 385 13.60 -19.76 -46.60
C HIS H 385 14.81 -19.45 -45.74
N ILE H 386 14.59 -19.36 -44.43
CA ILE H 386 15.69 -19.08 -43.49
C ILE H 386 16.76 -20.17 -43.62
N MET H 387 16.31 -21.42 -43.67
CA MET H 387 17.22 -22.56 -43.77
C MET H 387 17.90 -22.53 -45.13
N GLU H 388 17.14 -22.19 -46.17
CA GLU H 388 17.74 -22.03 -47.49
C GLU H 388 18.85 -20.95 -47.47
N GLN H 389 18.53 -19.80 -46.90
CA GLN H 389 19.48 -18.71 -46.75
C GLN H 389 20.73 -19.11 -45.97
N ALA H 390 20.54 -19.79 -44.83
CA ALA H 390 21.70 -20.17 -43.96
C ALA H 390 22.69 -21.10 -44.64
N THR H 391 22.17 -22.04 -45.42
CA THR H 391 23.01 -23.05 -46.07
C THR H 391 23.69 -22.57 -47.36
N ALA H 392 23.19 -21.48 -47.97
CA ALA H 392 23.86 -20.85 -49.11
C ALA H 392 23.81 -19.32 -48.91
N ASN H 393 24.76 -18.80 -48.14
CA ASN H 393 24.59 -17.46 -47.56
C ASN H 393 25.52 -16.38 -48.08
N ALA H 394 25.02 -15.15 -48.12
CA ALA H 394 25.86 -13.96 -48.33
C ALA H 394 25.19 -12.76 -47.67
N LEU H 395 25.99 -11.93 -46.97
CA LEU H 395 25.45 -10.74 -46.33
C LEU H 395 24.65 -9.96 -47.36
N ILE H 396 23.42 -9.60 -47.01
CA ILE H 396 22.61 -8.77 -47.85
C ILE H 396 22.85 -7.30 -47.45
N ARG H 397 23.62 -6.60 -48.28
CA ARG H 397 24.09 -5.25 -47.99
C ARG H 397 24.08 -4.35 -49.27
N PRO H 398 22.98 -3.65 -49.51
CA PRO H 398 22.83 -2.83 -50.72
C PRO H 398 23.54 -1.48 -50.60
N LEU H 399 23.48 -0.69 -51.67
CA LEU H 399 24.08 0.64 -51.68
C LEU H 399 23.01 1.71 -51.78
N SER H 400 23.40 2.93 -51.42
CA SER H 400 22.51 4.07 -51.52
C SER H 400 23.09 5.12 -52.46
N ALA H 401 22.21 5.91 -53.05
CA ALA H 401 22.58 7.14 -53.74
C ALA H 401 22.38 8.27 -52.74
N TYR H 402 23.26 9.26 -52.77
CA TYR H 402 23.20 10.31 -51.78
C TYR H 402 22.62 11.61 -52.31
N CYS H 403 21.65 12.17 -51.59
CA CYS H 403 20.95 13.40 -51.97
C CYS H 403 21.00 14.47 -50.87
N GLY H 404 22.03 14.43 -50.03
CA GLY H 404 22.09 15.31 -48.84
C GLY H 404 23.16 16.39 -48.92
N HIS H 405 23.41 17.07 -47.80
CA HIS H 405 24.44 18.11 -47.69
C HIS H 405 25.78 17.64 -48.21
N GLU H 406 26.43 18.48 -49.02
CA GLU H 406 27.81 18.24 -49.43
C GLU H 406 28.73 18.38 -48.21
N GLN H 407 29.94 17.82 -48.27
CA GLN H 407 30.84 17.91 -47.13
C GLN H 407 31.03 19.34 -46.67
N ARG H 408 31.01 19.52 -45.34
CA ARG H 408 31.11 20.85 -44.74
C ARG H 408 31.99 20.78 -43.49
N VAL H 409 32.52 21.93 -43.09
CA VAL H 409 33.35 22.00 -41.90
C VAL H 409 32.47 22.33 -40.70
N LEU H 410 32.86 21.80 -39.52
CA LEU H 410 32.25 22.18 -38.25
C LEU H 410 32.46 23.66 -37.98
N PRO H 411 31.42 24.37 -37.49
CA PRO H 411 31.60 25.73 -36.97
C PRO H 411 32.53 25.77 -35.72
N GLY H 412 32.85 26.97 -35.22
CA GLY H 412 33.70 27.15 -34.02
C GLY H 412 33.06 26.70 -32.70
#